data_6LRS
#
_entry.id   6LRS
#
_cell.length_a   1.00
_cell.length_b   1.00
_cell.length_c   1.00
_cell.angle_alpha   90.00
_cell.angle_beta   90.00
_cell.angle_gamma   90.00
#
_symmetry.space_group_name_H-M   'P 1'
#
loop_
_entity.id
_entity.type
_entity.pdbx_description
1 polymer 'Ribulose bisphosphate carboxylase small chain'
2 polymer 'Ribulose bisphosphate carboxylase large chain'
#
loop_
_entity_poly.entity_id
_entity_poly.type
_entity_poly.pdbx_seq_one_letter_code
_entity_poly.pdbx_strand_id
1 'polypeptide(L)'
;MQTLPKERRYETLSYLPPLTDVQIEKQVQYILSQGYIPAVEFNEVSEPTELYWTLWKLPLFGAKTSREVLAEVQSCRSQY
PGHYIRVVGFDNIKQCQILSFIVHKPSRY
;
T,S,R,Q
2 'polypeptide(L)'
;MSYAQTKTQTKSGYKAGVQDYRLTYYTPDYTPKDTDILAAFRVTPQPGVPFEEAAAAVAAESSTGTWTTVWTDLLTDLDR
YKGRCYDIEPVPGEDNQFIAYIAYPLDLFEEGSITNVLTSIVGNVFGFKALRALRLEDIRFPVAYIKTFQGPPHGIQVER
DKLNKYGRPLLGCTIKPKLGLSAKNYGRAVYECLRGGLDFTKDDENINSAPFQRWRDRFLFVADAITKAQAETGEIKGHY
LNVTAPTCEEMLKRAEYAKELKQPIIMHDYLTAGFTANTTLARWCRDNGVLLHIHRAMHAVIDRQKNHGIHFRVLAKALR
LSGGDHIHTGTVVGKLEGERGITMGFVDLLRENYVEQDKSRGIYFTQDWASLPGVMAVASGGIHVWHMPALVEIFGDDSV
LQFGGGTLGHPWGNAPGATANRVALEACVQARNEGRNLAREGNDVIREAAKWSPELAVACELWKEIKFEFEAMDTV
;
G,H,E,F,C,D,A,B
#
# COMPACT_ATOMS: atom_id res chain seq x y z
N MET A 1 -5.74 52.29 13.96
CA MET A 1 -4.87 51.16 13.62
C MET A 1 -4.67 50.25 14.82
N GLN A 2 -5.75 49.95 15.53
CA GLN A 2 -5.69 49.13 16.73
C GLN A 2 -5.47 47.66 16.36
N THR A 3 -4.53 47.02 17.05
CA THR A 3 -4.23 45.62 16.81
C THR A 3 -5.36 44.73 17.33
N LEU A 4 -5.32 43.46 16.93
CA LEU A 4 -6.28 42.48 17.41
C LEU A 4 -5.69 41.76 18.61
N PRO A 5 -6.31 41.84 19.79
CA PRO A 5 -5.74 41.21 20.98
C PRO A 5 -5.78 39.69 20.92
N LYS A 6 -4.76 39.07 21.51
CA LYS A 6 -4.69 37.62 21.62
C LYS A 6 -5.74 37.15 22.62
N GLU A 7 -6.88 36.71 22.11
CA GLU A 7 -7.96 36.19 22.95
C GLU A 7 -8.45 34.90 22.35
N ARG A 8 -8.36 33.81 23.12
CA ARG A 8 -8.95 32.55 22.68
C ARG A 8 -10.45 32.66 22.92
N ARG A 9 -11.15 33.19 21.93
CA ARG A 9 -12.58 33.39 22.02
C ARG A 9 -13.30 32.09 21.69
N TYR A 10 -14.62 32.14 21.64
CA TYR A 10 -15.38 30.89 21.65
C TYR A 10 -16.27 30.82 20.41
N GLU A 11 -17.01 29.71 20.31
CA GLU A 11 -17.42 29.15 19.02
C GLU A 11 -18.43 30.02 18.27
N THR A 12 -19.59 30.29 18.87
CA THR A 12 -20.63 31.09 18.22
C THR A 12 -21.18 32.09 19.23
N LEU A 13 -21.55 33.27 18.74
CA LEU A 13 -22.09 34.38 19.53
C LEU A 13 -21.15 34.79 20.66
N SER A 14 -19.84 34.72 20.43
CA SER A 14 -18.87 34.93 21.50
C SER A 14 -17.93 36.09 21.26
N TYR A 15 -17.95 36.72 20.09
CA TYR A 15 -17.15 37.93 19.94
C TYR A 15 -17.84 39.15 20.52
N LEU A 16 -19.10 39.02 20.93
CA LEU A 16 -19.84 40.07 21.60
C LEU A 16 -19.25 40.28 22.99
N PRO A 17 -19.59 41.39 23.66
CA PRO A 17 -19.35 41.49 25.10
C PRO A 17 -20.17 40.44 25.86
N PRO A 18 -19.75 40.06 27.08
CA PRO A 18 -20.42 38.97 27.80
C PRO A 18 -21.89 39.27 28.09
N LEU A 19 -22.70 38.21 27.96
CA LEU A 19 -24.14 38.36 27.81
C LEU A 19 -24.77 38.71 29.16
N THR A 20 -25.46 39.85 29.21
CA THR A 20 -26.28 40.19 30.36
C THR A 20 -27.47 39.25 30.47
N ASP A 21 -27.98 39.10 31.69
CA ASP A 21 -29.04 38.13 31.96
C ASP A 21 -30.36 38.47 31.28
N VAL A 22 -30.56 39.73 30.89
CA VAL A 22 -31.72 40.08 30.06
C VAL A 22 -31.58 39.46 28.67
N GLN A 23 -30.37 39.49 28.11
CA GLN A 23 -30.14 38.94 26.78
C GLN A 23 -30.14 37.42 26.78
N ILE A 24 -29.78 36.80 27.91
CA ILE A 24 -29.78 35.34 27.99
C ILE A 24 -31.21 34.82 28.05
N GLU A 25 -32.13 35.64 28.58
CA GLU A 25 -33.55 35.34 28.47
C GLU A 25 -34.01 35.35 27.02
N LYS A 26 -33.59 36.36 26.26
CA LYS A 26 -34.10 36.56 24.91
C LYS A 26 -33.57 35.52 23.93
N GLN A 27 -32.32 35.08 24.12
CA GLN A 27 -31.71 34.11 23.19
C GLN A 27 -32.40 32.76 23.28
N VAL A 28 -32.61 32.25 24.50
CA VAL A 28 -33.31 30.99 24.68
C VAL A 28 -34.81 31.14 24.42
N GLN A 29 -35.35 32.36 24.43
CA GLN A 29 -36.75 32.58 24.10
C GLN A 29 -37.01 32.36 22.61
N TYR A 30 -36.07 32.77 21.75
CA TYR A 30 -36.19 32.47 20.34
C TYR A 30 -35.89 31.00 20.06
N ILE A 31 -35.08 30.38 20.92
CA ILE A 31 -34.93 28.93 20.90
C ILE A 31 -36.24 28.25 21.32
N LEU A 32 -37.01 28.89 22.21
CA LEU A 32 -38.36 28.44 22.52
C LEU A 32 -39.37 28.72 21.40
N SER A 33 -39.32 29.89 20.77
CA SER A 33 -40.42 30.35 19.94
C SER A 33 -40.42 29.76 18.54
N GLN A 34 -39.50 28.87 18.21
CA GLN A 34 -39.54 28.12 16.96
C GLN A 34 -40.36 26.84 17.07
N GLY A 35 -41.15 26.70 18.14
CA GLY A 35 -41.75 25.42 18.45
C GLY A 35 -40.72 24.42 18.94
N TYR A 36 -39.58 24.92 19.45
CA TYR A 36 -38.50 24.06 19.88
C TYR A 36 -38.31 24.19 21.40
N ILE A 37 -37.77 23.13 22.00
CA ILE A 37 -37.64 22.78 23.41
C ILE A 37 -36.16 22.66 23.82
N PRO A 38 -35.59 23.64 24.54
CA PRO A 38 -34.13 23.75 24.63
C PRO A 38 -33.46 22.75 25.58
N ALA A 39 -32.13 22.92 25.72
CA ALA A 39 -31.29 22.07 26.55
C ALA A 39 -30.04 22.84 27.00
N VAL A 40 -29.33 22.28 28.00
CA VAL A 40 -28.17 22.91 28.63
C VAL A 40 -27.00 21.92 28.62
N GLU A 41 -25.79 22.40 28.35
CA GLU A 41 -24.57 21.60 28.45
C GLU A 41 -23.45 22.39 29.14
N PHE A 42 -22.44 21.65 29.60
CA PHE A 42 -21.29 22.26 30.25
C PHE A 42 -20.04 21.42 29.99
N ASN A 43 -18.88 22.04 30.20
CA ASN A 43 -17.59 21.38 30.06
C ASN A 43 -16.55 22.26 30.77
N GLU A 44 -15.33 21.76 30.84
CA GLU A 44 -14.25 22.50 31.49
C GLU A 44 -13.36 23.25 30.50
N VAL A 45 -12.91 22.57 29.44
CA VAL A 45 -12.02 23.16 28.46
C VAL A 45 -12.74 23.19 27.12
N SER A 46 -12.66 24.32 26.42
CA SER A 46 -13.26 24.47 25.10
C SER A 46 -12.19 24.24 24.05
N GLU A 47 -12.01 22.99 23.65
CA GLU A 47 -11.08 22.62 22.61
C GLU A 47 -11.75 22.56 21.26
N PRO A 48 -11.03 22.79 20.17
CA PRO A 48 -11.54 22.38 18.85
C PRO A 48 -11.60 20.87 18.70
N THR A 49 -10.74 20.13 19.40
CA THR A 49 -10.82 18.68 19.36
C THR A 49 -12.07 18.17 20.07
N GLU A 50 -12.36 18.70 21.25
CA GLU A 50 -13.52 18.28 22.03
C GLU A 50 -14.79 18.84 21.38
N LEU A 51 -15.52 17.99 20.66
CA LEU A 51 -16.79 18.37 20.06
C LEU A 51 -17.94 18.25 21.04
N TYR A 52 -17.82 17.40 22.05
CA TYR A 52 -18.89 17.13 22.99
C TYR A 52 -18.66 17.91 24.27
N TRP A 53 -19.74 18.50 24.79
CA TRP A 53 -19.74 18.98 26.17
C TRP A 53 -20.78 18.18 26.95
N THR A 54 -20.52 18.05 28.25
CA THR A 54 -21.36 17.23 29.12
C THR A 54 -22.73 17.87 29.32
N LEU A 55 -23.80 17.08 29.10
CA LEU A 55 -25.15 17.54 29.39
C LEU A 55 -25.32 17.85 30.88
N TRP A 56 -26.17 18.83 31.15
CA TRP A 56 -26.51 19.17 32.52
C TRP A 56 -27.60 18.24 33.07
N LYS A 57 -28.79 18.31 32.51
CA LYS A 57 -29.86 17.37 32.81
C LYS A 57 -30.32 16.75 31.50
N LEU A 58 -31.46 16.06 31.55
CA LEU A 58 -32.24 15.83 30.35
C LEU A 58 -32.60 17.15 29.66
N PRO A 59 -32.72 17.18 28.34
CA PRO A 59 -33.23 18.37 27.65
C PRO A 59 -34.63 18.74 28.13
N LEU A 60 -34.88 20.04 28.28
CA LEU A 60 -36.14 20.49 28.82
C LEU A 60 -37.21 20.51 27.72
N PHE A 61 -38.29 19.76 27.94
CA PHE A 61 -39.42 19.83 27.02
C PHE A 61 -40.74 19.72 27.77
N GLY A 62 -41.73 20.43 27.26
CA GLY A 62 -42.97 20.72 27.94
C GLY A 62 -43.43 22.13 27.58
N ALA A 63 -44.44 22.61 28.29
CA ALA A 63 -44.93 23.97 28.10
C ALA A 63 -44.35 24.88 29.18
N LYS A 64 -43.12 25.35 28.96
CA LYS A 64 -42.41 26.13 29.95
C LYS A 64 -41.96 27.46 29.37
N THR A 65 -41.36 28.31 30.21
CA THR A 65 -40.88 29.63 29.85
C THR A 65 -39.36 29.66 29.89
N SER A 66 -38.80 30.81 29.50
CA SER A 66 -37.36 30.98 29.48
C SER A 66 -36.75 31.03 30.87
N ARG A 67 -37.52 31.47 31.87
CA ARG A 67 -37.01 31.50 33.24
C ARG A 67 -36.89 30.11 33.85
N GLU A 68 -37.60 29.12 33.30
CA GLU A 68 -37.44 27.74 33.74
C GLU A 68 -36.23 27.06 33.10
N VAL A 69 -35.56 27.72 32.17
CA VAL A 69 -34.29 27.23 31.64
C VAL A 69 -33.12 27.81 32.44
N LEU A 70 -33.23 29.08 32.81
CA LEU A 70 -32.19 29.76 33.58
C LEU A 70 -32.14 29.33 35.04
N ALA A 71 -33.12 28.56 35.51
CA ALA A 71 -33.01 27.95 36.83
C ALA A 71 -31.88 26.93 36.87
N GLU A 72 -31.57 26.30 35.73
CA GLU A 72 -30.44 25.39 35.64
C GLU A 72 -29.13 26.15 35.39
N VAL A 73 -29.16 27.14 34.49
CA VAL A 73 -27.94 27.84 34.12
C VAL A 73 -27.56 28.87 35.19
N GLN A 74 -28.43 29.84 35.43
CA GLN A 74 -28.08 30.96 36.28
C GLN A 74 -28.17 30.59 37.76
N SER A 75 -29.34 30.11 38.19
CA SER A 75 -29.57 29.83 39.60
C SER A 75 -28.83 28.60 40.10
N CYS A 76 -28.35 27.74 39.22
CA CYS A 76 -27.72 26.49 39.62
C CYS A 76 -26.41 26.27 38.88
N ARG A 77 -25.53 27.27 38.89
CA ARG A 77 -24.15 27.09 38.48
C ARG A 77 -23.22 26.93 39.67
N SER A 78 -23.76 26.80 40.87
CA SER A 78 -22.96 26.83 42.10
C SER A 78 -22.10 25.59 42.29
N GLN A 79 -22.42 24.50 41.61
CA GLN A 79 -21.61 23.29 41.71
C GLN A 79 -20.62 23.14 40.56
N TYR A 80 -20.65 24.05 39.58
CA TYR A 80 -19.61 24.13 38.55
C TYR A 80 -19.29 25.59 38.22
N PRO A 81 -18.59 26.31 39.11
CA PRO A 81 -18.33 27.75 38.83
C PRO A 81 -17.23 27.94 37.80
N GLY A 82 -16.22 27.09 37.84
CA GLY A 82 -15.05 27.26 36.99
C GLY A 82 -15.11 26.47 35.70
N HIS A 83 -16.29 26.36 35.13
CA HIS A 83 -16.53 25.56 33.94
C HIS A 83 -17.22 26.38 32.85
N TYR A 84 -17.18 25.85 31.63
CA TYR A 84 -17.75 26.50 30.46
C TYR A 84 -19.14 25.93 30.20
N ILE A 85 -20.18 26.73 30.39
CA ILE A 85 -21.57 26.30 30.24
C ILE A 85 -22.13 26.93 28.97
N ARG A 86 -22.95 26.18 28.23
CA ARG A 86 -23.61 26.73 27.05
C ARG A 86 -25.00 26.14 26.90
N VAL A 87 -25.76 26.70 25.96
CA VAL A 87 -27.14 26.31 25.70
C VAL A 87 -27.21 25.71 24.30
N VAL A 88 -27.81 24.52 24.21
CA VAL A 88 -27.77 23.68 23.02
C VAL A 88 -29.19 23.56 22.47
N GLY A 89 -29.31 23.44 21.15
CA GLY A 89 -30.62 23.50 20.52
C GLY A 89 -31.06 22.46 19.51
N PHE A 90 -30.38 21.30 19.44
CA PHE A 90 -30.93 19.94 19.18
C PHE A 90 -32.17 19.93 18.27
N ASP A 91 -32.09 20.59 17.11
CA ASP A 91 -33.29 20.76 16.30
C ASP A 91 -33.70 19.43 15.68
N ASN A 92 -34.60 18.71 16.35
CA ASN A 92 -34.89 17.33 16.04
C ASN A 92 -35.85 17.15 14.87
N ILE A 93 -36.65 18.17 14.53
CA ILE A 93 -37.57 18.09 13.41
C ILE A 93 -36.80 17.99 12.10
N LYS A 94 -35.66 18.67 12.02
CA LYS A 94 -34.82 18.65 10.82
C LYS A 94 -33.53 17.88 11.08
N GLN A 95 -33.42 17.20 12.24
CA GLN A 95 -32.19 16.54 12.72
C GLN A 95 -31.00 17.50 12.78
N CYS A 96 -31.25 18.72 13.23
CA CYS A 96 -30.28 19.80 13.20
C CYS A 96 -29.96 20.20 14.64
N GLN A 97 -29.26 21.33 14.78
CA GLN A 97 -28.80 21.80 16.09
C GLN A 97 -28.57 23.30 15.96
N ILE A 98 -29.08 24.07 16.93
CA ILE A 98 -29.29 25.51 16.76
C ILE A 98 -28.75 26.27 17.98
N LEU A 99 -27.92 27.29 17.71
CA LEU A 99 -27.55 28.36 18.66
C LEU A 99 -26.84 27.87 19.91
N SER A 100 -25.62 27.36 19.71
CA SER A 100 -24.66 27.30 20.81
C SER A 100 -24.21 28.70 21.19
N PHE A 101 -24.28 29.01 22.49
CA PHE A 101 -23.71 30.25 23.00
C PHE A 101 -23.27 30.04 24.43
N ILE A 102 -22.01 30.39 24.71
CA ILE A 102 -21.36 30.02 25.97
C ILE A 102 -21.75 31.03 27.05
N VAL A 103 -22.15 30.51 28.22
CA VAL A 103 -22.74 31.32 29.28
C VAL A 103 -21.98 31.02 30.59
N HIS A 104 -21.71 32.07 31.37
CA HIS A 104 -21.06 32.00 32.70
C HIS A 104 -19.68 31.34 32.62
N LYS A 105 -18.79 32.04 31.99
CA LYS A 105 -17.38 31.64 31.91
C LYS A 105 -16.62 32.10 33.15
N PRO A 106 -15.68 31.29 33.66
CA PRO A 106 -14.87 31.71 34.81
C PRO A 106 -13.83 32.76 34.44
N LEU B 23 -8.08 52.48 -14.75
CA LEU B 23 -7.91 51.66 -15.94
C LEU B 23 -6.43 51.40 -16.18
N THR B 24 -5.97 50.24 -15.69
CA THR B 24 -4.61 49.78 -15.92
C THR B 24 -4.57 48.49 -16.73
N TYR B 25 -5.72 47.96 -17.13
CA TYR B 25 -5.77 46.65 -17.78
C TYR B 25 -6.07 46.74 -19.27
N TYR B 26 -6.34 47.92 -19.79
CA TYR B 26 -6.39 48.14 -21.24
C TYR B 26 -5.15 48.95 -21.59
N THR B 27 -4.10 48.23 -21.98
CA THR B 27 -2.83 48.82 -22.42
C THR B 27 -2.70 48.53 -23.91
N PRO B 28 -3.17 49.43 -24.80
CA PRO B 28 -3.15 49.12 -26.24
C PRO B 28 -1.77 49.20 -26.86
N ASP B 29 -0.80 49.84 -26.19
CA ASP B 29 0.56 49.88 -26.70
C ASP B 29 1.34 48.61 -26.35
N TYR B 30 0.78 47.73 -25.53
CA TYR B 30 1.43 46.47 -25.18
C TYR B 30 1.46 45.54 -26.38
N THR B 31 2.63 44.97 -26.65
CA THR B 31 2.69 43.94 -27.68
C THR B 31 2.62 42.56 -27.02
N PRO B 32 1.90 41.63 -27.63
CA PRO B 32 1.77 40.28 -27.04
C PRO B 32 3.08 39.51 -27.13
N LYS B 33 3.58 39.07 -25.98
CA LYS B 33 4.75 38.22 -25.96
C LYS B 33 4.40 36.84 -26.52
N ASP B 34 5.43 36.13 -26.95
CA ASP B 34 5.26 34.74 -27.39
C ASP B 34 5.23 33.76 -26.22
N THR B 35 5.28 34.27 -24.99
CA THR B 35 5.01 33.50 -23.78
C THR B 35 3.76 34.05 -23.10
N ASP B 36 2.80 34.53 -23.88
CA ASP B 36 1.51 34.96 -23.39
C ASP B 36 0.43 34.07 -23.95
N ILE B 37 -0.64 33.89 -23.19
CA ILE B 37 -1.74 33.04 -23.59
C ILE B 37 -2.91 33.94 -23.99
N LEU B 38 -2.98 34.27 -25.28
CA LEU B 38 -3.88 35.30 -25.77
C LEU B 38 -5.30 34.77 -25.84
N ALA B 39 -6.27 35.64 -25.62
CA ALA B 39 -7.67 35.30 -25.67
C ALA B 39 -8.45 36.40 -26.38
N ALA B 40 -9.36 36.00 -27.26
CA ALA B 40 -10.17 36.93 -28.05
C ALA B 40 -11.62 36.81 -27.60
N PHE B 41 -12.10 37.81 -26.88
CA PHE B 41 -13.45 37.81 -26.34
C PHE B 41 -14.35 38.73 -27.15
N ARG B 42 -15.48 38.20 -27.62
CA ARG B 42 -16.49 39.02 -28.28
C ARG B 42 -17.43 39.55 -27.20
N VAL B 43 -17.28 40.82 -26.87
CA VAL B 43 -17.86 41.41 -25.67
C VAL B 43 -19.03 42.31 -26.07
N THR B 44 -20.13 42.21 -25.33
CA THR B 44 -21.33 43.01 -25.58
C THR B 44 -21.83 43.64 -24.28
N PRO B 45 -21.50 44.91 -24.02
CA PRO B 45 -22.08 45.60 -22.87
C PRO B 45 -23.39 46.29 -23.18
N GLN B 46 -23.90 47.07 -22.22
CA GLN B 46 -25.01 47.98 -22.42
C GLN B 46 -24.49 49.30 -23.00
N PRO B 47 -25.30 50.02 -23.77
CA PRO B 47 -25.02 51.45 -23.99
C PRO B 47 -25.07 52.20 -22.66
N GLY B 48 -23.90 52.67 -22.24
CA GLY B 48 -23.74 53.23 -20.91
C GLY B 48 -22.43 52.75 -20.30
N VAL B 49 -21.87 51.71 -20.90
CA VAL B 49 -20.54 51.22 -20.56
C VAL B 49 -19.67 51.38 -21.81
N PRO B 50 -18.60 52.15 -21.76
CA PRO B 50 -17.75 52.31 -22.94
C PRO B 50 -16.95 51.05 -23.22
N PHE B 51 -16.37 51.00 -24.42
CA PHE B 51 -15.65 49.79 -24.84
C PHE B 51 -14.35 49.63 -24.06
N GLU B 52 -13.74 50.74 -23.64
CA GLU B 52 -12.47 50.65 -22.92
C GLU B 52 -12.66 50.14 -21.52
N GLU B 53 -13.74 50.54 -20.85
CA GLU B 53 -14.05 49.98 -19.54
C GLU B 53 -14.56 48.56 -19.66
N ALA B 54 -15.30 48.26 -20.72
CA ALA B 54 -15.80 46.90 -20.93
C ALA B 54 -14.66 45.93 -21.23
N ALA B 55 -13.66 46.37 -21.99
CA ALA B 55 -12.51 45.51 -22.26
C ALA B 55 -11.67 45.30 -21.00
N ALA B 56 -11.33 46.39 -20.32
CA ALA B 56 -10.51 46.34 -19.11
C ALA B 56 -11.23 45.73 -17.91
N ALA B 57 -12.49 45.32 -18.05
CA ALA B 57 -13.16 44.51 -17.07
C ALA B 57 -13.20 43.04 -17.43
N VAL B 58 -13.08 42.69 -18.72
CA VAL B 58 -12.92 41.29 -19.07
C VAL B 58 -11.53 40.81 -18.65
N ALA B 59 -10.52 41.66 -18.81
CA ALA B 59 -9.18 41.31 -18.34
C ALA B 59 -9.05 41.43 -16.83
N ALA B 60 -10.00 42.09 -16.16
CA ALA B 60 -9.89 42.25 -14.72
C ALA B 60 -10.29 40.98 -13.99
N GLU B 61 -11.58 40.62 -14.03
CA GLU B 61 -12.07 39.55 -13.19
C GLU B 61 -11.74 38.16 -13.73
N SER B 62 -11.06 38.08 -14.88
CA SER B 62 -10.56 36.79 -15.33
C SER B 62 -9.18 36.50 -14.73
N SER B 63 -8.42 37.55 -14.41
CA SER B 63 -7.14 37.36 -13.72
C SER B 63 -7.08 38.02 -12.34
N THR B 64 -7.22 39.34 -12.23
CA THR B 64 -7.04 40.06 -10.97
C THR B 64 -8.09 41.16 -10.86
N GLY B 65 -8.92 41.11 -9.83
CA GLY B 65 -10.06 42.01 -9.75
C GLY B 65 -9.65 43.44 -9.45
N THR B 66 -10.47 44.37 -9.95
CA THR B 66 -10.25 45.80 -9.80
C THR B 66 -10.98 46.42 -8.62
N TRP B 67 -11.53 45.61 -7.72
CA TRP B 67 -12.25 46.16 -6.58
C TRP B 67 -11.30 46.85 -5.60
N THR B 68 -10.13 46.24 -5.38
CA THR B 68 -9.12 46.79 -4.46
C THR B 68 -8.18 47.69 -5.26
N THR B 69 -8.18 48.99 -4.91
CA THR B 69 -7.37 49.97 -5.60
C THR B 69 -6.49 50.82 -4.67
N VAL B 70 -6.77 50.83 -3.37
CA VAL B 70 -6.21 51.87 -2.51
C VAL B 70 -4.87 51.45 -1.91
N TRP B 71 -4.88 50.41 -1.09
CA TRP B 71 -3.66 49.97 -0.40
C TRP B 71 -3.11 48.66 -0.96
N THR B 72 -3.96 47.64 -1.15
CA THR B 72 -3.50 46.33 -1.60
C THR B 72 -3.26 46.25 -3.09
N ASP B 73 -3.42 47.35 -3.83
CA ASP B 73 -3.05 47.36 -5.24
C ASP B 73 -1.54 47.32 -5.42
N LEU B 74 -0.80 47.85 -4.45
CA LEU B 74 0.66 47.93 -4.54
C LEU B 74 1.35 47.10 -3.46
N LEU B 75 0.72 46.01 -3.03
CA LEU B 75 1.42 45.04 -2.18
C LEU B 75 2.48 44.30 -2.96
N THR B 76 2.05 43.54 -3.97
CA THR B 76 2.92 42.58 -4.65
C THR B 76 2.92 42.79 -6.15
N ASP B 77 3.48 41.83 -6.89
CA ASP B 77 3.60 41.95 -8.34
C ASP B 77 2.25 41.82 -9.03
N LEU B 78 1.48 42.90 -9.04
CA LEU B 78 0.25 42.97 -9.83
C LEU B 78 0.48 43.69 -11.14
N ASP B 79 1.73 43.85 -11.55
CA ASP B 79 2.04 44.49 -12.82
C ASP B 79 2.50 43.47 -13.86
N ARG B 80 2.77 42.24 -13.41
CA ARG B 80 3.24 41.18 -14.28
C ARG B 80 2.43 39.90 -14.19
N TYR B 81 1.60 39.76 -13.14
CA TYR B 81 0.70 38.62 -12.99
C TYR B 81 -0.74 38.98 -13.30
N LYS B 82 -0.96 39.94 -14.20
CA LYS B 82 -2.30 40.43 -14.50
C LYS B 82 -2.59 40.26 -15.98
N GLY B 83 -3.82 39.82 -16.28
CA GLY B 83 -4.26 39.78 -17.66
C GLY B 83 -4.57 41.19 -18.14
N ARG B 84 -4.07 41.53 -19.31
CA ARG B 84 -4.20 42.89 -19.82
C ARG B 84 -4.69 42.83 -21.26
N CYS B 85 -5.46 43.86 -21.64
CA CYS B 85 -5.94 44.02 -23.00
C CYS B 85 -4.87 44.75 -23.80
N TYR B 86 -4.74 44.40 -25.08
CA TYR B 86 -3.87 45.15 -25.97
C TYR B 86 -4.59 45.65 -27.21
N ASP B 87 -5.85 45.27 -27.43
CA ASP B 87 -6.64 45.75 -28.55
C ASP B 87 -8.09 45.96 -28.13
N ILE B 88 -8.79 46.77 -28.91
CA ILE B 88 -10.25 46.73 -29.04
C ILE B 88 -10.57 46.83 -30.52
N GLU B 89 -11.19 45.80 -31.07
CA GLU B 89 -11.57 45.79 -32.48
C GLU B 89 -13.07 45.56 -32.59
N PRO B 90 -13.84 46.54 -33.08
CA PRO B 90 -15.29 46.33 -33.22
C PRO B 90 -15.61 45.35 -34.33
N VAL B 91 -16.63 44.54 -34.08
CA VAL B 91 -17.16 43.64 -35.12
C VAL B 91 -17.80 44.49 -36.21
N PRO B 92 -17.49 44.24 -37.49
CA PRO B 92 -18.08 45.06 -38.55
C PRO B 92 -19.57 44.80 -38.71
N GLY B 93 -20.33 45.90 -38.84
CA GLY B 93 -21.76 45.85 -39.03
C GLY B 93 -22.59 45.76 -37.77
N GLU B 94 -22.03 45.26 -36.67
CA GLU B 94 -22.78 45.03 -35.44
C GLU B 94 -22.32 45.99 -34.35
N ASP B 95 -23.23 46.83 -33.89
CA ASP B 95 -22.96 47.81 -32.85
C ASP B 95 -22.90 47.13 -31.48
N ASN B 96 -22.23 47.80 -30.54
CA ASN B 96 -22.13 47.41 -29.13
C ASN B 96 -21.45 46.04 -28.97
N GLN B 97 -20.56 45.70 -29.91
CA GLN B 97 -20.05 44.34 -30.00
C GLN B 97 -18.65 44.41 -30.59
N PHE B 98 -17.65 44.33 -29.72
CA PHE B 98 -16.25 44.43 -30.10
C PHE B 98 -15.53 43.13 -29.74
N ILE B 99 -14.24 43.08 -30.07
CA ILE B 99 -13.41 41.91 -29.80
C ILE B 99 -12.21 42.38 -28.99
N ALA B 100 -12.15 41.97 -27.73
CA ALA B 100 -11.12 42.41 -26.79
C ALA B 100 -10.03 41.34 -26.72
N TYR B 101 -8.91 41.61 -27.38
CA TYR B 101 -7.76 40.71 -27.30
C TYR B 101 -7.05 40.93 -25.98
N ILE B 102 -6.87 39.86 -25.21
CA ILE B 102 -6.34 39.95 -23.85
C ILE B 102 -5.13 39.04 -23.72
N ALA B 103 -4.04 39.58 -23.20
CA ALA B 103 -2.81 38.83 -22.96
C ALA B 103 -2.76 38.37 -21.51
N TYR B 104 -2.65 37.07 -21.32
CA TYR B 104 -2.45 36.49 -20.00
C TYR B 104 -1.03 36.00 -19.89
N PRO B 105 -0.28 36.38 -18.85
CA PRO B 105 1.09 35.89 -18.71
C PRO B 105 1.14 34.41 -18.40
N LEU B 106 2.24 33.79 -18.79
CA LEU B 106 2.39 32.33 -18.69
C LEU B 106 2.46 31.86 -17.25
N ASP B 107 2.94 32.71 -16.35
CA ASP B 107 3.19 32.31 -14.97
C ASP B 107 1.93 32.25 -14.11
N LEU B 108 0.74 32.35 -14.72
CA LEU B 108 -0.49 32.26 -13.97
C LEU B 108 -1.06 30.85 -13.94
N PHE B 109 -0.76 30.03 -14.94
CA PHE B 109 -1.53 28.82 -15.20
C PHE B 109 -0.71 27.60 -14.79
N GLU B 110 -1.37 26.45 -14.83
CA GLU B 110 -0.74 25.19 -14.48
C GLU B 110 -0.21 24.50 -15.72
N GLU B 111 0.98 23.93 -15.60
CA GLU B 111 1.60 23.20 -16.70
C GLU B 111 0.86 21.89 -16.92
N GLY B 112 0.03 21.85 -17.96
CA GLY B 112 -0.63 20.62 -18.34
C GLY B 112 -2.09 20.50 -17.99
N SER B 113 -2.79 21.61 -17.71
CA SER B 113 -4.19 21.55 -17.38
C SER B 113 -4.96 22.66 -18.08
N ILE B 114 -6.09 22.29 -18.71
CA ILE B 114 -7.04 23.25 -19.24
C ILE B 114 -8.03 23.67 -18.16
N THR B 115 -8.26 22.83 -17.15
CA THR B 115 -9.10 23.21 -16.02
C THR B 115 -8.47 24.28 -15.11
N ASN B 116 -7.31 24.83 -15.47
CA ASN B 116 -6.86 26.13 -14.99
C ASN B 116 -6.96 27.21 -16.07
N VAL B 117 -6.90 26.82 -17.35
CA VAL B 117 -7.12 27.77 -18.44
C VAL B 117 -8.57 28.22 -18.48
N LEU B 118 -9.50 27.24 -18.53
CA LEU B 118 -10.93 27.56 -18.56
C LEU B 118 -11.50 27.81 -17.16
N THR B 119 -10.64 28.04 -16.18
CA THR B 119 -11.03 28.54 -14.87
C THR B 119 -10.55 29.96 -14.66
N SER B 120 -9.52 30.39 -15.38
CA SER B 120 -9.08 31.78 -15.44
C SER B 120 -9.84 32.56 -16.50
N ILE B 121 -9.74 32.09 -17.74
CA ILE B 121 -10.12 32.86 -18.90
C ILE B 121 -11.64 32.94 -19.07
N VAL B 122 -12.37 31.89 -18.68
CA VAL B 122 -13.83 31.92 -18.74
C VAL B 122 -14.46 31.63 -17.38
N GLY B 123 -13.70 31.72 -16.30
CA GLY B 123 -14.19 31.29 -15.00
C GLY B 123 -15.18 32.21 -14.31
N ASN B 124 -14.73 33.40 -13.91
CA ASN B 124 -15.56 34.36 -13.18
C ASN B 124 -15.76 35.65 -13.94
N VAL B 125 -15.63 35.61 -15.27
CA VAL B 125 -15.60 36.83 -16.06
C VAL B 125 -16.92 37.01 -16.80
N PHE B 126 -17.60 35.91 -17.13
CA PHE B 126 -18.85 36.01 -17.88
C PHE B 126 -20.00 36.44 -16.99
N GLY B 127 -19.83 36.35 -15.67
CA GLY B 127 -20.85 36.77 -14.74
C GLY B 127 -20.60 38.17 -14.24
N PHE B 128 -19.82 38.93 -14.99
CA PHE B 128 -19.64 40.34 -14.70
C PHE B 128 -20.93 41.09 -15.03
N LYS B 129 -21.32 41.98 -14.12
CA LYS B 129 -22.67 42.53 -14.16
C LYS B 129 -22.86 43.51 -15.31
N ALA B 130 -21.83 44.27 -15.67
CA ALA B 130 -21.97 45.32 -16.66
C ALA B 130 -21.74 44.83 -18.10
N LEU B 131 -21.80 43.52 -18.34
CA LEU B 131 -21.64 42.95 -19.67
C LEU B 131 -22.84 42.06 -19.95
N ARG B 132 -23.55 42.34 -21.03
CA ARG B 132 -24.83 41.71 -21.29
C ARG B 132 -24.72 40.51 -22.20
N ALA B 133 -23.54 40.23 -22.73
CA ALA B 133 -23.16 39.05 -23.49
C ALA B 133 -21.65 39.06 -23.64
N LEU B 134 -21.06 37.88 -23.73
CA LEU B 134 -19.61 37.76 -23.78
C LEU B 134 -19.28 36.39 -24.34
N ARG B 135 -18.43 36.32 -25.37
CA ARG B 135 -18.08 35.05 -25.99
C ARG B 135 -16.58 35.00 -26.23
N LEU B 136 -15.90 34.03 -25.61
CA LEU B 136 -14.51 33.74 -25.96
C LEU B 136 -14.49 33.14 -27.35
N GLU B 137 -14.04 33.94 -28.32
CA GLU B 137 -14.02 33.50 -29.70
C GLU B 137 -12.84 32.56 -29.94
N ASP B 138 -11.62 33.08 -29.85
CA ASP B 138 -10.44 32.29 -30.11
C ASP B 138 -9.46 32.51 -28.96
N ILE B 139 -8.58 31.55 -28.79
CA ILE B 139 -7.57 31.56 -27.74
C ILE B 139 -6.26 31.13 -28.39
N ARG B 140 -5.15 31.71 -27.96
CA ARG B 140 -3.85 31.30 -28.46
C ARG B 140 -3.04 30.70 -27.32
N PHE B 141 -2.72 29.43 -27.45
CA PHE B 141 -1.77 28.78 -26.56
C PHE B 141 -0.41 28.81 -27.21
N PRO B 142 0.60 29.39 -26.58
CA PRO B 142 1.92 29.50 -27.22
C PRO B 142 2.64 28.16 -27.20
N VAL B 143 3.77 28.13 -27.93
CA VAL B 143 4.67 26.99 -27.93
C VAL B 143 5.26 26.77 -26.55
N ALA B 144 5.38 27.86 -25.76
CA ALA B 144 5.85 27.77 -24.39
C ALA B 144 4.87 27.02 -23.49
N TYR B 145 3.57 27.05 -23.80
CA TYR B 145 2.58 26.42 -22.96
C TYR B 145 2.02 25.14 -23.55
N ILE B 146 2.11 24.95 -24.87
CA ILE B 146 1.66 23.71 -25.49
C ILE B 146 2.54 22.53 -25.07
N LYS B 147 3.85 22.74 -24.96
CA LYS B 147 4.78 21.66 -24.65
C LYS B 147 4.65 21.14 -23.22
N THR B 148 3.97 21.88 -22.33
CA THR B 148 3.64 21.34 -21.02
C THR B 148 2.60 20.23 -21.12
N PHE B 149 1.77 20.24 -22.17
CA PHE B 149 0.75 19.23 -22.35
C PHE B 149 1.34 17.99 -23.02
N GLN B 150 0.69 16.85 -22.76
CA GLN B 150 0.99 15.65 -23.54
C GLN B 150 0.49 15.81 -24.96
N GLY B 151 -0.60 16.55 -25.12
CA GLY B 151 -1.29 16.60 -26.38
C GLY B 151 -2.13 15.36 -26.57
N PRO B 152 -2.47 15.07 -27.82
CA PRO B 152 -3.32 13.91 -28.13
C PRO B 152 -2.56 12.61 -27.94
N PRO B 153 -3.27 11.49 -27.80
CA PRO B 153 -2.57 10.19 -27.74
C PRO B 153 -1.82 9.86 -29.03
N HIS B 154 -2.47 10.00 -30.18
CA HIS B 154 -1.83 9.69 -31.46
C HIS B 154 -2.36 10.64 -32.51
N GLY B 155 -1.47 11.39 -33.16
CA GLY B 155 -1.87 12.22 -34.26
C GLY B 155 -2.24 11.43 -35.48
N ILE B 156 -2.66 12.14 -36.53
CA ILE B 156 -3.26 11.51 -37.72
C ILE B 156 -2.26 10.59 -38.39
N GLN B 157 -1.10 11.13 -38.78
CA GLN B 157 -0.01 10.31 -39.32
C GLN B 157 0.67 9.43 -38.27
N VAL B 158 0.14 9.36 -37.05
CA VAL B 158 0.57 8.44 -36.01
C VAL B 158 -0.54 7.39 -35.82
N GLU B 159 -1.80 7.76 -36.10
CA GLU B 159 -2.89 6.78 -36.02
C GLU B 159 -3.57 6.49 -37.36
N ARG B 160 -3.00 6.95 -38.49
CA ARG B 160 -3.24 6.22 -39.73
C ARG B 160 -2.39 4.96 -39.77
N ASP B 161 -1.33 4.91 -38.98
CA ASP B 161 -0.37 3.80 -39.00
C ASP B 161 -0.92 2.58 -38.29
N LYS B 162 -1.63 2.77 -37.17
CA LYS B 162 -2.19 1.65 -36.42
C LYS B 162 -3.35 0.99 -37.15
N LEU B 163 -4.08 1.76 -37.94
CA LEU B 163 -5.25 1.23 -38.63
C LEU B 163 -4.92 0.63 -39.99
N ASN B 164 -3.69 0.83 -40.47
CA ASN B 164 -3.22 0.39 -41.80
C ASN B 164 -4.13 0.97 -42.89
N LYS B 165 -4.43 2.26 -42.78
CA LYS B 165 -5.40 2.94 -43.64
C LYS B 165 -4.82 4.26 -44.10
N TYR B 166 -4.41 4.33 -45.37
CA TYR B 166 -3.71 5.48 -45.92
C TYR B 166 -4.42 6.00 -47.16
N GLY B 167 -4.26 7.30 -47.40
CA GLY B 167 -4.66 7.90 -48.67
C GLY B 167 -6.13 8.12 -48.87
N ARG B 168 -6.96 7.96 -47.83
CA ARG B 168 -8.39 8.13 -47.96
C ARG B 168 -8.95 8.49 -46.60
N PRO B 169 -10.03 9.28 -46.53
CA PRO B 169 -10.66 9.56 -45.24
C PRO B 169 -11.36 8.35 -44.66
N LEU B 170 -11.33 8.27 -43.32
CA LEU B 170 -11.89 7.13 -42.61
C LEU B 170 -13.42 7.21 -42.60
N LEU B 171 -14.04 6.10 -42.25
CA LEU B 171 -15.49 5.93 -42.38
C LEU B 171 -16.09 5.59 -41.03
N GLY B 172 -16.70 6.59 -40.39
CA GLY B 172 -17.49 6.35 -39.20
C GLY B 172 -18.89 5.88 -39.54
N CYS B 173 -19.65 5.55 -38.50
CA CYS B 173 -21.03 5.12 -38.67
C CYS B 173 -21.78 5.37 -37.38
N THR B 174 -23.08 5.63 -37.50
CA THR B 174 -23.96 5.76 -36.34
C THR B 174 -24.85 4.53 -36.28
N ILE B 175 -24.40 3.50 -35.57
CA ILE B 175 -25.26 2.36 -35.27
C ILE B 175 -26.15 2.83 -34.13
N LYS B 176 -27.31 3.37 -34.51
CA LYS B 176 -28.31 3.83 -33.55
C LYS B 176 -29.67 3.22 -33.86
N PRO B 177 -29.86 1.88 -33.71
CA PRO B 177 -31.27 1.48 -33.55
C PRO B 177 -31.72 1.98 -32.19
N LYS B 178 -32.50 3.08 -32.24
CA LYS B 178 -32.30 4.33 -31.48
C LYS B 178 -31.77 4.03 -30.08
N LEU B 179 -32.53 3.33 -29.24
CA LEU B 179 -32.08 2.74 -27.99
C LEU B 179 -32.84 1.42 -27.83
N GLY B 180 -32.61 0.74 -26.71
CA GLY B 180 -33.28 -0.52 -26.48
C GLY B 180 -32.76 -1.64 -27.35
N LEU B 181 -31.51 -2.02 -27.12
CA LEU B 181 -30.90 -3.17 -27.78
C LEU B 181 -30.23 -4.01 -26.71
N SER B 182 -30.36 -5.32 -26.81
CA SER B 182 -29.47 -6.17 -26.03
C SER B 182 -28.09 -6.11 -26.65
N ALA B 183 -27.07 -6.47 -25.85
CA ALA B 183 -25.69 -6.34 -26.30
C ALA B 183 -25.35 -7.26 -27.46
N LYS B 184 -26.04 -8.40 -27.57
CA LYS B 184 -25.95 -9.20 -28.78
C LYS B 184 -26.61 -8.49 -29.95
N ASN B 185 -27.83 -7.98 -29.73
CA ASN B 185 -28.58 -7.23 -30.75
C ASN B 185 -27.83 -5.96 -31.14
N TYR B 186 -27.14 -5.35 -30.19
CA TYR B 186 -26.24 -4.26 -30.51
C TYR B 186 -25.05 -4.76 -31.31
N GLY B 187 -24.44 -5.87 -30.85
CA GLY B 187 -23.34 -6.48 -31.57
C GLY B 187 -23.74 -7.21 -32.84
N ARG B 188 -25.04 -7.39 -33.10
CA ARG B 188 -25.44 -7.86 -34.42
C ARG B 188 -25.41 -6.73 -35.43
N ALA B 189 -25.86 -5.53 -35.04
CA ALA B 189 -25.89 -4.39 -35.94
C ALA B 189 -24.55 -3.67 -36.04
N VAL B 190 -23.75 -3.68 -34.97
CA VAL B 190 -22.40 -3.13 -35.03
C VAL B 190 -21.52 -3.98 -35.95
N TYR B 191 -21.79 -5.29 -36.02
CA TYR B 191 -20.97 -6.18 -36.83
C TYR B 191 -21.15 -5.93 -38.32
N GLU B 192 -22.39 -6.01 -38.81
CA GLU B 192 -22.60 -6.08 -40.25
C GLU B 192 -22.48 -4.74 -40.98
N CYS B 193 -22.14 -3.66 -40.29
CA CYS B 193 -21.54 -2.52 -40.97
C CYS B 193 -20.03 -2.60 -41.06
N LEU B 194 -19.39 -3.38 -40.18
CA LEU B 194 -17.95 -3.52 -40.27
C LEU B 194 -17.55 -4.48 -41.38
N ARG B 195 -18.31 -5.56 -41.58
CA ARG B 195 -18.09 -6.38 -42.77
C ARG B 195 -18.59 -5.69 -44.03
N GLY B 196 -19.45 -4.68 -43.90
CA GLY B 196 -19.88 -3.91 -45.05
C GLY B 196 -18.80 -3.00 -45.61
N GLY B 197 -17.78 -2.70 -44.82
CA GLY B 197 -16.67 -1.87 -45.27
C GLY B 197 -16.38 -0.68 -44.39
N LEU B 198 -17.28 -0.35 -43.46
CA LEU B 198 -17.07 0.81 -42.60
C LEU B 198 -15.97 0.55 -41.59
N ASP B 199 -15.29 1.62 -41.20
CA ASP B 199 -14.14 1.50 -40.33
C ASP B 199 -14.53 1.47 -38.86
N PHE B 200 -15.45 2.34 -38.46
CA PHE B 200 -15.86 2.47 -37.07
C PHE B 200 -17.35 2.77 -37.03
N THR B 201 -18.03 2.31 -35.98
CA THR B 201 -19.50 2.34 -35.93
C THR B 201 -19.95 2.95 -34.60
N LYS B 202 -19.95 4.29 -34.53
CA LYS B 202 -19.92 5.04 -33.27
C LYS B 202 -21.10 4.74 -32.36
N ASP B 203 -20.81 4.60 -31.08
CA ASP B 203 -21.77 4.29 -30.04
C ASP B 203 -22.73 5.46 -29.80
N ASP B 204 -23.88 5.13 -29.18
CA ASP B 204 -24.74 6.13 -28.60
C ASP B 204 -24.03 6.83 -27.44
N GLU B 205 -24.57 7.98 -27.06
CA GLU B 205 -24.18 8.58 -25.78
C GLU B 205 -24.99 8.07 -24.62
N ASN B 206 -26.15 7.49 -24.88
CA ASN B 206 -27.00 6.95 -23.82
C ASN B 206 -26.63 5.53 -23.45
N ILE B 207 -25.74 4.89 -24.20
CA ILE B 207 -25.24 3.57 -23.79
C ILE B 207 -24.02 3.82 -22.92
N ASN B 208 -24.30 4.17 -21.67
CA ASN B 208 -23.38 4.04 -20.56
C ASN B 208 -24.21 3.25 -19.56
N SER B 209 -23.97 1.93 -19.50
CA SER B 209 -24.58 0.94 -18.61
C SER B 209 -26.06 1.14 -18.30
N ALA B 210 -26.86 1.43 -19.32
CA ALA B 210 -28.30 1.53 -19.16
C ALA B 210 -28.87 0.15 -18.83
N PRO B 211 -30.00 0.09 -18.06
CA PRO B 211 -30.48 -1.22 -17.57
C PRO B 211 -30.93 -2.23 -18.62
N PHE B 212 -30.95 -1.88 -19.90
CA PHE B 212 -31.19 -2.89 -20.93
C PHE B 212 -29.91 -3.48 -21.51
N GLN B 213 -28.83 -2.69 -21.61
CA GLN B 213 -27.52 -3.24 -21.94
C GLN B 213 -26.44 -2.51 -21.15
N ARG B 214 -25.69 -3.26 -20.35
CA ARG B 214 -24.62 -2.69 -19.55
C ARG B 214 -23.33 -2.60 -20.36
N TRP B 215 -22.37 -1.84 -19.84
CA TRP B 215 -21.14 -1.58 -20.58
C TRP B 215 -20.23 -2.80 -20.63
N ARG B 216 -20.28 -3.66 -19.60
CA ARG B 216 -19.49 -4.88 -19.59
C ARG B 216 -19.90 -5.81 -20.72
N ASP B 217 -21.18 -5.79 -21.08
CA ASP B 217 -21.75 -6.62 -22.12
C ASP B 217 -21.66 -5.96 -23.49
N ARG B 218 -21.84 -4.64 -23.52
CA ARG B 218 -21.72 -3.87 -24.73
C ARG B 218 -20.27 -3.70 -25.17
N PHE B 219 -19.30 -3.99 -24.31
CA PHE B 219 -17.92 -4.10 -24.77
C PHE B 219 -17.58 -5.48 -25.28
N LEU B 220 -18.23 -6.53 -24.75
CA LEU B 220 -17.86 -7.90 -25.06
C LEU B 220 -18.36 -8.33 -26.43
N PHE B 221 -19.67 -8.17 -26.68
CA PHE B 221 -20.22 -8.60 -27.96
C PHE B 221 -19.83 -7.68 -29.09
N VAL B 222 -19.40 -6.46 -28.78
CA VAL B 222 -18.72 -5.64 -29.76
C VAL B 222 -17.34 -6.20 -30.07
N ALA B 223 -16.60 -6.64 -29.04
CA ALA B 223 -15.30 -7.27 -29.25
C ALA B 223 -15.42 -8.61 -29.95
N ASP B 224 -16.53 -9.33 -29.72
CA ASP B 224 -16.80 -10.53 -30.50
C ASP B 224 -17.20 -10.19 -31.93
N ALA B 225 -17.71 -8.99 -32.17
CA ALA B 225 -18.05 -8.57 -33.53
C ALA B 225 -16.82 -8.11 -34.29
N ILE B 226 -15.96 -7.32 -33.67
CA ILE B 226 -14.82 -6.71 -34.35
C ILE B 226 -13.78 -7.75 -34.73
N THR B 227 -13.44 -8.64 -33.79
CA THR B 227 -12.45 -9.67 -34.08
C THR B 227 -12.96 -10.72 -35.06
N LYS B 228 -14.28 -10.79 -35.26
CA LYS B 228 -14.88 -11.57 -36.33
C LYS B 228 -15.15 -10.71 -37.56
N ALA B 229 -14.94 -9.39 -37.48
CA ALA B 229 -15.05 -8.53 -38.65
C ALA B 229 -13.71 -8.29 -39.33
N GLN B 230 -12.62 -8.21 -38.57
CA GLN B 230 -11.30 -8.08 -39.17
C GLN B 230 -10.83 -9.37 -39.81
N ALA B 231 -11.43 -10.51 -39.45
CA ALA B 231 -11.10 -11.77 -40.09
C ALA B 231 -11.88 -12.00 -41.37
N GLU B 232 -13.03 -11.33 -41.54
CA GLU B 232 -13.81 -11.48 -42.76
C GLU B 232 -13.33 -10.55 -43.87
N THR B 233 -13.17 -9.26 -43.56
CA THR B 233 -12.67 -8.31 -44.55
C THR B 233 -11.16 -8.40 -44.70
N GLY B 234 -10.43 -8.20 -43.61
CA GLY B 234 -8.98 -8.20 -43.61
C GLY B 234 -8.35 -7.01 -42.94
N GLU B 235 -9.00 -5.85 -43.00
CA GLU B 235 -8.45 -4.62 -42.45
C GLU B 235 -8.71 -4.51 -40.95
N ILE B 236 -7.99 -3.60 -40.31
CA ILE B 236 -8.13 -3.39 -38.87
C ILE B 236 -9.29 -2.43 -38.62
N LYS B 237 -10.34 -2.93 -37.98
CA LYS B 237 -11.55 -2.16 -37.75
C LYS B 237 -11.81 -2.07 -36.24
N GLY B 238 -12.75 -1.19 -35.88
CA GLY B 238 -13.00 -1.01 -34.46
C GLY B 238 -14.36 -0.40 -34.19
N HIS B 239 -14.56 0.01 -32.93
CA HIS B 239 -15.78 0.63 -32.47
C HIS B 239 -15.43 1.63 -31.37
N TYR B 240 -15.96 2.83 -31.50
CA TYR B 240 -15.80 3.92 -30.54
C TYR B 240 -16.57 3.61 -29.27
N LEU B 241 -15.96 2.87 -28.36
CA LEU B 241 -16.65 2.41 -27.16
C LEU B 241 -16.71 3.52 -26.11
N ASN B 242 -17.91 3.80 -25.61
CA ASN B 242 -18.14 4.91 -24.69
C ASN B 242 -17.71 4.54 -23.28
N VAL B 243 -16.94 5.42 -22.65
CA VAL B 243 -16.47 5.22 -21.29
C VAL B 243 -16.89 6.36 -20.36
N THR B 244 -17.81 7.21 -20.80
CA THR B 244 -18.22 8.39 -20.05
C THR B 244 -19.03 7.93 -18.83
N ALA B 245 -18.31 7.71 -17.74
CA ALA B 245 -18.76 6.96 -16.58
C ALA B 245 -19.28 7.89 -15.50
N PRO B 246 -19.84 7.35 -14.39
CA PRO B 246 -19.99 8.20 -13.20
C PRO B 246 -18.67 8.74 -12.67
N THR B 247 -17.64 7.90 -12.60
CA THR B 247 -16.37 8.28 -12.00
C THR B 247 -15.21 7.95 -12.93
N CYS B 248 -14.09 8.65 -12.67
CA CYS B 248 -12.82 8.37 -13.34
C CYS B 248 -12.28 7.00 -12.98
N GLU B 249 -12.62 6.49 -11.78
CA GLU B 249 -12.30 5.11 -11.45
C GLU B 249 -13.08 4.15 -12.34
N GLU B 250 -14.39 4.37 -12.46
CA GLU B 250 -15.21 3.56 -13.34
C GLU B 250 -15.03 3.94 -14.81
N MET B 251 -14.40 5.08 -15.11
CA MET B 251 -13.97 5.36 -16.48
C MET B 251 -12.75 4.53 -16.85
N LEU B 252 -11.82 4.38 -15.91
CA LEU B 252 -10.65 3.55 -16.12
C LEU B 252 -10.89 2.10 -15.73
N LYS B 253 -12.12 1.73 -15.41
CA LYS B 253 -12.54 0.34 -15.50
C LYS B 253 -13.14 0.03 -16.86
N ARG B 254 -13.82 1.01 -17.45
CA ARG B 254 -14.32 0.86 -18.82
C ARG B 254 -13.22 1.03 -19.85
N ALA B 255 -12.21 1.85 -19.54
CA ALA B 255 -11.06 1.96 -20.43
C ALA B 255 -10.25 0.68 -20.46
N GLU B 256 -9.86 0.18 -19.28
CA GLU B 256 -8.95 -0.96 -19.19
C GLU B 256 -9.57 -2.26 -19.67
N TYR B 257 -10.90 -2.35 -19.72
CA TYR B 257 -11.52 -3.55 -20.27
C TYR B 257 -11.59 -3.49 -21.80
N ALA B 258 -11.55 -2.30 -22.40
CA ALA B 258 -11.37 -2.23 -23.84
C ALA B 258 -9.96 -2.60 -24.25
N LYS B 259 -8.97 -2.23 -23.43
CA LYS B 259 -7.59 -2.64 -23.69
C LYS B 259 -7.41 -4.14 -23.46
N GLU B 260 -8.22 -4.72 -22.57
CA GLU B 260 -8.19 -6.17 -22.37
C GLU B 260 -8.74 -6.90 -23.59
N LEU B 261 -9.74 -6.34 -24.24
CA LEU B 261 -10.34 -6.91 -25.45
C LEU B 261 -9.62 -6.49 -26.72
N LYS B 262 -8.49 -5.79 -26.60
CA LYS B 262 -7.69 -5.24 -27.70
C LYS B 262 -8.53 -4.33 -28.60
N GLN B 263 -9.10 -3.29 -27.98
CA GLN B 263 -9.91 -2.35 -28.76
C GLN B 263 -9.03 -1.22 -29.27
N PRO B 264 -9.13 -0.88 -30.54
CA PRO B 264 -8.29 0.21 -31.07
C PRO B 264 -8.69 1.59 -30.58
N ILE B 265 -9.99 1.95 -30.56
CA ILE B 265 -10.41 3.30 -30.24
C ILE B 265 -11.51 3.26 -29.17
N ILE B 266 -11.47 4.23 -28.25
CA ILE B 266 -12.50 4.44 -27.23
C ILE B 266 -13.20 5.78 -27.47
N MET B 267 -14.53 5.81 -27.32
CA MET B 267 -15.26 7.08 -27.34
C MET B 267 -15.35 7.65 -25.93
N HIS B 268 -15.29 8.98 -25.84
CA HIS B 268 -15.43 9.67 -24.55
C HIS B 268 -16.02 11.04 -24.79
N ASP B 269 -17.18 11.31 -24.18
CA ASP B 269 -17.76 12.64 -24.15
C ASP B 269 -16.90 13.54 -23.27
N TYR B 270 -16.69 14.78 -23.70
CA TYR B 270 -15.61 15.55 -23.09
C TYR B 270 -16.05 16.80 -22.33
N LEU B 271 -17.22 17.36 -22.61
CA LEU B 271 -17.69 18.52 -21.86
C LEU B 271 -18.60 18.15 -20.70
N THR B 272 -19.35 17.04 -20.83
CA THR B 272 -20.08 16.53 -19.68
C THR B 272 -19.13 15.92 -18.66
N ALA B 273 -18.25 15.03 -19.12
CA ALA B 273 -17.29 14.40 -18.24
C ALA B 273 -16.20 15.36 -17.78
N GLY B 274 -15.90 16.38 -18.55
CA GLY B 274 -14.93 17.38 -18.20
C GLY B 274 -13.57 17.13 -18.84
N PHE B 275 -12.70 18.13 -18.68
CA PHE B 275 -11.34 18.03 -19.22
C PHE B 275 -10.40 17.31 -18.29
N THR B 276 -10.72 17.23 -17.00
CA THR B 276 -10.02 16.30 -16.12
C THR B 276 -10.32 14.86 -16.45
N ALA B 277 -11.47 14.58 -17.05
CA ALA B 277 -11.73 13.22 -17.50
C ALA B 277 -10.99 12.93 -18.80
N ASN B 278 -10.80 13.95 -19.65
CA ASN B 278 -9.97 13.78 -20.83
C ASN B 278 -8.53 13.53 -20.44
N THR B 279 -7.97 14.40 -19.60
CA THR B 279 -6.55 14.37 -19.27
C THR B 279 -6.21 13.15 -18.42
N THR B 280 -7.16 12.62 -17.66
CA THR B 280 -6.96 11.33 -17.01
C THR B 280 -6.94 10.21 -18.05
N LEU B 281 -7.79 10.31 -19.06
CA LEU B 281 -7.93 9.26 -20.04
C LEU B 281 -6.98 9.41 -21.21
N ALA B 282 -6.65 10.64 -21.62
CA ALA B 282 -5.70 10.78 -22.72
C ALA B 282 -4.28 10.47 -22.29
N ARG B 283 -3.96 10.68 -21.01
CA ARG B 283 -2.73 10.13 -20.49
C ARG B 283 -2.84 8.61 -20.30
N TRP B 284 -4.05 8.11 -20.07
CA TRP B 284 -4.25 6.67 -20.12
C TRP B 284 -4.13 6.14 -21.54
N CYS B 285 -4.73 6.84 -22.51
CA CYS B 285 -4.85 6.34 -23.87
C CYS B 285 -3.52 6.33 -24.64
N ARG B 286 -2.59 7.22 -24.33
CA ARG B 286 -1.28 7.06 -24.94
C ARG B 286 -0.50 5.96 -24.24
N ASP B 287 -0.71 5.79 -22.93
CA ASP B 287 -0.03 4.73 -22.18
C ASP B 287 -0.56 3.34 -22.48
N ASN B 288 -1.62 3.21 -23.29
CA ASN B 288 -2.16 1.90 -23.63
C ASN B 288 -2.59 1.80 -25.09
N GLY B 289 -2.16 2.74 -25.93
CA GLY B 289 -2.31 2.61 -27.37
C GLY B 289 -3.69 2.78 -27.93
N VAL B 290 -4.66 3.19 -27.13
CA VAL B 290 -6.03 3.40 -27.60
C VAL B 290 -6.13 4.84 -28.11
N LEU B 291 -6.88 5.06 -29.18
CA LEU B 291 -6.79 6.32 -29.93
C LEU B 291 -7.73 7.42 -29.43
N LEU B 292 -8.74 7.10 -28.61
CA LEU B 292 -9.60 8.08 -27.91
C LEU B 292 -10.38 8.98 -28.87
N HIS B 293 -11.39 8.36 -29.50
CA HIS B 293 -12.47 9.11 -30.16
C HIS B 293 -13.19 9.99 -29.15
N ILE B 294 -13.69 11.13 -29.63
CA ILE B 294 -14.36 12.12 -28.80
C ILE B 294 -15.67 12.53 -29.46
N HIS B 295 -16.77 12.52 -28.70
CA HIS B 295 -18.03 13.12 -29.13
C HIS B 295 -18.19 14.47 -28.44
N ARG B 296 -18.85 15.41 -29.09
CA ARG B 296 -19.12 16.71 -28.48
C ARG B 296 -20.52 16.73 -27.83
N ALA B 297 -20.60 16.05 -26.70
CA ALA B 297 -21.74 16.25 -25.82
C ALA B 297 -21.64 17.61 -25.16
N MET B 298 -22.81 18.23 -24.94
CA MET B 298 -22.96 19.51 -24.22
C MET B 298 -22.20 20.64 -24.93
N HIS B 299 -21.98 20.49 -26.23
CA HIS B 299 -21.21 21.51 -26.95
C HIS B 299 -22.09 22.67 -27.35
N ALA B 300 -23.35 22.41 -27.68
CA ALA B 300 -24.27 23.43 -28.13
C ALA B 300 -24.80 24.27 -26.99
N VAL B 301 -24.54 23.88 -25.75
CA VAL B 301 -24.78 24.76 -24.61
C VAL B 301 -23.82 25.94 -24.66
N ILE B 302 -22.63 25.72 -25.22
CA ILE B 302 -21.48 26.57 -25.01
C ILE B 302 -21.19 27.42 -26.25
N ASP B 303 -21.20 26.80 -27.43
CA ASP B 303 -21.13 27.55 -28.68
C ASP B 303 -22.55 27.90 -29.13
N ARG B 304 -22.73 28.19 -30.43
CA ARG B 304 -24.01 28.21 -31.15
C ARG B 304 -24.82 29.47 -30.83
N GLN B 305 -24.37 30.27 -29.87
CA GLN B 305 -24.88 31.62 -29.67
C GLN B 305 -23.82 32.58 -30.18
N LYS B 306 -24.16 33.39 -31.17
CA LYS B 306 -23.20 34.30 -31.78
C LYS B 306 -22.89 35.51 -30.90
N ASN B 307 -23.52 35.64 -29.73
CA ASN B 307 -23.26 36.75 -28.83
C ASN B 307 -22.60 36.34 -27.52
N HIS B 308 -22.76 35.09 -27.09
CA HIS B 308 -22.37 34.70 -25.74
C HIS B 308 -21.96 33.23 -25.73
N GLY B 309 -21.05 32.90 -24.81
CA GLY B 309 -20.62 31.53 -24.59
C GLY B 309 -19.12 31.39 -24.77
N ILE B 310 -18.72 30.27 -25.35
CA ILE B 310 -17.35 30.06 -25.81
C ILE B 310 -17.48 29.45 -27.19
N HIS B 311 -16.76 29.99 -28.18
CA HIS B 311 -16.82 29.40 -29.51
C HIS B 311 -16.18 28.02 -29.49
N PHE B 312 -16.64 27.17 -30.41
CA PHE B 312 -16.22 25.77 -30.43
C PHE B 312 -14.73 25.62 -30.74
N ARG B 313 -14.13 26.60 -31.44
CA ARG B 313 -12.73 26.49 -31.79
C ARG B 313 -11.83 26.54 -30.57
N VAL B 314 -12.25 27.20 -29.49
CA VAL B 314 -11.53 27.10 -28.23
C VAL B 314 -11.62 25.68 -27.68
N LEU B 315 -12.82 25.10 -27.68
CA LEU B 315 -13.01 23.76 -27.17
C LEU B 315 -12.48 22.69 -28.12
N ALA B 316 -12.29 23.01 -29.39
CA ALA B 316 -11.58 22.13 -30.31
C ALA B 316 -10.08 22.30 -30.22
N LYS B 317 -9.61 23.31 -29.48
CA LYS B 317 -8.20 23.49 -29.18
C LYS B 317 -7.86 23.19 -27.73
N ALA B 318 -8.82 23.36 -26.82
CA ALA B 318 -8.67 22.88 -25.45
C ALA B 318 -8.70 21.36 -25.37
N LEU B 319 -9.18 20.70 -26.42
CA LEU B 319 -9.19 19.25 -26.49
C LEU B 319 -7.91 18.69 -27.11
N ARG B 320 -7.29 19.43 -28.04
CA ARG B 320 -6.00 19.04 -28.58
C ARG B 320 -4.89 19.12 -27.52
N LEU B 321 -5.10 19.93 -26.47
CA LEU B 321 -4.16 19.98 -25.36
C LEU B 321 -4.55 19.03 -24.24
N SER B 322 -5.84 18.76 -24.06
CA SER B 322 -6.25 17.74 -23.09
C SER B 322 -6.13 16.35 -23.67
N GLY B 323 -5.91 16.24 -24.97
CA GLY B 323 -5.82 14.96 -25.62
C GLY B 323 -7.18 14.42 -26.03
N GLY B 324 -7.15 13.52 -27.00
CA GLY B 324 -8.34 12.89 -27.55
C GLY B 324 -8.34 13.17 -29.02
N ASP B 325 -8.43 12.11 -29.81
CA ASP B 325 -8.52 12.27 -31.25
C ASP B 325 -9.98 12.47 -31.64
N HIS B 326 -10.17 12.79 -32.92
CA HIS B 326 -11.45 12.78 -33.60
C HIS B 326 -12.45 13.75 -32.94
N ILE B 327 -12.09 15.03 -32.96
CA ILE B 327 -12.98 16.05 -32.44
C ILE B 327 -14.11 16.24 -33.44
N HIS B 328 -15.35 16.13 -32.97
CA HIS B 328 -16.49 16.24 -33.86
C HIS B 328 -16.67 17.65 -34.40
N THR B 329 -16.81 17.75 -35.71
CA THR B 329 -16.94 19.03 -36.41
C THR B 329 -18.31 19.12 -37.06
N GLY B 330 -18.66 20.32 -37.48
CA GLY B 330 -19.96 20.52 -38.12
C GLY B 330 -19.96 20.05 -39.56
N THR B 331 -21.14 19.62 -40.02
CA THR B 331 -21.32 19.22 -41.40
C THR B 331 -21.30 20.47 -42.27
N VAL B 332 -20.69 20.33 -43.46
CA VAL B 332 -20.55 21.47 -44.36
C VAL B 332 -21.84 21.73 -45.13
N VAL B 333 -22.73 20.72 -45.19
CA VAL B 333 -23.87 20.73 -46.10
C VAL B 333 -24.90 21.78 -45.68
N GLY B 334 -25.26 21.81 -44.40
CA GLY B 334 -26.22 22.78 -43.89
C GLY B 334 -25.67 24.14 -43.54
N LYS B 335 -24.56 24.55 -44.13
CA LYS B 335 -23.92 25.82 -43.80
C LYS B 335 -23.97 26.79 -44.97
N LEU B 336 -23.98 28.07 -44.66
CA LEU B 336 -23.81 29.10 -45.67
C LEU B 336 -22.34 29.17 -46.09
N GLU B 337 -22.10 29.92 -47.17
CA GLU B 337 -20.74 30.06 -47.71
C GLU B 337 -19.83 30.81 -46.75
N GLY B 338 -20.37 31.76 -45.98
CA GLY B 338 -19.57 32.45 -45.00
C GLY B 338 -19.28 31.66 -43.74
N GLU B 339 -20.09 30.64 -43.45
CA GLU B 339 -19.87 29.80 -42.27
C GLU B 339 -19.07 28.54 -42.61
N ARG B 340 -18.93 28.21 -43.90
CA ARG B 340 -18.04 27.12 -44.29
C ARG B 340 -16.58 27.46 -44.00
N GLY B 341 -16.23 28.74 -43.99
CA GLY B 341 -14.91 29.13 -43.51
C GLY B 341 -14.77 28.90 -42.02
N ILE B 342 -15.81 29.20 -41.24
CA ILE B 342 -15.78 28.98 -39.80
C ILE B 342 -15.71 27.50 -39.49
N THR B 343 -16.50 26.68 -40.20
CA THR B 343 -16.46 25.24 -39.99
C THR B 343 -15.20 24.60 -40.57
N MET B 344 -14.50 25.30 -41.47
CA MET B 344 -13.12 24.95 -41.79
C MET B 344 -12.11 25.71 -40.94
N GLY B 345 -12.58 26.62 -40.09
CA GLY B 345 -11.68 27.36 -39.23
C GLY B 345 -11.16 26.50 -38.09
N PHE B 346 -12.08 25.86 -37.35
CA PHE B 346 -11.63 24.98 -36.28
C PHE B 346 -11.22 23.60 -36.78
N VAL B 347 -11.34 23.32 -38.07
CA VAL B 347 -10.74 22.11 -38.63
C VAL B 347 -9.26 22.32 -38.90
N ASP B 348 -8.89 23.45 -39.50
CA ASP B 348 -7.49 23.75 -39.75
C ASP B 348 -6.71 24.00 -38.46
N LEU B 349 -7.38 24.36 -37.37
CA LEU B 349 -6.71 24.55 -36.09
C LEU B 349 -6.22 23.23 -35.52
N LEU B 350 -7.14 22.28 -35.32
CA LEU B 350 -6.78 21.03 -34.66
C LEU B 350 -5.94 20.11 -35.54
N ARG B 351 -6.00 20.24 -36.86
CA ARG B 351 -5.43 19.28 -37.78
C ARG B 351 -4.08 19.69 -38.33
N GLU B 352 -3.89 20.97 -38.61
CA GLU B 352 -2.66 21.48 -39.23
C GLU B 352 -1.72 21.99 -38.14
N ASN B 353 -0.42 21.83 -38.38
CA ASN B 353 0.60 22.17 -37.39
C ASN B 353 0.97 23.64 -37.38
N TYR B 354 0.34 24.47 -38.20
CA TYR B 354 0.52 25.92 -38.13
C TYR B 354 -0.70 26.60 -38.74
N VAL B 355 -1.24 27.59 -38.04
CA VAL B 355 -2.38 28.36 -38.52
C VAL B 355 -1.98 29.83 -38.59
N GLU B 356 -2.73 30.58 -39.39
CA GLU B 356 -2.50 32.00 -39.59
C GLU B 356 -3.74 32.79 -39.21
N GLN B 357 -3.54 34.06 -38.88
CA GLN B 357 -4.61 34.92 -38.37
C GLN B 357 -5.55 35.27 -39.50
N ASP B 358 -6.67 34.56 -39.58
CA ASP B 358 -7.69 34.80 -40.60
C ASP B 358 -9.01 35.03 -39.87
N LYS B 359 -9.39 36.30 -39.73
CA LYS B 359 -10.61 36.65 -39.02
C LYS B 359 -11.85 36.33 -39.83
N SER B 360 -11.72 36.15 -41.15
CA SER B 360 -12.87 35.80 -41.99
C SER B 360 -13.33 34.38 -41.74
N ARG B 361 -12.43 33.51 -41.28
CA ARG B 361 -12.80 32.17 -40.84
C ARG B 361 -12.69 32.02 -39.33
N GLY B 362 -12.54 33.13 -38.60
CA GLY B 362 -12.61 33.12 -37.15
C GLY B 362 -11.34 32.73 -36.45
N ILE B 363 -10.24 32.46 -37.15
CA ILE B 363 -8.97 32.19 -36.49
C ILE B 363 -8.32 33.53 -36.20
N TYR B 364 -8.43 33.98 -34.95
CA TYR B 364 -7.97 35.32 -34.59
C TYR B 364 -6.49 35.37 -34.21
N PHE B 365 -5.78 34.24 -34.23
CA PHE B 365 -4.37 34.24 -33.83
C PHE B 365 -3.55 33.33 -34.72
N THR B 366 -2.38 33.82 -35.13
CA THR B 366 -1.34 32.94 -35.65
C THR B 366 -0.82 32.07 -34.53
N GLN B 367 -1.02 30.75 -34.61
CA GLN B 367 -0.60 29.85 -33.54
C GLN B 367 0.17 28.67 -34.10
N ASP B 368 1.48 28.65 -33.83
CA ASP B 368 2.27 27.45 -34.05
C ASP B 368 1.86 26.39 -33.04
N TRP B 369 1.87 25.13 -33.47
CA TRP B 369 1.33 24.05 -32.67
C TRP B 369 2.40 23.22 -31.98
N ALA B 370 3.66 23.68 -32.01
CA ALA B 370 4.81 23.06 -31.33
C ALA B 370 5.05 21.63 -31.79
N SER B 371 4.63 21.32 -33.02
CA SER B 371 4.53 19.96 -33.56
C SER B 371 3.75 19.05 -32.62
N LEU B 372 2.54 19.47 -32.27
CA LEU B 372 1.61 18.54 -31.68
C LEU B 372 1.21 17.46 -32.68
N PRO B 373 0.95 16.27 -32.21
CA PRO B 373 0.34 15.26 -33.08
C PRO B 373 -1.13 15.58 -33.31
N GLY B 374 -1.41 16.46 -34.27
CA GLY B 374 -2.73 17.08 -34.35
C GLY B 374 -3.81 16.11 -34.77
N VAL B 375 -5.02 16.32 -34.23
CA VAL B 375 -6.07 15.31 -34.30
C VAL B 375 -6.81 15.36 -35.62
N MET B 376 -7.61 14.32 -35.85
CA MET B 376 -8.42 14.18 -37.06
C MET B 376 -9.75 14.91 -36.87
N ALA B 377 -10.30 15.42 -37.96
CA ALA B 377 -11.50 16.24 -37.93
C ALA B 377 -12.67 15.45 -38.49
N VAL B 378 -13.63 15.12 -37.65
CA VAL B 378 -14.74 14.24 -38.01
C VAL B 378 -16.05 15.03 -37.98
N ALA B 379 -16.83 14.91 -39.05
CA ALA B 379 -18.19 15.44 -39.07
C ALA B 379 -19.14 14.30 -39.41
N SER B 380 -20.41 14.52 -39.10
CA SER B 380 -21.44 13.55 -39.41
C SER B 380 -21.90 13.73 -40.86
N GLY B 381 -23.02 13.08 -41.19
CA GLY B 381 -23.54 13.14 -42.55
C GLY B 381 -24.47 11.97 -42.79
N GLY B 382 -24.21 11.25 -43.89
CA GLY B 382 -24.78 9.94 -44.12
C GLY B 382 -26.27 9.88 -44.40
N ILE B 383 -26.97 11.01 -44.44
CA ILE B 383 -28.37 11.02 -44.83
C ILE B 383 -28.50 10.67 -46.31
N HIS B 384 -27.53 11.09 -47.12
CA HIS B 384 -27.51 10.79 -48.54
C HIS B 384 -26.17 10.20 -48.92
N VAL B 385 -26.20 9.31 -49.91
CA VAL B 385 -24.99 8.71 -50.46
C VAL B 385 -24.42 9.56 -51.59
N TRP B 386 -25.26 10.39 -52.23
CA TRP B 386 -24.82 11.24 -53.33
C TRP B 386 -24.11 12.51 -52.87
N HIS B 387 -24.07 12.79 -51.56
CA HIS B 387 -23.37 13.94 -51.03
C HIS B 387 -22.04 13.56 -50.37
N MET B 388 -21.33 12.59 -50.94
CA MET B 388 -20.00 12.20 -50.47
C MET B 388 -18.84 13.12 -50.87
N PRO B 389 -18.66 13.53 -52.14
CA PRO B 389 -17.46 14.35 -52.43
C PRO B 389 -17.51 15.77 -51.89
N ALA B 390 -18.67 16.24 -51.40
CA ALA B 390 -18.71 17.51 -50.69
C ALA B 390 -17.98 17.42 -49.36
N LEU B 391 -17.91 16.24 -48.77
CA LEU B 391 -17.12 16.00 -47.57
C LEU B 391 -15.76 15.40 -47.87
N VAL B 392 -15.42 15.22 -49.15
CA VAL B 392 -14.10 14.74 -49.54
C VAL B 392 -13.29 15.81 -50.27
N GLU B 393 -13.92 16.65 -51.09
CA GLU B 393 -13.21 17.77 -51.69
C GLU B 393 -12.93 18.89 -50.69
N ILE B 394 -13.59 18.88 -49.54
CA ILE B 394 -13.41 19.91 -48.51
C ILE B 394 -12.65 19.37 -47.31
N PHE B 395 -13.12 18.28 -46.72
CA PHE B 395 -12.35 17.54 -45.72
C PHE B 395 -11.42 16.57 -46.44
N GLY B 396 -10.12 16.66 -46.15
CA GLY B 396 -9.13 15.87 -46.84
C GLY B 396 -9.12 14.41 -46.40
N ASP B 397 -7.94 13.79 -46.54
CA ASP B 397 -7.77 12.40 -46.13
C ASP B 397 -7.80 12.23 -44.62
N ASP B 398 -7.65 13.32 -43.88
CA ASP B 398 -7.54 13.28 -42.44
C ASP B 398 -8.90 13.59 -41.85
N SER B 399 -9.87 12.72 -42.14
CA SER B 399 -11.22 12.94 -41.63
C SER B 399 -11.94 11.60 -41.48
N VAL B 400 -12.77 11.50 -40.44
CA VAL B 400 -13.74 10.42 -40.28
C VAL B 400 -15.09 10.94 -40.73
N LEU B 401 -15.77 10.19 -41.58
CA LEU B 401 -17.11 10.56 -42.03
C LEU B 401 -18.11 9.67 -41.31
N GLN B 402 -18.67 10.18 -40.22
CA GLN B 402 -19.78 9.52 -39.54
C GLN B 402 -20.99 9.51 -40.46
N PHE B 403 -21.42 8.34 -40.90
CA PHE B 403 -22.67 8.26 -41.63
C PHE B 403 -23.81 8.30 -40.64
N GLY B 404 -24.68 9.31 -40.77
CA GLY B 404 -25.92 9.25 -40.03
C GLY B 404 -26.74 8.13 -40.62
N GLY B 405 -26.72 7.00 -39.92
CA GLY B 405 -27.25 5.76 -40.42
C GLY B 405 -27.90 5.03 -39.27
N GLY B 406 -28.50 5.81 -38.37
CA GLY B 406 -29.17 5.31 -37.18
C GLY B 406 -30.21 4.24 -37.47
N THR B 407 -31.14 4.54 -38.38
CA THR B 407 -32.16 3.54 -38.68
C THR B 407 -31.58 2.38 -39.48
N LEU B 408 -31.19 2.65 -40.72
CA LEU B 408 -30.59 1.69 -41.66
C LEU B 408 -29.98 2.49 -42.79
N GLY B 409 -29.31 1.78 -43.70
CA GLY B 409 -28.97 2.33 -45.00
C GLY B 409 -30.15 2.21 -45.95
N HIS B 410 -29.96 2.71 -47.16
CA HIS B 410 -31.07 2.69 -48.10
C HIS B 410 -31.27 1.32 -48.78
N PRO B 411 -30.22 0.60 -49.33
CA PRO B 411 -30.52 -0.73 -49.87
C PRO B 411 -30.49 -1.86 -48.83
N TRP B 412 -31.64 -2.52 -48.64
CA TRP B 412 -31.82 -3.76 -47.89
C TRP B 412 -31.46 -3.70 -46.42
N GLY B 413 -31.07 -2.54 -45.87
CA GLY B 413 -30.59 -2.46 -44.52
C GLY B 413 -29.21 -1.82 -44.46
N ASN B 414 -28.41 -2.29 -43.50
CA ASN B 414 -27.12 -1.67 -43.24
C ASN B 414 -26.04 -2.18 -44.19
N ALA B 415 -25.88 -3.51 -44.30
CA ALA B 415 -24.72 -4.07 -45.01
C ALA B 415 -24.69 -3.81 -46.53
N PRO B 416 -25.79 -3.88 -47.30
CA PRO B 416 -25.69 -3.39 -48.69
C PRO B 416 -25.61 -1.88 -48.78
N GLY B 417 -25.99 -1.15 -47.73
CA GLY B 417 -25.77 0.28 -47.70
C GLY B 417 -24.38 0.66 -47.24
N ALA B 418 -23.79 -0.14 -46.34
CA ALA B 418 -22.42 0.11 -45.90
C ALA B 418 -21.41 -0.15 -47.00
N THR B 419 -21.70 -1.10 -47.89
CA THR B 419 -20.93 -1.22 -49.13
C THR B 419 -21.13 0.02 -50.00
N ALA B 420 -22.38 0.49 -50.11
CA ALA B 420 -22.67 1.70 -50.87
C ALA B 420 -22.12 2.95 -50.21
N ASN B 421 -21.80 2.90 -48.91
CA ASN B 421 -21.19 4.05 -48.26
C ASN B 421 -19.67 4.11 -48.48
N ARG B 422 -19.04 2.97 -48.74
CA ARG B 422 -17.60 2.93 -48.97
C ARG B 422 -17.23 3.06 -50.44
N VAL B 423 -17.99 2.40 -51.32
CA VAL B 423 -17.74 2.47 -52.76
C VAL B 423 -18.03 3.87 -53.29
N ALA B 424 -18.94 4.60 -52.65
CA ALA B 424 -19.20 5.99 -53.04
C ALA B 424 -18.02 6.89 -52.71
N LEU B 425 -17.25 6.54 -51.67
CA LEU B 425 -16.08 7.33 -51.32
C LEU B 425 -14.85 6.95 -52.14
N GLU B 426 -14.62 5.65 -52.37
CA GLU B 426 -13.45 5.22 -53.13
C GLU B 426 -13.55 5.61 -54.60
N ALA B 427 -14.77 5.82 -55.10
CA ALA B 427 -14.93 6.41 -56.43
C ALA B 427 -14.59 7.90 -56.44
N CYS B 428 -14.78 8.58 -55.31
CA CYS B 428 -14.46 10.00 -55.23
C CYS B 428 -13.02 10.27 -54.82
N VAL B 429 -12.41 9.39 -54.01
CA VAL B 429 -10.99 9.51 -53.72
C VAL B 429 -10.18 9.16 -54.96
N GLN B 430 -10.71 8.27 -55.81
CA GLN B 430 -10.15 8.09 -57.15
C GLN B 430 -10.28 9.37 -57.97
N ALA B 431 -11.41 10.07 -57.85
CA ALA B 431 -11.60 11.34 -58.54
C ALA B 431 -10.78 12.47 -57.93
N ARG B 432 -10.27 12.28 -56.71
CA ARG B 432 -9.39 13.28 -56.11
C ARG B 432 -8.05 13.34 -56.84
N ASN B 433 -7.39 12.19 -56.98
CA ASN B 433 -6.04 12.13 -57.54
C ASN B 433 -6.03 12.27 -59.06
N GLU B 434 -7.18 12.23 -59.72
CA GLU B 434 -7.24 12.50 -61.15
C GLU B 434 -7.10 13.99 -61.44
N GLY B 435 -8.02 14.78 -60.92
CA GLY B 435 -7.99 16.22 -61.13
C GLY B 435 -9.34 16.80 -61.54
N ARG C 22 -41.63 13.52 -36.59
CA ARG C 22 -42.67 12.49 -36.60
C ARG C 22 -43.95 12.98 -35.93
N LEU C 23 -43.78 13.93 -34.99
CA LEU C 23 -44.82 14.41 -34.08
C LEU C 23 -45.45 13.28 -33.25
N THR C 24 -44.67 12.23 -32.98
CA THR C 24 -45.02 11.22 -32.01
C THR C 24 -44.36 11.46 -30.67
N TYR C 25 -43.61 12.56 -30.54
CA TYR C 25 -42.93 12.92 -29.31
C TYR C 25 -43.65 14.02 -28.55
N TYR C 26 -44.83 14.42 -29.02
CA TYR C 26 -45.69 15.34 -28.31
C TYR C 26 -46.97 14.58 -27.97
N THR C 27 -46.96 13.94 -26.80
CA THR C 27 -48.12 13.29 -26.22
C THR C 27 -48.61 14.17 -25.08
N PRO C 28 -49.54 15.10 -25.32
CA PRO C 28 -49.90 16.09 -24.28
C PRO C 28 -50.77 15.53 -23.17
N ASP C 29 -51.37 14.35 -23.36
CA ASP C 29 -52.18 13.73 -22.32
C ASP C 29 -51.35 12.99 -21.28
N TYR C 30 -50.05 12.81 -21.52
CA TYR C 30 -49.21 11.92 -20.72
C TYR C 30 -49.02 12.47 -19.32
N THR C 31 -49.61 11.80 -18.34
CA THR C 31 -49.26 12.06 -16.95
C THR C 31 -47.85 11.56 -16.70
N PRO C 32 -46.98 12.36 -16.10
CA PRO C 32 -45.62 11.88 -15.81
C PRO C 32 -45.63 10.83 -14.71
N LYS C 33 -44.87 9.77 -14.92
CA LYS C 33 -44.67 8.78 -13.88
C LYS C 33 -43.84 9.39 -12.76
N ASP C 34 -43.97 8.83 -11.56
CA ASP C 34 -43.14 9.25 -10.44
C ASP C 34 -41.70 8.80 -10.58
N THR C 35 -41.40 7.89 -11.51
CA THR C 35 -40.05 7.43 -11.76
C THR C 35 -39.51 7.92 -13.09
N ASP C 36 -40.21 8.82 -13.77
CA ASP C 36 -39.66 9.46 -14.95
C ASP C 36 -38.71 10.58 -14.54
N ILE C 37 -37.96 11.08 -15.53
CA ILE C 37 -37.04 12.19 -15.32
C ILE C 37 -37.52 13.34 -16.20
N LEU C 38 -38.10 14.36 -15.56
CA LEU C 38 -38.70 15.46 -16.28
C LEU C 38 -37.68 16.57 -16.53
N ALA C 39 -37.92 17.37 -17.57
CA ALA C 39 -37.04 18.46 -17.91
C ALA C 39 -37.85 19.62 -18.46
N ALA C 40 -37.52 20.84 -18.02
CA ALA C 40 -38.22 22.06 -18.43
C ALA C 40 -37.31 22.82 -19.38
N PHE C 41 -37.54 22.69 -20.68
CA PHE C 41 -36.74 23.39 -21.68
C PHE C 41 -37.37 24.73 -22.02
N ARG C 42 -36.62 25.80 -21.83
CA ARG C 42 -37.01 27.15 -22.22
C ARG C 42 -36.80 27.27 -23.73
N VAL C 43 -37.78 26.77 -24.48
CA VAL C 43 -37.62 26.62 -25.93
C VAL C 43 -37.92 27.95 -26.60
N THR C 44 -37.00 28.39 -27.46
CA THR C 44 -37.24 29.53 -28.34
C THR C 44 -36.98 29.07 -29.77
N PRO C 45 -38.01 28.75 -30.54
CA PRO C 45 -37.78 28.20 -31.88
C PRO C 45 -37.52 29.30 -32.91
N GLN C 46 -37.19 28.86 -34.13
CA GLN C 46 -37.15 29.74 -35.28
C GLN C 46 -38.55 30.30 -35.55
N PRO C 47 -38.65 31.51 -36.12
CA PRO C 47 -39.99 32.12 -36.29
C PRO C 47 -40.89 31.41 -37.29
N GLY C 48 -40.35 30.57 -38.17
CA GLY C 48 -41.16 29.74 -39.04
C GLY C 48 -41.47 28.36 -38.50
N VAL C 49 -41.32 28.13 -37.21
CA VAL C 49 -41.53 26.83 -36.58
C VAL C 49 -42.62 26.99 -35.52
N PRO C 50 -43.66 26.17 -35.53
CA PRO C 50 -44.70 26.27 -34.50
C PRO C 50 -44.20 25.72 -33.17
N PHE C 51 -45.05 25.89 -32.14
CA PHE C 51 -44.66 25.48 -30.80
C PHE C 51 -44.72 23.97 -30.63
N GLU C 52 -45.61 23.30 -31.37
CA GLU C 52 -45.78 21.86 -31.18
C GLU C 52 -44.72 21.04 -31.92
N GLU C 53 -44.26 21.52 -33.07
CA GLU C 53 -43.19 20.81 -33.78
C GLU C 53 -41.83 21.07 -33.15
N ALA C 54 -41.65 22.24 -32.55
CA ALA C 54 -40.40 22.55 -31.85
C ALA C 54 -40.27 21.69 -30.60
N ALA C 55 -41.33 21.61 -29.80
CA ALA C 55 -41.30 20.84 -28.56
C ALA C 55 -41.20 19.35 -28.82
N ALA C 56 -41.77 18.88 -29.93
CA ALA C 56 -41.59 17.48 -30.30
C ALA C 56 -40.19 17.20 -30.81
N ALA C 57 -39.46 18.24 -31.24
CA ALA C 57 -38.09 18.08 -31.70
C ALA C 57 -37.07 18.14 -30.58
N VAL C 58 -37.38 18.86 -29.50
CA VAL C 58 -36.50 18.85 -28.33
C VAL C 58 -36.57 17.49 -27.65
N ALA C 59 -37.78 16.91 -27.56
CA ALA C 59 -37.96 15.60 -26.96
C ALA C 59 -37.41 14.47 -27.82
N ALA C 60 -37.30 14.68 -29.13
CA ALA C 60 -36.91 13.59 -30.02
C ALA C 60 -35.39 13.37 -30.00
N GLU C 61 -34.64 14.35 -30.49
CA GLU C 61 -33.20 14.21 -30.66
C GLU C 61 -32.44 14.17 -29.34
N SER C 62 -33.12 14.48 -28.23
CA SER C 62 -32.57 14.22 -26.91
C SER C 62 -32.31 12.74 -26.70
N SER C 63 -33.28 11.91 -27.08
CA SER C 63 -33.14 10.46 -26.93
C SER C 63 -33.12 9.71 -28.26
N THR C 64 -34.17 9.85 -29.09
CA THR C 64 -34.33 9.06 -30.30
C THR C 64 -34.64 10.03 -31.45
N GLY C 65 -33.65 10.27 -32.32
CA GLY C 65 -33.75 11.36 -33.28
C GLY C 65 -34.71 11.08 -34.43
N THR C 66 -35.10 12.16 -35.11
CA THR C 66 -36.03 12.13 -36.23
C THR C 66 -35.36 12.33 -37.58
N TRP C 67 -34.19 11.73 -37.80
CA TRP C 67 -33.51 11.88 -39.08
C TRP C 67 -34.25 11.15 -40.19
N THR C 68 -34.37 9.83 -40.08
CA THR C 68 -35.12 9.02 -41.03
C THR C 68 -36.05 8.08 -40.27
N THR C 69 -37.01 7.52 -41.00
CA THR C 69 -37.95 6.54 -40.48
C THR C 69 -37.81 5.20 -41.18
N VAL C 70 -36.59 4.85 -41.61
CA VAL C 70 -36.36 3.75 -42.53
C VAL C 70 -36.39 2.44 -41.75
N TRP C 71 -37.54 1.75 -41.82
CA TRP C 71 -37.73 0.35 -41.39
C TRP C 71 -37.45 0.11 -39.91
N THR C 72 -37.43 1.15 -39.07
CA THR C 72 -37.24 0.97 -37.64
C THR C 72 -38.41 1.45 -36.81
N ASP C 73 -39.48 1.93 -37.44
CA ASP C 73 -40.71 2.21 -36.71
C ASP C 73 -41.41 0.93 -36.29
N LEU C 74 -41.11 -0.20 -36.93
CA LEU C 74 -41.59 -1.51 -36.50
C LEU C 74 -40.62 -2.23 -35.57
N LEU C 75 -39.42 -1.67 -35.37
CA LEU C 75 -38.39 -2.33 -34.59
C LEU C 75 -38.48 -1.95 -33.11
N THR C 76 -37.37 -2.22 -32.41
CA THR C 76 -37.28 -2.75 -31.03
C THR C 76 -38.25 -2.09 -30.06
N ASP C 77 -38.13 -0.80 -29.74
CA ASP C 77 -38.85 -0.23 -28.60
C ASP C 77 -39.39 1.14 -28.99
N LEU C 78 -40.71 1.27 -29.12
CA LEU C 78 -41.34 2.52 -29.49
C LEU C 78 -41.81 3.35 -28.30
N ASP C 79 -42.75 2.84 -27.51
CA ASP C 79 -43.26 3.59 -26.36
C ASP C 79 -42.28 3.61 -25.20
N ARG C 80 -41.40 2.62 -25.13
CA ARG C 80 -40.26 2.71 -24.23
C ARG C 80 -39.22 3.67 -24.80
N TYR C 81 -38.36 4.15 -23.90
CA TYR C 81 -37.01 4.60 -24.23
C TYR C 81 -36.99 5.86 -25.09
N LYS C 82 -38.04 6.68 -25.03
CA LYS C 82 -38.08 7.90 -25.81
C LYS C 82 -38.53 9.06 -24.94
N GLY C 83 -37.81 10.18 -25.03
CA GLY C 83 -38.24 11.38 -24.36
C GLY C 83 -39.47 11.94 -25.05
N ARG C 84 -40.52 12.19 -24.27
CA ARG C 84 -41.78 12.66 -24.81
C ARG C 84 -42.15 13.99 -24.19
N CYS C 85 -42.56 14.94 -25.02
CA CYS C 85 -43.05 16.22 -24.52
C CYS C 85 -44.53 16.09 -24.16
N TYR C 86 -44.87 16.47 -22.94
CA TYR C 86 -46.25 16.36 -22.48
C TYR C 86 -46.91 17.70 -22.20
N ASP C 87 -46.17 18.81 -22.27
CA ASP C 87 -46.74 20.10 -21.89
C ASP C 87 -46.04 21.21 -22.66
N ILE C 88 -46.83 22.22 -23.04
CA ILE C 88 -46.34 23.44 -23.65
C ILE C 88 -47.07 24.60 -22.99
N GLU C 89 -46.31 25.55 -22.43
CA GLU C 89 -46.94 26.78 -21.97
C GLU C 89 -46.07 27.96 -22.40
N PRO C 90 -46.68 29.03 -22.87
CA PRO C 90 -45.92 30.24 -23.19
C PRO C 90 -45.48 30.95 -21.92
N VAL C 91 -44.44 31.76 -22.08
CA VAL C 91 -43.90 32.58 -21.00
C VAL C 91 -44.70 33.88 -20.95
N PRO C 92 -45.17 34.31 -19.78
CA PRO C 92 -46.01 35.52 -19.72
C PRO C 92 -45.25 36.78 -20.10
N GLY C 93 -45.87 37.60 -20.95
CA GLY C 93 -45.26 38.82 -21.44
C GLY C 93 -44.27 38.63 -22.57
N GLU C 94 -44.08 37.39 -23.05
CA GLU C 94 -43.08 37.10 -24.06
C GLU C 94 -43.67 36.22 -25.14
N ASP C 95 -43.14 36.35 -26.35
CA ASP C 95 -43.63 35.63 -27.51
C ASP C 95 -42.47 34.97 -28.24
N ASN C 96 -42.82 34.12 -29.22
CA ASN C 96 -41.90 33.34 -30.06
C ASN C 96 -41.06 32.37 -29.21
N GLN C 97 -41.57 32.00 -28.04
CA GLN C 97 -40.86 31.13 -27.10
C GLN C 97 -41.84 30.59 -26.08
N PHE C 98 -41.48 29.46 -25.48
CA PHE C 98 -42.36 28.74 -24.56
C PHE C 98 -41.49 27.85 -23.68
N ILE C 99 -42.15 27.04 -22.84
CA ILE C 99 -41.47 26.12 -21.93
C ILE C 99 -42.04 24.73 -22.17
N ALA C 100 -41.22 23.83 -22.71
CA ALA C 100 -41.63 22.46 -23.02
C ALA C 100 -41.23 21.54 -21.89
N TYR C 101 -42.20 20.85 -21.31
CA TYR C 101 -41.95 19.83 -20.30
C TYR C 101 -41.80 18.48 -20.99
N ILE C 102 -40.67 17.81 -20.75
CA ILE C 102 -40.32 16.60 -21.50
C ILE C 102 -39.97 15.49 -20.51
N ALA C 103 -40.63 14.35 -20.68
CA ALA C 103 -40.52 13.21 -19.78
C ALA C 103 -39.54 12.20 -20.35
N TYR C 104 -38.48 11.91 -19.60
CA TYR C 104 -37.53 10.87 -19.96
C TYR C 104 -37.76 9.67 -19.06
N PRO C 105 -37.80 8.44 -19.59
CA PRO C 105 -37.91 7.27 -18.72
C PRO C 105 -36.63 7.05 -17.94
N LEU C 106 -36.75 6.26 -16.87
CA LEU C 106 -35.64 6.05 -15.95
C LEU C 106 -34.55 5.19 -16.57
N ASP C 107 -34.92 4.29 -17.47
CA ASP C 107 -34.02 3.28 -17.98
C ASP C 107 -33.11 3.80 -19.09
N LEU C 108 -33.20 5.08 -19.44
CA LEU C 108 -32.26 5.64 -20.41
C LEU C 108 -30.87 5.77 -19.82
N PHE C 109 -30.78 6.04 -18.53
CA PHE C 109 -29.56 6.54 -17.92
C PHE C 109 -28.90 5.45 -17.11
N GLU C 110 -27.58 5.54 -16.97
CA GLU C 110 -26.95 4.80 -15.89
C GLU C 110 -27.33 5.39 -14.55
N GLU C 111 -27.57 4.50 -13.62
CA GLU C 111 -27.89 4.90 -12.26
C GLU C 111 -26.63 5.41 -11.57
N GLY C 112 -26.68 6.65 -11.08
CA GLY C 112 -25.59 7.21 -10.33
C GLY C 112 -24.66 8.16 -11.06
N SER C 113 -24.99 8.61 -12.26
CA SER C 113 -24.18 9.59 -12.96
C SER C 113 -25.02 10.77 -13.42
N ILE C 114 -24.34 11.89 -13.64
CA ILE C 114 -24.92 13.06 -14.30
C ILE C 114 -24.30 13.27 -15.67
N THR C 115 -23.13 12.66 -15.94
CA THR C 115 -22.58 12.59 -17.29
C THR C 115 -23.38 11.72 -18.24
N ASN C 116 -24.48 11.09 -17.79
CA ASN C 116 -25.48 10.53 -18.71
C ASN C 116 -26.80 11.29 -18.62
N VAL C 117 -27.03 12.05 -17.55
CA VAL C 117 -28.09 13.04 -17.55
C VAL C 117 -27.82 14.11 -18.59
N LEU C 118 -26.58 14.61 -18.63
CA LEU C 118 -26.22 15.74 -19.47
C LEU C 118 -25.80 15.33 -20.89
N THR C 119 -26.06 14.08 -21.28
CA THR C 119 -25.87 13.68 -22.66
C THR C 119 -27.16 13.32 -23.37
N SER C 120 -28.23 13.01 -22.63
CA SER C 120 -29.55 12.97 -23.23
C SER C 120 -30.20 14.34 -23.19
N ILE C 121 -30.15 15.00 -22.04
CA ILE C 121 -31.02 16.13 -21.80
C ILE C 121 -30.42 17.42 -22.37
N VAL C 122 -29.10 17.60 -22.30
CA VAL C 122 -28.46 18.74 -22.95
C VAL C 122 -27.44 18.32 -24.00
N GLY C 123 -27.14 17.02 -24.10
CA GLY C 123 -26.29 16.54 -25.17
C GLY C 123 -27.04 16.33 -26.46
N ASN C 124 -26.56 16.98 -27.53
CA ASN C 124 -27.12 16.95 -28.88
C ASN C 124 -28.55 17.50 -28.95
N VAL C 125 -28.94 18.31 -27.97
CA VAL C 125 -30.29 18.87 -27.94
C VAL C 125 -30.30 20.30 -28.46
N PHE C 126 -29.33 21.10 -28.03
CA PHE C 126 -29.39 22.54 -28.24
C PHE C 126 -28.88 22.91 -29.61
N GLY C 127 -28.40 21.94 -30.38
CA GLY C 127 -27.84 22.17 -31.68
C GLY C 127 -28.74 21.69 -32.79
N PHE C 128 -30.03 21.58 -32.50
CA PHE C 128 -31.02 21.35 -33.55
C PHE C 128 -31.19 22.63 -34.36
N LYS C 129 -31.30 22.49 -35.67
CA LYS C 129 -31.17 23.64 -36.56
C LYS C 129 -32.39 24.54 -36.54
N ALA C 130 -33.59 23.98 -36.32
CA ALA C 130 -34.80 24.77 -36.33
C ALA C 130 -35.18 25.30 -34.94
N LEU C 131 -34.19 25.55 -34.08
CA LEU C 131 -34.40 26.12 -32.76
C LEU C 131 -33.41 27.26 -32.56
N ARG C 132 -33.92 28.44 -32.18
CA ARG C 132 -33.04 29.59 -32.01
C ARG C 132 -32.25 29.49 -30.71
N ALA C 133 -32.90 29.10 -29.62
CA ALA C 133 -32.26 29.08 -28.32
C ALA C 133 -33.03 28.15 -27.39
N LEU C 134 -32.33 27.18 -26.81
CA LEU C 134 -32.90 26.31 -25.79
C LEU C 134 -32.20 26.53 -24.46
N ARG C 135 -32.97 26.51 -23.37
CA ARG C 135 -32.39 26.60 -22.04
C ARG C 135 -33.05 25.55 -21.16
N LEU C 136 -32.24 24.65 -20.61
CA LEU C 136 -32.75 23.71 -19.62
C LEU C 136 -32.95 24.46 -18.31
N GLU C 137 -34.20 24.82 -18.02
CA GLU C 137 -34.51 25.60 -16.82
C GLU C 137 -34.40 24.76 -15.56
N ASP C 138 -35.22 23.72 -15.46
CA ASP C 138 -35.31 22.91 -14.26
C ASP C 138 -35.42 21.45 -14.68
N ILE C 139 -35.19 20.56 -13.75
CA ILE C 139 -35.12 19.13 -14.03
C ILE C 139 -35.63 18.37 -12.82
N ARG C 140 -36.47 17.37 -13.04
CA ARG C 140 -37.09 16.64 -11.94
C ARG C 140 -36.42 15.28 -11.85
N PHE C 141 -35.46 15.17 -10.94
CA PHE C 141 -34.90 13.87 -10.62
C PHE C 141 -35.83 13.15 -9.66
N PRO C 142 -36.28 11.95 -9.99
CA PRO C 142 -37.18 11.22 -9.09
C PRO C 142 -36.45 10.71 -7.87
N VAL C 143 -37.24 10.22 -6.91
CA VAL C 143 -36.68 9.46 -5.80
C VAL C 143 -36.04 8.18 -6.30
N ALA C 144 -36.59 7.60 -7.37
CA ALA C 144 -36.07 6.40 -8.00
C ALA C 144 -34.69 6.57 -8.65
N TYR C 145 -34.23 7.81 -8.82
CA TYR C 145 -32.91 8.07 -9.38
C TYR C 145 -32.00 8.84 -8.45
N ILE C 146 -32.57 9.61 -7.50
CA ILE C 146 -31.77 10.29 -6.49
C ILE C 146 -31.10 9.29 -5.54
N LYS C 147 -31.80 8.20 -5.21
CA LYS C 147 -31.30 7.26 -4.21
C LYS C 147 -30.09 6.46 -4.66
N THR C 148 -29.80 6.40 -5.96
CA THR C 148 -28.58 5.75 -6.39
C THR C 148 -27.38 6.65 -6.14
N PHE C 149 -27.56 7.96 -6.33
CA PHE C 149 -26.49 8.91 -6.13
C PHE C 149 -26.00 8.91 -4.70
N GLN C 150 -24.70 9.21 -4.56
CA GLN C 150 -24.11 9.36 -3.25
C GLN C 150 -24.71 10.54 -2.51
N GLY C 151 -25.06 11.59 -3.24
CA GLY C 151 -25.39 12.85 -2.63
C GLY C 151 -24.11 13.56 -2.27
N PRO C 152 -24.23 14.65 -1.51
CA PRO C 152 -23.04 15.30 -1.01
C PRO C 152 -22.35 14.42 0.00
N PRO C 153 -21.02 14.51 0.12
CA PRO C 153 -20.30 13.63 1.05
C PRO C 153 -20.63 13.90 2.51
N HIS C 154 -21.07 15.11 2.83
CA HIS C 154 -21.65 15.36 4.14
C HIS C 154 -22.90 16.20 3.94
N GLY C 155 -23.53 16.68 5.01
CA GLY C 155 -24.79 17.36 4.90
C GLY C 155 -24.66 18.88 4.98
N ILE C 156 -25.81 19.52 5.15
CA ILE C 156 -25.85 20.84 5.78
C ILE C 156 -25.81 20.75 7.29
N GLN C 157 -25.91 19.54 7.83
CA GLN C 157 -26.00 19.32 9.27
C GLN C 157 -24.88 18.44 9.80
N VAL C 158 -24.26 17.63 8.95
CA VAL C 158 -23.12 16.84 9.37
C VAL C 158 -21.92 17.76 9.60
N GLU C 159 -21.79 18.80 8.79
CA GLU C 159 -20.65 19.69 8.89
C GLU C 159 -20.90 20.91 9.76
N ARG C 160 -22.12 21.14 10.25
CA ARG C 160 -22.23 21.94 11.46
C ARG C 160 -21.77 21.13 12.65
N ASP C 161 -22.04 19.82 12.61
CA ASP C 161 -21.63 18.90 13.65
C ASP C 161 -20.14 18.57 13.56
N LYS C 162 -19.60 18.47 12.33
CA LYS C 162 -18.18 18.18 12.16
C LYS C 162 -17.31 19.34 12.62
N LEU C 163 -17.83 20.56 12.53
CA LEU C 163 -17.04 21.76 12.78
C LEU C 163 -17.45 22.50 14.04
N ASN C 164 -18.52 22.05 14.71
CA ASN C 164 -19.00 22.58 16.00
C ASN C 164 -19.33 24.08 15.88
N LYS C 165 -19.94 24.47 14.77
CA LYS C 165 -20.21 25.85 14.45
C LYS C 165 -21.69 26.04 14.09
N TYR C 166 -22.57 25.42 14.87
CA TYR C 166 -23.99 25.58 14.60
C TYR C 166 -24.53 26.85 15.29
N GLY C 167 -25.47 27.50 14.64
CA GLY C 167 -26.16 28.64 15.21
C GLY C 167 -26.07 29.92 14.40
N ARG C 168 -25.18 29.94 13.40
CA ARG C 168 -24.97 31.14 12.58
C ARG C 168 -24.36 30.67 11.27
N PRO C 169 -24.57 31.41 10.18
CA PRO C 169 -23.95 31.01 8.89
C PRO C 169 -22.45 31.17 8.92
N LEU C 170 -21.78 30.32 8.15
CA LEU C 170 -20.33 30.27 8.14
C LEU C 170 -19.78 31.37 7.24
N LEU C 171 -18.46 31.57 7.28
CA LEU C 171 -17.86 32.78 6.75
C LEU C 171 -16.74 32.44 5.77
N GLY C 172 -16.12 33.48 5.22
CA GLY C 172 -15.03 33.30 4.28
C GLY C 172 -14.21 34.55 4.08
N CYS C 173 -13.01 34.34 3.54
CA CYS C 173 -12.13 35.42 3.11
C CYS C 173 -11.46 34.96 1.82
N THR C 174 -11.98 35.38 0.67
CA THR C 174 -11.30 35.06 -0.57
C THR C 174 -10.09 35.99 -0.65
N ILE C 175 -8.91 35.40 -0.79
CA ILE C 175 -7.68 36.19 -0.74
C ILE C 175 -7.52 36.94 -2.06
N LYS C 176 -7.69 38.25 -1.99
CA LYS C 176 -7.97 39.11 -3.15
C LYS C 176 -6.75 39.33 -4.03
N PRO C 177 -5.50 39.45 -3.51
CA PRO C 177 -4.35 39.24 -4.40
C PRO C 177 -4.17 37.76 -4.71
N LYS C 178 -4.96 37.24 -5.64
CA LYS C 178 -4.95 35.81 -5.91
C LYS C 178 -3.71 35.39 -6.70
N LEU C 179 -3.16 36.29 -7.50
CA LEU C 179 -2.04 35.96 -8.37
C LEU C 179 -0.82 36.79 -7.99
N GLY C 180 0.24 36.10 -7.61
CA GLY C 180 1.48 36.76 -7.25
C GLY C 180 1.86 36.66 -5.80
N LEU C 181 1.50 35.57 -5.12
CA LEU C 181 1.83 35.34 -3.72
C LEU C 181 2.61 34.04 -3.58
N SER C 182 3.76 34.12 -2.90
CA SER C 182 4.44 32.91 -2.47
C SER C 182 3.60 32.21 -1.41
N ALA C 183 3.82 30.90 -1.28
CA ALA C 183 2.93 30.04 -0.51
C ALA C 183 2.93 30.39 0.98
N LYS C 184 4.05 30.84 1.51
CA LYS C 184 4.07 31.30 2.90
C LYS C 184 3.42 32.67 3.04
N ASN C 185 3.69 33.58 2.10
CA ASN C 185 3.02 34.87 2.11
C ASN C 185 1.54 34.73 1.78
N TYR C 186 1.19 33.72 0.97
CA TYR C 186 -0.21 33.36 0.79
C TYR C 186 -0.82 32.87 2.10
N GLY C 187 -0.09 32.02 2.80
CA GLY C 187 -0.51 31.50 4.09
C GLY C 187 -0.44 32.48 5.24
N ARG C 188 -0.06 33.74 4.99
CA ARG C 188 -0.32 34.78 5.97
C ARG C 188 -1.68 35.41 5.72
N ALA C 189 -2.00 35.67 4.45
CA ALA C 189 -3.34 36.08 4.07
C ALA C 189 -4.39 34.99 4.32
N VAL C 190 -3.97 33.73 4.38
CA VAL C 190 -4.83 32.71 4.99
C VAL C 190 -4.96 32.96 6.48
N TYR C 191 -3.84 33.20 7.15
CA TYR C 191 -3.78 33.14 8.60
C TYR C 191 -4.51 34.33 9.25
N GLU C 192 -4.29 35.55 8.77
CA GLU C 192 -4.92 36.66 9.45
C GLU C 192 -6.40 36.78 9.14
N CYS C 193 -6.86 36.35 7.96
CA CYS C 193 -8.31 36.20 7.78
C CYS C 193 -8.86 35.06 8.64
N LEU C 194 -8.03 34.10 9.01
CA LEU C 194 -8.46 33.08 9.97
C LEU C 194 -8.28 33.53 11.42
N ARG C 195 -7.22 34.30 11.71
CA ARG C 195 -6.93 34.68 13.10
C ARG C 195 -8.02 35.56 13.68
N GLY C 196 -8.66 36.37 12.82
CA GLY C 196 -9.80 37.15 13.22
C GLY C 196 -11.06 36.30 13.28
N GLY C 197 -12.11 36.84 12.68
CA GLY C 197 -13.40 36.20 12.75
C GLY C 197 -13.67 35.06 11.79
N LEU C 198 -13.15 35.17 10.58
CA LEU C 198 -13.65 34.37 9.47
C LEU C 198 -13.23 32.91 9.60
N ASP C 199 -14.05 32.03 9.03
CA ASP C 199 -13.88 30.60 9.22
C ASP C 199 -13.19 29.91 8.06
N PHE C 200 -13.60 30.19 6.82
CA PHE C 200 -13.27 29.35 5.66
C PHE C 200 -12.67 30.23 4.59
N THR C 201 -11.38 30.52 4.71
CA THR C 201 -10.72 31.29 3.67
C THR C 201 -10.44 30.38 2.48
N LYS C 202 -10.62 30.90 1.28
CA LYS C 202 -10.64 30.05 0.11
C LYS C 202 -9.47 30.36 -0.81
N ASP C 203 -8.99 29.30 -1.46
CA ASP C 203 -8.24 29.48 -2.69
C ASP C 203 -9.16 30.07 -3.74
N ASP C 204 -8.62 30.92 -4.60
CA ASP C 204 -9.44 31.39 -5.68
C ASP C 204 -9.32 30.43 -6.87
N GLU C 205 -9.81 30.87 -8.02
CA GLU C 205 -9.94 29.98 -9.15
C GLU C 205 -8.65 29.81 -9.93
N ASN C 206 -7.67 30.66 -9.69
CA ASN C 206 -6.35 30.51 -10.26
C ASN C 206 -5.32 30.18 -9.20
N ILE C 207 -5.73 30.19 -7.94
CA ILE C 207 -4.85 29.76 -6.87
C ILE C 207 -4.83 28.23 -6.93
N ASN C 208 -3.84 27.72 -7.65
CA ASN C 208 -3.73 26.33 -8.06
C ASN C 208 -2.24 26.05 -8.16
N SER C 209 -1.87 24.98 -8.86
CA SER C 209 -0.46 24.83 -9.20
C SER C 209 -0.08 25.87 -10.26
N ALA C 210 1.07 26.49 -10.05
CA ALA C 210 1.53 27.65 -10.79
C ALA C 210 3.01 27.85 -10.47
N PRO C 211 3.78 28.53 -11.31
CA PRO C 211 5.20 28.75 -10.97
C PRO C 211 5.44 29.63 -9.75
N PHE C 212 4.52 30.52 -9.41
CA PHE C 212 4.77 31.39 -8.26
C PHE C 212 4.43 30.72 -6.93
N GLN C 213 3.50 29.77 -6.93
CA GLN C 213 3.31 28.88 -5.78
C GLN C 213 2.81 27.53 -6.27
N ARG C 214 3.48 26.47 -5.86
CA ARG C 214 3.02 25.13 -6.16
C ARG C 214 2.03 24.67 -5.08
N TRP C 215 1.16 23.73 -5.46
CA TRP C 215 0.11 23.30 -4.54
C TRP C 215 0.66 22.43 -3.42
N ARG C 216 1.72 21.66 -3.69
CA ARG C 216 2.43 20.94 -2.65
C ARG C 216 2.90 21.89 -1.56
N ASP C 217 3.39 23.05 -1.96
CA ASP C 217 3.88 24.04 -1.00
C ASP C 217 2.77 24.93 -0.49
N ARG C 218 1.72 25.14 -1.27
CA ARG C 218 0.59 25.93 -0.76
C ARG C 218 -0.12 25.19 0.36
N PHE C 219 -0.35 23.88 0.18
CA PHE C 219 -1.07 23.10 1.18
C PHE C 219 -0.30 23.00 2.49
N LEU C 220 1.04 22.96 2.40
CA LEU C 220 1.90 22.98 3.59
C LEU C 220 1.71 24.26 4.39
N PHE C 221 1.90 25.40 3.75
CA PHE C 221 1.90 26.67 4.45
C PHE C 221 0.49 27.13 4.81
N VAL C 222 -0.53 26.61 4.13
CA VAL C 222 -1.90 26.84 4.57
C VAL C 222 -2.21 26.02 5.83
N ALA C 223 -1.77 24.76 5.86
CA ALA C 223 -2.02 23.90 7.01
C ALA C 223 -1.33 24.37 8.27
N ASP C 224 -0.24 25.15 8.14
CA ASP C 224 0.35 25.77 9.32
C ASP C 224 -0.41 27.03 9.70
N ALA C 225 -1.04 27.69 8.73
CA ALA C 225 -1.86 28.86 9.03
C ALA C 225 -3.13 28.48 9.77
N ILE C 226 -3.69 27.31 9.45
CA ILE C 226 -4.88 26.83 10.16
C ILE C 226 -4.51 26.39 11.57
N THR C 227 -3.45 25.59 11.68
CA THR C 227 -3.03 24.99 12.95
C THR C 227 -2.67 26.05 13.98
N LYS C 228 -2.09 27.16 13.56
CA LYS C 228 -1.83 28.24 14.52
C LYS C 228 -3.09 29.01 14.83
N ALA C 229 -3.95 29.24 13.84
CA ALA C 229 -5.15 30.04 14.07
C ALA C 229 -6.21 29.26 14.85
N GLN C 230 -6.38 27.96 14.54
CA GLN C 230 -7.42 27.20 15.21
C GLN C 230 -7.01 26.71 16.58
N ALA C 231 -5.77 26.97 17.02
CA ALA C 231 -5.33 26.61 18.35
C ALA C 231 -5.12 27.82 19.26
N GLU C 232 -5.23 29.04 18.73
CA GLU C 232 -5.24 30.24 19.57
C GLU C 232 -6.57 30.95 19.56
N THR C 233 -7.52 30.51 18.74
CA THR C 233 -8.87 31.04 18.77
C THR C 233 -9.91 29.98 19.13
N GLY C 234 -9.49 28.73 19.31
CA GLY C 234 -10.34 27.71 19.92
C GLY C 234 -11.52 27.22 19.10
N GLU C 235 -11.45 27.34 17.78
CA GLU C 235 -12.51 26.84 16.91
C GLU C 235 -11.92 25.87 15.91
N ILE C 236 -12.78 25.22 15.13
CA ILE C 236 -12.35 24.30 14.08
C ILE C 236 -12.40 25.09 12.79
N LYS C 237 -11.33 25.82 12.50
CA LYS C 237 -11.27 26.61 11.30
C LYS C 237 -10.65 25.81 10.17
N GLY C 238 -10.92 26.22 8.94
CA GLY C 238 -10.49 25.47 7.78
C GLY C 238 -10.16 26.38 6.62
N HIS C 239 -9.72 25.77 5.55
CA HIS C 239 -9.41 26.45 4.31
C HIS C 239 -9.92 25.61 3.15
N TYR C 240 -10.53 26.27 2.18
CA TYR C 240 -10.99 25.63 0.96
C TYR C 240 -9.78 25.39 0.07
N LEU C 241 -9.25 24.18 0.08
CA LEU C 241 -8.05 23.87 -0.70
C LEU C 241 -8.45 23.48 -2.12
N ASN C 242 -8.01 24.26 -3.10
CA ASN C 242 -8.40 24.03 -4.50
C ASN C 242 -7.66 22.81 -5.02
N VAL C 243 -8.35 21.68 -5.09
CA VAL C 243 -7.73 20.46 -5.58
C VAL C 243 -8.03 20.22 -7.06
N THR C 244 -8.51 21.24 -7.78
CA THR C 244 -8.70 21.12 -9.21
C THR C 244 -7.34 21.01 -9.91
N ALA C 245 -7.23 20.03 -10.80
CA ALA C 245 -5.94 19.51 -11.24
C ALA C 245 -6.00 19.22 -12.74
N PRO C 246 -4.91 18.77 -13.40
CA PRO C 246 -5.08 18.22 -14.74
C PRO C 246 -5.88 16.93 -14.78
N THR C 247 -5.51 15.90 -14.04
CA THR C 247 -6.14 14.60 -14.17
C THR C 247 -6.93 14.26 -12.92
N CYS C 248 -7.73 13.18 -13.00
CA CYS C 248 -8.39 12.65 -11.82
C CYS C 248 -7.39 12.04 -10.85
N GLU C 249 -6.30 11.48 -11.39
CA GLU C 249 -5.26 10.90 -10.55
C GLU C 249 -4.36 11.96 -9.94
N GLU C 250 -4.17 13.09 -10.62
CA GLU C 250 -3.49 14.22 -10.00
C GLU C 250 -4.38 14.86 -8.95
N MET C 251 -5.70 14.85 -9.17
CA MET C 251 -6.64 15.48 -8.25
C MET C 251 -6.76 14.71 -6.94
N LEU C 252 -6.85 13.38 -7.02
CA LEU C 252 -6.93 12.60 -5.79
C LEU C 252 -5.61 12.63 -5.04
N LYS C 253 -4.49 12.63 -5.76
CA LYS C 253 -3.18 12.87 -5.15
C LYS C 253 -3.08 14.27 -4.58
N ARG C 254 -3.79 15.23 -5.19
CA ARG C 254 -3.90 16.55 -4.60
C ARG C 254 -4.91 16.57 -3.46
N ALA C 255 -5.90 15.70 -3.50
CA ALA C 255 -6.85 15.61 -2.41
C ALA C 255 -6.32 14.79 -1.24
N GLU C 256 -5.65 13.67 -1.51
CA GLU C 256 -5.11 12.84 -0.42
C GLU C 256 -3.99 13.52 0.33
N TYR C 257 -3.29 14.47 -0.28
CA TYR C 257 -2.31 15.23 0.49
C TYR C 257 -2.99 16.23 1.43
N ALA C 258 -4.17 16.71 1.05
CA ALA C 258 -4.96 17.50 1.99
C ALA C 258 -5.52 16.62 3.10
N LYS C 259 -5.72 15.33 2.84
CA LYS C 259 -6.12 14.42 3.91
C LYS C 259 -5.00 14.24 4.92
N GLU C 260 -3.75 14.12 4.44
CA GLU C 260 -2.60 13.91 5.29
C GLU C 260 -2.26 15.10 6.17
N LEU C 261 -2.79 16.28 5.88
CA LEU C 261 -2.61 17.46 6.71
C LEU C 261 -3.74 17.63 7.73
N LYS C 262 -4.66 16.67 7.79
CA LYS C 262 -5.87 16.71 8.64
C LYS C 262 -6.70 17.96 8.37
N GLN C 263 -7.03 18.17 7.10
CA GLN C 263 -7.80 19.31 6.61
C GLN C 263 -9.28 18.98 6.59
N PRO C 264 -10.12 19.89 7.07
CA PRO C 264 -11.57 19.63 7.02
C PRO C 264 -12.15 19.72 5.62
N ILE C 265 -11.80 20.76 4.85
CA ILE C 265 -12.49 21.07 3.62
C ILE C 265 -11.48 21.19 2.48
N ILE C 266 -11.90 20.86 1.26
CA ILE C 266 -11.17 21.14 0.03
C ILE C 266 -12.10 21.85 -0.95
N MET C 267 -11.60 22.14 -2.14
CA MET C 267 -12.34 22.87 -3.15
C MET C 267 -12.23 22.18 -4.51
N HIS C 268 -13.37 21.98 -5.16
CA HIS C 268 -13.41 21.49 -6.52
C HIS C 268 -14.06 22.56 -7.40
N ASP C 269 -13.83 22.45 -8.71
CA ASP C 269 -14.45 23.31 -9.71
C ASP C 269 -15.18 22.39 -10.69
N TYR C 270 -16.50 22.31 -10.54
CA TYR C 270 -17.25 21.17 -11.05
C TYR C 270 -17.65 21.30 -12.50
N LEU C 271 -17.54 22.48 -13.11
CA LEU C 271 -17.88 22.64 -14.51
C LEU C 271 -16.66 22.72 -15.41
N THR C 272 -15.52 23.17 -14.89
CA THR C 272 -14.28 23.05 -15.63
C THR C 272 -13.79 21.61 -15.62
N ALA C 273 -13.74 20.99 -14.45
CA ALA C 273 -13.26 19.63 -14.30
C ALA C 273 -14.31 18.59 -14.67
N GLY C 274 -15.59 18.92 -14.57
CA GLY C 274 -16.64 18.07 -15.07
C GLY C 274 -17.37 17.31 -13.98
N PHE C 275 -18.26 16.42 -14.44
CA PHE C 275 -19.14 15.66 -13.57
C PHE C 275 -18.73 14.20 -13.46
N THR C 276 -17.55 13.83 -13.93
CA THR C 276 -16.90 12.61 -13.45
C THR C 276 -16.02 12.95 -12.26
N ALA C 277 -15.05 13.82 -12.46
CA ALA C 277 -14.08 14.18 -11.43
C ALA C 277 -14.65 15.09 -10.36
N ASN C 278 -15.94 15.39 -10.39
CA ASN C 278 -16.60 15.85 -9.18
C ASN C 278 -17.16 14.68 -8.40
N THR C 279 -17.64 13.64 -9.09
CA THR C 279 -18.20 12.49 -8.40
C THR C 279 -17.13 11.65 -7.71
N THR C 280 -15.96 11.48 -8.35
CA THR C 280 -14.84 10.75 -7.74
C THR C 280 -14.39 11.43 -6.47
N LEU C 281 -14.25 12.75 -6.53
CA LEU C 281 -13.88 13.51 -5.35
C LEU C 281 -15.00 13.49 -4.32
N ALA C 282 -16.25 13.47 -4.77
CA ALA C 282 -17.37 13.24 -3.86
C ALA C 282 -17.35 11.83 -3.31
N ARG C 283 -16.98 10.83 -4.13
CA ARG C 283 -16.75 9.51 -3.58
C ARG C 283 -15.49 9.49 -2.71
N TRP C 284 -14.53 10.36 -3.00
CA TRP C 284 -13.35 10.46 -2.15
C TRP C 284 -13.67 11.12 -0.82
N CYS C 285 -14.46 12.21 -0.85
CA CYS C 285 -14.64 13.04 0.34
C CYS C 285 -15.51 12.38 1.41
N ARG C 286 -16.46 11.53 1.00
CA ARG C 286 -17.19 10.72 1.97
C ARG C 286 -16.31 9.63 2.53
N ASP C 287 -15.49 9.00 1.68
CA ASP C 287 -14.64 7.91 2.11
C ASP C 287 -13.56 8.38 3.07
N ASN C 288 -13.15 9.64 3.00
CA ASN C 288 -12.02 10.11 3.78
C ASN C 288 -12.34 11.33 4.64
N GLY C 289 -13.63 11.56 4.92
CA GLY C 289 -14.06 12.51 5.93
C GLY C 289 -13.78 13.97 5.66
N VAL C 290 -13.29 14.32 4.49
CA VAL C 290 -12.99 15.69 4.15
C VAL C 290 -14.25 16.33 3.58
N LEU C 291 -14.53 17.57 3.98
CA LEU C 291 -15.67 18.28 3.41
C LEU C 291 -15.32 18.76 2.01
N LEU C 292 -16.35 18.92 1.19
CA LEU C 292 -16.16 19.29 -0.21
C LEU C 292 -16.89 20.60 -0.50
N HIS C 293 -16.20 21.71 -0.30
CA HIS C 293 -16.62 22.96 -0.92
C HIS C 293 -16.41 22.86 -2.41
N ILE C 294 -17.31 23.46 -3.18
CA ILE C 294 -17.19 23.48 -4.64
C ILE C 294 -17.53 24.88 -5.14
N HIS C 295 -16.61 25.46 -5.89
CA HIS C 295 -16.84 26.73 -6.57
C HIS C 295 -17.49 26.49 -7.92
N ARG C 296 -18.28 27.47 -8.36
CA ARG C 296 -19.00 27.38 -9.63
C ARG C 296 -18.19 28.11 -10.72
N ALA C 297 -17.01 27.60 -11.02
CA ALA C 297 -16.23 28.12 -12.13
C ALA C 297 -16.92 27.74 -13.43
N MET C 298 -16.79 28.62 -14.44
CA MET C 298 -17.30 28.42 -15.80
C MET C 298 -18.84 28.31 -15.80
N HIS C 299 -19.49 28.84 -14.76
CA HIS C 299 -20.94 28.71 -14.67
C HIS C 299 -21.67 29.72 -15.51
N ALA C 300 -21.12 30.92 -15.67
CA ALA C 300 -21.78 31.96 -16.44
C ALA C 300 -21.49 31.87 -17.93
N VAL C 301 -20.76 30.83 -18.36
CA VAL C 301 -20.83 30.41 -19.76
C VAL C 301 -22.23 29.87 -20.04
N ILE C 302 -22.85 29.32 -19.02
CA ILE C 302 -24.00 28.44 -19.17
C ILE C 302 -25.26 29.07 -18.60
N ASP C 303 -25.14 29.79 -17.49
CA ASP C 303 -26.29 30.29 -16.75
C ASP C 303 -26.76 31.66 -17.22
N ARG C 304 -25.91 32.41 -17.93
CA ARG C 304 -26.06 33.86 -18.01
C ARG C 304 -27.20 34.30 -18.92
N GLN C 305 -27.29 33.71 -20.12
CA GLN C 305 -28.29 34.15 -21.08
C GLN C 305 -29.67 33.64 -20.68
N LYS C 306 -30.66 34.54 -20.71
CA LYS C 306 -32.00 34.22 -20.26
C LYS C 306 -32.82 33.43 -21.29
N ASN C 307 -32.27 33.18 -22.48
CA ASN C 307 -32.95 32.39 -23.48
C ASN C 307 -32.21 31.12 -23.87
N HIS C 308 -30.93 31.00 -23.50
CA HIS C 308 -30.11 29.89 -23.96
C HIS C 308 -29.10 29.52 -22.88
N GLY C 309 -28.73 28.24 -22.87
CA GLY C 309 -27.80 27.71 -21.89
C GLY C 309 -28.45 26.64 -21.03
N ILE C 310 -28.01 26.56 -19.79
CA ILE C 310 -28.71 25.78 -18.77
C ILE C 310 -28.81 26.68 -17.55
N HIS C 311 -29.98 26.73 -16.92
CA HIS C 311 -30.10 27.52 -15.71
C HIS C 311 -29.29 26.86 -14.60
N PHE C 312 -28.84 27.69 -13.65
CA PHE C 312 -27.96 27.22 -12.59
C PHE C 312 -28.69 26.25 -11.66
N ARG C 313 -30.02 26.35 -11.59
CA ARG C 313 -30.85 25.48 -10.77
C ARG C 313 -30.73 24.02 -11.19
N VAL C 314 -30.50 23.75 -12.48
CA VAL C 314 -30.14 22.39 -12.88
C VAL C 314 -28.78 22.02 -12.32
N LEU C 315 -27.78 22.86 -12.56
CA LEU C 315 -26.41 22.57 -12.13
C LEU C 315 -26.22 22.72 -10.62
N ALA C 316 -27.18 23.32 -9.91
CA ALA C 316 -27.21 23.23 -8.46
C ALA C 316 -27.91 21.97 -7.98
N LYS C 317 -28.78 21.39 -8.80
CA LYS C 317 -29.34 20.07 -8.55
C LYS C 317 -28.52 18.98 -9.21
N ALA C 318 -27.69 19.33 -10.19
CA ALA C 318 -26.72 18.41 -10.74
C ALA C 318 -25.40 18.45 -9.99
N LEU C 319 -25.35 19.11 -8.84
CA LEU C 319 -24.24 18.94 -7.92
C LEU C 319 -24.65 18.23 -6.65
N ARG C 320 -25.88 18.47 -6.18
CA ARG C 320 -26.39 17.77 -5.00
C ARG C 320 -26.50 16.26 -5.25
N LEU C 321 -26.60 15.84 -6.51
CA LEU C 321 -26.54 14.42 -6.82
C LEU C 321 -25.12 13.94 -7.11
N SER C 322 -24.35 14.71 -7.88
CA SER C 322 -22.96 14.35 -8.13
C SER C 322 -22.12 14.41 -6.87
N GLY C 323 -22.43 15.34 -5.98
CA GLY C 323 -21.82 15.36 -4.68
C GLY C 323 -21.02 16.60 -4.38
N GLY C 324 -21.28 17.19 -3.23
CA GLY C 324 -20.52 18.31 -2.76
C GLY C 324 -21.34 19.21 -1.87
N ASP C 325 -20.73 19.63 -0.77
CA ASP C 325 -21.26 20.71 0.04
C ASP C 325 -20.94 22.05 -0.63
N HIS C 326 -21.50 23.12 -0.06
CA HIS C 326 -20.98 24.49 -0.19
C HIS C 326 -20.91 24.98 -1.63
N ILE C 327 -22.06 25.14 -2.28
CA ILE C 327 -22.04 25.77 -3.61
C ILE C 327 -22.20 27.27 -3.45
N HIS C 328 -21.39 28.02 -4.20
CA HIS C 328 -21.66 29.44 -4.42
C HIS C 328 -23.02 29.66 -5.05
N THR C 329 -23.78 30.60 -4.49
CA THR C 329 -25.09 30.94 -5.01
C THR C 329 -25.14 32.34 -5.61
N GLY C 330 -24.41 33.29 -5.04
CA GLY C 330 -24.18 34.57 -5.68
C GLY C 330 -24.59 35.73 -4.82
N THR C 331 -24.30 36.93 -5.34
CA THR C 331 -24.73 38.15 -4.71
C THR C 331 -26.23 38.29 -4.83
N VAL C 332 -26.91 38.38 -3.69
CA VAL C 332 -28.30 38.80 -3.64
C VAL C 332 -28.37 40.29 -3.32
N VAL C 333 -27.20 40.94 -3.35
CA VAL C 333 -27.07 42.34 -3.00
C VAL C 333 -27.69 43.23 -4.08
N GLY C 334 -27.19 43.14 -5.30
CA GLY C 334 -27.65 43.96 -6.39
C GLY C 334 -28.87 43.46 -7.12
N LYS C 335 -29.47 42.36 -6.66
CA LYS C 335 -30.61 41.78 -7.34
C LYS C 335 -31.90 42.45 -6.90
N LEU C 336 -32.85 42.50 -7.83
CA LEU C 336 -34.19 43.01 -7.55
C LEU C 336 -35.00 41.96 -6.81
N GLU C 337 -36.26 42.28 -6.53
CA GLU C 337 -37.16 41.33 -5.88
C GLU C 337 -37.66 40.24 -6.82
N GLY C 338 -37.37 40.33 -8.11
CA GLY C 338 -37.75 39.30 -9.06
C GLY C 338 -36.70 38.21 -9.17
N GLU C 339 -35.44 38.60 -9.30
CA GLU C 339 -34.34 37.65 -9.37
C GLU C 339 -33.81 37.25 -7.99
N ARG C 340 -34.39 37.80 -6.92
CA ARG C 340 -34.07 37.30 -5.58
C ARG C 340 -34.68 35.92 -5.35
N GLY C 341 -35.95 35.74 -5.74
CA GLY C 341 -36.58 34.44 -5.63
C GLY C 341 -36.06 33.41 -6.61
N ILE C 342 -35.52 33.86 -7.75
CA ILE C 342 -34.90 32.93 -8.68
C ILE C 342 -33.61 32.39 -8.10
N THR C 343 -32.86 33.21 -7.37
CA THR C 343 -31.76 32.70 -6.56
C THR C 343 -32.28 31.79 -5.46
N MET C 344 -33.30 32.25 -4.73
CA MET C 344 -33.95 31.44 -3.69
C MET C 344 -34.69 30.23 -4.22
N GLY C 345 -34.87 30.12 -5.54
CA GLY C 345 -35.42 28.89 -6.10
C GLY C 345 -34.45 27.72 -6.00
N PHE C 346 -33.21 27.92 -6.44
CA PHE C 346 -32.25 26.82 -6.31
C PHE C 346 -31.64 26.73 -4.92
N VAL C 347 -31.68 27.79 -4.12
CA VAL C 347 -31.16 27.70 -2.75
C VAL C 347 -32.10 26.86 -1.89
N ASP C 348 -33.41 26.95 -2.11
CA ASP C 348 -34.31 26.00 -1.47
C ASP C 348 -34.21 24.61 -2.09
N LEU C 349 -33.75 24.53 -3.34
CA LEU C 349 -33.37 23.26 -3.96
C LEU C 349 -31.95 22.85 -3.60
N LEU C 350 -31.33 23.50 -2.63
CA LEU C 350 -29.96 23.24 -2.22
C LEU C 350 -29.88 22.79 -0.78
N ARG C 351 -30.81 23.24 0.05
CA ARG C 351 -30.75 23.06 1.48
C ARG C 351 -31.93 22.30 2.06
N GLU C 352 -33.04 22.20 1.34
CA GLU C 352 -34.26 21.58 1.85
C GLU C 352 -34.48 20.24 1.20
N ASN C 353 -35.45 19.50 1.74
CA ASN C 353 -35.71 18.12 1.30
C ASN C 353 -36.90 18.01 0.35
N TYR C 354 -37.86 18.93 0.42
CA TYR C 354 -39.00 18.92 -0.48
C TYR C 354 -39.36 20.35 -0.85
N VAL C 355 -39.56 20.60 -2.14
CA VAL C 355 -40.04 21.88 -2.64
C VAL C 355 -41.31 21.64 -3.44
N GLU C 356 -42.02 22.72 -3.71
CA GLU C 356 -43.22 22.68 -4.53
C GLU C 356 -42.94 23.32 -5.89
N GLN C 357 -43.99 23.43 -6.69
CA GLN C 357 -43.88 24.01 -8.03
C GLN C 357 -44.09 25.52 -7.90
N ASP C 358 -42.99 26.25 -7.73
CA ASP C 358 -43.00 27.69 -7.47
C ASP C 358 -42.31 28.40 -8.62
N LYS C 359 -43.09 28.90 -9.57
CA LYS C 359 -42.51 29.55 -10.74
C LYS C 359 -42.21 31.02 -10.49
N SER C 360 -42.78 31.60 -9.43
CA SER C 360 -42.33 32.91 -8.98
C SER C 360 -40.91 32.83 -8.42
N ARG C 361 -40.54 31.70 -7.83
CA ARG C 361 -39.16 31.41 -7.48
C ARG C 361 -38.44 30.68 -8.60
N GLY C 362 -39.11 30.41 -9.71
CA GLY C 362 -38.51 29.75 -10.84
C GLY C 362 -38.50 28.24 -10.81
N ILE C 363 -38.92 27.62 -9.70
CA ILE C 363 -38.89 26.16 -9.59
C ILE C 363 -40.02 25.58 -10.43
N TYR C 364 -39.68 24.77 -11.43
CA TYR C 364 -40.68 24.24 -12.33
C TYR C 364 -41.15 22.83 -11.98
N PHE C 365 -40.55 22.19 -10.99
CA PHE C 365 -40.96 20.83 -10.62
C PHE C 365 -40.87 20.64 -9.11
N THR C 366 -41.87 19.96 -8.55
CA THR C 366 -41.84 19.55 -7.15
C THR C 366 -40.76 18.50 -6.96
N GLN C 367 -39.70 18.84 -6.24
CA GLN C 367 -38.53 17.98 -6.14
C GLN C 367 -38.49 17.32 -4.76
N ASP C 368 -38.59 15.99 -4.75
CA ASP C 368 -38.47 15.20 -3.53
C ASP C 368 -37.05 14.68 -3.45
N TRP C 369 -36.30 15.13 -2.45
CA TRP C 369 -34.88 14.79 -2.35
C TRP C 369 -34.62 13.48 -1.61
N ALA C 370 -35.66 12.85 -1.06
CA ALA C 370 -35.59 11.54 -0.40
C ALA C 370 -34.62 11.52 0.78
N SER C 371 -34.53 12.66 1.48
CA SER C 371 -33.63 12.87 2.62
C SER C 371 -32.16 12.66 2.27
N LEU C 372 -31.82 12.85 0.99
CA LEU C 372 -30.43 13.00 0.62
C LEU C 372 -29.93 14.35 1.12
N PRO C 373 -28.72 14.42 1.68
CA PRO C 373 -28.33 15.57 2.50
C PRO C 373 -28.20 16.86 1.72
N GLY C 374 -28.31 17.97 2.45
CA GLY C 374 -28.33 19.28 1.84
C GLY C 374 -26.95 19.76 1.41
N VAL C 375 -26.96 20.90 0.76
CA VAL C 375 -25.75 21.59 0.33
C VAL C 375 -25.80 23.01 0.87
N MET C 376 -24.73 23.44 1.54
CA MET C 376 -24.67 24.81 2.05
C MET C 376 -24.66 25.81 0.92
N ALA C 377 -25.22 26.98 1.17
CA ALA C 377 -25.42 28.01 0.16
C ALA C 377 -24.35 29.08 0.35
N VAL C 378 -23.21 28.90 -0.30
CA VAL C 378 -22.14 29.88 -0.23
C VAL C 378 -22.58 31.14 -0.99
N ALA C 379 -22.29 32.30 -0.42
CA ALA C 379 -22.70 33.57 -1.02
C ALA C 379 -21.58 34.57 -0.90
N SER C 380 -21.02 34.98 -2.04
CA SER C 380 -20.17 36.16 -2.06
C SER C 380 -21.04 37.37 -1.75
N GLY C 381 -20.72 38.09 -0.68
CA GLY C 381 -21.59 39.16 -0.24
C GLY C 381 -20.95 40.54 -0.20
N GLY C 382 -20.14 40.85 -1.20
CA GLY C 382 -19.36 42.07 -1.15
C GLY C 382 -18.30 41.99 -0.08
N ILE C 383 -17.79 43.17 0.29
CA ILE C 383 -17.12 43.36 1.58
C ILE C 383 -18.07 44.04 2.56
N HIS C 384 -19.22 44.50 2.07
CA HIS C 384 -20.03 45.51 2.74
C HIS C 384 -20.63 44.96 4.02
N VAL C 385 -20.11 45.50 5.13
CA VAL C 385 -20.54 45.12 6.47
C VAL C 385 -22.03 45.39 6.66
N TRP C 386 -22.52 46.50 6.11
CA TRP C 386 -23.93 46.86 6.17
C TRP C 386 -24.83 45.92 5.37
N HIS C 387 -24.27 45.14 4.44
CA HIS C 387 -25.03 44.15 3.68
C HIS C 387 -25.07 42.79 4.36
N MET C 388 -24.78 42.75 5.66
CA MET C 388 -24.95 41.50 6.41
C MET C 388 -26.42 41.14 6.65
N PRO C 389 -27.31 42.02 7.17
CA PRO C 389 -28.68 41.55 7.45
C PRO C 389 -29.51 41.27 6.21
N ALA C 390 -29.10 41.73 5.04
CA ALA C 390 -29.69 41.22 3.81
C ALA C 390 -29.35 39.75 3.61
N LEU C 391 -28.13 39.36 3.99
CA LEU C 391 -27.64 38.01 3.78
C LEU C 391 -27.93 37.06 4.94
N VAL C 392 -28.56 37.54 6.01
CA VAL C 392 -28.93 36.68 7.13
C VAL C 392 -30.43 36.40 7.16
N GLU C 393 -31.27 37.38 6.83
CA GLU C 393 -32.71 37.11 6.70
C GLU C 393 -33.00 36.24 5.48
N ILE C 394 -32.31 36.49 4.37
CA ILE C 394 -32.53 35.71 3.15
C ILE C 394 -31.89 34.34 3.28
N PHE C 395 -30.59 34.30 3.56
CA PHE C 395 -29.85 33.06 3.80
C PHE C 395 -29.66 32.90 5.30
N GLY C 396 -30.23 31.85 5.87
CA GLY C 396 -30.29 31.70 7.32
C GLY C 396 -28.99 31.27 7.96
N ASP C 397 -29.09 30.34 8.91
CA ASP C 397 -27.92 29.73 9.52
C ASP C 397 -27.32 28.68 8.59
N ASP C 398 -27.99 28.43 7.47
CA ASP C 398 -27.75 27.30 6.60
C ASP C 398 -26.82 27.66 5.43
N SER C 399 -26.04 28.73 5.57
CA SER C 399 -25.33 29.30 4.43
C SER C 399 -23.89 29.62 4.81
N VAL C 400 -23.11 30.02 3.81
CA VAL C 400 -21.73 30.47 3.97
C VAL C 400 -21.60 31.81 3.26
N LEU C 401 -20.86 32.74 3.86
CA LEU C 401 -20.76 34.11 3.35
C LEU C 401 -19.31 34.43 2.98
N GLN C 402 -18.98 34.32 1.69
CA GLN C 402 -17.68 34.80 1.23
C GLN C 402 -17.66 36.32 1.19
N PHE C 403 -16.47 36.88 1.44
CA PHE C 403 -16.32 38.32 1.63
C PHE C 403 -15.28 38.91 0.69
N GLY C 404 -15.05 38.28 -0.46
CA GLY C 404 -14.18 38.83 -1.49
C GLY C 404 -14.98 39.15 -2.73
N GLY C 405 -14.47 40.11 -3.50
CA GLY C 405 -15.27 40.75 -4.55
C GLY C 405 -16.17 41.81 -3.97
N GLY C 406 -16.34 42.93 -4.66
CA GLY C 406 -17.09 44.03 -4.07
C GLY C 406 -16.37 44.66 -2.89
N THR C 407 -15.05 44.74 -2.96
CA THR C 407 -14.22 45.01 -1.79
C THR C 407 -13.47 46.33 -1.95
N LEU C 408 -13.81 47.30 -1.09
CA LEU C 408 -12.97 48.48 -0.94
C LEU C 408 -11.74 48.20 -0.09
N GLY C 409 -11.72 47.07 0.61
CA GLY C 409 -10.67 46.74 1.55
C GLY C 409 -11.07 47.11 2.97
N HIS C 410 -10.23 46.71 3.91
CA HIS C 410 -10.38 47.15 5.28
C HIS C 410 -9.16 47.96 5.67
N PRO C 411 -9.34 49.20 6.16
CA PRO C 411 -8.18 50.07 6.39
C PRO C 411 -7.37 49.76 7.63
N TRP C 412 -7.71 48.71 8.38
CA TRP C 412 -6.87 48.25 9.49
C TRP C 412 -6.22 46.91 9.24
N GLY C 413 -6.52 46.24 8.14
CA GLY C 413 -5.89 44.99 7.77
C GLY C 413 -6.89 43.87 7.60
N ASN C 414 -6.34 42.69 7.29
CA ASN C 414 -7.19 41.52 7.07
C ASN C 414 -7.73 40.94 8.37
N ALA C 415 -6.94 40.98 9.44
CA ALA C 415 -7.36 40.35 10.70
C ALA C 415 -8.36 41.17 11.52
N PRO C 416 -8.27 42.49 11.67
CA PRO C 416 -9.43 43.22 12.20
C PRO C 416 -10.52 43.45 11.18
N GLY C 417 -10.24 43.23 9.89
CA GLY C 417 -11.28 43.12 8.89
C GLY C 417 -11.96 41.78 8.86
N ALA C 418 -11.45 40.82 9.62
CA ALA C 418 -12.10 39.52 9.79
C ALA C 418 -13.02 39.51 11.00
N THR C 419 -12.62 40.16 12.10
CA THR C 419 -13.53 40.32 13.23
C THR C 419 -14.66 41.30 12.89
N ALA C 420 -14.39 42.29 12.05
CA ALA C 420 -15.43 43.22 11.62
C ALA C 420 -16.38 42.61 10.61
N ASN C 421 -16.13 41.38 10.17
CA ASN C 421 -17.05 40.61 9.37
C ASN C 421 -17.66 39.46 10.15
N ARG C 422 -17.36 39.34 11.44
CA ARG C 422 -18.00 38.36 12.32
C ARG C 422 -18.81 39.00 13.43
N VAL C 423 -18.31 40.09 14.05
CA VAL C 423 -19.12 40.84 15.00
C VAL C 423 -20.28 41.50 14.25
N ALA C 424 -20.06 41.85 12.98
CA ALA C 424 -21.16 42.21 12.08
C ALA C 424 -22.12 41.06 11.85
N LEU C 425 -21.62 39.82 11.88
CA LEU C 425 -22.48 38.66 11.73
C LEU C 425 -23.12 38.26 13.06
N GLU C 426 -22.28 38.01 14.07
CA GLU C 426 -22.75 37.47 15.33
C GLU C 426 -23.46 38.48 16.22
N ALA C 427 -23.66 39.71 15.76
CA ALA C 427 -24.70 40.57 16.33
C ALA C 427 -25.94 40.59 15.47
N CYS C 428 -25.78 40.39 14.16
CA CYS C 428 -26.94 40.27 13.27
C CYS C 428 -27.66 38.95 13.49
N VAL C 429 -26.90 37.87 13.71
CA VAL C 429 -27.53 36.60 14.08
C VAL C 429 -28.11 36.70 15.48
N GLN C 430 -27.46 37.45 16.37
CA GLN C 430 -27.96 37.63 17.72
C GLN C 430 -29.23 38.48 17.73
N ALA C 431 -29.34 39.45 16.82
CA ALA C 431 -30.54 40.27 16.74
C ALA C 431 -31.70 39.54 16.07
N ARG C 432 -31.41 38.52 15.27
CA ARG C 432 -32.47 37.63 14.79
C ARG C 432 -33.06 36.82 15.95
N ASN C 433 -32.28 36.64 17.02
CA ASN C 433 -32.65 35.79 18.14
C ASN C 433 -33.20 36.58 19.31
N GLU C 434 -33.33 37.89 19.18
CA GLU C 434 -34.02 38.72 20.17
C GLU C 434 -35.46 39.02 19.78
N GLY C 435 -35.91 38.47 18.66
CA GLY C 435 -37.21 38.82 18.13
C GLY C 435 -37.23 40.04 17.25
N ARG C 436 -36.07 40.62 16.95
CA ARG C 436 -35.99 41.74 16.03
C ARG C 436 -35.98 41.22 14.59
N ASN C 437 -36.09 42.12 13.64
CA ASN C 437 -36.04 41.78 12.22
C ASN C 437 -34.86 42.48 11.56
N LEU C 438 -34.56 42.05 10.34
CA LEU C 438 -33.34 42.46 9.66
C LEU C 438 -33.59 43.30 8.42
N ALA C 439 -34.86 43.58 8.08
CA ALA C 439 -35.18 44.47 6.98
C ALA C 439 -35.63 45.85 7.43
N ARG C 440 -36.28 45.95 8.60
CA ARG C 440 -36.69 47.24 9.14
C ARG C 440 -35.60 47.89 9.99
N GLU C 441 -34.82 47.09 10.71
CA GLU C 441 -33.73 47.61 11.55
C GLU C 441 -32.46 46.78 11.42
N GLY C 442 -32.14 46.32 10.22
CA GLY C 442 -30.91 45.55 10.04
C GLY C 442 -29.66 46.41 10.16
N ASN C 443 -29.70 47.61 9.58
CA ASN C 443 -28.61 48.56 9.74
C ASN C 443 -28.51 49.09 11.17
N ASP C 444 -29.59 49.01 11.94
CA ASP C 444 -29.64 49.48 13.32
C ASP C 444 -29.06 48.49 14.31
N VAL C 445 -28.44 47.41 13.85
CA VAL C 445 -27.78 46.44 14.72
C VAL C 445 -26.26 46.56 14.61
N ILE C 446 -25.77 46.86 13.40
CA ILE C 446 -24.35 46.93 13.15
C ILE C 446 -23.74 48.15 13.83
N ARG C 447 -24.38 49.31 13.68
CA ARG C 447 -23.94 50.48 14.43
C ARG C 447 -24.31 50.39 15.90
N GLU C 448 -25.30 49.57 16.25
CA GLU C 448 -25.52 49.20 17.65
C GLU C 448 -24.36 48.37 18.19
N ALA C 449 -23.77 47.52 17.35
CA ALA C 449 -22.64 46.69 17.74
C ALA C 449 -21.30 47.37 17.48
N ALA C 450 -21.27 48.44 16.69
CA ALA C 450 -20.03 49.18 16.47
C ALA C 450 -19.63 50.05 17.65
N LYS C 451 -20.48 50.13 18.68
CA LYS C 451 -20.09 50.80 19.91
C LYS C 451 -19.17 49.92 20.75
N TRP C 452 -19.52 48.65 20.91
CA TRP C 452 -18.74 47.75 21.75
C TRP C 452 -17.44 47.34 21.06
N SER C 453 -17.54 46.69 19.92
CA SER C 453 -16.36 46.32 19.15
C SER C 453 -15.82 47.54 18.43
N PRO C 454 -14.58 47.98 18.70
CA PRO C 454 -14.05 49.18 18.06
C PRO C 454 -13.57 48.97 16.63
N GLU C 455 -13.71 47.76 16.08
CA GLU C 455 -13.22 47.44 14.75
C GLU C 455 -14.31 47.44 13.70
N LEU C 456 -15.59 47.48 14.10
CA LEU C 456 -16.69 47.57 13.14
C LEU C 456 -16.83 48.96 12.55
N ALA C 457 -16.67 50.01 13.38
CA ALA C 457 -17.00 51.37 12.98
C ALA C 457 -16.05 51.95 11.94
N VAL C 458 -14.90 51.31 11.71
CA VAL C 458 -13.97 51.77 10.69
C VAL C 458 -14.18 51.03 9.38
N ALA C 459 -14.75 49.82 9.42
CA ALA C 459 -15.03 49.07 8.20
C ALA C 459 -16.12 49.74 7.37
N CYS C 460 -17.29 49.98 7.99
CA CYS C 460 -18.47 50.69 7.44
C CYS C 460 -18.87 50.39 5.99
N MET D 1 -33.40 15.30 40.12
CA MET D 1 -32.70 15.62 38.87
C MET D 1 -31.26 15.99 39.15
N GLN D 2 -30.60 15.21 40.00
CA GLN D 2 -29.22 15.49 40.38
C GLN D 2 -28.27 15.12 39.25
N THR D 3 -27.34 16.03 38.95
CA THR D 3 -26.35 15.80 37.90
C THR D 3 -25.34 14.74 38.33
N LEU D 4 -24.56 14.27 37.36
CA LEU D 4 -23.49 13.33 37.64
C LEU D 4 -22.19 14.08 37.83
N PRO D 5 -21.55 14.01 39.00
CA PRO D 5 -20.33 14.78 39.24
C PRO D 5 -19.15 14.29 38.41
N LYS D 6 -18.29 15.24 38.02
CA LYS D 6 -17.07 14.92 37.30
C LYS D 6 -16.10 14.24 38.25
N GLU D 7 -16.06 12.91 38.21
CA GLU D 7 -15.14 12.14 39.04
C GLU D 7 -14.46 11.11 38.16
N ARG D 8 -13.14 11.15 38.10
CA ARG D 8 -12.40 10.11 37.40
C ARG D 8 -12.34 8.92 38.34
N ARG D 9 -13.36 8.08 38.24
CA ARG D 9 -13.48 6.91 39.10
C ARG D 9 -12.64 5.77 38.53
N TYR D 10 -12.70 4.61 39.15
CA TYR D 10 -11.71 3.59 38.85
C TYR D 10 -12.39 2.31 38.37
N GLU D 11 -11.57 1.31 38.06
CA GLU D 11 -11.89 0.30 37.05
C GLU D 11 -13.04 -0.62 37.46
N THR D 12 -12.90 -1.35 38.57
CA THR D 12 -13.94 -2.26 39.04
C THR D 12 -14.12 -2.09 40.53
N LEU D 13 -15.38 -2.26 40.98
CA LEU D 13 -15.79 -2.11 42.39
C LEU D 13 -15.43 -0.74 42.95
N SER D 14 -15.50 0.30 42.14
CA SER D 14 -15.04 1.62 42.53
C SER D 14 -16.11 2.70 42.53
N TYR D 15 -17.31 2.42 42.04
CA TYR D 15 -18.37 3.40 42.19
C TYR D 15 -19.00 3.37 43.58
N LEU D 16 -18.65 2.38 44.38
CA LEU D 16 -19.09 2.28 45.76
C LEU D 16 -18.42 3.39 46.59
N PRO D 17 -18.91 3.65 47.80
CA PRO D 17 -18.11 4.44 48.76
C PRO D 17 -16.83 3.72 49.12
N PRO D 18 -15.80 4.43 49.58
CA PRO D 18 -14.49 3.80 49.84
C PRO D 18 -14.56 2.70 50.89
N LEU D 19 -13.81 1.63 50.64
CA LEU D 19 -14.01 0.35 51.30
C LEU D 19 -13.49 0.41 52.72
N THR D 20 -14.37 0.14 53.69
CA THR D 20 -13.96 -0.03 55.07
C THR D 20 -13.14 -1.31 55.21
N ASP D 21 -12.29 -1.34 56.24
CA ASP D 21 -11.36 -2.46 56.42
C ASP D 21 -12.04 -3.78 56.76
N VAL D 22 -13.29 -3.74 57.23
CA VAL D 22 -14.06 -4.96 57.38
C VAL D 22 -14.41 -5.55 56.01
N GLN D 23 -14.76 -4.69 55.05
CA GLN D 23 -15.11 -5.16 53.72
C GLN D 23 -13.89 -5.59 52.91
N ILE D 24 -12.72 -5.01 53.21
CA ILE D 24 -11.51 -5.40 52.50
C ILE D 24 -11.07 -6.79 52.95
N GLU D 25 -11.40 -7.16 54.19
CA GLU D 25 -11.23 -8.55 54.65
C GLU D 25 -12.11 -9.49 53.83
N LYS D 26 -13.37 -9.12 53.63
CA LYS D 26 -14.35 -10.03 53.03
C LYS D 26 -14.10 -10.22 51.54
N GLN D 27 -13.63 -9.18 50.85
CA GLN D 27 -13.40 -9.27 49.40
C GLN D 27 -12.27 -10.24 49.07
N VAL D 28 -11.14 -10.10 49.76
CA VAL D 28 -10.02 -11.02 49.56
C VAL D 28 -10.30 -12.39 50.17
N GLN D 29 -11.28 -12.50 51.08
CA GLN D 29 -11.66 -13.81 51.62
C GLN D 29 -12.38 -14.65 50.58
N TYR D 30 -13.21 -14.04 49.75
CA TYR D 30 -13.82 -14.77 48.64
C TYR D 30 -12.80 -15.03 47.53
N ILE D 31 -11.79 -14.16 47.42
CA ILE D 31 -10.63 -14.46 46.58
C ILE D 31 -9.85 -15.64 47.14
N LEU D 32 -9.83 -15.81 48.47
CA LEU D 32 -9.29 -17.01 49.10
C LEU D 32 -10.18 -18.24 48.93
N SER D 33 -11.51 -18.10 49.08
CA SER D 33 -12.38 -19.25 49.25
C SER D 33 -12.75 -19.95 47.95
N GLN D 34 -12.22 -19.52 46.81
CA GLN D 34 -12.37 -20.24 45.56
C GLN D 34 -11.28 -21.29 45.36
N GLY D 35 -10.53 -21.63 46.41
CA GLY D 35 -9.32 -22.39 46.24
C GLY D 35 -8.23 -21.58 45.58
N TYR D 36 -8.31 -20.26 45.65
CA TYR D 36 -7.37 -19.37 44.98
C TYR D 36 -6.56 -18.60 46.04
N ILE D 37 -5.35 -18.20 45.65
CA ILE D 37 -4.23 -17.66 46.39
C ILE D 37 -3.87 -16.24 45.92
N PRO D 38 -4.23 -15.18 46.67
CA PRO D 38 -4.26 -13.83 46.10
C PRO D 38 -2.90 -13.16 45.93
N ALA D 39 -2.94 -11.90 45.49
CA ALA D 39 -1.76 -11.08 45.22
C ALA D 39 -2.09 -9.60 45.35
N VAL D 40 -1.04 -8.76 45.43
CA VAL D 40 -1.17 -7.31 45.65
C VAL D 40 -0.38 -6.57 44.57
N GLU D 41 -0.93 -5.48 44.05
CA GLU D 41 -0.23 -4.59 43.12
C GLU D 41 -0.44 -3.12 43.49
N PHE D 42 0.44 -2.26 42.95
CA PHE D 42 0.34 -0.83 43.19
C PHE D 42 0.86 -0.08 41.96
N ASN D 43 0.50 1.21 41.89
CA ASN D 43 0.94 2.10 40.82
C ASN D 43 0.67 3.52 41.30
N GLU D 44 1.11 4.50 40.50
CA GLU D 44 0.91 5.91 40.83
C GLU D 44 -0.27 6.51 40.11
N VAL D 45 -0.36 6.32 38.80
CA VAL D 45 -1.42 6.91 37.98
C VAL D 45 -2.25 5.77 37.40
N SER D 46 -3.57 5.91 37.47
CA SER D 46 -4.49 4.92 36.90
C SER D 46 -4.93 5.39 35.53
N GLU D 47 -4.17 5.04 34.50
CA GLU D 47 -4.50 5.37 33.13
C GLU D 47 -5.26 4.24 32.47
N PRO D 48 -6.09 4.53 31.48
CA PRO D 48 -6.56 3.47 30.58
C PRO D 48 -5.44 2.93 29.71
N THR D 49 -4.42 3.73 29.40
CA THR D 49 -3.28 3.23 28.64
C THR D 49 -2.46 2.25 29.47
N GLU D 50 -2.18 2.60 30.72
CA GLU D 50 -1.38 1.74 31.59
C GLU D 50 -2.22 0.55 32.04
N LEU D 51 -1.97 -0.61 31.43
CA LEU D 51 -2.64 -1.84 31.80
C LEU D 51 -1.96 -2.52 32.99
N TYR D 52 -0.67 -2.27 33.18
CA TYR D 52 0.11 -2.93 34.22
C TYR D 52 0.25 -2.03 35.43
N TRP D 53 0.10 -2.61 36.61
CA TRP D 53 0.53 -1.96 37.84
C TRP D 53 1.63 -2.80 38.46
N THR D 54 2.52 -2.12 39.18
CA THR D 54 3.70 -2.76 39.77
C THR D 54 3.30 -3.71 40.90
N LEU D 55 3.79 -4.96 40.83
CA LEU D 55 3.60 -5.91 41.92
C LEU D 55 4.23 -5.41 43.22
N TRP D 56 3.61 -5.77 44.33
CA TRP D 56 4.16 -5.46 45.64
C TRP D 56 5.23 -6.46 46.04
N LYS D 57 4.84 -7.72 46.25
CA LYS D 57 5.77 -8.81 46.48
C LYS D 57 5.47 -9.89 45.45
N LEU D 58 6.05 -11.07 45.66
CA LEU D 58 5.51 -12.29 45.06
C LEU D 58 4.05 -12.46 45.45
N PRO D 59 3.23 -13.08 44.58
CA PRO D 59 1.86 -13.45 44.97
C PRO D 59 1.85 -14.39 46.16
N LEU D 60 0.90 -14.18 47.07
CA LEU D 60 0.85 -14.96 48.29
C LEU D 60 0.18 -16.30 48.04
N PHE D 61 0.90 -17.38 48.31
CA PHE D 61 0.30 -18.71 48.24
C PHE D 61 0.83 -19.61 49.33
N GLY D 62 -0.05 -20.48 49.81
CA GLY D 62 0.12 -21.23 51.04
C GLY D 62 -1.22 -21.36 51.74
N ALA D 63 -1.18 -21.84 52.97
CA ALA D 63 -2.40 -21.96 53.79
C ALA D 63 -2.46 -20.78 54.75
N LYS D 64 -2.97 -19.65 54.25
CA LYS D 64 -3.00 -18.42 55.04
C LYS D 64 -4.42 -17.86 55.10
N THR D 65 -4.58 -16.78 55.87
CA THR D 65 -5.86 -16.12 56.08
C THR D 65 -5.85 -14.75 55.40
N SER D 66 -7.01 -14.07 55.47
CA SER D 66 -7.16 -12.76 54.86
C SER D 66 -6.35 -11.68 55.58
N ARG D 67 -6.11 -11.85 56.88
CA ARG D 67 -5.31 -10.89 57.62
C ARG D 67 -3.83 -10.95 57.26
N GLU D 68 -3.37 -12.06 56.69
CA GLU D 68 -2.00 -12.15 56.19
C GLU D 68 -1.83 -11.53 54.81
N VAL D 69 -2.92 -11.10 54.18
CA VAL D 69 -2.84 -10.31 52.95
C VAL D 69 -2.82 -8.83 53.26
N LEU D 70 -3.63 -8.41 54.24
CA LEU D 70 -3.70 -7.02 54.65
C LEU D 70 -2.48 -6.54 55.43
N ALA D 71 -1.57 -7.44 55.82
CA ALA D 71 -0.30 -7.02 56.38
C ALA D 71 0.54 -6.30 55.34
N GLU D 72 0.36 -6.64 54.06
CA GLU D 72 1.04 -5.94 52.98
C GLU D 72 0.29 -4.67 52.58
N VAL D 73 -1.04 -4.75 52.48
CA VAL D 73 -1.83 -3.61 52.00
C VAL D 73 -2.00 -2.58 53.12
N GLN D 74 -2.65 -2.98 54.22
CA GLN D 74 -3.03 -2.02 55.24
C GLN D 74 -1.84 -1.66 56.13
N SER D 75 -1.19 -2.66 56.73
CA SER D 75 -0.13 -2.40 57.70
C SER D 75 1.16 -1.92 57.04
N CYS D 76 1.31 -2.08 55.74
CA CYS D 76 2.55 -1.74 55.06
C CYS D 76 2.29 -0.92 53.81
N ARG D 77 1.50 0.14 53.93
CA ARG D 77 1.40 1.15 52.88
C ARG D 77 2.24 2.38 53.20
N SER D 78 3.07 2.31 54.23
CA SER D 78 3.78 3.49 54.74
C SER D 78 4.89 3.97 53.81
N GLN D 79 5.37 3.11 52.90
CA GLN D 79 6.39 3.51 51.95
C GLN D 79 5.82 3.91 50.59
N TYR D 80 4.50 3.78 50.40
CA TYR D 80 3.83 4.32 49.23
C TYR D 80 2.46 4.90 49.61
N PRO D 81 2.41 6.06 50.28
CA PRO D 81 1.12 6.59 50.71
C PRO D 81 0.33 7.23 49.57
N GLY D 82 1.04 7.88 48.66
CA GLY D 82 0.40 8.64 47.61
C GLY D 82 0.25 7.88 46.31
N HIS D 83 0.00 6.58 46.41
CA HIS D 83 -0.07 5.69 45.25
C HIS D 83 -1.38 4.92 45.25
N TYR D 84 -1.69 4.34 44.09
CA TYR D 84 -2.91 3.58 43.89
C TYR D 84 -2.61 2.10 44.05
N ILE D 85 -3.14 1.48 45.10
CA ILE D 85 -2.89 0.07 45.44
C ILE D 85 -4.16 -0.71 45.14
N ARG D 86 -4.01 -1.93 44.61
CA ARG D 86 -5.16 -2.80 44.38
C ARG D 86 -4.78 -4.26 44.62
N VAL D 87 -5.79 -5.12 44.61
CA VAL D 87 -5.65 -6.54 44.88
C VAL D 87 -6.00 -7.30 43.61
N VAL D 88 -5.11 -8.21 43.21
CA VAL D 88 -5.15 -8.86 41.90
C VAL D 88 -5.38 -10.36 42.12
N GLY D 89 -6.08 -11.00 41.18
CA GLY D 89 -6.51 -12.36 41.40
C GLY D 89 -6.28 -13.44 40.35
N PHE D 90 -5.39 -13.21 39.37
CA PHE D 90 -4.47 -14.18 38.72
C PHE D 90 -5.00 -15.61 38.67
N ASP D 91 -6.23 -15.78 38.16
CA ASP D 91 -6.86 -17.10 38.24
C ASP D 91 -6.17 -18.08 37.31
N ASN D 92 -5.20 -18.82 37.83
CA ASN D 92 -4.27 -19.59 37.01
C ASN D 92 -4.84 -20.93 36.55
N ILE D 93 -5.85 -21.46 37.24
CA ILE D 93 -6.47 -22.73 36.84
C ILE D 93 -7.17 -22.58 35.50
N LYS D 94 -7.77 -21.41 35.25
CA LYS D 94 -8.45 -21.13 34.00
C LYS D 94 -7.68 -20.11 33.16
N GLN D 95 -6.45 -19.77 33.58
CA GLN D 95 -5.62 -18.70 32.98
C GLN D 95 -6.36 -17.36 32.97
N CYS D 96 -7.06 -17.06 34.04
CA CYS D 96 -7.94 -15.90 34.14
C CYS D 96 -7.40 -14.95 35.21
N GLN D 97 -8.21 -13.97 35.57
CA GLN D 97 -7.80 -12.94 36.51
C GLN D 97 -9.07 -12.35 37.11
N ILE D 98 -9.12 -12.21 38.44
CA ILE D 98 -10.37 -12.04 39.17
C ILE D 98 -10.25 -10.90 40.18
N LEU D 99 -11.22 -9.97 40.13
CA LEU D 99 -11.51 -8.99 41.19
C LEU D 99 -10.35 -8.01 41.47
N SER D 100 -10.06 -7.17 40.49
CA SER D 100 -9.36 -5.93 40.77
C SER D 100 -10.25 -4.98 41.57
N PHE D 101 -9.72 -4.47 42.69
CA PHE D 101 -10.42 -3.41 43.42
C PHE D 101 -9.37 -2.54 44.11
N ILE D 102 -9.48 -1.23 43.90
CA ILE D 102 -8.43 -0.30 44.28
C ILE D 102 -8.59 0.08 45.76
N VAL D 103 -7.48 0.01 46.50
CA VAL D 103 -7.48 0.14 47.96
C VAL D 103 -6.46 1.19 48.35
N HIS D 104 -6.83 2.03 49.34
CA HIS D 104 -5.98 3.08 49.92
C HIS D 104 -5.50 4.09 48.86
N LYS D 105 -6.43 4.84 48.37
CA LYS D 105 -6.15 5.93 47.44
C LYS D 105 -5.77 7.19 48.19
N PRO D 106 -4.82 7.99 47.68
CA PRO D 106 -4.46 9.26 48.32
C PRO D 106 -5.53 10.34 48.11
N LEU E 23 -50.82 2.59 21.16
CA LEU E 23 -50.89 2.04 19.81
C LEU E 23 -50.80 3.19 18.80
N THR E 24 -49.59 3.44 18.31
CA THR E 24 -49.35 4.41 17.26
C THR E 24 -48.80 3.77 15.99
N TYR E 25 -48.63 2.45 15.97
CA TYR E 25 -47.98 1.79 14.85
C TYR E 25 -48.94 0.97 14.00
N TYR E 26 -50.20 0.89 14.38
CA TYR E 26 -51.25 0.37 13.50
C TYR E 26 -52.10 1.56 13.08
N THR E 27 -51.77 2.13 11.93
CA THR E 27 -52.49 3.23 11.33
C THR E 27 -53.16 2.72 10.06
N PRO E 28 -54.42 2.23 10.14
CA PRO E 28 -55.04 1.62 8.96
C PRO E 28 -55.48 2.62 7.91
N ASP E 29 -55.57 3.91 8.25
CA ASP E 29 -55.90 4.93 7.27
C ASP E 29 -54.68 5.38 6.47
N TYR E 30 -53.48 4.94 6.85
CA TYR E 30 -52.26 5.28 6.13
C TYR E 30 -52.24 4.58 4.78
N THR E 31 -51.94 5.34 3.72
CA THR E 31 -51.74 4.71 2.43
C THR E 31 -50.24 4.49 2.20
N PRO E 32 -49.87 3.35 1.62
CA PRO E 32 -48.44 3.07 1.38
C PRO E 32 -47.86 3.98 0.30
N LYS E 33 -46.82 4.72 0.64
CA LYS E 33 -46.12 5.50 -0.35
C LYS E 33 -45.36 4.59 -1.31
N ASP E 34 -45.04 5.12 -2.48
CA ASP E 34 -44.20 4.40 -3.44
C ASP E 34 -42.72 4.54 -3.12
N THR E 35 -42.39 5.19 -2.01
CA THR E 35 -41.05 5.19 -1.44
C THR E 35 -41.07 4.50 -0.07
N ASP E 36 -41.94 3.50 0.08
CA ASP E 36 -42.00 2.67 1.27
C ASP E 36 -41.62 1.25 0.92
N ILE E 37 -41.04 0.55 1.88
CA ILE E 37 -40.61 -0.82 1.67
C ILE E 37 -41.57 -1.73 2.42
N LEU E 38 -42.60 -2.18 1.72
CA LEU E 38 -43.72 -2.86 2.34
C LEU E 38 -43.35 -4.30 2.68
N ALA E 39 -43.92 -4.81 3.77
CA ALA E 39 -43.69 -6.17 4.20
C ALA E 39 -45.00 -6.80 4.66
N ALA E 40 -45.21 -8.04 4.27
CA ALA E 40 -46.44 -8.78 4.59
C ALA E 40 -46.08 -9.92 5.53
N PHE E 41 -46.45 -9.78 6.80
CA PHE E 41 -46.12 -10.77 7.82
C PHE E 41 -47.35 -11.60 8.16
N ARG E 42 -47.23 -12.92 8.08
CA ARG E 42 -48.28 -13.83 8.54
C ARG E 42 -48.06 -14.09 10.02
N VAL E 43 -48.88 -13.46 10.86
CA VAL E 43 -48.64 -13.35 12.29
C VAL E 43 -49.59 -14.26 13.03
N THR E 44 -49.07 -14.99 14.02
CA THR E 44 -49.87 -15.91 14.84
C THR E 44 -49.59 -15.67 16.32
N PRO E 45 -50.45 -14.92 17.02
CA PRO E 45 -50.30 -14.78 18.47
C PRO E 45 -51.05 -15.86 19.24
N GLN E 46 -51.10 -15.72 20.58
CA GLN E 46 -51.96 -16.51 21.45
C GLN E 46 -53.35 -15.89 21.48
N PRO E 47 -54.41 -16.68 21.71
CA PRO E 47 -55.67 -16.09 22.17
C PRO E 47 -55.47 -15.42 23.52
N GLY E 48 -55.58 -14.10 23.52
CA GLY E 48 -55.23 -13.29 24.67
C GLY E 48 -54.47 -12.05 24.22
N VAL E 49 -53.99 -12.08 22.98
CA VAL E 49 -53.39 -10.93 22.33
C VAL E 49 -54.26 -10.60 21.13
N PRO E 50 -54.84 -9.40 21.05
CA PRO E 50 -55.68 -9.06 19.90
C PRO E 50 -54.83 -8.82 18.66
N PHE E 51 -55.51 -8.78 17.51
CA PHE E 51 -54.79 -8.66 16.24
C PHE E 51 -54.20 -7.26 16.08
N GLU E 52 -54.82 -6.25 16.67
CA GLU E 52 -54.33 -4.88 16.53
C GLU E 52 -53.06 -4.67 17.34
N GLU E 53 -52.99 -5.25 18.54
CA GLU E 53 -51.75 -5.19 19.32
C GLU E 53 -50.69 -6.10 18.72
N ALA E 54 -51.09 -7.23 18.15
CA ALA E 54 -50.13 -8.15 17.53
C ALA E 54 -49.53 -7.54 16.27
N ALA E 55 -50.34 -6.82 15.48
CA ALA E 55 -49.81 -6.16 14.29
C ALA E 55 -48.90 -5.00 14.67
N ALA E 56 -49.34 -4.13 15.58
CA ALA E 56 -48.57 -2.97 16.01
C ALA E 56 -47.37 -3.34 16.87
N ALA E 57 -47.13 -4.62 17.15
CA ALA E 57 -45.88 -5.08 17.74
C ALA E 57 -44.93 -5.69 16.72
N VAL E 58 -45.43 -6.16 15.58
CA VAL E 58 -44.52 -6.56 14.50
C VAL E 58 -43.89 -5.32 13.89
N ALA E 59 -44.66 -4.25 13.75
CA ALA E 59 -44.10 -2.99 13.26
C ALA E 59 -43.28 -2.28 14.31
N ALA E 60 -43.39 -2.66 15.58
CA ALA E 60 -42.66 -1.97 16.63
C ALA E 60 -41.20 -2.43 16.68
N GLU E 61 -40.96 -3.68 17.06
CA GLU E 61 -39.60 -4.11 17.34
C GLU E 61 -38.81 -4.42 16.07
N SER E 62 -39.42 -4.31 14.90
CA SER E 62 -38.67 -4.39 13.66
C SER E 62 -38.04 -3.04 13.31
N SER E 63 -38.69 -1.95 13.70
CA SER E 63 -38.13 -0.62 13.46
C SER E 63 -37.80 0.15 14.74
N THR E 64 -38.81 0.45 15.56
CA THR E 64 -38.61 1.30 16.75
C THR E 64 -39.44 0.74 17.90
N GLY E 65 -38.79 0.38 19.01
CA GLY E 65 -39.48 -0.31 20.07
C GLY E 65 -40.44 0.57 20.84
N THR E 66 -41.48 -0.07 21.40
CA THR E 66 -42.52 0.61 22.15
C THR E 66 -42.31 0.61 23.65
N TRP E 67 -41.11 0.24 24.12
CA TRP E 67 -40.89 0.20 25.56
C TRP E 67 -40.84 1.60 26.14
N THR E 68 -40.24 2.54 25.43
CA THR E 68 -40.10 3.92 25.90
C THR E 68 -41.28 4.72 25.36
N THR E 69 -42.13 5.18 26.27
CA THR E 69 -43.34 5.92 25.92
C THR E 69 -43.44 7.28 26.60
N VAL E 70 -42.67 7.53 27.66
CA VAL E 70 -42.95 8.65 28.55
C VAL E 70 -42.23 9.92 28.10
N TRP E 71 -40.90 9.91 28.12
CA TRP E 71 -40.12 11.09 27.80
C TRP E 71 -39.42 11.00 26.45
N THR E 72 -38.71 9.91 26.17
CA THR E 72 -37.94 9.79 24.94
C THR E 72 -38.78 9.41 23.72
N ASP E 73 -40.10 9.32 23.86
CA ASP E 73 -40.97 9.13 22.70
C ASP E 73 -41.03 10.38 21.84
N LEU E 74 -40.84 11.56 22.45
CA LEU E 74 -40.95 12.84 21.76
C LEU E 74 -39.63 13.60 21.76
N LEU E 75 -38.49 12.90 21.79
CA LEU E 75 -37.21 13.55 21.55
C LEU E 75 -37.08 13.97 20.10
N THR E 76 -37.09 12.99 19.19
CA THR E 76 -36.74 13.21 17.80
C THR E 76 -37.82 12.72 16.86
N ASP E 77 -37.52 12.64 15.57
CA ASP E 77 -38.49 12.25 14.56
C ASP E 77 -38.81 10.76 14.65
N LEU E 78 -39.68 10.40 15.59
CA LEU E 78 -40.21 9.04 15.67
C LEU E 78 -41.59 8.95 15.02
N ASP E 79 -41.98 9.94 14.23
CA ASP E 79 -43.23 9.93 13.50
C ASP E 79 -43.03 9.66 12.02
N ARG E 80 -41.77 9.67 11.55
CA ARG E 80 -41.45 9.44 10.16
C ARG E 80 -40.38 8.39 9.94
N TYR E 81 -39.63 8.03 10.97
CA TYR E 81 -38.63 6.96 10.90
C TYR E 81 -39.12 5.68 11.55
N LYS E 82 -40.43 5.43 11.55
CA LYS E 82 -41.00 4.29 12.22
C LYS E 82 -41.77 3.41 11.24
N GLY E 83 -41.61 2.10 11.38
CA GLY E 83 -42.39 1.17 10.60
C GLY E 83 -43.80 1.12 11.15
N ARG E 84 -44.78 1.25 10.26
CA ARG E 84 -46.17 1.32 10.67
C ARG E 84 -47.00 0.34 9.87
N CYS E 85 -48.05 -0.17 10.49
CA CYS E 85 -49.00 -1.05 9.83
C CYS E 85 -50.04 -0.22 9.12
N TYR E 86 -50.61 -0.75 8.05
CA TYR E 86 -51.74 -0.09 7.41
C TYR E 86 -52.89 -1.05 7.13
N ASP E 87 -52.73 -2.35 7.38
CA ASP E 87 -53.79 -3.33 7.22
C ASP E 87 -53.71 -4.38 8.31
N ILE E 88 -54.83 -5.06 8.52
CA ILE E 88 -54.87 -6.40 9.11
C ILE E 88 -55.85 -7.21 8.27
N GLU E 89 -55.35 -8.25 7.63
CA GLU E 89 -56.20 -9.12 6.81
C GLU E 89 -56.09 -10.54 7.32
N PRO E 90 -57.16 -11.13 7.86
CA PRO E 90 -57.09 -12.50 8.34
C PRO E 90 -56.97 -13.49 7.21
N VAL E 91 -56.19 -14.53 7.43
CA VAL E 91 -56.10 -15.65 6.49
C VAL E 91 -57.44 -16.38 6.46
N PRO E 92 -58.01 -16.66 5.28
CA PRO E 92 -59.30 -17.35 5.24
C PRO E 92 -59.20 -18.79 5.72
N GLY E 93 -60.16 -19.19 6.55
CA GLY E 93 -60.23 -20.52 7.08
C GLY E 93 -59.41 -20.80 8.32
N GLU E 94 -58.35 -20.04 8.56
CA GLU E 94 -57.42 -20.30 9.66
C GLU E 94 -57.54 -19.20 10.71
N ASP E 95 -57.93 -19.60 11.92
CA ASP E 95 -58.09 -18.68 13.03
C ASP E 95 -56.72 -18.31 13.61
N ASN E 96 -56.68 -17.17 14.31
CA ASN E 96 -55.52 -16.66 15.05
C ASN E 96 -54.33 -16.41 14.11
N GLN E 97 -54.62 -16.07 12.85
CA GLN E 97 -53.58 -16.05 11.82
C GLN E 97 -53.99 -15.02 10.78
N PHE E 98 -53.40 -13.83 10.87
CA PHE E 98 -53.70 -12.72 9.99
C PHE E 98 -52.44 -12.32 9.22
N ILE E 99 -52.58 -11.34 8.34
CA ILE E 99 -51.48 -10.84 7.52
C ILE E 99 -51.36 -9.34 7.76
N ALA E 100 -50.28 -8.93 8.42
CA ALA E 100 -50.07 -7.54 8.82
C ALA E 100 -49.16 -6.87 7.78
N TYR E 101 -49.76 -6.05 6.93
CA TYR E 101 -48.99 -5.28 5.97
C TYR E 101 -48.37 -4.08 6.67
N ILE E 102 -47.05 -3.96 6.58
CA ILE E 102 -46.30 -2.95 7.33
C ILE E 102 -45.48 -2.11 6.36
N ALA E 103 -45.60 -0.78 6.49
CA ALA E 103 -44.86 0.17 5.68
C ALA E 103 -43.61 0.62 6.42
N TYR E 104 -42.44 0.41 5.82
CA TYR E 104 -41.20 0.92 6.35
C TYR E 104 -40.72 2.07 5.48
N PRO E 105 -40.40 3.23 6.07
CA PRO E 105 -39.92 4.35 5.26
C PRO E 105 -38.54 4.07 4.67
N LEU E 106 -38.28 4.72 3.54
CA LEU E 106 -37.06 4.45 2.77
C LEU E 106 -35.81 4.92 3.50
N ASP E 107 -35.94 5.93 4.36
CA ASP E 107 -34.80 6.56 5.01
C ASP E 107 -34.24 5.75 6.17
N LEU E 108 -34.68 4.51 6.36
CA LEU E 108 -34.16 3.68 7.43
C LEU E 108 -33.03 2.77 6.97
N PHE E 109 -32.98 2.43 5.69
CA PHE E 109 -32.17 1.30 5.24
C PHE E 109 -30.95 1.82 4.50
N GLU E 110 -30.05 0.89 4.17
CA GLU E 110 -28.84 1.21 3.46
C GLU E 110 -29.02 1.00 1.97
N GLU E 111 -28.49 1.94 1.18
CA GLU E 111 -28.57 1.86 -0.27
C GLU E 111 -27.66 0.74 -0.76
N GLY E 112 -28.26 -0.40 -1.12
CA GLY E 112 -27.51 -1.47 -1.73
C GLY E 112 -27.23 -2.66 -0.85
N SER E 113 -27.94 -2.84 0.27
CA SER E 113 -27.70 -3.98 1.14
C SER E 113 -29.02 -4.60 1.59
N ILE E 114 -29.10 -5.93 1.49
CA ILE E 114 -30.20 -6.68 2.08
C ILE E 114 -29.88 -7.03 3.54
N THR E 115 -28.61 -7.10 3.90
CA THR E 115 -28.24 -7.29 5.31
C THR E 115 -28.55 -6.10 6.21
N ASN E 116 -29.19 -5.05 5.69
CA ASN E 116 -29.93 -4.09 6.50
C ASN E 116 -31.44 -4.27 6.35
N VAL E 117 -31.90 -4.81 5.22
CA VAL E 117 -33.32 -5.14 5.06
C VAL E 117 -33.71 -6.31 5.96
N LEU E 118 -32.98 -7.42 5.85
CA LEU E 118 -33.24 -8.60 6.68
C LEU E 118 -32.61 -8.49 8.07
N THR E 119 -32.20 -7.31 8.47
CA THR E 119 -31.80 -7.01 9.84
C THR E 119 -32.81 -6.09 10.52
N SER E 120 -33.59 -5.33 9.74
CA SER E 120 -34.73 -4.56 10.22
C SER E 120 -35.99 -5.41 10.26
N ILE E 121 -36.36 -5.93 9.08
CA ILE E 121 -37.68 -6.48 8.85
C ILE E 121 -37.84 -7.85 9.50
N VAL E 122 -36.78 -8.65 9.57
CA VAL E 122 -36.86 -9.94 10.24
C VAL E 122 -35.81 -10.08 11.34
N GLY E 123 -35.22 -8.97 11.79
CA GLY E 123 -34.10 -9.04 12.71
C GLY E 123 -34.43 -9.39 14.15
N ASN E 124 -35.13 -8.49 14.84
CA ASN E 124 -35.45 -8.67 16.26
C ASN E 124 -36.95 -8.76 16.50
N VAL E 125 -37.72 -9.16 15.49
CA VAL E 125 -39.17 -9.07 15.57
C VAL E 125 -39.77 -10.46 15.76
N PHE E 126 -39.09 -11.50 15.27
CA PHE E 126 -39.63 -12.85 15.39
C PHE E 126 -39.43 -13.41 16.79
N GLY E 127 -38.57 -12.79 17.59
CA GLY E 127 -38.35 -13.21 18.95
C GLY E 127 -39.17 -12.39 19.93
N PHE E 128 -40.22 -11.77 19.42
CA PHE E 128 -41.18 -11.09 20.28
C PHE E 128 -41.98 -12.13 21.06
N LYS E 129 -42.14 -11.87 22.36
CA LYS E 129 -42.61 -12.91 23.28
C LYS E 129 -44.09 -13.24 23.06
N ALA E 130 -44.90 -12.24 22.72
CA ALA E 130 -46.34 -12.44 22.64
C ALA E 130 -46.82 -12.92 21.26
N LEU E 131 -45.91 -13.44 20.44
CA LEU E 131 -46.26 -13.97 19.12
C LEU E 131 -45.72 -15.38 19.02
N ARG E 132 -46.61 -16.34 18.75
CA ARG E 132 -46.27 -17.75 18.85
C ARG E 132 -45.85 -18.35 17.51
N ALA E 133 -45.95 -17.58 16.43
CA ALA E 133 -45.46 -17.87 15.09
C ALA E 133 -45.56 -16.60 14.28
N LEU E 134 -44.66 -16.46 13.31
CA LEU E 134 -44.58 -15.24 12.53
C LEU E 134 -43.82 -15.55 11.24
N ARG E 135 -44.39 -15.22 10.08
CA ARG E 135 -43.74 -15.51 8.81
C ARG E 135 -43.84 -14.29 7.90
N LEU E 136 -42.69 -13.75 7.50
CA LEU E 136 -42.66 -12.74 6.45
C LEU E 136 -43.02 -13.42 5.13
N GLU E 137 -44.24 -13.16 4.66
CA GLU E 137 -44.71 -13.79 3.44
C GLU E 137 -44.10 -13.12 2.22
N ASP E 138 -44.46 -11.86 1.98
CA ASP E 138 -43.98 -11.14 0.82
C ASP E 138 -43.46 -9.78 1.28
N ILE E 139 -42.58 -9.22 0.47
CA ILE E 139 -41.95 -7.93 0.73
C ILE E 139 -42.00 -7.15 -0.58
N ARG E 140 -42.19 -5.84 -0.48
CA ARG E 140 -42.15 -5.01 -1.68
C ARG E 140 -40.99 -4.04 -1.58
N PHE E 141 -40.04 -4.18 -2.50
CA PHE E 141 -38.99 -3.20 -2.66
C PHE E 141 -39.40 -2.24 -3.75
N PRO E 142 -39.48 -0.94 -3.49
CA PRO E 142 -39.94 0.01 -4.50
C PRO E 142 -38.86 0.26 -5.54
N VAL E 143 -39.26 0.97 -6.60
CA VAL E 143 -38.34 1.42 -7.63
C VAL E 143 -37.34 2.42 -7.05
N ALA E 144 -37.73 3.12 -5.99
CA ALA E 144 -36.83 4.02 -5.29
C ALA E 144 -35.69 3.29 -4.59
N TYR E 145 -35.91 2.04 -4.17
CA TYR E 145 -34.91 1.29 -3.43
C TYR E 145 -34.25 0.21 -4.26
N ILE E 146 -34.89 -0.26 -5.34
CA ILE E 146 -34.27 -1.25 -6.22
C ILE E 146 -33.07 -0.66 -6.96
N LYS E 147 -33.18 0.60 -7.40
CA LYS E 147 -32.11 1.22 -8.19
C LYS E 147 -30.84 1.48 -7.39
N THR E 148 -30.90 1.43 -6.06
CA THR E 148 -29.68 1.48 -5.27
C THR E 148 -28.86 0.20 -5.42
N PHE E 149 -29.51 -0.91 -5.76
CA PHE E 149 -28.81 -2.17 -5.94
C PHE E 149 -28.22 -2.26 -7.34
N GLN E 150 -27.16 -3.06 -7.46
CA GLN E 150 -26.68 -3.44 -8.78
C GLN E 150 -27.65 -4.38 -9.46
N GLY E 151 -28.35 -5.18 -8.66
CA GLY E 151 -29.15 -6.25 -9.18
C GLY E 151 -28.28 -7.42 -9.58
N PRO E 152 -28.80 -8.28 -10.45
CA PRO E 152 -28.08 -9.48 -10.87
C PRO E 152 -26.92 -9.11 -11.79
N PRO E 153 -25.94 -10.01 -11.94
CA PRO E 153 -24.87 -9.75 -12.92
C PRO E 153 -25.38 -9.66 -14.35
N HIS E 154 -26.18 -10.62 -14.79
CA HIS E 154 -26.69 -10.63 -16.16
C HIS E 154 -28.09 -11.23 -16.15
N GLY E 155 -29.07 -10.47 -16.63
CA GLY E 155 -30.41 -11.00 -16.77
C GLY E 155 -30.50 -12.01 -17.88
N ILE E 156 -31.72 -12.57 -18.03
CA ILE E 156 -31.93 -13.72 -18.92
C ILE E 156 -31.59 -13.37 -20.36
N GLN E 157 -32.25 -12.34 -20.90
CA GLN E 157 -31.92 -11.83 -22.22
C GLN E 157 -30.59 -11.08 -22.28
N VAL E 158 -29.79 -11.11 -21.20
CA VAL E 158 -28.43 -10.61 -21.17
C VAL E 158 -27.49 -11.82 -21.06
N GLU E 159 -27.96 -12.93 -20.46
CA GLU E 159 -27.14 -14.14 -20.40
C GLU E 159 -27.72 -15.32 -21.17
N ARG E 160 -28.76 -15.12 -21.99
CA ARG E 160 -28.92 -16.01 -23.14
C ARG E 160 -27.93 -15.64 -24.23
N ASP E 161 -27.42 -14.41 -24.21
CA ASP E 161 -26.54 -13.92 -25.25
C ASP E 161 -25.14 -14.48 -25.15
N LYS E 162 -24.63 -14.63 -23.92
CA LYS E 162 -23.28 -15.16 -23.72
C LYS E 162 -23.20 -16.64 -24.03
N LEU E 163 -24.28 -17.38 -23.83
CA LEU E 163 -24.29 -18.81 -24.04
C LEU E 163 -24.62 -19.20 -25.46
N ASN E 164 -25.07 -18.25 -26.29
CA ASN E 164 -25.53 -18.46 -27.67
C ASN E 164 -26.64 -19.51 -27.71
N LYS E 165 -27.61 -19.35 -26.80
CA LYS E 165 -28.67 -20.33 -26.59
C LYS E 165 -30.01 -19.61 -26.49
N TYR E 166 -30.82 -19.73 -27.54
CA TYR E 166 -32.06 -18.96 -27.66
C TYR E 166 -33.23 -19.91 -27.91
N GLY E 167 -34.41 -19.48 -27.47
CA GLY E 167 -35.65 -20.12 -27.85
C GLY E 167 -35.96 -21.44 -27.18
N ARG E 168 -35.21 -21.82 -26.14
CA ARG E 168 -35.43 -23.09 -25.46
C ARG E 168 -34.90 -22.96 -24.04
N PRO E 169 -35.50 -23.66 -23.07
CA PRO E 169 -34.95 -23.65 -21.71
C PRO E 169 -33.62 -24.38 -21.62
N LEU E 170 -32.77 -23.88 -20.73
CA LEU E 170 -31.43 -24.45 -20.56
C LEU E 170 -31.50 -25.75 -19.79
N LEU E 171 -30.40 -26.51 -19.84
CA LEU E 171 -30.36 -27.88 -19.35
C LEU E 171 -29.28 -28.00 -18.28
N GLY E 172 -29.68 -27.97 -17.02
CA GLY E 172 -28.78 -28.29 -15.92
C GLY E 172 -28.63 -29.79 -15.75
N CYS E 173 -27.73 -30.17 -14.84
CA CYS E 173 -27.52 -31.57 -14.52
C CYS E 173 -26.94 -31.68 -13.12
N THR E 174 -27.22 -32.78 -12.46
CA THR E 174 -26.63 -33.07 -11.15
C THR E 174 -25.62 -34.20 -11.33
N ILE E 175 -24.37 -33.84 -11.59
CA ILE E 175 -23.28 -34.82 -11.57
C ILE E 175 -22.98 -35.05 -10.09
N LYS E 176 -23.64 -36.04 -9.52
CA LYS E 176 -23.44 -36.42 -8.13
C LYS E 176 -23.14 -37.92 -8.02
N PRO E 177 -21.99 -38.42 -8.53
CA PRO E 177 -21.58 -39.72 -7.98
C PRO E 177 -21.15 -39.46 -6.54
N LYS E 178 -22.05 -39.84 -5.62
CA LYS E 178 -22.58 -39.02 -4.51
C LYS E 178 -21.50 -38.10 -3.95
N LEU E 179 -20.43 -38.63 -3.37
CA LEU E 179 -19.20 -37.95 -3.02
C LEU E 179 -18.05 -38.94 -3.24
N GLY E 180 -16.84 -38.51 -2.90
CA GLY E 180 -15.69 -39.39 -3.06
C GLY E 180 -15.29 -39.60 -4.50
N LEU E 181 -14.95 -38.51 -5.17
CA LEU E 181 -14.41 -38.55 -6.52
C LEU E 181 -13.09 -37.80 -6.52
N SER E 182 -12.09 -38.34 -7.22
CA SER E 182 -10.94 -37.52 -7.55
C SER E 182 -11.36 -36.52 -8.62
N ALA E 183 -10.59 -35.43 -8.72
CA ALA E 183 -10.94 -34.35 -9.62
C ALA E 183 -10.90 -34.76 -11.08
N LYS E 184 -10.06 -35.73 -11.44
CA LYS E 184 -10.15 -36.33 -12.76
C LYS E 184 -11.43 -37.15 -12.89
N ASN E 185 -11.70 -38.00 -11.89
CA ASN E 185 -12.93 -38.83 -11.87
C ASN E 185 -14.17 -37.95 -11.83
N TYR E 186 -14.08 -36.80 -11.16
CA TYR E 186 -15.13 -35.82 -11.23
C TYR E 186 -15.20 -35.21 -12.63
N GLY E 187 -14.05 -34.83 -13.18
CA GLY E 187 -13.98 -34.31 -14.54
C GLY E 187 -14.17 -35.35 -15.63
N ARG E 188 -14.19 -36.64 -15.29
CA ARG E 188 -14.62 -37.62 -16.27
C ARG E 188 -16.13 -37.64 -16.41
N ALA E 189 -16.84 -37.55 -15.28
CA ALA E 189 -18.30 -37.59 -15.29
C ALA E 189 -18.93 -36.24 -15.62
N VAL E 190 -18.27 -35.14 -15.25
CA VAL E 190 -18.74 -33.81 -15.66
C VAL E 190 -18.60 -33.63 -17.16
N TYR E 191 -17.60 -34.27 -17.78
CA TYR E 191 -17.38 -34.11 -19.21
C TYR E 191 -18.47 -34.76 -20.04
N GLU E 192 -18.71 -36.06 -19.84
CA GLU E 192 -19.52 -36.80 -20.79
C GLU E 192 -21.03 -36.58 -20.66
N CYS E 193 -21.48 -35.70 -19.76
CA CYS E 193 -22.80 -35.11 -19.91
C CYS E 193 -22.78 -33.84 -20.74
N LEU E 194 -21.63 -33.17 -20.83
CA LEU E 194 -21.56 -31.97 -21.66
C LEU E 194 -21.46 -32.32 -23.14
N ARG E 195 -20.72 -33.38 -23.49
CA ARG E 195 -20.78 -33.87 -24.86
C ARG E 195 -22.09 -34.59 -25.15
N GLY E 196 -22.83 -35.01 -24.11
CA GLY E 196 -24.14 -35.59 -24.31
C GLY E 196 -25.19 -34.60 -24.73
N GLY E 197 -24.96 -33.32 -24.52
CA GLY E 197 -25.89 -32.27 -24.92
C GLY E 197 -26.30 -31.34 -23.81
N LEU E 198 -26.00 -31.66 -22.56
CA LEU E 198 -26.41 -30.83 -21.44
C LEU E 198 -25.59 -29.54 -21.39
N ASP E 199 -26.20 -28.49 -20.88
CA ASP E 199 -25.59 -27.18 -20.87
C ASP E 199 -24.68 -26.98 -19.68
N PHE E 200 -25.13 -27.40 -18.49
CA PHE E 200 -24.39 -27.20 -17.25
C PHE E 200 -24.63 -28.41 -16.36
N THR E 201 -23.63 -28.75 -15.54
CA THR E 201 -23.64 -30.00 -14.79
C THR E 201 -23.33 -29.72 -13.33
N LYS E 202 -24.35 -29.29 -12.57
CA LYS E 202 -24.18 -28.59 -11.30
C LYS E 202 -23.40 -29.38 -10.25
N ASP E 203 -22.50 -28.67 -9.57
CA ASP E 203 -21.64 -29.22 -8.55
C ASP E 203 -22.44 -29.62 -7.31
N ASP E 204 -21.84 -30.52 -6.51
CA ASP E 204 -22.28 -30.75 -5.15
C ASP E 204 -22.15 -29.48 -4.33
N GLU E 205 -22.94 -29.40 -3.26
CA GLU E 205 -22.66 -28.41 -2.22
C GLU E 205 -21.52 -28.82 -1.31
N ASN E 206 -21.21 -30.12 -1.26
CA ASN E 206 -20.18 -30.62 -0.36
C ASN E 206 -18.79 -30.59 -0.99
N ILE E 207 -18.68 -30.27 -2.27
CA ILE E 207 -17.36 -30.10 -2.88
C ILE E 207 -17.01 -28.63 -2.70
N ASN E 208 -16.54 -28.31 -1.50
CA ASN E 208 -15.75 -27.13 -1.21
C ASN E 208 -14.53 -27.73 -0.53
N SER E 209 -13.45 -27.89 -1.31
CA SER E 209 -12.11 -28.37 -0.90
C SER E 209 -12.08 -29.49 0.14
N ALA E 210 -12.95 -30.48 -0.04
CA ALA E 210 -12.92 -31.66 0.81
C ALA E 210 -11.63 -32.43 0.58
N PRO E 211 -11.12 -33.17 1.62
CA PRO E 211 -9.80 -33.79 1.49
C PRO E 211 -9.63 -34.88 0.43
N PHE E 212 -10.68 -35.27 -0.28
CA PHE E 212 -10.50 -36.16 -1.42
C PHE E 212 -10.37 -35.42 -2.74
N GLN E 213 -11.05 -34.28 -2.91
CA GLN E 213 -10.80 -33.41 -4.05
C GLN E 213 -10.90 -31.95 -3.62
N ARG E 214 -9.81 -31.21 -3.82
CA ARG E 214 -9.77 -29.80 -3.46
C ARG E 214 -10.32 -28.95 -4.60
N TRP E 215 -10.60 -27.68 -4.28
CA TRP E 215 -11.26 -26.80 -5.26
C TRP E 215 -10.31 -26.38 -6.37
N ARG E 216 -9.01 -26.28 -6.08
CA ARG E 216 -8.02 -25.94 -7.10
C ARG E 216 -7.96 -27.00 -8.18
N ASP E 217 -8.21 -28.25 -7.81
CA ASP E 217 -8.17 -29.39 -8.72
C ASP E 217 -9.52 -29.63 -9.37
N ARG E 218 -10.59 -29.42 -8.61
CA ARG E 218 -11.94 -29.55 -9.11
C ARG E 218 -12.34 -28.39 -10.01
N PHE E 219 -11.57 -27.29 -10.03
CA PHE E 219 -11.77 -26.29 -11.06
C PHE E 219 -10.96 -26.58 -12.32
N LEU E 220 -9.81 -27.26 -12.19
CA LEU E 220 -8.90 -27.44 -13.31
C LEU E 220 -9.38 -28.53 -14.27
N PHE E 221 -9.67 -29.72 -13.73
CA PHE E 221 -10.09 -30.82 -14.60
C PHE E 221 -11.53 -30.64 -15.09
N VAL E 222 -12.30 -29.78 -14.44
CA VAL E 222 -13.54 -29.31 -15.02
C VAL E 222 -13.27 -28.38 -16.19
N ALA E 223 -12.29 -27.47 -16.04
CA ALA E 223 -11.90 -26.59 -17.14
C ALA E 223 -11.26 -27.35 -18.28
N ASP E 224 -10.56 -28.45 -17.98
CA ASP E 224 -10.07 -29.32 -19.03
C ASP E 224 -11.20 -30.12 -19.67
N ALA E 225 -12.31 -30.30 -18.96
CA ALA E 225 -13.46 -31.00 -19.53
C ALA E 225 -14.29 -30.08 -20.42
N ILE E 226 -14.54 -28.85 -19.96
CA ILE E 226 -15.43 -27.92 -20.66
C ILE E 226 -14.82 -27.45 -21.98
N THR E 227 -13.54 -27.06 -21.95
CA THR E 227 -12.88 -26.60 -23.16
C THR E 227 -12.65 -27.72 -24.17
N LYS E 228 -12.71 -28.97 -23.72
CA LYS E 228 -12.74 -30.13 -24.59
C LYS E 228 -14.17 -30.59 -24.88
N ALA E 229 -15.17 -29.99 -24.23
CA ALA E 229 -16.57 -30.27 -24.54
C ALA E 229 -17.15 -29.28 -25.54
N GLN E 230 -16.76 -28.01 -25.47
CA GLN E 230 -17.22 -27.04 -26.45
C GLN E 230 -16.57 -27.24 -27.81
N ALA E 231 -15.45 -27.96 -27.87
CA ALA E 231 -14.83 -28.28 -29.15
C ALA E 231 -15.42 -29.52 -29.80
N GLU E 232 -16.06 -30.39 -29.02
CA GLU E 232 -16.68 -31.58 -29.58
C GLU E 232 -18.09 -31.31 -30.10
N THR E 233 -18.93 -30.68 -29.27
CA THR E 233 -20.28 -30.34 -29.71
C THR E 233 -20.29 -29.10 -30.58
N GLY E 234 -19.79 -27.98 -30.06
CA GLY E 234 -19.78 -26.71 -30.75
C GLY E 234 -20.34 -25.55 -29.95
N GLU E 235 -21.29 -25.80 -29.06
CA GLU E 235 -21.94 -24.76 -28.29
C GLU E 235 -21.13 -24.40 -27.05
N ILE E 236 -21.46 -23.26 -26.45
CA ILE E 236 -20.76 -22.78 -25.28
C ILE E 236 -21.38 -23.42 -24.04
N LYS E 237 -20.61 -24.25 -23.36
CA LYS E 237 -21.09 -25.01 -22.21
C LYS E 237 -20.27 -24.65 -20.98
N GLY E 238 -20.74 -25.07 -19.81
CA GLY E 238 -20.03 -24.72 -18.59
C GLY E 238 -20.37 -25.63 -17.44
N HIS E 239 -19.93 -25.21 -16.24
CA HIS E 239 -20.17 -25.93 -15.01
C HIS E 239 -20.28 -24.92 -13.87
N TYR E 240 -21.34 -25.09 -13.07
CA TYR E 240 -21.63 -24.26 -11.91
C TYR E 240 -20.61 -24.55 -10.81
N LEU E 241 -19.47 -23.89 -10.85
CA LEU E 241 -18.39 -24.18 -9.92
C LEU E 241 -18.65 -23.51 -8.57
N ASN E 242 -18.55 -24.30 -7.50
CA ASN E 242 -18.90 -23.83 -6.16
C ASN E 242 -17.76 -23.03 -5.56
N VAL E 243 -18.08 -21.85 -5.02
CA VAL E 243 -17.09 -20.99 -4.38
C VAL E 243 -17.45 -20.68 -2.94
N THR E 244 -18.39 -21.41 -2.36
CA THR E 244 -18.88 -21.13 -1.01
C THR E 244 -17.80 -21.51 -0.01
N ALA E 245 -16.95 -20.55 0.29
CA ALA E 245 -15.65 -20.72 0.92
C ALA E 245 -15.75 -20.50 2.43
N PRO E 246 -14.66 -20.74 3.19
CA PRO E 246 -14.62 -20.17 4.55
C PRO E 246 -14.73 -18.65 4.57
N THR E 247 -14.00 -17.96 3.69
CA THR E 247 -13.94 -16.52 3.71
C THR E 247 -14.23 -15.94 2.33
N CYS E 248 -14.61 -14.65 2.35
CA CYS E 248 -14.80 -13.87 1.13
C CYS E 248 -13.48 -13.66 0.40
N GLU E 249 -12.36 -13.65 1.13
CA GLU E 249 -11.05 -13.65 0.49
C GLU E 249 -10.82 -14.95 -0.27
N GLU E 250 -11.08 -16.08 0.39
CA GLU E 250 -10.97 -17.37 -0.27
C GLU E 250 -12.16 -17.66 -1.20
N MET E 251 -13.24 -16.88 -1.10
CA MET E 251 -14.29 -16.94 -2.12
C MET E 251 -13.85 -16.24 -3.40
N LEU E 252 -13.16 -15.12 -3.27
CA LEU E 252 -12.60 -14.40 -4.41
C LEU E 252 -11.22 -14.89 -4.78
N LYS E 253 -10.74 -15.97 -4.16
CA LYS E 253 -9.69 -16.78 -4.77
C LYS E 253 -10.26 -17.90 -5.60
N ARG E 254 -11.41 -18.45 -5.18
CA ARG E 254 -12.11 -19.44 -5.99
C ARG E 254 -12.86 -18.80 -7.14
N ALA E 255 -13.32 -17.57 -6.97
CA ALA E 255 -13.95 -16.86 -8.07
C ALA E 255 -12.93 -16.53 -9.16
N GLU E 256 -11.82 -15.88 -8.78
CA GLU E 256 -10.85 -15.38 -9.75
C GLU E 256 -10.10 -16.49 -10.48
N TYR E 257 -10.07 -17.70 -9.93
CA TYR E 257 -9.46 -18.80 -10.66
C TYR E 257 -10.41 -19.42 -11.67
N ALA E 258 -11.73 -19.27 -11.48
CA ALA E 258 -12.66 -19.64 -12.54
C ALA E 258 -12.60 -18.64 -13.70
N LYS E 259 -12.39 -17.36 -13.40
CA LYS E 259 -12.21 -16.36 -14.46
C LYS E 259 -10.88 -16.56 -15.17
N GLU E 260 -9.88 -17.10 -14.47
CA GLU E 260 -8.61 -17.43 -15.10
C GLU E 260 -8.76 -18.58 -16.09
N LEU E 261 -9.61 -19.55 -15.77
CA LEU E 261 -9.88 -20.69 -16.64
C LEU E 261 -10.98 -20.41 -17.65
N LYS E 262 -11.46 -19.17 -17.73
CA LYS E 262 -12.56 -18.73 -18.60
C LYS E 262 -13.83 -19.54 -18.35
N GLN E 263 -14.29 -19.50 -17.10
CA GLN E 263 -15.51 -20.22 -16.76
C GLN E 263 -16.72 -19.32 -16.93
N PRO E 264 -17.76 -19.79 -17.61
CA PRO E 264 -18.95 -18.94 -17.81
C PRO E 264 -19.74 -18.70 -16.53
N ILE E 265 -20.02 -19.73 -15.73
CA ILE E 265 -20.92 -19.58 -14.57
C ILE E 265 -20.25 -20.16 -13.32
N ILE E 266 -20.47 -19.50 -12.18
CA ILE E 266 -20.03 -19.97 -10.85
C ILE E 266 -21.25 -20.28 -9.99
N MET E 267 -21.19 -21.39 -9.24
CA MET E 267 -22.21 -21.68 -8.24
C MET E 267 -21.83 -21.05 -6.90
N HIS E 268 -22.84 -20.58 -6.16
CA HIS E 268 -22.62 -20.02 -4.83
C HIS E 268 -23.86 -20.23 -3.98
N ASP E 269 -23.70 -20.96 -2.88
CA ASP E 269 -24.75 -21.07 -1.86
C ASP E 269 -24.92 -19.72 -1.18
N TYR E 270 -26.17 -19.33 -0.92
CA TYR E 270 -26.41 -17.92 -0.60
C TYR E 270 -26.95 -17.66 0.79
N LEU E 271 -27.59 -18.63 1.45
CA LEU E 271 -28.06 -18.41 2.82
C LEU E 271 -27.07 -18.88 3.86
N THR E 272 -26.27 -19.90 3.56
CA THR E 272 -25.17 -20.26 4.46
C THR E 272 -24.06 -19.21 4.39
N ALA E 273 -23.62 -18.88 3.18
CA ALA E 273 -22.58 -17.89 3.00
C ALA E 273 -23.06 -16.47 3.30
N GLY E 274 -24.35 -16.21 3.15
CA GLY E 274 -24.93 -14.92 3.47
C GLY E 274 -25.10 -14.05 2.25
N PHE E 275 -25.81 -12.93 2.45
CA PHE E 275 -26.04 -11.98 1.39
C PHE E 275 -24.90 -11.01 1.21
N THR E 276 -24.06 -10.82 2.23
CA THR E 276 -22.79 -10.15 2.02
C THR E 276 -21.83 -10.96 1.17
N ALA E 277 -21.98 -12.27 1.15
CA ALA E 277 -21.17 -13.08 0.23
C ALA E 277 -21.72 -12.99 -1.18
N ASN E 278 -23.04 -12.86 -1.34
CA ASN E 278 -23.61 -12.61 -2.65
C ASN E 278 -23.16 -11.27 -3.19
N THR E 279 -23.35 -10.21 -2.40
CA THR E 279 -23.12 -8.85 -2.87
C THR E 279 -21.63 -8.58 -3.07
N THR E 280 -20.76 -9.29 -2.36
CA THR E 280 -19.33 -9.24 -2.69
C THR E 280 -19.06 -9.94 -4.01
N LEU E 281 -19.76 -11.04 -4.27
CA LEU E 281 -19.51 -11.84 -5.45
C LEU E 281 -20.35 -11.41 -6.65
N ALA E 282 -21.56 -10.90 -6.44
CA ALA E 282 -22.33 -10.45 -7.59
C ALA E 282 -21.82 -9.12 -8.12
N ARG E 283 -21.21 -8.30 -7.27
CA ARG E 283 -20.45 -7.17 -7.77
C ARG E 283 -19.14 -7.65 -8.39
N TRP E 284 -18.59 -8.77 -7.92
CA TRP E 284 -17.47 -9.38 -8.62
C TRP E 284 -17.91 -9.96 -9.96
N CYS E 285 -19.06 -10.65 -9.98
CA CYS E 285 -19.48 -11.41 -11.16
C CYS E 285 -19.92 -10.54 -12.32
N ARG E 286 -20.45 -9.34 -12.08
CA ARG E 286 -20.68 -8.47 -13.21
C ARG E 286 -19.37 -7.84 -13.67
N ASP E 287 -18.45 -7.58 -12.75
CA ASP E 287 -17.15 -7.01 -13.10
C ASP E 287 -16.23 -8.00 -13.79
N ASN E 288 -16.61 -9.27 -13.92
CA ASN E 288 -15.77 -10.26 -14.59
C ASN E 288 -16.58 -11.21 -15.47
N GLY E 289 -17.83 -10.87 -15.78
CA GLY E 289 -18.59 -11.58 -16.79
C GLY E 289 -19.08 -12.96 -16.43
N VAL E 290 -18.93 -13.40 -15.19
CA VAL E 290 -19.39 -14.71 -14.75
C VAL E 290 -20.84 -14.57 -14.31
N LEU E 291 -21.68 -15.57 -14.58
CA LEU E 291 -23.12 -15.41 -14.48
C LEU E 291 -23.71 -15.74 -13.11
N LEU E 292 -22.98 -16.41 -12.22
CA LEU E 292 -23.33 -16.62 -10.80
C LEU E 292 -24.64 -17.42 -10.63
N HIS E 293 -24.54 -18.71 -10.92
CA HIS E 293 -25.52 -19.68 -10.48
C HIS E 293 -25.62 -19.69 -8.96
N ILE E 294 -26.81 -19.98 -8.46
CA ILE E 294 -27.10 -19.97 -7.03
C ILE E 294 -27.84 -21.25 -6.65
N HIS E 295 -27.37 -21.94 -5.61
CA HIS E 295 -28.13 -23.03 -4.98
C HIS E 295 -28.79 -22.50 -3.72
N ARG E 296 -29.95 -23.06 -3.36
CA ARG E 296 -30.62 -22.68 -2.12
C ARG E 296 -30.23 -23.63 -0.99
N ALA E 297 -29.01 -23.45 -0.50
CA ALA E 297 -28.62 -24.05 0.77
C ALA E 297 -29.36 -23.34 1.89
N MET E 298 -29.73 -24.13 2.92
CA MET E 298 -30.30 -23.65 4.19
C MET E 298 -31.64 -22.94 3.95
N HIS E 299 -32.31 -23.26 2.83
CA HIS E 299 -33.54 -22.56 2.49
C HIS E 299 -34.72 -23.13 3.23
N ALA E 300 -34.71 -24.45 3.46
CA ALA E 300 -35.81 -25.15 4.11
C ALA E 300 -35.80 -24.95 5.61
N VAL E 301 -34.72 -24.35 6.16
CA VAL E 301 -34.74 -23.88 7.54
C VAL E 301 -35.70 -22.71 7.66
N ILE E 302 -35.85 -21.94 6.59
CA ILE E 302 -36.41 -20.60 6.64
C ILE E 302 -37.83 -20.56 6.07
N ASP E 303 -38.05 -21.20 4.92
CA ASP E 303 -39.39 -21.39 4.40
C ASP E 303 -39.96 -22.71 4.94
N ARG E 304 -40.98 -23.26 4.27
CA ARG E 304 -41.44 -24.65 4.38
C ARG E 304 -42.25 -24.88 5.66
N GLN E 305 -42.30 -23.90 6.55
CA GLN E 305 -43.27 -23.88 7.64
C GLN E 305 -44.33 -22.85 7.30
N LYS E 306 -45.57 -23.30 7.17
CA LYS E 306 -46.66 -22.41 6.78
C LYS E 306 -47.09 -21.46 7.88
N ASN E 307 -46.50 -21.54 9.07
CA ASN E 307 -46.84 -20.65 10.17
C ASN E 307 -45.72 -19.69 10.55
N HIS E 308 -44.46 -20.03 10.27
CA HIS E 308 -43.34 -19.30 10.83
C HIS E 308 -42.15 -19.36 9.88
N GLY E 309 -41.33 -18.31 9.92
CA GLY E 309 -40.10 -18.25 9.15
C GLY E 309 -40.09 -17.03 8.23
N ILE E 310 -39.54 -17.22 7.04
CA ILE E 310 -39.65 -16.25 5.95
C ILE E 310 -39.99 -17.07 4.72
N HIS E 311 -41.01 -16.66 3.97
CA HIS E 311 -41.35 -17.37 2.75
C HIS E 311 -40.23 -17.21 1.73
N PHE E 312 -40.10 -18.20 0.85
CA PHE E 312 -38.99 -18.24 -0.10
C PHE E 312 -39.06 -17.09 -1.10
N ARG E 313 -40.25 -16.55 -1.36
CA ARG E 313 -40.37 -15.47 -2.34
C ARG E 313 -39.66 -14.20 -1.88
N VAL E 314 -39.55 -13.99 -0.56
CA VAL E 314 -38.71 -12.90 -0.07
C VAL E 314 -37.25 -13.18 -0.40
N LEU E 315 -36.79 -14.41 -0.14
CA LEU E 315 -35.40 -14.77 -0.40
C LEU E 315 -35.12 -14.98 -1.88
N ALA E 316 -36.15 -15.20 -2.69
CA ALA E 316 -35.98 -15.18 -4.14
C ALA E 316 -36.06 -13.76 -4.71
N LYS E 317 -36.43 -12.79 -3.88
CA LYS E 317 -36.38 -11.38 -4.23
C LYS E 317 -35.26 -10.63 -3.54
N ALA E 318 -34.85 -11.08 -2.35
CA ALA E 318 -33.64 -10.57 -1.72
C ALA E 318 -32.39 -11.01 -2.44
N LEU E 319 -32.49 -12.02 -3.30
CA LEU E 319 -31.37 -12.48 -4.12
C LEU E 319 -31.29 -11.74 -5.44
N ARG E 320 -32.44 -11.34 -6.01
CA ARG E 320 -32.45 -10.52 -7.21
C ARG E 320 -31.86 -9.13 -6.94
N LEU E 321 -31.90 -8.68 -5.69
CA LEU E 321 -31.26 -7.42 -5.33
C LEU E 321 -29.82 -7.60 -4.85
N SER E 322 -29.51 -8.75 -4.25
CA SER E 322 -28.12 -9.05 -3.92
C SER E 322 -27.35 -9.56 -5.11
N GLY E 323 -28.05 -9.89 -6.19
CA GLY E 323 -27.42 -10.43 -7.37
C GLY E 323 -27.24 -11.93 -7.30
N GLY E 324 -27.10 -12.53 -8.48
CA GLY E 324 -26.94 -13.96 -8.62
C GLY E 324 -28.06 -14.45 -9.52
N ASP E 325 -27.68 -15.11 -10.60
CA ASP E 325 -28.67 -15.69 -11.48
C ASP E 325 -29.07 -17.05 -10.94
N HIS E 326 -30.10 -17.62 -11.57
CA HIS E 326 -30.50 -19.02 -11.44
C HIS E 326 -30.88 -19.36 -10.00
N ILE E 327 -31.91 -18.69 -9.51
CA ILE E 327 -32.41 -18.98 -8.18
C ILE E 327 -33.18 -20.29 -8.25
N HIS E 328 -32.81 -21.24 -7.37
CA HIS E 328 -33.44 -22.56 -7.40
C HIS E 328 -34.90 -22.49 -6.96
N THR E 329 -35.77 -23.08 -7.76
CA THR E 329 -37.20 -23.08 -7.52
C THR E 329 -37.67 -24.52 -7.29
N GLY E 330 -38.89 -24.64 -6.76
CA GLY E 330 -39.43 -25.95 -6.49
C GLY E 330 -39.92 -26.63 -7.75
N THR E 331 -39.88 -27.96 -7.73
CA THR E 331 -40.41 -28.75 -8.84
C THR E 331 -41.93 -28.68 -8.81
N VAL E 332 -42.54 -28.66 -10.00
CA VAL E 332 -43.99 -28.54 -10.11
C VAL E 332 -44.66 -29.90 -9.91
N VAL E 333 -43.90 -30.99 -10.06
CA VAL E 333 -44.46 -32.34 -10.15
C VAL E 333 -45.05 -32.78 -8.81
N GLY E 334 -44.31 -32.60 -7.72
CA GLY E 334 -44.77 -32.97 -6.40
C GLY E 334 -45.65 -31.97 -5.69
N LYS E 335 -46.32 -31.08 -6.43
CA LYS E 335 -47.13 -30.04 -5.82
C LYS E 335 -48.61 -30.24 -6.11
N LEU E 336 -49.45 -29.75 -5.21
CA LEU E 336 -50.88 -29.68 -5.46
C LEU E 336 -51.19 -28.53 -6.42
N GLU E 337 -52.44 -28.50 -6.90
CA GLU E 337 -52.86 -27.48 -7.85
C GLU E 337 -52.88 -26.09 -7.22
N GLY E 338 -53.17 -26.01 -5.91
CA GLY E 338 -53.13 -24.73 -5.23
C GLY E 338 -51.74 -24.23 -4.90
N GLU E 339 -50.75 -25.12 -4.86
CA GLU E 339 -49.37 -24.74 -4.57
C GLU E 339 -48.57 -24.52 -5.86
N ARG E 340 -49.07 -24.99 -7.01
CA ARG E 340 -48.44 -24.67 -8.28
C ARG E 340 -48.51 -23.18 -8.58
N GLY E 341 -49.54 -22.50 -8.07
CA GLY E 341 -49.55 -21.04 -8.15
C GLY E 341 -48.46 -20.42 -7.30
N ILE E 342 -48.25 -20.96 -6.09
CA ILE E 342 -47.21 -20.45 -5.21
C ILE E 342 -45.82 -20.71 -5.80
N THR E 343 -45.61 -21.91 -6.36
CA THR E 343 -44.33 -22.20 -7.00
C THR E 343 -44.17 -21.50 -8.34
N MET E 344 -45.26 -21.02 -8.94
CA MET E 344 -45.17 -20.03 -10.01
C MET E 344 -45.25 -18.60 -9.48
N GLY E 345 -45.48 -18.43 -8.18
CA GLY E 345 -45.53 -17.09 -7.62
C GLY E 345 -44.17 -16.47 -7.51
N PHE E 346 -43.21 -17.18 -6.90
CA PHE E 346 -41.86 -16.63 -6.82
C PHE E 346 -41.05 -16.86 -8.10
N VAL E 347 -41.61 -17.54 -9.09
CA VAL E 347 -40.98 -17.58 -10.41
C VAL E 347 -41.30 -16.31 -11.19
N ASP E 348 -42.57 -15.89 -11.19
CA ASP E 348 -42.96 -14.66 -11.88
C ASP E 348 -42.37 -13.42 -11.22
N LEU E 349 -42.00 -13.49 -9.93
CA LEU E 349 -41.38 -12.36 -9.25
C LEU E 349 -39.98 -12.10 -9.78
N LEU E 350 -39.10 -13.11 -9.71
CA LEU E 350 -37.71 -12.91 -10.08
C LEU E 350 -37.50 -12.76 -11.57
N ARG E 351 -38.40 -13.28 -12.40
CA ARG E 351 -38.17 -13.40 -13.83
C ARG E 351 -38.84 -12.30 -14.64
N GLU E 352 -40.03 -11.87 -14.26
CA GLU E 352 -40.79 -10.88 -15.00
C GLU E 352 -40.55 -9.49 -14.41
N ASN E 353 -40.55 -8.48 -15.29
CA ASN E 353 -40.22 -7.12 -14.90
C ASN E 353 -41.39 -6.35 -14.29
N TYR E 354 -42.55 -6.98 -14.13
CA TYR E 354 -43.66 -6.38 -13.40
C TYR E 354 -44.58 -7.48 -12.89
N VAL E 355 -44.95 -7.40 -11.62
CA VAL E 355 -45.86 -8.36 -11.01
C VAL E 355 -47.07 -7.61 -10.47
N GLU E 356 -48.16 -8.35 -10.29
CA GLU E 356 -49.41 -7.81 -9.78
C GLU E 356 -49.81 -8.53 -8.51
N GLN E 357 -50.63 -7.86 -7.70
CA GLN E 357 -51.02 -8.36 -6.38
C GLN E 357 -51.98 -9.51 -6.54
N ASP E 358 -51.47 -10.74 -6.44
CA ASP E 358 -52.28 -11.95 -6.55
C ASP E 358 -52.03 -12.77 -5.29
N LYS E 359 -52.97 -12.67 -4.34
CA LYS E 359 -52.82 -13.39 -3.07
C LYS E 359 -53.06 -14.88 -3.22
N SER E 360 -53.71 -15.31 -4.31
CA SER E 360 -53.95 -16.73 -4.53
C SER E 360 -52.66 -17.46 -4.89
N ARG E 361 -51.69 -16.74 -5.45
CA ARG E 361 -50.36 -17.29 -5.67
C ARG E 361 -49.33 -16.68 -4.74
N GLY E 362 -49.77 -15.95 -3.71
CA GLY E 362 -48.89 -15.46 -2.67
C GLY E 362 -48.14 -14.19 -2.99
N ILE E 363 -48.36 -13.57 -4.14
CA ILE E 363 -47.73 -12.28 -4.43
C ILE E 363 -48.63 -11.21 -3.82
N TYR E 364 -48.24 -10.70 -2.66
CA TYR E 364 -49.08 -9.78 -1.91
C TYR E 364 -48.88 -8.32 -2.32
N PHE E 365 -47.99 -8.02 -3.26
CA PHE E 365 -47.74 -6.64 -3.65
C PHE E 365 -47.54 -6.52 -5.16
N THR E 366 -48.17 -5.50 -5.74
CA THR E 366 -47.79 -5.03 -7.07
C THR E 366 -46.40 -4.41 -6.98
N GLN E 367 -45.40 -5.00 -7.65
CA GLN E 367 -44.04 -4.48 -7.57
C GLN E 367 -43.43 -4.36 -8.95
N ASP E 368 -43.25 -3.11 -9.40
CA ASP E 368 -42.41 -2.85 -10.56
C ASP E 368 -40.97 -3.14 -10.21
N TRP E 369 -40.22 -3.66 -11.18
CA TRP E 369 -38.87 -4.15 -10.93
C TRP E 369 -37.79 -3.19 -11.38
N ALA E 370 -38.17 -1.96 -11.76
CA ALA E 370 -37.26 -0.87 -12.17
C ALA E 370 -36.39 -1.25 -13.36
N SER E 371 -36.89 -2.17 -14.19
CA SER E 371 -36.13 -2.86 -15.24
C SER E 371 -34.84 -3.45 -14.68
N LEU E 372 -34.97 -4.26 -13.64
CA LEU E 372 -33.87 -5.13 -13.26
C LEU E 372 -33.62 -6.16 -14.35
N PRO E 373 -32.39 -6.57 -14.53
CA PRO E 373 -32.12 -7.73 -15.39
C PRO E 373 -32.51 -9.01 -14.68
N GLY E 374 -33.80 -9.37 -14.76
CA GLY E 374 -34.35 -10.37 -13.86
C GLY E 374 -33.83 -11.76 -14.16
N VAL E 375 -33.68 -12.56 -13.11
CA VAL E 375 -32.92 -13.81 -13.18
C VAL E 375 -33.76 -14.94 -13.73
N MET E 376 -33.09 -16.03 -14.06
CA MET E 376 -33.69 -17.23 -14.60
C MET E 376 -34.16 -18.13 -13.45
N ALA E 377 -35.24 -18.87 -13.67
CA ALA E 377 -35.87 -19.68 -12.64
C ALA E 377 -35.58 -21.14 -12.91
N VAL E 378 -34.80 -21.76 -12.04
CA VAL E 378 -34.32 -23.13 -12.22
C VAL E 378 -34.96 -24.03 -11.17
N ALA E 379 -35.51 -25.15 -11.61
CA ALA E 379 -35.95 -26.21 -10.71
C ALA E 379 -35.24 -27.50 -11.08
N SER E 380 -35.26 -28.45 -10.14
CA SER E 380 -34.70 -29.75 -10.40
C SER E 380 -35.72 -30.63 -11.10
N GLY E 381 -35.43 -31.93 -11.15
CA GLY E 381 -36.30 -32.87 -11.83
C GLY E 381 -35.50 -34.11 -12.20
N GLY E 382 -35.64 -34.50 -13.47
CA GLY E 382 -34.75 -35.47 -14.08
C GLY E 382 -34.83 -36.90 -13.59
N ILE E 383 -35.74 -37.21 -12.67
CA ILE E 383 -35.94 -38.59 -12.25
C ILE E 383 -36.56 -39.38 -13.39
N HIS E 384 -37.43 -38.76 -14.18
CA HIS E 384 -38.02 -39.38 -15.33
C HIS E 384 -37.76 -38.53 -16.57
N VAL E 385 -37.67 -39.20 -17.72
CA VAL E 385 -37.48 -38.53 -18.99
C VAL E 385 -38.83 -38.18 -19.62
N TRP E 386 -39.90 -38.87 -19.25
CA TRP E 386 -41.22 -38.64 -19.80
C TRP E 386 -41.96 -37.47 -19.15
N HIS E 387 -41.41 -36.89 -18.07
CA HIS E 387 -42.03 -35.74 -17.42
C HIS E 387 -41.34 -34.43 -17.79
N MET E 388 -40.87 -34.32 -19.03
CA MET E 388 -40.24 -33.09 -19.52
C MET E 388 -41.19 -31.95 -19.91
N PRO E 389 -42.27 -32.13 -20.69
CA PRO E 389 -43.08 -30.95 -21.05
C PRO E 389 -43.91 -30.38 -19.91
N ALA E 390 -44.01 -31.06 -18.78
CA ALA E 390 -44.63 -30.46 -17.60
C ALA E 390 -43.77 -29.34 -17.03
N LEU E 391 -42.45 -29.42 -17.25
CA LEU E 391 -41.54 -28.33 -16.89
C LEU E 391 -41.23 -27.42 -18.07
N VAL E 392 -41.86 -27.64 -19.23
CA VAL E 392 -41.69 -26.78 -20.38
C VAL E 392 -42.98 -26.03 -20.71
N GLU E 393 -44.15 -26.65 -20.54
CA GLU E 393 -45.41 -25.91 -20.72
C GLU E 393 -45.70 -24.98 -19.56
N ILE E 394 -45.00 -25.13 -18.44
CA ILE E 394 -45.20 -24.29 -17.26
C ILE E 394 -44.04 -23.32 -17.05
N PHE E 395 -42.81 -23.83 -16.99
CA PHE E 395 -41.62 -22.99 -17.05
C PHE E 395 -41.28 -22.73 -18.50
N GLY E 396 -41.18 -21.45 -18.88
CA GLY E 396 -40.94 -21.07 -20.26
C GLY E 396 -39.51 -21.32 -20.72
N ASP E 397 -39.09 -20.51 -21.70
CA ASP E 397 -37.73 -20.61 -22.22
C ASP E 397 -36.69 -20.11 -21.24
N ASP E 398 -37.12 -19.39 -20.21
CA ASP E 398 -36.22 -18.75 -19.26
C ASP E 398 -36.12 -19.65 -18.04
N SER E 399 -35.59 -20.86 -18.24
CA SER E 399 -35.48 -21.80 -17.13
C SER E 399 -34.32 -22.75 -17.39
N VAL E 400 -33.63 -23.13 -16.31
CA VAL E 400 -32.67 -24.23 -16.31
C VAL E 400 -33.37 -25.44 -15.71
N LEU E 401 -33.28 -26.58 -16.38
CA LEU E 401 -33.85 -27.81 -15.86
C LEU E 401 -32.70 -28.69 -15.35
N GLN E 402 -32.47 -28.63 -14.04
CA GLN E 402 -31.54 -29.55 -13.39
C GLN E 402 -32.11 -30.96 -13.46
N PHE E 403 -31.45 -31.83 -14.22
CA PHE E 403 -31.82 -33.23 -14.18
C PHE E 403 -31.26 -33.84 -12.91
N GLY E 404 -32.13 -34.36 -12.06
CA GLY E 404 -31.64 -35.16 -10.96
C GLY E 404 -31.11 -36.44 -11.58
N GLY E 405 -29.79 -36.48 -11.69
CA GLY E 405 -29.11 -37.51 -12.44
C GLY E 405 -27.84 -37.87 -11.72
N GLY E 406 -27.92 -37.82 -10.39
CA GLY E 406 -26.81 -38.11 -9.50
C GLY E 406 -26.14 -39.44 -9.76
N THR E 407 -26.92 -40.52 -9.80
CA THR E 407 -26.32 -41.83 -10.05
C THR E 407 -25.88 -41.95 -11.51
N LEU E 408 -26.85 -41.99 -12.42
CA LEU E 408 -26.63 -42.10 -13.86
C LEU E 408 -27.94 -41.73 -14.54
N GLY E 409 -27.91 -41.72 -15.88
CA GLY E 409 -29.13 -41.76 -16.66
C GLY E 409 -29.61 -43.18 -16.83
N HIS E 410 -30.75 -43.32 -17.52
CA HIS E 410 -31.31 -44.66 -17.66
C HIS E 410 -30.63 -45.49 -18.76
N PRO E 411 -30.38 -44.98 -20.03
CA PRO E 411 -29.64 -45.84 -20.98
C PRO E 411 -28.12 -45.75 -20.85
N TRP E 412 -27.48 -46.87 -20.52
CA TRP E 412 -26.03 -47.12 -20.56
C TRP E 412 -25.19 -46.23 -19.66
N GLY E 413 -25.79 -45.35 -18.85
CA GLY E 413 -25.04 -44.39 -18.08
C GLY E 413 -25.50 -42.96 -18.37
N ASN E 414 -24.54 -42.04 -18.32
CA ASN E 414 -24.86 -40.63 -18.42
C ASN E 414 -25.03 -40.18 -19.87
N ALA E 415 -24.04 -40.47 -20.72
CA ALA E 415 -24.00 -39.88 -22.07
C ALA E 415 -25.12 -40.34 -23.02
N PRO E 416 -25.54 -41.63 -23.08
CA PRO E 416 -26.77 -41.92 -23.84
C PRO E 416 -28.04 -41.46 -23.13
N GLY E 417 -27.98 -41.18 -21.83
CA GLY E 417 -29.11 -40.56 -21.16
C GLY E 417 -29.11 -39.05 -21.30
N ALA E 418 -27.93 -38.42 -21.38
CA ALA E 418 -27.87 -36.98 -21.58
C ALA E 418 -28.32 -36.59 -22.98
N THR E 419 -28.10 -37.46 -23.97
CA THR E 419 -28.76 -37.27 -25.27
C THR E 419 -30.26 -37.44 -25.12
N ALA E 420 -30.70 -38.43 -24.36
CA ALA E 420 -32.12 -38.63 -24.12
C ALA E 420 -32.72 -37.54 -23.23
N ASN E 421 -31.89 -36.78 -22.52
CA ASN E 421 -32.40 -35.65 -21.74
C ASN E 421 -32.58 -34.41 -22.58
N ARG E 422 -31.83 -34.26 -23.67
CA ARG E 422 -31.94 -33.10 -24.54
C ARG E 422 -32.94 -33.31 -25.68
N VAL E 423 -32.98 -34.51 -26.25
CA VAL E 423 -33.93 -34.83 -27.30
C VAL E 423 -35.36 -34.84 -26.75
N ALA E 424 -35.53 -35.18 -25.47
CA ALA E 424 -36.85 -35.10 -24.83
C ALA E 424 -37.27 -33.67 -24.50
N LEU E 425 -36.49 -32.66 -24.85
CA LEU E 425 -36.89 -31.27 -24.73
C LEU E 425 -37.04 -30.57 -26.07
N GLU E 426 -36.12 -30.83 -27.02
CA GLU E 426 -36.22 -30.22 -28.34
C GLU E 426 -37.42 -30.76 -29.12
N ALA E 427 -37.87 -31.98 -28.79
CA ALA E 427 -39.14 -32.46 -29.31
C ALA E 427 -40.32 -31.77 -28.65
N CYS E 428 -40.16 -31.34 -27.39
CA CYS E 428 -41.23 -30.65 -26.69
C CYS E 428 -41.25 -29.14 -26.96
N VAL E 429 -40.08 -28.53 -27.15
CA VAL E 429 -40.03 -27.12 -27.56
C VAL E 429 -40.52 -26.98 -29.00
N GLN E 430 -40.33 -28.02 -29.82
CA GLN E 430 -41.00 -28.09 -31.12
C GLN E 430 -42.51 -28.14 -30.95
N ALA E 431 -42.99 -28.89 -29.96
CA ALA E 431 -44.42 -28.95 -29.67
C ALA E 431 -44.95 -27.67 -29.04
N ARG E 432 -44.06 -26.81 -28.53
CA ARG E 432 -44.49 -25.52 -28.00
C ARG E 432 -44.96 -24.61 -29.12
N ASN E 433 -44.12 -24.41 -30.15
CA ASN E 433 -44.40 -23.47 -31.22
C ASN E 433 -45.41 -23.98 -32.23
N GLU E 434 -45.79 -25.26 -32.16
CA GLU E 434 -46.87 -25.76 -33.00
C GLU E 434 -48.23 -25.32 -32.48
N GLY E 435 -48.55 -25.70 -31.26
CA GLY E 435 -49.83 -25.33 -30.65
C GLY E 435 -50.55 -26.50 -30.01
N ARG F 22 -33.07 -46.47 1.19
CA ARG F 22 -32.27 -47.69 1.13
C ARG F 22 -32.26 -48.42 2.47
N LEU F 23 -32.46 -47.64 3.54
CA LEU F 23 -32.29 -48.08 4.94
C LEU F 23 -30.90 -48.64 5.22
N THR F 24 -29.90 -48.16 4.49
CA THR F 24 -28.50 -48.40 4.81
C THR F 24 -27.88 -47.24 5.56
N TYR F 25 -28.68 -46.22 5.87
CA TYR F 25 -28.21 -45.05 6.61
C TYR F 25 -28.64 -45.08 8.06
N TYR F 26 -29.25 -46.18 8.50
CA TYR F 26 -29.56 -46.40 9.91
C TYR F 26 -28.75 -47.61 10.35
N THR F 27 -27.54 -47.35 10.83
CA THR F 27 -26.68 -48.35 11.45
C THR F 27 -26.70 -48.10 12.96
N PRO F 28 -27.59 -48.73 13.71
CA PRO F 28 -27.76 -48.37 15.12
C PRO F 28 -26.65 -48.87 16.04
N ASP F 29 -25.83 -49.82 15.57
CA ASP F 29 -24.71 -50.31 16.36
C ASP F 29 -23.48 -49.41 16.30
N TYR F 30 -23.48 -48.41 15.42
CA TYR F 30 -22.28 -47.63 15.11
C TYR F 30 -21.88 -46.77 16.30
N THR F 31 -20.75 -47.12 16.92
CA THR F 31 -20.12 -46.21 17.86
C THR F 31 -19.56 -45.02 17.11
N PRO F 32 -19.84 -43.79 17.54
CA PRO F 32 -19.27 -42.63 16.84
C PRO F 32 -17.78 -42.53 17.07
N LYS F 33 -17.05 -42.25 16.00
CA LYS F 33 -15.63 -41.97 16.12
C LYS F 33 -15.43 -40.63 16.83
N ASP F 34 -14.26 -40.47 17.44
CA ASP F 34 -13.94 -39.20 18.06
C ASP F 34 -13.64 -38.11 17.03
N THR F 35 -13.48 -38.46 15.76
CA THR F 35 -13.25 -37.50 14.70
C THR F 35 -14.44 -37.38 13.75
N ASP F 36 -15.57 -38.00 14.09
CA ASP F 36 -16.79 -37.77 13.33
C ASP F 36 -17.44 -36.45 13.75
N ILE F 37 -18.42 -36.01 12.97
CA ILE F 37 -19.18 -34.80 13.26
C ILE F 37 -20.62 -35.23 13.47
N LEU F 38 -21.06 -35.20 14.73
CA LEU F 38 -22.38 -35.69 15.10
C LEU F 38 -23.39 -34.56 15.02
N ALA F 39 -24.65 -34.93 14.84
CA ALA F 39 -25.74 -33.96 14.76
C ALA F 39 -27.00 -34.54 15.37
N ALA F 40 -27.71 -33.74 16.15
CA ALA F 40 -28.93 -34.15 16.83
C ALA F 40 -30.11 -33.49 16.15
N PHE F 41 -30.78 -34.22 15.28
CA PHE F 41 -31.94 -33.69 14.57
C PHE F 41 -33.22 -33.99 15.33
N ARG F 42 -33.96 -32.94 15.67
CA ARG F 42 -35.27 -33.04 16.30
C ARG F 42 -36.27 -33.39 15.19
N VAL F 43 -36.34 -34.68 14.87
CA VAL F 43 -37.09 -35.13 13.70
C VAL F 43 -38.56 -35.25 14.07
N THR F 44 -39.43 -34.65 13.26
CA THR F 44 -40.86 -34.85 13.35
C THR F 44 -41.35 -35.30 11.98
N PRO F 45 -41.57 -36.59 11.75
CA PRO F 45 -41.94 -37.06 10.42
C PRO F 45 -43.43 -36.89 10.16
N GLN F 46 -43.81 -37.16 8.90
CA GLN F 46 -45.21 -37.32 8.54
C GLN F 46 -45.81 -38.50 9.30
N PRO F 47 -47.13 -38.44 9.60
CA PRO F 47 -47.73 -39.51 10.43
C PRO F 47 -47.76 -40.89 9.78
N GLY F 48 -47.62 -40.98 8.47
CA GLY F 48 -47.50 -42.26 7.79
C GLY F 48 -46.07 -42.74 7.60
N VAL F 49 -45.11 -42.18 8.31
CA VAL F 49 -43.70 -42.52 8.17
C VAL F 49 -43.20 -43.02 9.51
N PRO F 50 -42.55 -44.19 9.57
CA PRO F 50 -42.01 -44.68 10.84
C PRO F 50 -40.77 -43.90 11.26
N PHE F 51 -40.29 -44.21 12.46
CA PHE F 51 -39.15 -43.49 13.01
C PHE F 51 -37.84 -43.92 12.36
N GLU F 52 -37.76 -45.17 11.91
CA GLU F 52 -36.50 -45.67 11.37
C GLU F 52 -36.29 -45.25 9.92
N GLU F 53 -37.36 -45.13 9.14
CA GLU F 53 -37.22 -44.67 7.76
C GLU F 53 -37.04 -43.17 7.68
N ALA F 54 -37.62 -42.43 8.63
CA ALA F 54 -37.42 -40.99 8.69
C ALA F 54 -35.98 -40.65 9.06
N ALA F 55 -35.45 -41.30 10.10
CA ALA F 55 -34.08 -41.03 10.55
C ALA F 55 -33.05 -41.48 9.53
N ALA F 56 -33.34 -42.53 8.77
CA ALA F 56 -32.46 -42.93 7.68
C ALA F 56 -32.53 -41.95 6.51
N ALA F 57 -33.61 -41.18 6.41
CA ALA F 57 -33.75 -40.19 5.34
C ALA F 57 -33.12 -38.85 5.69
N VAL F 58 -33.05 -38.51 6.98
CA VAL F 58 -32.33 -37.31 7.38
C VAL F 58 -30.84 -37.50 7.18
N ALA F 59 -30.33 -38.69 7.50
CA ALA F 59 -28.92 -39.00 7.32
C ALA F 59 -28.53 -39.17 5.86
N ALA F 60 -29.49 -39.50 4.99
CA ALA F 60 -29.14 -39.81 3.61
C ALA F 60 -28.96 -38.55 2.78
N GLU F 61 -30.04 -37.79 2.58
CA GLU F 61 -30.01 -36.63 1.68
C GLU F 61 -29.19 -35.48 2.21
N SER F 62 -28.78 -35.53 3.47
CA SER F 62 -27.78 -34.64 4.04
C SER F 62 -26.46 -34.77 3.29
N SER F 63 -26.02 -35.99 3.04
CA SER F 63 -24.78 -36.24 2.32
C SER F 63 -24.97 -36.94 0.98
N THR F 64 -25.59 -38.13 0.98
CA THR F 64 -25.69 -38.97 -0.22
C THR F 64 -27.16 -39.39 -0.36
N GLY F 65 -27.87 -38.78 -1.32
CA GLY F 65 -29.32 -38.92 -1.37
C GLY F 65 -29.78 -40.28 -1.87
N THR F 66 -31.07 -40.57 -1.60
CA THR F 66 -31.71 -41.82 -1.95
C THR F 66 -32.69 -41.68 -3.12
N TRP F 67 -32.34 -40.91 -4.15
CA TRP F 67 -33.22 -40.74 -5.30
C TRP F 67 -33.31 -42.02 -6.11
N THR F 68 -32.19 -42.46 -6.67
CA THR F 68 -32.12 -43.72 -7.40
C THR F 68 -30.93 -44.53 -6.93
N THR F 69 -30.92 -45.81 -7.29
CA THR F 69 -29.82 -46.72 -6.99
C THR F 69 -29.17 -47.25 -8.26
N VAL F 70 -29.14 -46.45 -9.32
CA VAL F 70 -28.83 -46.92 -10.66
C VAL F 70 -27.31 -47.03 -10.79
N TRP F 71 -26.81 -48.26 -10.65
CA TRP F 71 -25.44 -48.67 -11.00
C TRP F 71 -24.35 -47.95 -10.21
N THR F 72 -24.67 -47.30 -9.10
CA THR F 72 -23.67 -46.63 -8.28
C THR F 72 -23.55 -47.21 -6.89
N ASP F 73 -24.33 -48.24 -6.56
CA ASP F 73 -24.11 -48.98 -5.32
C ASP F 73 -22.82 -49.80 -5.36
N LEU F 74 -22.32 -50.11 -6.55
CA LEU F 74 -21.03 -50.76 -6.70
C LEU F 74 -19.89 -49.77 -6.90
N LEU F 75 -20.20 -48.47 -7.04
CA LEU F 75 -19.20 -47.47 -7.34
C LEU F 75 -18.62 -46.88 -6.05
N THR F 76 -17.96 -45.72 -6.24
CA THR F 76 -16.72 -45.28 -5.58
C THR F 76 -16.66 -45.58 -4.08
N ASP F 77 -17.50 -44.97 -3.24
CA ASP F 77 -17.30 -45.02 -1.80
C ASP F 77 -18.64 -45.23 -1.10
N LEU F 78 -18.78 -46.38 -0.42
CA LEU F 78 -20.01 -46.71 0.27
C LEU F 78 -19.98 -46.46 1.77
N ASP F 79 -19.07 -47.13 2.49
CA ASP F 79 -18.99 -46.94 3.94
C ASP F 79 -18.30 -45.64 4.30
N ARG F 80 -17.46 -45.12 3.42
CA ARG F 80 -16.98 -43.76 3.55
C ARG F 80 -18.09 -42.78 3.17
N TYR F 81 -17.93 -41.54 3.63
CA TYR F 81 -18.49 -40.35 2.99
C TYR F 81 -20.01 -40.29 3.03
N LYS F 82 -20.64 -40.94 4.00
CA LYS F 82 -22.09 -40.92 4.13
C LYS F 82 -22.48 -40.64 5.57
N GLY F 83 -23.42 -39.72 5.74
CA GLY F 83 -23.99 -39.50 7.06
C GLY F 83 -24.85 -40.68 7.45
N ARG F 84 -24.59 -41.24 8.63
CA ARG F 84 -25.29 -42.42 9.09
C ARG F 84 -25.98 -42.12 10.41
N CYS F 85 -27.25 -42.53 10.53
CA CYS F 85 -27.97 -42.40 11.78
C CYS F 85 -27.66 -43.58 12.67
N TYR F 86 -27.23 -43.32 13.89
CA TYR F 86 -26.88 -44.40 14.82
C TYR F 86 -27.77 -44.47 16.04
N ASP F 87 -28.70 -43.54 16.22
CA ASP F 87 -29.50 -43.52 17.43
C ASP F 87 -30.85 -42.87 17.15
N ILE F 88 -31.89 -43.42 17.78
CA ILE F 88 -33.23 -42.86 17.77
C ILE F 88 -33.76 -42.92 19.19
N GLU F 89 -34.18 -41.76 19.73
CA GLU F 89 -34.88 -41.78 21.00
C GLU F 89 -36.08 -40.84 20.91
N PRO F 90 -37.23 -41.25 21.44
CA PRO F 90 -38.38 -40.34 21.48
C PRO F 90 -38.18 -39.26 22.53
N VAL F 91 -38.91 -38.18 22.36
CA VAL F 91 -38.92 -37.06 23.30
C VAL F 91 -39.92 -37.37 24.40
N PRO F 92 -39.58 -37.22 25.68
CA PRO F 92 -40.50 -37.58 26.76
C PRO F 92 -41.73 -36.68 26.80
N GLY F 93 -42.89 -37.30 26.91
CA GLY F 93 -44.16 -36.61 26.91
C GLY F 93 -44.70 -36.23 25.55
N GLU F 94 -43.99 -36.58 24.47
CA GLU F 94 -44.36 -36.17 23.13
C GLU F 94 -44.30 -37.36 22.19
N ASP F 95 -45.14 -37.32 21.16
CA ASP F 95 -45.27 -38.39 20.18
C ASP F 95 -45.18 -37.83 18.77
N ASN F 96 -45.09 -38.76 17.82
CA ASN F 96 -44.96 -38.49 16.37
C ASN F 96 -43.67 -37.71 16.05
N GLN F 97 -42.67 -37.83 16.93
CA GLN F 97 -41.42 -37.10 16.79
C GLN F 97 -40.37 -37.74 17.69
N PHE F 98 -39.11 -37.53 17.34
CA PHE F 98 -37.99 -38.15 18.03
C PHE F 98 -36.73 -37.32 17.77
N ILE F 99 -35.59 -37.82 18.24
CA ILE F 99 -34.30 -37.15 18.08
C ILE F 99 -33.34 -38.14 17.45
N ALA F 100 -32.94 -37.89 16.20
CA ALA F 100 -32.05 -38.77 15.46
C ALA F 100 -30.62 -38.25 15.57
N TYR F 101 -29.73 -39.09 16.09
CA TYR F 101 -28.30 -38.78 16.13
C TYR F 101 -27.64 -39.31 14.87
N ILE F 102 -26.96 -38.42 14.13
CA ILE F 102 -26.45 -38.74 12.81
C ILE F 102 -24.97 -38.39 12.74
N ALA F 103 -24.15 -39.36 12.32
CA ALA F 103 -22.70 -39.25 12.32
C ALA F 103 -22.21 -38.90 10.93
N TYR F 104 -21.53 -37.78 10.81
CA TYR F 104 -20.92 -37.40 9.55
C TYR F 104 -19.40 -37.58 9.66
N PRO F 105 -18.76 -38.18 8.66
CA PRO F 105 -17.31 -38.29 8.69
C PRO F 105 -16.65 -36.93 8.50
N LEU F 106 -15.38 -36.86 8.92
CA LEU F 106 -14.66 -35.60 8.92
C LEU F 106 -14.33 -35.13 7.52
N ASP F 107 -14.15 -36.05 6.59
CA ASP F 107 -13.64 -35.74 5.26
C ASP F 107 -14.72 -35.21 4.32
N LEU F 108 -15.95 -35.05 4.80
CA LEU F 108 -16.98 -34.44 3.96
C LEU F 108 -16.73 -32.95 3.78
N PHE F 109 -16.16 -32.30 4.79
CA PHE F 109 -16.20 -30.85 4.90
C PHE F 109 -14.83 -30.27 4.57
N GLU F 110 -14.81 -29.04 4.10
CA GLU F 110 -13.57 -28.28 4.16
C GLU F 110 -13.23 -27.95 5.59
N GLU F 111 -11.95 -28.07 5.90
CA GLU F 111 -11.47 -27.73 7.21
C GLU F 111 -11.45 -26.20 7.37
N GLY F 112 -12.14 -25.71 8.40
CA GLY F 112 -12.12 -24.30 8.70
C GLY F 112 -13.32 -23.48 8.25
N SER F 113 -14.41 -24.10 7.81
CA SER F 113 -15.61 -23.37 7.44
C SER F 113 -16.83 -23.94 8.14
N ILE F 114 -17.85 -23.10 8.26
CA ILE F 114 -19.17 -23.52 8.67
C ILE F 114 -20.18 -23.41 7.53
N THR F 115 -19.85 -22.67 6.47
CA THR F 115 -20.59 -22.71 5.22
C THR F 115 -20.48 -24.03 4.47
N ASN F 116 -19.71 -25.02 4.96
CA ASN F 116 -19.83 -26.40 4.51
C ASN F 116 -20.39 -27.31 5.59
N VAL F 117 -20.34 -26.88 6.86
CA VAL F 117 -21.14 -27.52 7.89
C VAL F 117 -22.63 -27.37 7.58
N LEU F 118 -23.05 -26.15 7.25
CA LEU F 118 -24.46 -25.83 7.08
C LEU F 118 -24.97 -26.11 5.67
N THR F 119 -24.21 -26.82 4.84
CA THR F 119 -24.71 -27.28 3.56
C THR F 119 -24.85 -28.79 3.49
N SER F 120 -24.20 -29.54 4.37
CA SER F 120 -24.52 -30.95 4.52
C SER F 120 -25.57 -31.14 5.61
N ILE F 121 -25.40 -30.46 6.74
CA ILE F 121 -26.18 -30.81 7.93
C ILE F 121 -27.54 -30.13 7.92
N VAL F 122 -27.63 -28.89 7.44
CA VAL F 122 -28.93 -28.24 7.27
C VAL F 122 -29.21 -27.85 5.82
N GLY F 123 -28.26 -28.07 4.91
CA GLY F 123 -28.50 -27.83 3.51
C GLY F 123 -29.14 -29.04 2.84
N ASN F 124 -30.30 -28.82 2.21
CA ASN F 124 -31.11 -29.84 1.51
C ASN F 124 -31.58 -30.96 2.43
N VAL F 125 -31.63 -30.69 3.73
CA VAL F 125 -32.05 -31.67 4.72
C VAL F 125 -33.51 -31.46 5.11
N PHE F 126 -33.90 -30.22 5.36
CA PHE F 126 -35.17 -29.96 6.00
C PHE F 126 -36.31 -29.92 4.98
N GLY F 127 -35.97 -30.06 3.71
CA GLY F 127 -36.94 -29.98 2.63
C GLY F 127 -37.22 -31.34 2.03
N PHE F 128 -36.98 -32.40 2.78
CA PHE F 128 -37.45 -33.72 2.40
C PHE F 128 -38.95 -33.80 2.60
N LYS F 129 -39.63 -34.43 1.63
CA LYS F 129 -41.08 -34.32 1.56
C LYS F 129 -41.79 -35.12 2.63
N ALA F 130 -41.21 -36.24 3.07
CA ALA F 130 -41.87 -37.09 4.07
C ALA F 130 -41.44 -36.75 5.49
N LEU F 131 -41.14 -35.48 5.76
CA LEU F 131 -40.80 -35.00 7.10
C LEU F 131 -41.57 -33.73 7.38
N ARG F 132 -42.29 -33.70 8.50
CA ARG F 132 -43.10 -32.53 8.82
C ARG F 132 -42.24 -31.37 9.31
N ALA F 133 -41.26 -31.65 10.16
CA ALA F 133 -40.45 -30.60 10.76
C ALA F 133 -39.16 -31.20 11.28
N LEU F 134 -38.02 -30.64 10.87
CA LEU F 134 -36.72 -31.02 11.39
C LEU F 134 -36.10 -29.84 12.11
N ARG F 135 -35.43 -30.11 13.23
CA ARG F 135 -34.70 -29.07 13.94
C ARG F 135 -33.34 -29.61 14.32
N LEU F 136 -32.28 -28.97 13.84
CA LEU F 136 -30.93 -29.31 14.28
C LEU F 136 -30.75 -28.77 15.70
N GLU F 137 -30.87 -29.66 16.69
CA GLU F 137 -30.77 -29.25 18.08
C GLU F 137 -29.34 -28.93 18.47
N ASP F 138 -28.45 -29.92 18.40
CA ASP F 138 -27.09 -29.78 18.85
C ASP F 138 -26.18 -30.45 17.83
N ILE F 139 -24.89 -30.15 17.91
CA ILE F 139 -23.93 -30.62 16.93
C ILE F 139 -22.60 -30.83 17.62
N ARG F 140 -21.94 -31.95 17.34
CA ARG F 140 -20.70 -32.30 18.01
C ARG F 140 -19.55 -32.06 17.04
N PHE F 141 -18.91 -30.91 17.16
CA PHE F 141 -17.68 -30.67 16.45
C PHE F 141 -16.52 -31.34 17.18
N PRO F 142 -15.77 -32.21 16.53
CA PRO F 142 -14.65 -32.87 17.20
C PRO F 142 -13.50 -31.91 17.45
N VAL F 143 -12.54 -32.39 18.24
CA VAL F 143 -11.27 -31.70 18.37
C VAL F 143 -10.53 -31.70 17.03
N ALA F 144 -10.72 -32.76 16.23
CA ALA F 144 -10.14 -32.88 14.90
C ALA F 144 -10.66 -31.86 13.88
N TYR F 145 -11.74 -31.16 14.20
CA TYR F 145 -12.29 -30.14 13.30
C TYR F 145 -12.33 -28.77 13.94
N ILE F 146 -12.38 -28.69 15.28
CA ILE F 146 -12.31 -27.40 15.97
C ILE F 146 -10.95 -26.75 15.80
N LYS F 147 -9.87 -27.56 15.79
CA LYS F 147 -8.51 -27.01 15.76
C LYS F 147 -8.14 -26.35 14.44
N THR F 148 -8.88 -26.61 13.36
CA THR F 148 -8.62 -25.88 12.13
C THR F 148 -9.17 -24.46 12.21
N PHE F 149 -10.32 -24.32 12.86
CA PHE F 149 -10.96 -23.02 12.99
C PHE F 149 -10.09 -22.05 13.76
N GLN F 150 -10.24 -20.78 13.40
CA GLN F 150 -9.57 -19.71 14.12
C GLN F 150 -10.06 -19.62 15.55
N GLY F 151 -11.35 -19.90 15.76
CA GLY F 151 -11.99 -19.59 17.00
C GLY F 151 -12.33 -18.13 17.03
N PRO F 152 -12.75 -17.63 18.19
CA PRO F 152 -12.96 -16.20 18.32
C PRO F 152 -11.64 -15.47 18.25
N PRO F 153 -11.64 -14.23 17.73
CA PRO F 153 -10.37 -13.50 17.59
C PRO F 153 -9.71 -13.17 18.92
N HIS F 154 -10.48 -13.08 19.99
CA HIS F 154 -9.89 -13.02 21.32
C HIS F 154 -10.69 -13.95 22.21
N GLY F 155 -10.42 -13.97 23.51
CA GLY F 155 -11.04 -14.92 24.40
C GLY F 155 -12.21 -14.33 25.19
N ILE F 156 -12.63 -15.09 26.20
CA ILE F 156 -13.30 -14.51 27.36
C ILE F 156 -12.31 -13.94 28.35
N GLN F 157 -11.02 -14.18 28.15
CA GLN F 157 -9.98 -13.77 29.08
C GLN F 157 -8.96 -12.84 28.46
N VAL F 158 -8.82 -12.84 27.13
CA VAL F 158 -7.93 -11.90 26.47
C VAL F 158 -8.51 -10.50 26.55
N GLU F 159 -9.83 -10.39 26.47
CA GLU F 159 -10.49 -9.10 26.47
C GLU F 159 -10.94 -8.63 27.85
N ARG F 160 -10.83 -9.46 28.89
CA ARG F 160 -10.75 -8.86 30.22
C ARG F 160 -9.37 -8.25 30.41
N ASP F 161 -8.36 -8.88 29.82
CA ASP F 161 -6.99 -8.38 29.87
C ASP F 161 -6.78 -7.20 28.92
N LYS F 162 -7.42 -7.23 27.75
CA LYS F 162 -7.29 -6.13 26.80
C LYS F 162 -7.94 -4.85 27.33
N LEU F 163 -8.97 -4.98 28.15
CA LEU F 163 -9.77 -3.85 28.57
C LEU F 163 -9.59 -3.52 30.05
N ASN F 164 -8.84 -4.35 30.79
CA ASN F 164 -8.49 -4.13 32.20
C ASN F 164 -9.76 -4.03 33.07
N LYS F 165 -10.74 -4.88 32.79
CA LYS F 165 -12.03 -4.84 33.43
C LYS F 165 -12.40 -6.22 33.98
N TYR F 166 -11.45 -6.88 34.63
CA TYR F 166 -11.74 -8.17 35.21
C TYR F 166 -12.33 -8.02 36.61
N GLY F 167 -13.26 -8.90 36.95
CA GLY F 167 -13.84 -8.97 38.27
C GLY F 167 -15.34 -8.81 38.33
N ARG F 168 -15.95 -8.40 37.22
CA ARG F 168 -17.39 -8.17 37.16
C ARG F 168 -17.82 -8.26 35.71
N PRO F 169 -19.06 -8.65 35.43
CA PRO F 169 -19.51 -8.71 34.03
C PRO F 169 -19.62 -7.33 33.41
N LEU F 170 -19.41 -7.28 32.10
CA LEU F 170 -19.37 -6.02 31.38
C LEU F 170 -20.78 -5.56 31.06
N LEU F 171 -20.92 -4.33 30.57
CA LEU F 171 -22.20 -3.65 30.55
C LEU F 171 -22.52 -3.14 29.15
N GLY F 172 -23.67 -2.48 29.02
CA GLY F 172 -24.09 -1.95 27.74
C GLY F 172 -25.20 -0.94 27.87
N CYS F 173 -25.36 -0.14 26.81
CA CYS F 173 -26.47 0.79 26.66
C CYS F 173 -26.88 0.76 25.18
N THR F 174 -27.90 -0.02 24.85
CA THR F 174 -28.40 0.04 23.49
C THR F 174 -29.19 1.33 23.34
N ILE F 175 -28.79 2.16 22.38
CA ILE F 175 -29.38 3.48 22.24
C ILE F 175 -30.77 3.35 21.63
N LYS F 176 -31.79 3.59 22.45
CA LYS F 176 -33.16 3.16 22.22
C LYS F 176 -33.86 3.97 21.12
N PRO F 177 -33.63 5.30 20.97
CA PRO F 177 -34.00 5.92 19.69
C PRO F 177 -33.00 5.54 18.60
N LYS F 178 -33.15 4.34 18.04
CA LYS F 178 -32.17 3.84 17.08
C LYS F 178 -32.31 4.51 15.72
N LEU F 179 -33.51 4.96 15.37
CA LEU F 179 -33.76 5.52 14.06
C LEU F 179 -34.18 6.98 14.18
N GLY F 180 -33.40 7.85 13.54
CA GLY F 180 -33.69 9.26 13.55
C GLY F 180 -32.74 10.12 14.35
N LEU F 181 -31.47 9.73 14.44
CA LEU F 181 -30.45 10.48 15.15
C LEU F 181 -29.32 10.84 14.21
N SER F 182 -28.96 12.12 14.19
CA SER F 182 -27.73 12.53 13.53
C SER F 182 -26.53 11.99 14.31
N ALA F 183 -25.40 11.87 13.61
CA ALA F 183 -24.26 11.12 14.12
C ALA F 183 -23.64 11.78 15.36
N LYS F 184 -23.68 13.10 15.44
CA LYS F 184 -23.21 13.78 16.65
C LYS F 184 -24.21 13.65 17.78
N ASN F 185 -25.51 13.79 17.48
CA ASN F 185 -26.53 13.57 18.49
C ASN F 185 -26.62 12.11 18.88
N TYR F 186 -26.32 11.20 17.95
CA TYR F 186 -26.12 9.80 18.30
C TYR F 186 -24.92 9.64 19.21
N GLY F 187 -23.83 10.33 18.89
CA GLY F 187 -22.63 10.34 19.69
C GLY F 187 -22.71 11.08 20.99
N ARG F 188 -23.86 11.67 21.31
CA ARG F 188 -24.09 12.10 22.68
C ARG F 188 -24.78 11.00 23.48
N ALA F 189 -25.75 10.32 22.85
CA ALA F 189 -26.35 9.13 23.43
C ALA F 189 -25.35 7.99 23.57
N VAL F 190 -24.30 7.98 22.75
CA VAL F 190 -23.15 7.14 23.05
C VAL F 190 -22.45 7.65 24.30
N TYR F 191 -22.22 8.97 24.36
CA TYR F 191 -21.30 9.54 25.34
C TYR F 191 -21.85 9.47 26.76
N GLU F 192 -23.10 9.83 26.97
CA GLU F 192 -23.58 9.87 28.34
C GLU F 192 -23.88 8.48 28.89
N CYS F 193 -24.25 7.51 28.05
CA CYS F 193 -24.25 6.13 28.53
C CYS F 193 -22.83 5.64 28.80
N LEU F 194 -21.83 6.23 28.15
CA LEU F 194 -20.44 5.93 28.50
C LEU F 194 -19.93 6.76 29.66
N ARG F 195 -20.38 8.02 29.78
CA ARG F 195 -19.85 8.90 30.82
C ARG F 195 -20.23 8.40 32.21
N GLY F 196 -21.36 7.73 32.32
CA GLY F 196 -21.76 7.12 33.56
C GLY F 196 -21.06 5.79 33.76
N GLY F 197 -21.85 4.77 34.06
CA GLY F 197 -21.28 3.50 34.45
C GLY F 197 -20.97 2.58 33.28
N LEU F 198 -21.78 2.63 32.24
CA LEU F 198 -21.82 1.55 31.27
C LEU F 198 -20.59 1.54 30.37
N ASP F 199 -20.21 0.35 29.94
CA ASP F 199 -18.95 0.15 29.24
C ASP F 199 -19.09 0.12 27.72
N PHE F 200 -20.06 -0.64 27.20
CA PHE F 200 -20.10 -1.02 25.79
C PHE F 200 -21.45 -0.64 25.21
N THR F 201 -21.59 0.62 24.84
CA THR F 201 -22.82 1.04 24.20
C THR F 201 -22.81 0.57 22.76
N LYS F 202 -23.96 0.12 22.27
CA LYS F 202 -23.99 -0.59 21.00
C LYS F 202 -24.77 0.19 19.95
N ASP F 203 -24.32 0.04 18.72
CA ASP F 203 -25.20 0.30 17.59
C ASP F 203 -26.32 -0.72 17.60
N ASP F 204 -27.50 -0.32 17.18
CA ASP F 204 -28.54 -1.32 17.05
C ASP F 204 -28.49 -1.94 15.66
N GLU F 205 -29.54 -2.67 15.31
CA GLU F 205 -29.51 -3.48 14.11
C GLU F 205 -29.84 -2.68 12.86
N ASN F 206 -30.37 -1.48 13.02
CA ASN F 206 -30.57 -0.58 11.91
C ASN F 206 -29.66 0.64 12.00
N ILE F 207 -28.92 0.75 13.09
CA ILE F 207 -27.92 1.80 13.18
C ILE F 207 -26.74 1.34 12.34
N ASN F 208 -26.75 1.79 11.09
CA ASN F 208 -25.89 1.32 10.02
C ASN F 208 -25.71 2.51 9.08
N SER F 209 -25.29 2.26 7.84
CA SER F 209 -25.38 3.33 6.86
C SER F 209 -26.83 3.57 6.49
N ALA F 210 -27.19 4.84 6.39
CA ALA F 210 -28.57 5.30 6.27
C ALA F 210 -28.52 6.78 5.90
N PRO F 211 -29.56 7.34 5.30
CA PRO F 211 -29.52 8.78 4.97
C PRO F 211 -29.49 9.70 6.17
N PHE F 212 -30.00 9.28 7.32
CA PHE F 212 -30.01 10.19 8.47
C PHE F 212 -28.67 10.19 9.21
N GLN F 213 -27.91 9.09 9.16
CA GLN F 213 -26.52 9.11 9.60
C GLN F 213 -25.74 8.10 8.78
N ARG F 214 -24.63 8.55 8.19
CA ARG F 214 -23.74 7.63 7.50
C ARG F 214 -22.75 7.04 8.48
N TRP F 215 -22.23 5.86 8.13
CA TRP F 215 -21.34 5.15 9.04
C TRP F 215 -19.96 5.80 9.12
N ARG F 216 -19.51 6.40 8.01
CA ARG F 216 -18.30 7.22 8.03
C ARG F 216 -18.40 8.32 9.08
N ASP F 217 -19.57 8.94 9.18
CA ASP F 217 -19.78 10.02 10.12
C ASP F 217 -20.19 9.50 11.49
N ARG F 218 -20.83 8.33 11.55
CA ARG F 218 -21.16 7.75 12.86
C ARG F 218 -19.89 7.35 13.60
N PHE F 219 -18.96 6.68 12.90
CA PHE F 219 -17.74 6.20 13.54
C PHE F 219 -16.87 7.35 14.03
N LEU F 220 -16.86 8.46 13.30
CA LEU F 220 -16.17 9.68 13.74
C LEU F 220 -16.72 10.19 15.07
N PHE F 221 -18.02 10.44 15.12
CA PHE F 221 -18.61 11.07 16.28
C PHE F 221 -18.78 10.12 17.44
N VAL F 222 -18.76 8.81 17.20
CA VAL F 222 -18.69 7.84 18.28
C VAL F 222 -17.28 7.80 18.88
N ALA F 223 -16.25 7.83 18.03
CA ALA F 223 -14.86 7.79 18.50
C ALA F 223 -14.48 9.02 19.33
N ASP F 224 -15.17 10.15 19.12
CA ASP F 224 -14.95 11.29 19.99
C ASP F 224 -15.74 11.14 21.30
N ALA F 225 -16.86 10.41 21.26
CA ALA F 225 -17.61 10.13 22.47
C ALA F 225 -16.85 9.19 23.39
N ILE F 226 -16.13 8.23 22.81
CA ILE F 226 -15.33 7.33 23.64
C ILE F 226 -14.13 8.04 24.21
N THR F 227 -13.41 8.79 23.37
CA THR F 227 -12.17 9.46 23.74
C THR F 227 -12.38 10.48 24.86
N LYS F 228 -13.52 11.15 24.87
CA LYS F 228 -13.80 12.05 25.99
C LYS F 228 -14.24 11.29 27.23
N ALA F 229 -15.03 10.23 27.05
CA ALA F 229 -15.53 9.49 28.21
C ALA F 229 -14.45 8.63 28.84
N GLN F 230 -13.60 7.98 28.03
CA GLN F 230 -12.59 7.09 28.59
C GLN F 230 -11.37 7.83 29.10
N ALA F 231 -11.31 9.16 28.96
CA ALA F 231 -10.24 9.96 29.49
C ALA F 231 -10.65 10.83 30.68
N GLU F 232 -11.94 10.89 30.99
CA GLU F 232 -12.39 11.55 32.21
C GLU F 232 -12.97 10.58 33.23
N THR F 233 -13.12 9.30 32.87
CA THR F 233 -13.53 8.28 33.82
C THR F 233 -12.46 7.19 34.00
N GLY F 234 -11.36 7.27 33.27
CA GLY F 234 -10.18 6.46 33.56
C GLY F 234 -10.29 4.98 33.29
N GLU F 235 -11.17 4.57 32.39
CA GLU F 235 -11.31 3.16 32.01
C GLU F 235 -11.12 3.02 30.51
N ILE F 236 -11.07 1.78 30.04
CA ILE F 236 -10.96 1.51 28.61
C ILE F 236 -12.38 1.19 28.15
N LYS F 237 -13.13 2.23 27.82
CA LYS F 237 -14.49 2.07 27.36
C LYS F 237 -14.52 1.94 25.84
N GLY F 238 -15.59 1.37 25.33
CA GLY F 238 -15.70 1.11 23.91
C GLY F 238 -17.14 1.23 23.42
N HIS F 239 -17.29 1.03 22.12
CA HIS F 239 -18.58 1.03 21.46
C HIS F 239 -18.61 -0.10 20.45
N TYR F 240 -19.72 -0.81 20.41
CA TYR F 240 -19.94 -1.86 19.43
C TYR F 240 -20.29 -1.20 18.11
N LEU F 241 -19.31 -1.08 17.21
CA LEU F 241 -19.52 -0.41 15.93
C LEU F 241 -20.06 -1.42 14.92
N ASN F 242 -21.28 -1.18 14.44
CA ASN F 242 -21.94 -2.10 13.52
C ASN F 242 -21.27 -2.00 12.15
N VAL F 243 -20.43 -2.96 11.83
CA VAL F 243 -19.74 -2.96 10.54
C VAL F 243 -20.44 -3.85 9.52
N THR F 244 -21.68 -4.24 9.78
CA THR F 244 -22.46 -4.99 8.80
C THR F 244 -22.78 -4.09 7.61
N ALA F 245 -22.54 -4.61 6.41
CA ALA F 245 -22.38 -3.79 5.21
C ALA F 245 -23.06 -4.49 4.03
N PRO F 246 -23.09 -3.91 2.82
CA PRO F 246 -23.46 -4.73 1.66
C PRO F 246 -22.46 -5.83 1.32
N THR F 247 -21.19 -5.51 1.13
CA THR F 247 -20.23 -6.50 0.66
C THR F 247 -19.21 -6.82 1.74
N CYS F 248 -18.41 -7.87 1.48
CA CYS F 248 -17.27 -8.16 2.35
C CYS F 248 -16.20 -7.09 2.24
N GLU F 249 -16.06 -6.50 1.04
CA GLU F 249 -15.09 -5.43 0.83
C GLU F 249 -15.56 -4.11 1.39
N GLU F 250 -16.87 -3.86 1.41
CA GLU F 250 -17.40 -2.71 2.13
C GLU F 250 -17.28 -2.91 3.63
N MET F 251 -17.42 -4.16 4.09
CA MET F 251 -17.37 -4.45 5.52
C MET F 251 -15.97 -4.29 6.09
N LEU F 252 -14.95 -4.79 5.39
CA LEU F 252 -13.59 -4.62 5.87
C LEU F 252 -13.15 -3.16 5.79
N LYS F 253 -13.59 -2.45 4.74
CA LYS F 253 -13.39 -1.00 4.67
C LYS F 253 -14.17 -0.29 5.77
N ARG F 254 -15.31 -0.86 6.19
CA ARG F 254 -16.01 -0.36 7.35
C ARG F 254 -15.35 -0.81 8.64
N ALA F 255 -14.68 -1.95 8.63
CA ALA F 255 -13.95 -2.40 9.80
C ALA F 255 -12.59 -1.74 9.95
N GLU F 256 -11.86 -1.57 8.84
CA GLU F 256 -10.54 -0.93 8.91
C GLU F 256 -10.62 0.55 9.27
N TYR F 257 -11.74 1.21 9.01
CA TYR F 257 -11.89 2.58 9.48
C TYR F 257 -12.10 2.62 10.99
N ALA F 258 -12.74 1.59 11.54
CA ALA F 258 -12.80 1.46 12.99
C ALA F 258 -11.43 1.15 13.58
N LYS F 259 -10.56 0.48 12.81
CA LYS F 259 -9.19 0.28 13.27
C LYS F 259 -8.44 1.60 13.36
N GLU F 260 -8.62 2.47 12.36
CA GLU F 260 -7.93 3.75 12.30
C GLU F 260 -8.35 4.72 13.39
N LEU F 261 -9.47 4.48 14.06
CA LEU F 261 -9.91 5.29 15.18
C LEU F 261 -9.45 4.75 16.53
N LYS F 262 -8.65 3.67 16.50
CA LYS F 262 -8.17 2.95 17.69
C LYS F 262 -9.34 2.47 18.56
N GLN F 263 -10.27 1.77 17.94
CA GLN F 263 -11.48 1.24 18.56
C GLN F 263 -11.24 -0.17 19.07
N PRO F 264 -11.68 -0.46 20.29
CA PRO F 264 -11.51 -1.83 20.80
C PRO F 264 -12.43 -2.84 20.14
N ILE F 265 -13.72 -2.53 19.99
CA ILE F 265 -14.72 -3.51 19.61
C ILE F 265 -15.49 -3.01 18.39
N ILE F 266 -15.96 -3.94 17.56
CA ILE F 266 -16.92 -3.67 16.49
C ILE F 266 -18.08 -4.66 16.62
N MET F 267 -19.04 -4.57 15.69
CA MET F 267 -20.23 -5.40 15.72
C MET F 267 -20.50 -6.02 14.35
N HIS F 268 -20.73 -7.32 14.33
CA HIS F 268 -21.17 -8.01 13.13
C HIS F 268 -22.56 -8.59 13.38
N ASP F 269 -23.26 -8.92 12.29
CA ASP F 269 -24.56 -9.59 12.34
C ASP F 269 -24.40 -10.87 11.53
N TYR F 270 -24.25 -12.01 12.21
CA TYR F 270 -23.65 -13.19 11.60
C TYR F 270 -24.64 -14.06 10.84
N LEU F 271 -25.94 -13.83 10.98
CA LEU F 271 -26.93 -14.61 10.24
C LEU F 271 -27.51 -13.86 9.07
N THR F 272 -27.57 -12.53 9.14
CA THR F 272 -27.91 -11.75 7.95
C THR F 272 -26.74 -11.73 6.97
N ALA F 273 -25.55 -11.43 7.45
CA ALA F 273 -24.36 -11.35 6.60
C ALA F 273 -23.76 -12.71 6.30
N GLY F 274 -23.97 -13.70 7.15
CA GLY F 274 -23.61 -15.07 6.85
C GLY F 274 -22.35 -15.52 7.56
N PHE F 275 -21.92 -16.73 7.19
CA PHE F 275 -20.79 -17.39 7.82
C PHE F 275 -19.55 -17.42 6.94
N THR F 276 -19.54 -16.66 5.84
CA THR F 276 -18.27 -16.27 5.23
C THR F 276 -17.82 -14.95 5.83
N ALA F 277 -18.64 -13.91 5.69
CA ALA F 277 -18.30 -12.57 6.13
C ALA F 277 -18.38 -12.39 7.64
N ASN F 278 -18.65 -13.45 8.40
CA ASN F 278 -18.27 -13.46 9.80
C ASN F 278 -16.87 -14.00 10.00
N THR F 279 -16.46 -14.99 9.19
CA THR F 279 -15.13 -15.56 9.33
C THR F 279 -14.05 -14.59 8.87
N THR F 280 -14.30 -13.85 7.78
CA THR F 280 -13.34 -12.85 7.29
C THR F 280 -13.11 -11.78 8.33
N LEU F 281 -14.20 -11.29 8.91
CA LEU F 281 -14.09 -10.30 9.97
C LEU F 281 -13.46 -10.90 11.22
N ALA F 282 -13.72 -12.19 11.49
CA ALA F 282 -12.99 -12.88 12.53
C ALA F 282 -11.53 -13.08 12.17
N ARG F 283 -11.23 -13.34 10.89
CA ARG F 283 -9.84 -13.32 10.47
C ARG F 283 -9.30 -11.90 10.47
N TRP F 284 -10.16 -10.90 10.26
CA TRP F 284 -9.72 -9.51 10.36
C TRP F 284 -9.45 -9.10 11.80
N CYS F 285 -10.34 -9.49 12.73
CA CYS F 285 -10.30 -8.96 14.09
C CYS F 285 -9.13 -9.52 14.90
N ARG F 286 -8.71 -10.75 14.61
CA ARG F 286 -7.48 -11.27 15.22
C ARG F 286 -6.26 -10.60 14.62
N ASP F 287 -6.27 -10.38 13.30
CA ASP F 287 -5.12 -9.78 12.62
C ASP F 287 -4.92 -8.34 13.03
N ASN F 288 -5.97 -7.64 13.45
CA ASN F 288 -5.87 -6.21 13.71
C ASN F 288 -6.32 -5.82 15.12
N GLY F 289 -6.35 -6.78 16.04
CA GLY F 289 -6.50 -6.50 17.46
C GLY F 289 -7.83 -5.93 17.91
N VAL F 290 -8.81 -5.84 17.04
CA VAL F 290 -10.11 -5.31 17.38
C VAL F 290 -10.96 -6.45 17.92
N LEU F 291 -11.71 -6.18 18.98
CA LEU F 291 -12.63 -7.19 19.49
C LEU F 291 -13.85 -7.27 18.60
N LEU F 292 -14.49 -8.44 18.59
CA LEU F 292 -15.62 -8.69 17.72
C LEU F 292 -16.84 -9.06 18.55
N HIS F 293 -17.60 -8.05 18.95
CA HIS F 293 -18.98 -8.30 19.38
C HIS F 293 -19.80 -8.71 18.17
N ILE F 294 -20.75 -9.61 18.38
CA ILE F 294 -21.64 -10.05 17.31
C ILE F 294 -23.06 -10.13 17.85
N HIS F 295 -23.97 -9.43 17.19
CA HIS F 295 -25.39 -9.52 17.50
C HIS F 295 -26.02 -10.67 16.73
N ARG F 296 -27.07 -11.25 17.30
CA ARG F 296 -27.77 -12.38 16.71
C ARG F 296 -29.00 -11.88 15.94
N ALA F 297 -28.77 -11.09 14.90
CA ALA F 297 -29.85 -10.67 14.02
C ALA F 297 -30.33 -11.88 13.24
N MET F 298 -31.64 -11.90 12.93
CA MET F 298 -32.30 -12.92 12.11
C MET F 298 -32.23 -14.30 12.78
N HIS F 299 -32.03 -14.33 14.10
CA HIS F 299 -31.88 -15.60 14.79
C HIS F 299 -33.20 -16.27 15.08
N ALA F 300 -34.25 -15.50 15.34
CA ALA F 300 -35.55 -16.07 15.66
C ALA F 300 -36.37 -16.40 14.42
N VAL F 301 -35.79 -16.23 13.23
CA VAL F 301 -36.29 -16.94 12.05
C VAL F 301 -36.06 -18.42 12.23
N ILE F 302 -34.99 -18.75 12.96
CA ILE F 302 -34.39 -20.07 12.93
C ILE F 302 -34.55 -20.79 14.26
N ASP F 303 -34.46 -20.04 15.37
CA ASP F 303 -34.43 -20.63 16.70
C ASP F 303 -35.81 -20.83 17.31
N ARG F 304 -36.82 -20.14 16.80
CA ARG F 304 -38.03 -19.87 17.59
C ARG F 304 -38.93 -21.09 17.71
N GLN F 305 -39.19 -21.78 16.61
CA GLN F 305 -40.13 -22.91 16.65
C GLN F 305 -39.49 -24.12 17.31
N LYS F 306 -40.23 -24.73 18.24
CA LYS F 306 -39.71 -25.84 19.02
C LYS F 306 -39.69 -27.17 18.27
N ASN F 307 -40.23 -27.22 17.04
CA ASN F 307 -40.19 -28.42 16.24
C ASN F 307 -39.40 -28.28 14.94
N HIS F 308 -39.08 -27.05 14.53
CA HIS F 308 -38.48 -26.83 13.24
C HIS F 308 -37.53 -25.64 13.32
N GLY F 309 -36.48 -25.68 12.49
CA GLY F 309 -35.47 -24.65 12.44
C GLY F 309 -34.11 -25.21 12.80
N ILE F 310 -33.29 -24.38 13.42
CA ILE F 310 -32.04 -24.83 14.05
C ILE F 310 -32.03 -24.20 15.43
N HIS F 311 -31.71 -24.97 16.46
CA HIS F 311 -31.61 -24.40 17.78
C HIS F 311 -30.41 -23.46 17.83
N PHE F 312 -30.50 -22.46 18.73
CA PHE F 312 -29.47 -21.43 18.80
C PHE F 312 -28.14 -22.00 19.29
N ARG F 313 -28.19 -23.12 20.02
CA ARG F 313 -27.01 -23.79 20.53
C ARG F 313 -26.09 -24.27 19.42
N VAL F 314 -26.65 -24.63 18.26
CA VAL F 314 -25.80 -24.86 17.09
C VAL F 314 -25.17 -23.56 16.64
N LEU F 315 -25.98 -22.52 16.44
CA LEU F 315 -25.48 -21.24 15.94
C LEU F 315 -24.69 -20.46 16.99
N ALA F 316 -24.74 -20.87 18.26
CA ALA F 316 -23.79 -20.38 19.25
C ALA F 316 -22.50 -21.17 19.25
N LYS F 317 -22.55 -22.42 18.79
CA LYS F 317 -21.35 -23.20 18.53
C LYS F 317 -20.86 -23.04 17.10
N ALA F 318 -21.73 -22.58 16.20
CA ALA F 318 -21.32 -22.20 14.86
C ALA F 318 -20.89 -20.74 14.79
N LEU F 319 -20.73 -20.08 15.92
CA LEU F 319 -20.03 -18.80 15.95
C LEU F 319 -18.71 -18.89 16.67
N ARG F 320 -18.62 -19.73 17.71
CA ARG F 320 -17.35 -19.93 18.41
C ARG F 320 -16.30 -20.56 17.49
N LEU F 321 -16.72 -21.25 16.43
CA LEU F 321 -15.78 -21.72 15.44
C LEU F 321 -15.56 -20.73 14.30
N SER F 322 -16.63 -20.11 13.80
CA SER F 322 -16.49 -19.09 12.77
C SER F 322 -15.77 -17.86 13.29
N GLY F 323 -15.98 -17.52 14.55
CA GLY F 323 -15.21 -16.49 15.19
C GLY F 323 -16.02 -15.32 15.68
N GLY F 324 -15.80 -14.95 16.92
CA GLY F 324 -16.40 -13.76 17.48
C GLY F 324 -16.59 -13.88 18.97
N ASP F 325 -16.26 -12.83 19.68
CA ASP F 325 -16.63 -12.67 21.07
C ASP F 325 -18.10 -12.25 21.16
N HIS F 326 -18.61 -12.21 22.39
CA HIS F 326 -19.78 -11.41 22.77
C HIS F 326 -21.05 -11.74 21.99
N ILE F 327 -21.58 -12.95 22.16
CA ILE F 327 -22.87 -13.26 21.54
C ILE F 327 -23.98 -12.91 22.52
N HIS F 328 -25.02 -12.26 22.01
CA HIS F 328 -26.29 -12.16 22.73
C HIS F 328 -26.86 -13.53 23.04
N THR F 329 -27.27 -13.72 24.30
CA THR F 329 -27.87 -14.97 24.74
C THR F 329 -29.35 -14.83 25.08
N GLY F 330 -29.76 -13.70 25.63
CA GLY F 330 -31.16 -13.37 25.74
C GLY F 330 -31.58 -13.07 27.16
N THR F 331 -32.84 -12.66 27.29
CA THR F 331 -33.44 -12.44 28.58
C THR F 331 -33.63 -13.77 29.29
N VAL F 332 -33.02 -13.91 30.46
CA VAL F 332 -33.33 -15.00 31.37
C VAL F 332 -34.33 -14.50 32.42
N VAL F 333 -34.86 -13.30 32.18
CA VAL F 333 -35.77 -12.65 33.11
C VAL F 333 -37.13 -13.34 33.12
N GLY F 334 -37.79 -13.38 31.96
CA GLY F 334 -39.11 -13.96 31.86
C GLY F 334 -39.15 -15.45 31.65
N LYS F 335 -37.99 -16.13 31.68
CA LYS F 335 -37.95 -17.55 31.44
C LYS F 335 -38.23 -18.33 32.72
N LEU F 336 -38.83 -19.50 32.54
CA LEU F 336 -39.08 -20.42 33.65
C LEU F 336 -37.80 -21.16 34.00
N GLU F 337 -37.90 -22.08 34.96
CA GLU F 337 -36.75 -22.90 35.34
C GLU F 337 -36.45 -24.01 34.34
N GLY F 338 -37.30 -24.22 33.34
CA GLY F 338 -37.04 -25.20 32.32
C GLY F 338 -36.24 -24.64 31.17
N GLU F 339 -36.62 -23.46 30.67
CA GLU F 339 -35.89 -22.80 29.61
C GLU F 339 -34.75 -21.93 30.12
N ARG F 340 -34.54 -21.88 31.44
CA ARG F 340 -33.33 -21.24 31.95
C ARG F 340 -32.10 -22.09 31.67
N GLY F 341 -32.19 -23.40 31.92
CA GLY F 341 -31.09 -24.29 31.61
C GLY F 341 -30.86 -24.50 30.13
N ILE F 342 -31.90 -24.32 29.31
CA ILE F 342 -31.72 -24.41 27.86
C ILE F 342 -30.93 -23.21 27.37
N THR F 343 -31.14 -22.03 27.97
CA THR F 343 -30.24 -20.91 27.74
C THR F 343 -28.86 -21.21 28.29
N MET F 344 -28.78 -21.72 29.53
CA MET F 344 -27.52 -22.12 30.14
C MET F 344 -26.88 -23.33 29.47
N GLY F 345 -27.58 -24.02 28.57
CA GLY F 345 -26.94 -25.06 27.79
C GLY F 345 -25.94 -24.51 26.79
N PHE F 346 -26.36 -23.52 25.99
CA PHE F 346 -25.40 -22.96 25.06
C PHE F 346 -24.48 -21.92 25.69
N VAL F 347 -24.85 -21.35 26.83
CA VAL F 347 -23.95 -20.41 27.50
C VAL F 347 -22.76 -21.15 28.10
N ASP F 348 -22.98 -22.35 28.62
CA ASP F 348 -21.84 -23.18 29.01
C ASP F 348 -21.11 -23.73 27.79
N LEU F 349 -21.78 -23.82 26.65
CA LEU F 349 -21.14 -24.09 25.36
C LEU F 349 -20.59 -22.82 24.73
N LEU F 350 -20.55 -21.72 25.46
CA LEU F 350 -20.08 -20.44 24.95
C LEU F 350 -18.85 -19.95 25.68
N ARG F 351 -18.71 -20.34 26.96
CA ARG F 351 -17.70 -19.79 27.84
C ARG F 351 -16.75 -20.83 28.41
N GLU F 352 -17.10 -22.11 28.38
CA GLU F 352 -16.32 -23.17 28.99
C GLU F 352 -15.63 -24.01 27.93
N ASN F 353 -14.71 -24.86 28.37
CA ASN F 353 -13.89 -25.67 27.47
C ASN F 353 -14.39 -27.10 27.31
N TYR F 354 -15.06 -27.65 28.31
CA TYR F 354 -15.62 -28.99 28.21
C TYR F 354 -16.99 -29.03 28.87
N VAL F 355 -17.96 -29.62 28.18
CA VAL F 355 -19.28 -29.85 28.73
C VAL F 355 -19.58 -31.34 28.65
N GLU F 356 -20.61 -31.76 29.36
CA GLU F 356 -21.09 -33.13 29.33
C GLU F 356 -22.41 -33.21 28.59
N GLN F 357 -22.99 -34.41 28.58
CA GLN F 357 -24.26 -34.65 27.89
C GLN F 357 -25.38 -34.34 28.88
N ASP F 358 -25.85 -33.10 28.86
CA ASP F 358 -26.85 -32.59 29.81
C ASP F 358 -28.10 -32.21 29.04
N LYS F 359 -29.08 -33.11 29.01
CA LYS F 359 -30.30 -32.86 28.26
C LYS F 359 -31.32 -32.07 29.06
N SER F 360 -31.16 -32.00 30.38
CA SER F 360 -31.93 -31.05 31.18
C SER F 360 -31.52 -29.62 30.86
N ARG F 361 -30.26 -29.40 30.51
CA ARG F 361 -29.80 -28.15 29.94
C ARG F 361 -29.90 -28.14 28.42
N GLY F 362 -30.35 -29.23 27.82
CA GLY F 362 -30.50 -29.32 26.39
C GLY F 362 -29.28 -29.73 25.61
N ILE F 363 -28.12 -29.87 26.26
CA ILE F 363 -26.89 -30.22 25.56
C ILE F 363 -26.94 -31.70 25.20
N TYR F 364 -26.89 -32.01 23.90
CA TYR F 364 -27.02 -33.39 23.46
C TYR F 364 -25.68 -34.07 23.19
N PHE F 365 -24.56 -33.36 23.27
CA PHE F 365 -23.26 -33.97 23.00
C PHE F 365 -22.20 -33.38 23.92
N THR F 366 -21.33 -34.25 24.43
CA THR F 366 -20.15 -33.82 25.19
C THR F 366 -19.19 -33.11 24.25
N GLN F 367 -19.04 -31.79 24.43
CA GLN F 367 -18.28 -30.98 23.49
C GLN F 367 -16.93 -30.63 24.09
N ASP F 368 -15.86 -31.09 23.44
CA ASP F 368 -14.50 -30.76 23.83
C ASP F 368 -14.03 -29.62 22.93
N TRP F 369 -13.77 -28.46 23.52
CA TRP F 369 -13.42 -27.27 22.75
C TRP F 369 -11.95 -27.14 22.44
N ALA F 370 -11.10 -28.03 23.00
CA ALA F 370 -9.66 -28.10 22.74
C ALA F 370 -8.93 -26.81 23.10
N SER F 371 -9.41 -26.15 24.15
CA SER F 371 -8.89 -24.86 24.64
C SER F 371 -8.94 -23.76 23.58
N LEU F 372 -9.85 -23.88 22.62
CA LEU F 372 -10.19 -22.76 21.77
C LEU F 372 -10.96 -21.74 22.60
N PRO F 373 -10.67 -20.44 22.45
CA PRO F 373 -11.09 -19.45 23.45
C PRO F 373 -12.60 -19.25 23.51
N GLY F 374 -13.04 -18.77 24.66
CA GLY F 374 -14.44 -18.64 24.94
C GLY F 374 -15.07 -17.45 24.25
N VAL F 375 -16.39 -17.35 24.39
CA VAL F 375 -17.18 -16.25 23.87
C VAL F 375 -18.00 -15.69 25.02
N MET F 376 -17.93 -14.36 25.22
CA MET F 376 -18.70 -13.72 26.27
C MET F 376 -20.20 -13.85 25.99
N ALA F 377 -20.97 -13.92 27.06
CA ALA F 377 -22.41 -14.17 26.98
C ALA F 377 -23.14 -12.85 27.18
N VAL F 378 -23.38 -12.14 26.08
CA VAL F 378 -24.13 -10.88 26.14
C VAL F 378 -25.58 -11.19 26.48
N ALA F 379 -26.16 -10.39 27.36
CA ALA F 379 -27.54 -10.61 27.80
C ALA F 379 -28.26 -9.28 27.88
N SER F 380 -29.27 -9.10 27.03
CA SER F 380 -30.22 -8.02 27.23
C SER F 380 -31.01 -8.31 28.50
N GLY F 381 -30.94 -7.41 29.48
CA GLY F 381 -31.53 -7.70 30.77
C GLY F 381 -32.60 -6.73 31.22
N GLY F 382 -33.45 -6.30 30.29
CA GLY F 382 -34.39 -5.26 30.61
C GLY F 382 -33.67 -3.93 30.82
N ILE F 383 -34.39 -3.00 31.45
CA ILE F 383 -33.75 -1.88 32.14
C ILE F 383 -33.73 -2.14 33.64
N HIS F 384 -34.39 -3.20 34.08
CA HIS F 384 -34.81 -3.37 35.48
C HIS F 384 -33.59 -3.57 36.37
N VAL F 385 -33.34 -2.54 37.19
CA VAL F 385 -32.24 -2.53 38.14
C VAL F 385 -32.35 -3.69 39.12
N TRP F 386 -33.58 -4.01 39.56
CA TRP F 386 -33.82 -5.12 40.46
C TRP F 386 -33.57 -6.48 39.82
N HIS F 387 -33.50 -6.57 38.50
CA HIS F 387 -33.17 -7.81 37.80
C HIS F 387 -31.68 -7.98 37.58
N MET F 388 -30.85 -7.24 38.33
CA MET F 388 -29.41 -7.48 38.28
C MET F 388 -28.98 -8.77 38.95
N PRO F 389 -29.38 -9.11 40.19
CA PRO F 389 -28.84 -10.34 40.81
C PRO F 389 -29.36 -11.63 40.19
N ALA F 390 -30.45 -11.57 39.40
CA ALA F 390 -30.78 -12.71 38.57
C ALA F 390 -29.72 -12.90 37.49
N LEU F 391 -29.18 -11.81 36.96
CA LEU F 391 -28.22 -11.85 35.87
C LEU F 391 -26.77 -11.94 36.32
N VAL F 392 -26.51 -11.95 37.62
CA VAL F 392 -25.16 -12.11 38.13
C VAL F 392 -24.91 -13.50 38.72
N GLU F 393 -25.90 -14.09 39.40
CA GLU F 393 -25.78 -15.47 39.85
C GLU F 393 -25.81 -16.43 38.68
N ILE F 394 -26.69 -16.18 37.70
CA ILE F 394 -26.80 -17.05 36.54
C ILE F 394 -25.61 -16.84 35.59
N PHE F 395 -25.41 -15.60 35.16
CA PHE F 395 -24.28 -15.23 34.32
C PHE F 395 -23.24 -14.54 35.20
N GLY F 396 -22.06 -15.13 35.32
CA GLY F 396 -21.07 -14.68 36.29
C GLY F 396 -20.33 -13.42 35.89
N ASP F 397 -19.02 -13.43 36.12
CA ASP F 397 -18.16 -12.34 35.66
C ASP F 397 -17.88 -12.47 34.17
N ASP F 398 -18.36 -13.55 33.58
CA ASP F 398 -17.98 -13.99 32.24
C ASP F 398 -18.97 -13.52 31.18
N SER F 399 -19.74 -12.47 31.47
CA SER F 399 -20.87 -12.10 30.63
C SER F 399 -20.88 -10.59 30.39
N VAL F 400 -21.80 -10.17 29.51
CA VAL F 400 -22.06 -8.76 29.21
C VAL F 400 -23.55 -8.53 29.35
N LEU F 401 -23.93 -7.38 29.91
CA LEU F 401 -25.34 -7.09 30.23
C LEU F 401 -25.80 -5.87 29.45
N GLN F 402 -26.49 -6.09 28.33
CA GLN F 402 -27.14 -4.99 27.64
C GLN F 402 -28.38 -4.53 28.40
N PHE F 403 -28.67 -3.24 28.31
CA PHE F 403 -29.70 -2.62 29.12
C PHE F 403 -30.73 -1.88 28.28
N GLY F 404 -30.93 -2.30 27.04
CA GLY F 404 -31.98 -1.77 26.19
C GLY F 404 -32.99 -2.85 25.86
N GLY F 405 -34.22 -2.42 25.59
CA GLY F 405 -35.36 -3.32 25.56
C GLY F 405 -35.87 -3.58 26.96
N GLY F 406 -37.18 -3.67 27.15
CA GLY F 406 -37.72 -3.78 28.49
C GLY F 406 -37.49 -2.53 29.32
N THR F 407 -37.59 -1.36 28.69
CA THR F 407 -37.09 -0.11 29.25
C THR F 407 -38.23 0.87 29.49
N LEU F 408 -38.49 1.17 30.76
CA LEU F 408 -39.34 2.32 31.09
C LEU F 408 -38.60 3.63 30.96
N GLY F 409 -37.28 3.59 30.84
CA GLY F 409 -36.44 4.77 30.84
C GLY F 409 -35.89 5.06 32.22
N HIS F 410 -35.00 6.05 32.27
CA HIS F 410 -34.52 6.55 33.54
C HIS F 410 -34.93 8.02 33.66
N PRO F 411 -35.62 8.40 34.74
CA PRO F 411 -36.18 9.75 34.81
C PRO F 411 -35.17 10.85 35.15
N TRP F 412 -33.88 10.53 35.28
CA TRP F 412 -32.85 11.54 35.43
C TRP F 412 -31.91 11.64 34.23
N GLY F 413 -32.00 10.72 33.28
CA GLY F 413 -31.23 10.80 32.05
C GLY F 413 -30.46 9.52 31.79
N ASN F 414 -29.71 9.55 30.68
CA ASN F 414 -28.92 8.40 30.30
C ASN F 414 -27.68 8.24 31.17
N ALA F 415 -27.05 9.35 31.57
CA ALA F 415 -25.81 9.26 32.34
C ALA F 415 -25.98 8.92 33.81
N PRO F 416 -26.95 9.46 34.57
CA PRO F 416 -27.22 8.86 35.88
C PRO F 416 -28.02 7.59 35.80
N GLY F 417 -28.63 7.28 34.66
CA GLY F 417 -29.15 5.95 34.39
C GLY F 417 -28.09 4.95 33.98
N ALA F 418 -26.87 5.40 33.76
CA ALA F 418 -25.75 4.52 33.50
C ALA F 418 -25.00 4.15 34.78
N THR F 419 -24.85 5.11 35.70
CA THR F 419 -24.30 4.77 37.02
C THR F 419 -25.28 3.95 37.83
N ALA F 420 -26.58 4.16 37.64
CA ALA F 420 -27.59 3.35 38.32
C ALA F 420 -27.72 1.96 37.74
N ASN F 421 -27.01 1.65 36.66
CA ASN F 421 -26.88 0.31 36.14
C ASN F 421 -25.49 -0.27 36.37
N ARG F 422 -24.61 0.46 37.06
CA ARG F 422 -23.30 -0.07 37.47
C ARG F 422 -23.15 -0.15 38.98
N VAL F 423 -23.64 0.83 39.74
CA VAL F 423 -23.68 0.68 41.19
C VAL F 423 -24.65 -0.41 41.57
N ALA F 424 -25.70 -0.61 40.75
CA ALA F 424 -26.54 -1.80 40.84
C ALA F 424 -25.75 -3.07 40.53
N LEU F 425 -24.75 -2.97 39.66
CA LEU F 425 -23.92 -4.13 39.35
C LEU F 425 -22.80 -4.30 40.37
N GLU F 426 -22.00 -3.26 40.55
CA GLU F 426 -20.80 -3.35 41.38
C GLU F 426 -21.07 -3.36 42.88
N ALA F 427 -22.34 -3.34 43.30
CA ALA F 427 -22.69 -3.79 44.64
C ALA F 427 -23.23 -5.19 44.64
N CYS F 428 -23.84 -5.61 43.54
CA CYS F 428 -24.29 -7.00 43.41
C CYS F 428 -23.11 -7.94 43.20
N VAL F 429 -22.10 -7.50 42.45
CA VAL F 429 -20.87 -8.28 42.32
C VAL F 429 -20.12 -8.24 43.64
N GLN F 430 -20.17 -7.12 44.36
CA GLN F 430 -19.50 -7.01 45.64
C GLN F 430 -20.20 -7.86 46.70
N ALA F 431 -21.52 -8.02 46.61
CA ALA F 431 -22.24 -8.87 47.55
C ALA F 431 -22.06 -10.35 47.25
N ARG F 432 -21.71 -10.71 46.01
CA ARG F 432 -21.30 -12.07 45.72
C ARG F 432 -19.97 -12.38 46.38
N ASN F 433 -19.17 -11.37 46.66
CA ASN F 433 -17.82 -11.52 47.17
C ASN F 433 -17.74 -11.33 48.67
N GLU F 434 -18.87 -11.11 49.34
CA GLU F 434 -18.94 -11.10 50.79
C GLU F 434 -19.42 -12.42 51.36
N GLY F 435 -19.67 -13.40 50.50
CA GLY F 435 -20.28 -14.64 50.94
C GLY F 435 -21.79 -14.63 50.97
N ARG F 436 -22.42 -13.55 50.51
CA ARG F 436 -23.87 -13.50 50.42
C ARG F 436 -24.32 -14.19 49.13
N ASN F 437 -25.62 -14.38 48.99
CA ASN F 437 -26.19 -14.96 47.79
C ASN F 437 -27.15 -13.97 47.13
N LEU F 438 -27.54 -14.29 45.91
CA LEU F 438 -28.27 -13.35 45.06
C LEU F 438 -29.70 -13.80 44.76
N ALA F 439 -30.13 -14.95 45.26
CA ALA F 439 -31.50 -15.39 45.13
C ALA F 439 -32.33 -15.22 46.38
N ARG F 440 -31.71 -15.32 47.56
CA ARG F 440 -32.43 -15.10 48.82
C ARG F 440 -32.42 -13.63 49.24
N GLU F 441 -31.34 -12.90 48.96
CA GLU F 441 -31.26 -11.49 49.30
C GLU F 441 -30.66 -10.65 48.17
N GLY F 442 -30.99 -10.96 46.91
CA GLY F 442 -30.48 -10.16 45.81
C GLY F 442 -31.09 -8.78 45.75
N ASN F 443 -32.39 -8.69 46.00
CA ASN F 443 -33.05 -7.38 46.09
C ASN F 443 -32.62 -6.61 47.33
N ASP F 444 -32.10 -7.30 48.35
CA ASP F 444 -31.64 -6.69 49.58
C ASP F 444 -30.24 -6.08 49.48
N VAL F 445 -29.66 -6.04 48.29
CA VAL F 445 -28.37 -5.40 48.08
C VAL F 445 -28.52 -4.08 47.34
N ILE F 446 -29.48 -4.02 46.42
CA ILE F 446 -29.68 -2.83 45.60
C ILE F 446 -30.25 -1.69 46.43
N ARG F 447 -31.26 -1.96 47.25
CA ARG F 447 -31.74 -0.96 48.18
C ARG F 447 -30.79 -0.77 49.36
N GLU F 448 -29.92 -1.74 49.62
CA GLU F 448 -28.79 -1.51 50.53
C GLU F 448 -27.79 -0.53 49.92
N ALA F 449 -27.62 -0.58 48.59
CA ALA F 449 -26.72 0.33 47.90
C ALA F 449 -27.40 1.61 47.43
N ALA F 450 -28.73 1.66 47.43
CA ALA F 450 -29.46 2.87 47.07
C ALA F 450 -29.43 3.91 48.17
N LYS F 451 -28.89 3.58 49.35
CA LYS F 451 -28.67 4.58 50.38
C LYS F 451 -27.47 5.46 50.07
N TRP F 452 -26.35 4.84 49.67
CA TRP F 452 -25.12 5.58 49.42
C TRP F 452 -25.20 6.34 48.10
N SER F 453 -25.37 5.63 47.00
CA SER F 453 -25.53 6.28 45.70
C SER F 453 -26.94 6.84 45.58
N PRO F 454 -27.12 8.15 45.41
CA PRO F 454 -28.46 8.72 45.34
C PRO F 454 -29.15 8.55 44.00
N GLU F 455 -28.52 7.87 43.05
CA GLU F 455 -29.06 7.70 41.71
C GLU F 455 -29.70 6.34 41.49
N LEU F 456 -29.50 5.38 42.40
CA LEU F 456 -30.16 4.09 42.30
C LEU F 456 -31.63 4.15 42.69
N ALA F 457 -31.96 4.91 43.74
CA ALA F 457 -33.28 4.86 44.35
C ALA F 457 -34.37 5.48 43.46
N VAL F 458 -33.99 6.20 42.41
CA VAL F 458 -34.98 6.77 41.50
C VAL F 458 -35.18 5.87 40.27
N ALA F 459 -34.18 5.04 39.93
CA ALA F 459 -34.32 4.11 38.81
C ALA F 459 -35.36 3.04 39.10
N CYS F 460 -35.18 2.32 40.21
CA CYS F 460 -36.08 1.28 40.77
C CYS F 460 -36.72 0.29 39.78
N MET G 1 11.75 -9.81 52.22
CA MET G 1 10.77 -9.57 51.18
C MET G 1 10.64 -8.08 50.87
N GLN G 2 11.78 -7.41 50.76
CA GLN G 2 11.80 -5.96 50.51
C GLN G 2 11.41 -5.67 49.07
N THR G 3 10.52 -4.70 48.88
CA THR G 3 10.08 -4.30 47.56
C THR G 3 11.19 -3.55 46.82
N LEU G 4 10.99 -3.38 45.51
CA LEU G 4 11.92 -2.61 44.70
C LEU G 4 11.43 -1.18 44.62
N PRO G 5 12.19 -0.19 45.09
CA PRO G 5 11.73 1.19 45.08
C PRO G 5 11.63 1.78 43.68
N LYS G 6 10.65 2.66 43.49
CA LYS G 6 10.47 3.37 42.23
C LYS G 6 11.60 4.38 42.08
N GLU G 7 12.63 4.02 41.34
CA GLU G 7 13.76 4.90 41.07
C GLU G 7 14.05 4.87 39.59
N ARG G 8 13.99 6.03 38.93
CA ARG G 8 14.40 6.11 37.54
C ARG G 8 15.92 6.17 37.55
N ARG G 9 16.53 4.99 37.52
CA ARG G 9 17.98 4.86 37.57
C ARG G 9 18.54 5.05 36.17
N TYR G 10 19.85 4.89 36.01
CA TYR G 10 20.49 5.36 34.79
C TYR G 10 21.22 4.20 34.11
N GLU G 11 21.84 4.52 32.97
CA GLU G 11 22.03 3.56 31.89
C GLU G 11 23.01 2.43 32.24
N THR G 12 24.26 2.76 32.58
CA THR G 12 25.26 1.76 32.91
C THR G 12 26.02 2.22 34.15
N LEU G 13 26.42 1.23 34.97
CA LEU G 13 27.15 1.44 36.24
C LEU G 13 26.39 2.37 37.19
N SER G 14 25.07 2.31 37.19
CA SER G 14 24.26 3.25 37.95
C SER G 14 23.40 2.62 39.02
N TYR G 15 23.31 1.30 39.10
CA TYR G 15 22.61 0.71 40.24
C TYR G 15 23.46 0.67 41.50
N LEU G 16 24.74 1.00 41.38
CA LEU G 16 25.64 1.11 42.50
C LEU G 16 25.27 2.33 43.35
N PRO G 17 25.77 2.43 44.57
CA PRO G 17 25.74 3.72 45.28
C PRO G 17 26.54 4.77 44.53
N PRO G 18 26.25 6.08 44.75
CA PRO G 18 26.93 7.13 43.98
C PRO G 18 28.43 7.14 44.17
N LEU G 19 29.14 7.40 43.07
CA LEU G 19 30.55 7.10 42.95
C LEU G 19 31.37 8.11 43.73
N THR G 20 32.16 7.62 44.69
CA THR G 20 33.13 8.46 45.37
C THR G 20 34.24 8.85 44.41
N ASP G 21 34.90 9.98 44.72
CA ASP G 21 35.90 10.54 43.81
C ASP G 21 37.14 9.69 43.67
N VAL G 22 37.39 8.77 44.62
CA VAL G 22 38.46 7.80 44.45
C VAL G 22 38.10 6.81 43.35
N GLN G 23 36.83 6.39 43.30
CA GLN G 23 36.41 5.43 42.28
C GLN G 23 36.27 6.08 40.91
N ILE G 24 36.01 7.39 40.86
CA ILE G 24 35.89 8.07 39.57
C ILE G 24 37.28 8.22 38.94
N GLU G 25 38.31 8.28 39.79
CA GLU G 25 39.69 8.20 39.30
C GLU G 25 39.96 6.85 38.64
N LYS G 26 39.53 5.77 39.30
CA LYS G 26 39.88 4.43 38.86
C LYS G 26 39.14 4.02 37.60
N GLN G 27 37.90 4.48 37.43
CA GLN G 27 37.10 4.09 36.26
C GLN G 27 37.68 4.68 34.98
N VAL G 28 37.99 5.98 34.99
CA VAL G 28 38.62 6.62 33.83
C VAL G 28 40.08 6.20 33.67
N GLN G 29 40.70 5.65 34.72
CA GLN G 29 42.07 5.15 34.60
C GLN G 29 42.12 3.88 33.76
N TYR G 30 41.11 3.00 33.90
CA TYR G 30 41.02 1.85 33.03
C TYR G 30 40.58 2.24 31.63
N ILE G 31 39.83 3.34 31.52
CA ILE G 31 39.56 3.94 30.22
C ILE G 31 40.85 4.50 29.61
N LEU G 32 41.78 4.97 30.46
CA LEU G 32 43.12 5.33 30.01
C LEU G 32 43.99 4.13 29.68
N SER G 33 43.96 3.06 30.48
CA SER G 33 44.98 2.03 30.42
C SER G 33 44.76 1.01 29.32
N GLN G 34 43.73 1.17 28.48
CA GLN G 34 43.56 0.35 27.29
C GLN G 34 44.28 0.93 26.07
N GLY G 35 45.19 1.88 26.29
CA GLY G 35 45.70 2.65 25.18
C GLY G 35 44.66 3.60 24.62
N TYR G 36 43.66 3.94 25.41
CA TYR G 36 42.56 4.78 24.96
C TYR G 36 42.58 6.12 25.72
N ILE G 37 42.03 7.14 25.07
CA ILE G 37 42.05 8.58 25.34
C ILE G 37 40.64 9.11 25.59
N PRO G 38 40.24 9.40 26.85
CA PRO G 38 38.81 9.56 27.17
C PRO G 38 38.18 10.89 26.74
N ALA G 39 36.92 11.04 27.13
CA ALA G 39 36.10 12.22 26.80
C ALA G 39 35.00 12.40 27.84
N VAL G 40 34.38 13.60 27.83
CA VAL G 40 33.36 14.00 28.80
C VAL G 40 32.12 14.50 28.05
N GLU G 41 30.93 14.14 28.54
CA GLU G 41 29.67 14.68 28.01
C GLU G 41 28.72 15.05 29.14
N PHE G 42 27.72 15.88 28.80
CA PHE G 42 26.71 16.29 29.77
C PHE G 42 25.37 16.50 29.06
N ASN G 43 24.31 16.53 29.85
CA ASN G 43 22.95 16.78 29.36
C ASN G 43 22.10 17.15 30.57
N GLU G 44 20.84 17.50 30.31
CA GLU G 44 19.93 17.88 31.38
C GLU G 44 18.99 16.73 31.76
N VAL G 45 18.35 16.11 30.78
CA VAL G 45 17.37 15.04 31.02
C VAL G 45 17.93 13.76 30.41
N SER G 46 17.86 12.66 31.17
CA SER G 46 18.30 11.36 30.67
C SER G 46 17.09 10.58 30.17
N GLU G 47 16.77 10.76 28.91
CA GLU G 47 15.67 10.05 28.27
C GLU G 47 16.17 8.81 27.57
N PRO G 48 15.34 7.77 27.43
CA PRO G 48 15.64 6.72 26.45
C PRO G 48 15.56 7.21 25.03
N THR G 49 14.74 8.22 24.75
CA THR G 49 14.69 8.79 23.41
C THR G 49 15.97 9.54 23.07
N GLU G 50 16.44 10.36 24.01
CA GLU G 50 17.67 11.15 23.79
C GLU G 50 18.88 10.23 23.87
N LEU G 51 19.44 9.89 22.72
CA LEU G 51 20.65 9.08 22.65
C LEU G 51 21.90 9.91 22.81
N TYR G 52 21.83 11.19 22.45
CA TYR G 52 22.99 12.08 22.47
C TYR G 52 23.00 12.93 23.72
N TRP G 53 24.17 13.07 24.33
CA TRP G 53 24.39 14.10 25.31
C TRP G 53 25.45 15.06 24.79
N THR G 54 25.35 16.31 25.22
CA THR G 54 26.22 17.38 24.75
C THR G 54 27.65 17.18 25.22
N LEU G 55 28.61 17.22 24.30
CA LEU G 55 30.03 17.19 24.65
C LEU G 55 30.41 18.38 25.51
N TRP G 56 31.37 18.15 26.40
CA TRP G 56 31.91 19.22 27.22
C TRP G 56 32.96 20.03 26.48
N LYS G 57 34.08 19.40 26.15
CA LYS G 57 35.10 19.97 25.28
C LYS G 57 35.34 19.01 24.14
N LEU G 58 36.41 19.25 23.40
CA LEU G 58 37.02 18.19 22.59
C LEU G 58 37.38 17.00 23.46
N PRO G 59 37.35 15.78 22.91
CA PRO G 59 37.86 14.62 23.66
C PRO G 59 39.34 14.77 24.00
N LEU G 60 39.70 14.35 25.20
CA LEU G 60 41.07 14.54 25.67
C LEU G 60 41.98 13.46 25.11
N PHE G 61 43.02 13.88 24.39
CA PHE G 61 44.03 12.94 23.93
C PHE G 61 45.41 13.56 23.97
N GLY G 62 46.39 12.71 24.27
CA GLY G 62 47.72 13.10 24.66
C GLY G 62 48.24 12.15 25.73
N ALA G 63 49.37 12.51 26.32
CA ALA G 63 49.94 11.73 27.41
C ALA G 63 49.58 12.37 28.74
N LYS G 64 48.37 12.07 29.23
CA LYS G 64 47.86 12.70 30.44
C LYS G 64 47.46 11.64 31.46
N THR G 65 47.05 12.10 32.64
CA THR G 65 46.63 11.25 33.74
C THR G 65 45.14 11.41 33.99
N SER G 66 44.64 10.61 34.94
CA SER G 66 43.21 10.63 35.28
C SER G 66 42.79 11.92 35.96
N ARG G 67 43.71 12.59 36.67
CA ARG G 67 43.39 13.85 37.33
C ARG G 67 43.23 14.99 36.33
N GLU G 68 43.77 14.86 35.12
CA GLU G 68 43.56 15.85 34.07
C GLU G 68 42.24 15.65 33.35
N VAL G 69 41.50 14.59 33.65
CA VAL G 69 40.14 14.41 33.16
C VAL G 69 39.14 14.99 34.15
N LEU G 70 39.39 14.78 35.45
CA LEU G 70 38.52 15.28 36.50
C LEU G 70 38.62 16.77 36.71
N ALA G 71 39.59 17.45 36.08
CA ALA G 71 39.60 18.91 36.09
C ALA G 71 38.39 19.46 35.34
N GLU G 72 37.89 18.72 34.34
CA GLU G 72 36.68 19.11 33.63
C GLU G 72 35.43 18.67 34.38
N VAL G 73 35.42 17.45 34.90
CA VAL G 73 34.22 16.91 35.53
C VAL G 73 34.07 17.47 36.95
N GLN G 74 35.04 17.21 37.81
CA GLN G 74 34.90 17.55 39.23
C GLN G 74 35.14 19.03 39.49
N SER G 75 36.31 19.52 39.06
CA SER G 75 36.70 20.91 39.37
C SER G 75 35.94 21.93 38.55
N CYS G 76 35.26 21.52 37.47
CA CYS G 76 34.60 22.46 36.58
C CYS G 76 33.19 21.99 36.25
N ARG G 77 32.41 21.65 37.29
CA ARG G 77 30.97 21.47 37.12
C ARG G 77 30.18 22.68 37.58
N SER G 78 30.87 23.79 37.89
CA SER G 78 30.23 24.93 38.52
C SER G 78 29.30 25.70 37.59
N GLN G 79 29.44 25.53 36.28
CA GLN G 79 28.55 26.19 35.32
C GLN G 79 27.41 25.29 34.85
N TYR G 80 27.40 24.02 35.27
CA TYR G 80 26.25 23.14 35.06
C TYR G 80 26.02 22.25 36.28
N PRO G 81 25.48 22.81 37.39
CA PRO G 81 25.32 21.98 38.60
C PRO G 81 24.12 21.05 38.50
N GLY G 82 23.05 21.52 37.87
CA GLY G 82 21.80 20.79 37.83
C GLY G 82 21.63 19.94 36.58
N HIS G 83 22.72 19.37 36.09
CA HIS G 83 22.74 18.61 34.85
C HIS G 83 23.34 17.24 35.06
N TYR G 84 23.11 16.36 34.10
CA TYR G 84 23.59 14.98 34.13
C TYR G 84 24.88 14.88 33.32
N ILE G 85 25.99 14.62 34.00
CA ILE G 85 27.31 14.57 33.37
C ILE G 85 27.76 13.10 33.35
N ARG G 86 28.42 12.69 32.27
CA ARG G 86 28.97 11.33 32.20
C ARG G 86 30.28 11.34 31.42
N VAL G 87 30.94 10.19 31.44
CA VAL G 87 32.25 10.00 30.81
C VAL G 87 32.10 8.99 29.69
N VAL G 88 32.58 9.36 28.50
CA VAL G 88 32.31 8.63 27.27
C VAL G 88 33.64 8.08 26.74
N GLY G 89 33.58 6.92 26.07
CA GLY G 89 34.80 6.22 25.72
C GLY G 89 35.02 5.71 24.30
N PHE G 90 34.26 6.19 23.31
CA PHE G 90 34.64 6.48 21.91
C PHE G 90 35.77 5.57 21.37
N ASP G 91 35.58 4.25 21.50
CA ASP G 91 36.68 3.35 21.17
C ASP G 91 36.90 3.30 19.67
N ASN G 92 37.81 4.14 19.18
CA ASN G 92 37.95 4.42 17.76
C ASN G 92 38.73 3.36 17.00
N ILE G 93 39.57 2.57 17.68
CA ILE G 93 40.33 1.51 17.03
C ILE G 93 39.40 0.42 16.50
N LYS G 94 38.32 0.15 17.22
CA LYS G 94 37.33 -0.85 16.83
C LYS G 94 36.02 -0.19 16.41
N GLN G 95 36.00 1.16 16.29
CA GLN G 95 34.80 1.97 16.04
C GLN G 95 33.71 1.72 17.08
N CYS G 96 34.12 1.59 18.33
CA CYS G 96 33.24 1.19 19.42
C CYS G 96 33.14 2.35 20.42
N GLN G 97 32.56 2.05 21.59
CA GLN G 97 32.31 3.08 22.59
C GLN G 97 32.18 2.35 23.93
N ILE G 98 32.88 2.86 24.95
CA ILE G 98 33.17 2.08 26.16
C ILE G 98 32.86 2.90 27.42
N LEU G 99 32.10 2.31 28.33
CA LEU G 99 31.94 2.75 29.73
C LEU G 99 31.35 4.14 29.89
N SER G 100 30.08 4.28 29.50
CA SER G 100 29.26 5.37 30.02
C SER G 100 28.99 5.17 31.50
N PHE G 101 29.25 6.19 32.30
CA PHE G 101 28.84 6.18 33.71
C PHE G 101 28.56 7.60 34.16
N ILE G 102 27.39 7.81 34.75
CA ILE G 102 26.89 9.15 35.01
C ILE G 102 27.47 9.68 36.31
N VAL G 103 27.97 10.92 36.27
CA VAL G 103 28.76 11.50 37.37
C VAL G 103 28.16 12.85 37.72
N HIS G 104 28.07 13.15 39.02
CA HIS G 104 27.59 14.42 39.59
C HIS G 104 26.16 14.75 39.14
N LYS G 105 25.25 13.96 39.63
CA LYS G 105 23.83 14.17 39.41
C LYS G 105 23.28 15.16 40.43
N PRO G 106 22.33 16.03 40.03
CA PRO G 106 21.71 16.96 40.98
C PRO G 106 20.73 16.27 41.92
N LEU H 23 10.39 -35.98 40.43
CA LEU H 23 10.01 -36.71 39.23
C LEU H 23 8.48 -36.68 39.07
N THR H 24 8.00 -35.73 38.29
CA THR H 24 6.59 -35.64 37.94
C THR H 24 6.34 -35.82 36.46
N TYR H 25 7.38 -36.06 35.66
CA TYR H 25 7.25 -36.10 34.21
C TYR H 25 7.37 -37.52 33.65
N TYR H 26 7.67 -38.51 34.48
CA TYR H 26 7.54 -39.91 34.08
C TYR H 26 6.34 -40.47 34.82
N THR H 27 5.18 -40.43 34.16
CA THR H 27 3.94 -40.98 34.66
C THR H 27 3.59 -42.19 33.81
N PRO H 28 4.01 -43.40 34.20
CA PRO H 28 3.79 -44.57 33.33
C PRO H 28 2.35 -45.06 33.32
N ASP H 29 1.54 -44.64 34.29
CA ASP H 29 0.12 -45.00 34.30
C ASP H 29 -0.71 -44.10 33.39
N TYR H 30 -0.12 -43.04 32.86
CA TYR H 30 -0.83 -42.14 31.95
C TYR H 30 -1.09 -42.83 30.62
N THR H 31 -2.32 -42.73 30.14
CA THR H 31 -2.59 -43.23 28.80
C THR H 31 -2.56 -42.08 27.81
N PRO H 32 -1.99 -42.29 26.62
CA PRO H 32 -1.90 -41.20 25.64
C PRO H 32 -3.27 -40.85 25.07
N LYS H 33 -3.65 -39.58 25.21
CA LYS H 33 -4.87 -39.11 24.59
C LYS H 33 -4.71 -39.06 23.08
N ASP H 34 -5.84 -39.07 22.38
CA ASP H 34 -5.84 -38.90 20.93
C ASP H 34 -5.75 -37.44 20.52
N THR H 35 -5.60 -36.53 21.48
CA THR H 35 -5.25 -35.14 21.25
C THR H 35 -3.87 -34.85 21.86
N ASP H 36 -2.99 -35.84 21.85
CA ASP H 36 -1.61 -35.68 22.28
C ASP H 36 -0.69 -35.91 21.10
N ILE H 37 0.45 -35.23 21.12
CA ILE H 37 1.42 -35.33 20.04
C ILE H 37 2.59 -36.16 20.55
N LEU H 38 2.52 -37.47 20.32
CA LEU H 38 3.45 -38.41 20.93
C LEU H 38 4.79 -38.38 20.24
N ALA H 39 5.85 -38.62 21.00
CA ALA H 39 7.20 -38.64 20.49
C ALA H 39 7.97 -39.80 21.10
N ALA H 40 8.72 -40.50 20.26
CA ALA H 40 9.50 -41.67 20.68
C ALA H 40 10.98 -41.33 20.57
N PHE H 41 11.63 -41.14 21.71
CA PHE H 41 13.04 -40.75 21.76
C PHE H 41 13.90 -41.95 22.15
N ARG H 42 14.90 -42.24 21.34
CA ARG H 42 15.89 -43.28 21.68
C ARG H 42 17.00 -42.60 22.47
N VAL H 43 17.00 -42.81 23.79
CA VAL H 43 17.77 -42.02 24.74
C VAL H 43 18.95 -42.86 25.23
N THR H 44 20.13 -42.24 25.30
CA THR H 44 21.34 -42.91 25.76
C THR H 44 22.05 -42.03 26.80
N PRO H 45 21.86 -42.30 28.09
CA PRO H 45 22.64 -41.59 29.12
C PRO H 45 23.95 -42.27 29.46
N GLN H 46 24.65 -41.76 30.49
CA GLN H 46 25.79 -42.42 31.09
C GLN H 46 25.31 -43.45 32.11
N PRO H 47 26.08 -44.52 32.33
CA PRO H 47 25.88 -45.30 33.58
C PRO H 47 26.16 -44.41 34.79
N GLY H 48 25.10 -44.13 35.55
CA GLY H 48 25.15 -43.16 36.61
C GLY H 48 23.90 -42.30 36.60
N VAL H 49 23.18 -42.36 35.48
CA VAL H 49 21.87 -41.74 35.35
C VAL H 49 20.86 -42.86 35.08
N PRO H 50 19.87 -43.05 35.94
CA PRO H 50 18.90 -44.12 35.72
C PRO H 50 17.97 -43.78 34.56
N PHE H 51 17.24 -44.79 34.10
CA PHE H 51 16.38 -44.59 32.93
C PHE H 51 15.17 -43.73 33.26
N GLU H 52 14.71 -43.76 34.51
CA GLU H 52 13.55 -42.98 34.89
C GLU H 52 13.87 -41.50 34.97
N GLU H 53 15.06 -41.16 35.48
CA GLU H 53 15.49 -39.76 35.46
C GLU H 53 15.86 -39.32 34.06
N ALA H 54 16.43 -40.22 33.25
CA ALA H 54 16.80 -39.88 31.89
C ALA H 54 15.57 -39.66 31.02
N ALA H 55 14.51 -40.43 31.24
CA ALA H 55 13.27 -40.22 30.50
C ALA H 55 12.59 -38.93 30.92
N ALA H 56 12.41 -38.74 32.22
CA ALA H 56 11.73 -37.56 32.77
C ALA H 56 12.54 -36.28 32.62
N ALA H 57 13.76 -36.34 32.07
CA ALA H 57 14.48 -35.16 31.64
C ALA H 57 14.34 -34.87 30.16
N VAL H 58 14.02 -35.87 29.34
CA VAL H 58 13.70 -35.59 27.95
C VAL H 58 12.36 -34.89 27.85
N ALA H 59 11.38 -35.32 28.67
CA ALA H 59 10.10 -34.63 28.72
C ALA H 59 10.18 -33.31 29.46
N ALA H 60 11.24 -33.06 30.22
CA ALA H 60 11.36 -31.82 30.97
C ALA H 60 11.74 -30.65 30.06
N GLU H 61 12.97 -30.67 29.55
CA GLU H 61 13.47 -29.50 28.85
C GLU H 61 12.96 -29.38 27.42
N SER H 62 12.14 -30.32 26.97
CA SER H 62 11.46 -30.15 25.69
C SER H 62 10.15 -29.40 25.85
N SER H 63 9.53 -29.46 27.03
CA SER H 63 8.35 -28.66 27.32
C SER H 63 8.51 -27.68 28.48
N THR H 64 8.79 -28.14 29.70
CA THR H 64 8.83 -27.28 30.88
C THR H 64 9.97 -27.73 31.78
N GLY H 65 10.93 -26.84 32.05
CA GLY H 65 12.14 -27.24 32.75
C GLY H 65 11.90 -27.53 34.22
N THR H 66 12.72 -28.45 34.75
CA THR H 66 12.62 -28.90 36.14
C THR H 66 13.55 -28.15 37.08
N TRP H 67 14.14 -27.04 36.65
CA TRP H 67 15.04 -26.29 37.52
C TRP H 67 14.28 -25.62 38.66
N THR H 68 13.11 -25.08 38.36
CA THR H 68 12.27 -24.40 39.34
C THR H 68 11.32 -25.41 39.96
N THR H 69 11.47 -25.65 41.26
CA THR H 69 10.66 -26.62 41.98
C THR H 69 9.98 -26.06 43.22
N VAL H 70 10.41 -24.91 43.73
CA VAL H 70 10.07 -24.53 45.09
C VAL H 70 8.78 -23.70 45.13
N TRP H 71 8.80 -22.52 44.52
CA TRP H 71 7.65 -21.62 44.55
C TRP H 71 6.93 -21.52 43.22
N THR H 72 7.65 -21.33 42.11
CA THR H 72 7.03 -21.14 40.81
C THR H 72 6.59 -22.45 40.15
N ASP H 73 6.74 -23.60 40.82
CA ASP H 73 6.20 -24.84 40.30
C ASP H 73 4.68 -24.85 40.39
N LEU H 74 4.10 -24.13 41.34
CA LEU H 74 2.66 -24.12 41.57
C LEU H 74 2.06 -22.74 41.35
N LEU H 75 2.66 -21.92 40.47
CA LEU H 75 2.00 -20.70 40.04
C LEU H 75 0.79 -21.02 39.17
N THR H 76 1.03 -21.65 38.01
CA THR H 76 0.02 -21.80 36.98
C THR H 76 -0.15 -23.25 36.56
N ASP H 77 -0.87 -23.48 35.47
CA ASP H 77 -1.17 -24.82 35.00
C ASP H 77 0.06 -25.51 34.44
N LEU H 78 0.90 -26.03 35.32
CA LEU H 78 2.02 -26.89 34.92
C LEU H 78 1.68 -28.36 35.07
N ASP H 79 0.39 -28.69 35.20
CA ASP H 79 -0.03 -30.09 35.28
C ASP H 79 -0.70 -30.53 33.99
N ARG H 80 -1.02 -29.59 33.11
CA ARG H 80 -1.68 -29.89 31.84
C ARG H 80 -0.94 -29.34 30.63
N TYR H 81 -0.02 -28.39 30.82
CA TYR H 81 0.79 -27.85 29.73
C TYR H 81 2.20 -28.42 29.74
N LYS H 82 2.38 -29.65 30.20
CA LYS H 82 3.70 -30.24 30.35
C LYS H 82 3.79 -31.55 29.57
N GLY H 83 4.93 -31.74 28.90
CA GLY H 83 5.19 -33.01 28.26
C GLY H 83 5.55 -34.04 29.30
N ARG H 84 4.96 -35.23 29.19
CA ARG H 84 5.13 -36.27 30.18
C ARG H 84 5.44 -37.60 29.49
N CYS H 85 6.23 -38.42 30.18
CA CYS H 85 6.57 -39.75 29.70
C CYS H 85 5.50 -40.71 30.19
N TYR H 86 5.11 -41.65 29.33
CA TYR H 86 4.20 -42.69 29.76
C TYR H 86 4.79 -44.09 29.60
N ASP H 87 5.99 -44.22 29.04
CA ASP H 87 6.66 -45.51 28.91
C ASP H 87 8.16 -45.34 29.08
N ILE H 88 8.82 -46.45 29.39
CA ILE H 88 10.25 -46.67 29.13
C ILE H 88 10.37 -48.08 28.57
N GLU H 89 10.85 -48.19 27.35
CA GLU H 89 11.04 -49.50 26.72
C GLU H 89 12.49 -49.62 26.27
N PRO H 90 13.26 -50.54 26.85
CA PRO H 90 14.66 -50.70 26.44
C PRO H 90 14.76 -51.31 25.05
N VAL H 91 15.74 -50.84 24.29
CA VAL H 91 16.06 -51.45 22.99
C VAL H 91 16.62 -52.84 23.23
N PRO H 92 16.13 -53.87 22.52
CA PRO H 92 16.66 -55.22 22.75
C PRO H 92 18.09 -55.37 22.27
N GLY H 93 18.91 -56.01 23.11
CA GLY H 93 20.30 -56.28 22.80
C GLY H 93 21.27 -55.16 23.14
N GLU H 94 20.82 -53.91 23.20
CA GLU H 94 21.69 -52.76 23.39
C GLU H 94 21.45 -52.15 24.76
N ASP H 95 22.49 -52.17 25.60
CA ASP H 95 22.42 -51.61 26.94
C ASP H 95 22.49 -50.10 26.89
N ASN H 96 21.99 -49.47 27.96
CA ASN H 96 22.04 -48.01 28.21
C ASN H 96 21.28 -47.25 27.10
N GLN H 97 20.26 -47.88 26.54
CA GLN H 97 19.63 -47.35 25.34
C GLN H 97 18.17 -47.79 25.34
N PHE H 98 17.29 -46.90 25.75
CA PHE H 98 15.86 -47.17 25.86
C PHE H 98 15.10 -46.24 24.93
N ILE H 99 13.77 -46.41 24.90
CA ILE H 99 12.89 -45.61 24.06
C ILE H 99 11.84 -44.98 24.97
N ALA H 100 11.91 -43.66 25.13
CA ALA H 100 11.04 -42.91 26.04
C ALA H 100 9.89 -42.31 25.23
N TYR H 101 8.72 -42.92 25.35
CA TYR H 101 7.53 -42.38 24.71
C TYR H 101 7.00 -41.21 25.54
N ILE H 102 6.84 -40.06 24.90
CA ILE H 102 6.50 -38.82 25.61
C ILE H 102 5.24 -38.24 24.99
N ALA H 103 4.26 -37.90 25.84
CA ALA H 103 3.01 -37.27 25.42
C ALA H 103 3.11 -35.77 25.59
N TYR H 104 2.93 -35.03 24.50
CA TYR H 104 2.86 -33.59 24.55
C TYR H 104 1.43 -33.15 24.32
N PRO H 105 0.86 -32.33 25.18
CA PRO H 105 -0.53 -31.88 24.98
C PRO H 105 -0.66 -30.97 23.77
N LEU H 106 -1.85 -30.97 23.19
CA LEU H 106 -2.10 -30.26 21.93
C LEU H 106 -2.03 -28.75 22.10
N ASP H 107 -2.31 -28.25 23.29
CA ASP H 107 -2.42 -26.82 23.54
C ASP H 107 -1.07 -26.13 23.66
N LEU H 108 0.03 -26.80 23.37
CA LEU H 108 1.34 -26.19 23.43
C LEU H 108 1.80 -25.63 22.09
N PHE H 109 1.30 -26.16 20.98
CA PHE H 109 1.93 -25.96 19.68
C PHE H 109 1.07 -25.01 18.85
N GLU H 110 1.63 -24.61 17.71
CA GLU H 110 0.95 -23.71 16.79
C GLU H 110 0.22 -24.50 15.72
N GLU H 111 -1.00 -24.06 15.42
CA GLU H 111 -1.80 -24.70 14.38
C GLU H 111 -1.21 -24.40 13.01
N GLY H 112 -0.53 -25.39 12.44
CA GLY H 112 -0.03 -25.26 11.08
C GLY H 112 1.46 -25.04 10.94
N SER H 113 2.26 -25.30 11.97
CA SER H 113 3.70 -25.09 11.87
C SER H 113 4.46 -26.26 12.50
N ILE H 114 5.45 -26.76 11.77
CA ILE H 114 6.41 -27.72 12.31
C ILE H 114 7.56 -27.00 12.99
N THR H 115 7.85 -25.75 12.62
CA THR H 115 8.85 -24.96 13.32
C THR H 115 8.43 -24.54 14.73
N ASN H 116 7.28 -24.99 15.23
CA ASN H 116 7.00 -25.07 16.65
C ASN H 116 7.05 -26.51 17.18
N VAL H 117 6.80 -27.50 16.31
CA VAL H 117 6.95 -28.90 16.71
C VAL H 117 8.43 -29.24 16.90
N LEU H 118 9.26 -28.95 15.89
CA LEU H 118 10.69 -29.22 15.98
C LEU H 118 11.46 -28.11 16.71
N THR H 119 10.76 -27.24 17.43
CA THR H 119 11.34 -26.30 18.35
C THR H 119 11.01 -26.66 19.80
N SER H 120 9.94 -27.43 20.02
CA SER H 120 9.61 -28.03 21.30
C SER H 120 10.30 -29.38 21.47
N ILE H 121 10.00 -30.29 20.56
CA ILE H 121 10.30 -31.70 20.74
C ILE H 121 11.78 -32.00 20.53
N VAL H 122 12.46 -31.27 19.66
CA VAL H 122 13.90 -31.45 19.48
C VAL H 122 14.67 -30.15 19.69
N GLY H 123 14.06 -29.15 20.31
CA GLY H 123 14.67 -27.84 20.39
C GLY H 123 15.81 -27.68 21.38
N ASN H 124 15.52 -27.79 22.68
CA ASN H 124 16.50 -27.59 23.73
C ASN H 124 16.72 -28.85 24.56
N VAL H 125 16.42 -30.01 24.01
CA VAL H 125 16.40 -31.24 24.79
C VAL H 125 17.62 -32.09 24.49
N PHE H 126 18.16 -31.98 23.26
CA PHE H 126 19.29 -32.80 22.90
C PHE H 126 20.58 -32.27 23.49
N GLY H 127 20.58 -31.02 23.96
CA GLY H 127 21.74 -30.44 24.59
C GLY H 127 21.68 -30.55 26.10
N PHE H 128 20.87 -31.49 26.58
CA PHE H 128 20.83 -31.79 28.01
C PHE H 128 22.13 -32.50 28.39
N LYS H 129 22.71 -32.09 29.51
CA LYS H 129 24.08 -32.47 29.84
C LYS H 129 24.20 -33.94 30.21
N ALA H 130 23.20 -34.50 30.88
CA ALA H 130 23.30 -35.85 31.41
C ALA H 130 22.84 -36.91 30.42
N LEU H 131 22.76 -36.59 29.12
CA LEU H 131 22.38 -37.55 28.09
C LEU H 131 23.45 -37.52 27.01
N ARG H 132 24.05 -38.68 26.74
CA ARG H 132 25.24 -38.75 25.90
C ARG H 132 24.92 -39.07 24.45
N ALA H 133 23.65 -39.33 24.14
CA ALA H 133 23.09 -39.50 22.81
C ALA H 133 21.58 -39.53 22.95
N LEU H 134 20.89 -39.06 21.91
CA LEU H 134 19.44 -38.94 21.98
C LEU H 134 18.93 -38.82 20.54
N ARG H 135 17.97 -39.68 20.17
CA ARG H 135 17.44 -39.68 18.82
C ARG H 135 15.92 -39.75 18.87
N LEU H 136 15.25 -38.73 18.33
CA LEU H 136 13.81 -38.79 18.10
C LEU H 136 13.56 -39.82 16.99
N GLU H 137 13.05 -40.98 17.38
CA GLU H 137 12.81 -42.05 16.42
C GLU H 137 11.55 -41.77 15.62
N ASP H 138 10.40 -41.81 16.28
CA ASP H 138 9.13 -41.61 15.61
C ASP H 138 8.33 -40.59 16.41
N ILE H 139 7.40 -39.96 15.72
CA ILE H 139 6.53 -38.94 16.27
C ILE H 139 5.12 -39.24 15.79
N ARG H 140 4.13 -39.00 16.64
CA ARG H 140 2.74 -39.17 16.23
C ARG H 140 2.03 -37.83 16.25
N PHE H 141 1.60 -37.38 15.08
CA PHE H 141 0.73 -36.23 14.99
C PHE H 141 -0.71 -36.72 14.92
N PRO H 142 -1.58 -36.31 15.84
CA PRO H 142 -2.94 -36.81 15.83
C PRO H 142 -3.77 -36.19 14.72
N VAL H 143 -4.98 -36.74 14.54
CA VAL H 143 -5.96 -36.19 13.62
C VAL H 143 -6.39 -34.80 14.07
N ALA H 144 -6.32 -34.54 15.38
CA ALA H 144 -6.61 -33.22 15.92
C ALA H 144 -5.60 -32.17 15.48
N TYR H 145 -4.35 -32.57 15.22
CA TYR H 145 -3.30 -31.62 14.87
C TYR H 145 -2.93 -31.67 13.40
N ILE H 146 -3.22 -32.78 12.70
CA ILE H 146 -2.95 -32.86 11.26
C ILE H 146 -3.86 -31.91 10.49
N LYS H 147 -5.13 -31.81 10.88
CA LYS H 147 -6.09 -30.98 10.14
C LYS H 147 -5.82 -29.48 10.25
N THR H 148 -4.97 -29.05 11.20
CA THR H 148 -4.53 -27.67 11.18
C THR H 148 -3.61 -27.38 10.02
N PHE H 149 -2.91 -28.39 9.50
CA PHE H 149 -2.01 -28.22 8.38
C PHE H 149 -2.78 -28.25 7.06
N GLN H 150 -2.20 -27.60 6.05
CA GLN H 150 -2.69 -27.77 4.69
C GLN H 150 -2.37 -29.16 4.19
N GLY H 151 -1.25 -29.72 4.65
CA GLY H 151 -0.72 -30.92 4.10
C GLY H 151 -0.02 -30.65 2.79
N PRO H 152 0.14 -31.68 1.97
CA PRO H 152 0.85 -31.55 0.70
C PRO H 152 0.01 -30.77 -0.30
N PRO H 153 0.63 -30.21 -1.35
CA PRO H 153 -0.17 -29.58 -2.41
C PRO H 153 -1.09 -30.55 -3.13
N HIS H 154 -0.57 -31.69 -3.56
CA HIS H 154 -1.39 -32.66 -4.28
C HIS H 154 -0.93 -34.06 -3.93
N GLY H 155 -1.82 -34.88 -3.40
CA GLY H 155 -1.50 -36.27 -3.13
C GLY H 155 -1.35 -37.06 -4.41
N ILE H 156 -1.01 -38.35 -4.24
CA ILE H 156 -0.63 -39.20 -5.37
C ILE H 156 -1.78 -39.35 -6.35
N GLN H 157 -2.93 -39.83 -5.88
CA GLN H 157 -4.13 -39.88 -6.70
C GLN H 157 -4.75 -38.51 -6.98
N VAL H 158 -4.08 -37.43 -6.61
CA VAL H 158 -4.44 -36.07 -6.97
C VAL H 158 -3.41 -35.54 -7.97
N GLU H 159 -2.17 -36.05 -7.93
CA GLU H 159 -1.15 -35.67 -8.91
C GLU H 159 -0.68 -36.81 -9.80
N ARG H 160 -1.34 -37.97 -9.77
CA ARG H 160 -1.32 -38.79 -10.97
C ARG H 160 -2.27 -38.25 -12.02
N ASP H 161 -3.24 -37.43 -11.60
CA ASP H 161 -4.26 -36.90 -12.49
C ASP H 161 -3.74 -35.79 -13.39
N LYS H 162 -2.87 -34.93 -12.84
CA LYS H 162 -2.33 -33.82 -13.62
C LYS H 162 -1.33 -34.29 -14.66
N LEU H 163 -0.63 -35.38 -14.39
CA LEU H 163 0.39 -35.88 -15.29
C LEU H 163 -0.15 -36.83 -16.34
N ASN H 164 -1.42 -37.26 -16.20
CA ASN H 164 -2.08 -38.24 -17.07
C ASN H 164 -1.28 -39.54 -17.12
N LYS H 165 -0.86 -40.01 -15.94
CA LYS H 165 0.04 -41.14 -15.81
C LYS H 165 -0.48 -42.07 -14.72
N TYR H 166 -1.03 -43.22 -15.12
CA TYR H 166 -1.72 -44.13 -14.23
C TYR H 166 -1.12 -45.53 -14.34
N GLY H 167 -1.20 -46.27 -13.25
CA GLY H 167 -0.92 -47.70 -13.26
C GLY H 167 0.53 -48.10 -13.33
N ARG H 168 1.46 -47.16 -13.17
CA ARG H 168 2.88 -47.46 -13.25
C ARG H 168 3.64 -46.43 -12.44
N PRO H 169 4.78 -46.80 -11.85
CA PRO H 169 5.59 -45.80 -11.14
C PRO H 169 6.25 -44.81 -12.09
N LEU H 170 6.38 -43.58 -11.62
CA LEU H 170 6.94 -42.50 -12.42
C LEU H 170 8.45 -42.65 -12.54
N LEU H 171 9.02 -41.92 -13.50
CA LEU H 171 10.42 -42.09 -13.89
C LEU H 171 11.16 -40.78 -13.72
N GLY H 172 11.89 -40.65 -12.61
CA GLY H 172 12.81 -39.54 -12.44
C GLY H 172 14.11 -39.76 -13.18
N CYS H 173 14.96 -38.74 -13.16
CA CYS H 173 16.28 -38.83 -13.78
C CYS H 173 17.20 -37.82 -13.13
N THR H 174 18.49 -38.15 -13.11
CA THR H 174 19.50 -37.21 -12.63
C THR H 174 20.28 -36.72 -13.85
N ILE H 175 19.87 -35.58 -14.40
CA ILE H 175 20.67 -34.89 -15.42
C ILE H 175 21.75 -34.16 -14.63
N LYS H 176 22.88 -34.83 -14.44
CA LYS H 176 24.03 -34.24 -13.77
C LYS H 176 25.28 -34.41 -14.62
N PRO H 177 25.39 -33.70 -15.79
CA PRO H 177 26.78 -33.54 -16.28
C PRO H 177 27.46 -32.59 -15.31
N LYS H 178 28.28 -33.20 -14.45
CA LYS H 178 28.29 -33.04 -12.98
C LYS H 178 27.99 -31.60 -12.59
N LEU H 179 28.81 -30.63 -12.97
CA LEU H 179 28.49 -29.20 -12.91
C LEU H 179 29.17 -28.53 -14.10
N GLY H 180 28.87 -27.25 -14.29
CA GLY H 180 29.45 -26.52 -15.39
C GLY H 180 28.77 -26.76 -16.71
N LEU H 181 27.52 -26.34 -16.82
CA LEU H 181 26.78 -26.36 -18.06
C LEU H 181 26.20 -24.98 -18.30
N SER H 182 26.19 -24.53 -19.55
CA SER H 182 25.36 -23.39 -19.88
C SER H 182 23.90 -23.86 -19.92
N ALA H 183 22.99 -22.89 -19.80
CA ALA H 183 21.57 -23.21 -19.69
C ALA H 183 21.01 -23.85 -20.96
N LYS H 184 21.59 -23.54 -22.12
CA LYS H 184 21.26 -24.29 -23.32
C LYS H 184 21.83 -25.70 -23.24
N ASN H 185 23.11 -25.82 -22.85
CA ASN H 185 23.76 -27.12 -22.69
C ASN H 185 23.08 -27.95 -21.60
N TYR H 186 22.57 -27.29 -20.58
CA TYR H 186 21.73 -27.96 -19.60
C TYR H 186 20.40 -28.36 -20.24
N GLY H 187 19.77 -27.44 -20.97
CA GLY H 187 18.55 -27.74 -21.69
C GLY H 187 18.72 -28.62 -22.91
N ARG H 188 19.96 -28.89 -23.34
CA ARG H 188 20.15 -29.92 -24.35
C ARG H 188 20.08 -31.31 -23.74
N ALA H 189 20.67 -31.49 -22.56
CA ALA H 189 20.68 -32.78 -21.88
C ALA H 189 19.41 -33.07 -21.11
N VAL H 190 18.74 -32.03 -20.58
CA VAL H 190 17.44 -32.20 -19.95
C VAL H 190 16.39 -32.61 -20.99
N TYR H 191 16.55 -32.15 -22.23
CA TYR H 191 15.56 -32.43 -23.26
C TYR H 191 15.58 -33.91 -23.68
N GLU H 192 16.73 -34.41 -24.09
CA GLU H 192 16.76 -35.70 -24.76
C GLU H 192 16.63 -36.91 -23.83
N CYS H 193 16.49 -36.71 -22.53
CA CYS H 193 15.91 -37.75 -21.69
C CYS H 193 14.40 -37.68 -21.61
N LEU H 194 13.80 -36.52 -21.88
CA LEU H 194 12.35 -36.42 -21.86
C LEU H 194 11.74 -36.99 -23.13
N ARG H 195 12.39 -36.78 -24.28
CA ARG H 195 11.95 -37.49 -25.48
C ARG H 195 12.33 -38.96 -25.44
N GLY H 196 13.28 -39.34 -24.59
CA GLY H 196 13.63 -40.74 -24.40
C GLY H 196 12.56 -41.54 -23.69
N GLY H 197 11.67 -40.87 -22.95
CA GLY H 197 10.59 -41.53 -22.25
C GLY H 197 10.52 -41.20 -20.77
N LEU H 198 11.53 -40.56 -20.22
CA LEU H 198 11.53 -40.26 -18.79
C LEU H 198 10.55 -39.14 -18.48
N ASP H 199 10.01 -39.19 -17.26
CA ASP H 199 8.98 -38.26 -16.86
C ASP H 199 9.55 -36.95 -16.34
N PHE H 200 10.59 -37.03 -15.51
CA PHE H 200 11.18 -35.86 -14.88
C PHE H 200 12.68 -36.07 -14.78
N THR H 201 13.44 -34.98 -14.86
CA THR H 201 14.89 -35.06 -14.98
C THR H 201 15.56 -34.15 -13.96
N LYS H 202 15.68 -34.66 -12.71
CA LYS H 202 15.88 -33.82 -11.53
C LYS H 202 17.15 -32.98 -11.58
N ASP H 203 17.01 -31.72 -11.13
CA ASP H 203 18.07 -30.74 -11.12
C ASP H 203 19.14 -31.09 -10.10
N ASP H 204 20.32 -30.49 -10.28
CA ASP H 204 21.33 -30.46 -9.23
C ASP H 204 20.83 -29.66 -8.03
N GLU H 205 21.50 -29.84 -6.90
CA GLU H 205 21.32 -28.93 -5.79
C GLU H 205 22.22 -27.72 -5.88
N ASN H 206 23.28 -27.79 -6.68
CA ASN H 206 24.21 -26.68 -6.83
C ASN H 206 23.79 -25.72 -7.92
N ILE H 207 22.76 -26.04 -8.70
CA ILE H 207 22.23 -25.08 -9.67
C ILE H 207 21.15 -24.30 -8.92
N ASN H 208 21.61 -23.33 -8.14
CA ASN H 208 20.84 -22.19 -7.68
C ASN H 208 21.72 -21.04 -8.11
N SER H 209 21.39 -20.41 -9.25
CA SER H 209 22.02 -19.23 -9.85
C SER H 209 23.54 -19.14 -9.73
N ALA H 210 24.23 -20.26 -9.98
CA ALA H 210 25.68 -20.27 -10.01
C ALA H 210 26.16 -19.43 -11.19
N PRO H 211 27.37 -18.81 -11.09
CA PRO H 211 27.82 -17.87 -12.13
C PRO H 211 28.04 -18.43 -13.53
N PHE H 212 27.92 -19.75 -13.73
CA PHE H 212 27.95 -20.27 -15.09
C PHE H 212 26.56 -20.45 -15.70
N GLN H 213 25.55 -20.78 -14.89
CA GLN H 213 24.16 -20.74 -15.35
C GLN H 213 23.26 -20.24 -14.23
N ARG H 214 22.55 -19.14 -14.49
CA ARG H 214 21.64 -18.57 -13.51
C ARG H 214 20.27 -19.22 -13.61
N TRP H 215 19.45 -19.00 -12.58
CA TRP H 215 18.16 -19.67 -12.49
C TRP H 215 17.15 -19.13 -13.50
N ARG H 216 17.27 -17.84 -13.86
CA ARG H 216 16.39 -17.26 -14.87
C ARG H 216 16.57 -17.93 -16.22
N ASP H 217 17.79 -18.37 -16.50
CA ASP H 217 18.16 -19.01 -17.76
C ASP H 217 17.96 -20.51 -17.70
N ARG H 218 18.23 -21.10 -16.55
CA ARG H 218 18.03 -22.52 -16.32
C ARG H 218 16.55 -22.87 -16.16
N PHE H 219 15.67 -21.89 -15.96
CA PHE H 219 14.24 -22.15 -16.07
C PHE H 219 13.72 -22.01 -17.48
N LEU H 220 14.35 -21.14 -18.30
CA LEU H 220 13.83 -20.82 -19.62
C LEU H 220 14.12 -21.91 -20.63
N PHE H 221 15.39 -22.31 -20.75
CA PHE H 221 15.75 -23.34 -21.73
C PHE H 221 15.29 -24.72 -21.30
N VAL H 222 15.01 -24.91 -20.03
CA VAL H 222 14.27 -26.09 -19.59
C VAL H 222 12.82 -26.02 -20.06
N ALA H 223 12.19 -24.84 -19.93
CA ALA H 223 10.83 -24.66 -20.43
C ALA H 223 10.75 -24.75 -21.94
N ASP H 224 11.81 -24.32 -22.64
CA ASP H 224 11.88 -24.55 -24.08
C ASP H 224 12.12 -26.01 -24.41
N ALA H 225 12.69 -26.78 -23.48
CA ALA H 225 12.89 -28.21 -23.70
C ALA H 225 11.62 -29.00 -23.45
N ILE H 226 10.91 -28.69 -22.35
CA ILE H 226 9.75 -29.46 -21.94
C ILE H 226 8.58 -29.29 -22.91
N THR H 227 8.30 -28.04 -23.29
CA THR H 227 7.20 -27.78 -24.21
C THR H 227 7.50 -28.29 -25.62
N LYS H 228 8.76 -28.54 -25.93
CA LYS H 228 9.17 -29.23 -27.15
C LYS H 228 9.34 -30.72 -26.91
N ALA H 229 9.26 -31.18 -25.66
CA ALA H 229 9.28 -32.61 -25.36
C ALA H 229 7.89 -33.22 -25.27
N GLN H 230 6.92 -32.47 -24.74
CA GLN H 230 5.54 -32.96 -24.69
C GLN H 230 4.89 -32.96 -26.06
N ALA H 231 5.44 -32.21 -27.02
CA ALA H 231 4.93 -32.23 -28.38
C ALA H 231 5.52 -33.37 -29.21
N GLU H 232 6.68 -33.89 -28.83
CA GLU H 232 7.29 -34.99 -29.55
C GLU H 232 6.75 -36.34 -29.10
N THR H 233 6.73 -36.59 -27.80
CA THR H 233 6.20 -37.85 -27.28
C THR H 233 4.68 -37.82 -27.22
N GLY H 234 4.12 -36.86 -26.51
CA GLY H 234 2.68 -36.74 -26.34
C GLY H 234 2.24 -36.59 -24.89
N GLU H 235 2.97 -37.17 -23.95
CA GLU H 235 2.59 -37.15 -22.54
C GLU H 235 3.06 -35.87 -21.87
N ILE H 236 2.50 -35.60 -20.69
CA ILE H 236 2.83 -34.40 -19.93
C ILE H 236 4.08 -34.67 -19.11
N LYS H 237 5.17 -33.96 -19.44
CA LYS H 237 6.46 -34.17 -18.80
C LYS H 237 6.91 -32.89 -18.14
N GLY H 238 7.95 -32.99 -17.31
CA GLY H 238 8.40 -31.81 -16.60
C GLY H 238 9.83 -31.93 -16.11
N HIS H 239 10.21 -30.98 -15.26
CA HIS H 239 11.53 -30.92 -14.65
C HIS H 239 11.41 -30.31 -13.26
N TYR H 240 12.02 -30.98 -12.29
CA TYR H 240 12.06 -30.56 -10.90
C TYR H 240 12.96 -29.34 -10.76
N LEU H 241 12.41 -28.16 -10.98
CA LEU H 241 13.22 -26.94 -10.99
C LEU H 241 13.49 -26.47 -9.57
N ASN H 242 14.76 -26.21 -9.28
CA ASN H 242 15.19 -25.87 -7.92
C ASN H 242 14.92 -24.41 -7.62
N VAL H 243 14.31 -24.14 -6.47
CA VAL H 243 14.01 -22.79 -6.04
C VAL H 243 14.63 -22.46 -4.68
N THR H 244 15.56 -23.29 -4.21
CA THR H 244 16.15 -23.13 -2.89
C THR H 244 17.05 -21.92 -2.91
N ALA H 245 16.48 -20.77 -2.57
CA ALA H 245 17.00 -19.44 -2.83
C ALA H 245 17.73 -18.90 -1.62
N PRO H 246 18.38 -17.72 -1.73
CA PRO H 246 18.75 -17.00 -0.49
C PRO H 246 17.55 -16.65 0.37
N THR H 247 16.49 -16.14 -0.22
CA THR H 247 15.33 -15.65 0.52
C THR H 247 14.04 -16.27 0.00
N CYS H 248 13.03 -16.23 0.87
CA CYS H 248 11.66 -16.62 0.52
C CYS H 248 11.06 -15.68 -0.51
N GLU H 249 11.50 -14.41 -0.53
CA GLU H 249 11.12 -13.50 -1.60
C GLU H 249 11.71 -13.97 -2.93
N GLU H 250 13.00 -14.27 -2.95
CA GLU H 250 13.63 -14.80 -4.14
C GLU H 250 13.30 -16.27 -4.37
N MET H 251 12.73 -16.97 -3.38
CA MET H 251 12.16 -18.29 -3.64
C MET H 251 10.83 -18.18 -4.38
N LEU H 252 10.02 -17.20 -4.02
CA LEU H 252 8.77 -16.94 -4.70
C LEU H 252 8.94 -16.00 -5.88
N LYS H 253 10.17 -15.66 -6.25
CA LYS H 253 10.46 -15.19 -7.60
C LYS H 253 10.85 -16.34 -8.51
N ARG H 254 11.54 -17.34 -7.95
CA ARG H 254 11.83 -18.56 -8.71
C ARG H 254 10.63 -19.47 -8.83
N ALA H 255 9.74 -19.45 -7.84
CA ALA H 255 8.50 -20.20 -7.95
C ALA H 255 7.60 -19.62 -9.02
N GLU H 256 7.31 -18.32 -8.94
CA GLU H 256 6.33 -17.70 -9.83
C GLU H 256 6.78 -17.63 -11.28
N TYR H 257 8.09 -17.73 -11.54
CA TYR H 257 8.52 -17.79 -12.93
C TYR H 257 8.41 -19.20 -13.51
N ALA H 258 8.38 -20.23 -12.67
CA ALA H 258 8.04 -21.56 -13.17
C ALA H 258 6.55 -21.66 -13.49
N LYS H 259 5.71 -20.99 -12.69
CA LYS H 259 4.28 -20.95 -13.00
C LYS H 259 4.01 -20.10 -14.25
N GLU H 260 4.88 -19.11 -14.51
CA GLU H 260 4.76 -18.32 -15.73
C GLU H 260 5.08 -19.16 -16.96
N LEU H 261 6.04 -20.07 -16.84
CA LEU H 261 6.43 -20.97 -17.93
C LEU H 261 5.59 -22.24 -17.98
N LYS H 262 4.55 -22.33 -17.14
CA LYS H 262 3.67 -23.49 -17.00
C LYS H 262 4.46 -24.75 -16.65
N GLN H 263 5.18 -24.68 -15.52
CA GLN H 263 5.95 -25.83 -15.10
C GLN H 263 5.12 -26.70 -14.17
N PRO H 264 5.07 -28.00 -14.39
CA PRO H 264 4.27 -28.87 -13.52
C PRO H 264 4.84 -29.04 -12.12
N ILE H 265 6.15 -29.27 -11.96
CA ILE H 265 6.72 -29.58 -10.64
C ILE H 265 7.94 -28.68 -10.39
N ILE H 266 8.10 -28.25 -9.13
CA ILE H 266 9.26 -27.50 -8.65
C ILE H 266 10.04 -28.34 -7.63
N MET H 267 11.37 -28.33 -7.72
CA MET H 267 12.20 -28.94 -6.67
C MET H 267 12.51 -27.91 -5.58
N HIS H 268 12.56 -28.38 -4.34
CA HIS H 268 12.92 -27.52 -3.21
C HIS H 268 13.59 -28.35 -2.13
N ASP H 269 14.84 -28.02 -1.80
CA ASP H 269 15.52 -28.59 -0.65
C ASP H 269 14.87 -28.09 0.63
N TYR H 270 14.69 -28.99 1.60
CA TYR H 270 13.77 -28.67 2.68
C TYR H 270 14.40 -28.54 4.06
N LEU H 271 15.56 -29.14 4.30
CA LEU H 271 16.21 -28.98 5.60
C LEU H 271 17.23 -27.84 5.62
N THR H 272 17.87 -27.57 4.48
CA THR H 272 18.70 -26.36 4.39
C THR H 272 17.84 -25.12 4.38
N ALA H 273 16.84 -25.08 3.51
CA ALA H 273 15.95 -23.93 3.41
C ALA H 273 15.01 -23.83 4.60
N GLY H 274 14.70 -24.95 5.25
CA GLY H 274 13.85 -24.96 6.42
C GLY H 274 12.42 -25.32 6.10
N PHE H 275 11.66 -25.53 7.18
CA PHE H 275 10.24 -25.87 7.04
C PHE H 275 9.37 -24.65 6.88
N THR H 276 9.84 -23.47 7.30
CA THR H 276 9.18 -22.23 6.92
C THR H 276 9.32 -21.94 5.44
N ALA H 277 10.36 -22.47 4.79
CA ALA H 277 10.45 -22.33 3.34
C ALA H 277 9.53 -23.31 2.64
N ASN H 278 9.32 -24.50 3.24
CA ASN H 278 8.33 -25.43 2.71
C ASN H 278 6.93 -24.85 2.82
N THR H 279 6.57 -24.41 4.03
CA THR H 279 5.20 -23.98 4.32
C THR H 279 4.87 -22.68 3.60
N THR H 280 5.86 -21.84 3.31
CA THR H 280 5.64 -20.70 2.43
C THR H 280 5.40 -21.17 1.00
N LEU H 281 6.12 -22.20 0.57
CA LEU H 281 6.05 -22.65 -0.80
C LEU H 281 4.97 -23.70 -1.02
N ALA H 282 4.69 -24.55 -0.03
CA ALA H 282 3.63 -25.53 -0.23
C ALA H 282 2.26 -24.90 -0.15
N ARG H 283 2.12 -23.81 0.59
CA ARG H 283 0.91 -22.99 0.47
C ARG H 283 0.93 -22.21 -0.85
N TRP H 284 2.12 -21.89 -1.37
CA TRP H 284 2.18 -21.34 -2.71
C TRP H 284 1.84 -22.40 -3.75
N CYS H 285 2.37 -23.62 -3.58
CA CYS H 285 2.27 -24.64 -4.61
C CYS H 285 0.87 -25.22 -4.76
N ARG H 286 0.06 -25.25 -3.71
CA ARG H 286 -1.33 -25.62 -3.94
C ARG H 286 -2.09 -24.46 -4.56
N ASP H 287 -1.73 -23.23 -4.20
CA ASP H 287 -2.40 -22.06 -4.76
C ASP H 287 -2.02 -21.79 -6.22
N ASN H 288 -1.08 -22.55 -6.79
CA ASN H 288 -0.70 -22.35 -8.19
C ASN H 288 -0.48 -23.67 -8.93
N GLY H 289 -0.94 -24.78 -8.36
CA GLY H 289 -0.98 -26.04 -9.08
C GLY H 289 0.33 -26.74 -9.33
N VAL H 290 1.43 -26.26 -8.75
CA VAL H 290 2.74 -26.89 -8.93
C VAL H 290 2.89 -27.95 -7.85
N LEU H 291 3.51 -29.08 -8.18
CA LEU H 291 3.43 -30.26 -7.34
C LEU H 291 4.52 -30.36 -6.26
N LEU H 292 5.60 -29.56 -6.34
CA LEU H 292 6.60 -29.41 -5.28
C LEU H 292 7.34 -30.72 -4.96
N HIS H 293 8.20 -31.11 -5.89
CA HIS H 293 9.24 -32.10 -5.62
C HIS H 293 10.15 -31.62 -4.51
N ILE H 294 10.68 -32.58 -3.74
CA ILE H 294 11.53 -32.29 -2.60
C ILE H 294 12.77 -33.18 -2.65
N HIS H 295 13.95 -32.57 -2.49
CA HIS H 295 15.19 -33.31 -2.28
C HIS H 295 15.55 -33.27 -0.80
N ARG H 296 16.20 -34.32 -0.30
CA ARG H 296 16.66 -34.33 1.09
C ARG H 296 18.11 -33.85 1.19
N ALA H 297 18.28 -32.55 1.04
CA ALA H 297 19.53 -31.92 1.43
C ALA H 297 19.63 -31.90 2.95
N MET H 298 20.86 -32.06 3.45
CA MET H 298 21.21 -31.95 4.87
C MET H 298 20.48 -32.99 5.70
N HIS H 299 20.07 -34.11 5.07
CA HIS H 299 19.30 -35.11 5.79
C HIS H 299 20.21 -36.03 6.57
N ALA H 300 21.39 -36.33 6.03
CA ALA H 300 22.34 -37.24 6.65
C ALA H 300 23.08 -36.61 7.82
N VAL H 301 22.94 -35.29 8.00
CA VAL H 301 23.39 -34.66 9.23
C VAL H 301 22.53 -35.11 10.40
N ILE H 302 21.27 -35.43 10.12
CA ILE H 302 20.22 -35.51 11.12
C ILE H 302 19.85 -36.96 11.42
N ASP H 303 19.66 -37.78 10.38
CA ASP H 303 19.49 -39.21 10.55
C ASP H 303 20.87 -39.88 10.49
N ARG H 304 20.90 -41.19 10.22
CA ARG H 304 22.08 -41.95 9.78
C ARG H 304 23.03 -42.26 10.95
N GLN H 305 22.77 -41.69 12.12
CA GLN H 305 23.40 -42.11 13.35
C GLN H 305 22.37 -42.87 14.17
N LYS H 306 22.64 -44.15 14.43
CA LYS H 306 21.69 -45.00 15.14
C LYS H 306 21.59 -44.68 16.63
N ASN H 307 22.38 -43.74 17.14
CA ASN H 307 22.34 -43.36 18.54
C ASN H 307 21.81 -41.96 18.78
N HIS H 308 21.90 -41.06 17.81
CA HIS H 308 21.66 -39.65 18.06
C HIS H 308 21.15 -38.98 16.79
N GLY H 309 20.34 -37.94 16.98
CA GLY H 309 19.83 -37.14 15.88
C GLY H 309 18.31 -37.12 15.88
N ILE H 310 17.75 -37.14 14.68
CA ILE H 310 16.32 -37.36 14.47
C ILE H 310 16.24 -38.36 13.33
N HIS H 311 15.45 -39.42 13.51
CA HIS H 311 15.28 -40.39 12.43
C HIS H 311 14.54 -39.73 11.27
N PHE H 312 14.81 -40.24 10.07
CA PHE H 312 14.27 -39.64 8.85
C PHE H 312 12.75 -39.74 8.78
N ARG H 313 12.16 -40.73 9.46
CA ARG H 313 10.70 -40.89 9.39
C ARG H 313 9.97 -39.73 10.05
N VAL H 314 10.59 -39.07 11.03
CA VAL H 314 10.03 -37.83 11.55
C VAL H 314 10.06 -36.74 10.48
N LEU H 315 11.20 -36.60 9.80
CA LEU H 315 11.35 -35.59 8.77
C LEU H 315 10.62 -35.95 7.48
N ALA H 316 10.29 -37.23 7.28
CA ALA H 316 9.40 -37.63 6.20
C ALA H 316 7.94 -37.50 6.58
N LYS H 317 7.66 -37.22 7.85
CA LYS H 317 6.32 -36.90 8.32
C LYS H 317 6.14 -35.44 8.68
N ALA H 318 7.22 -34.76 9.08
CA ALA H 318 7.20 -33.31 9.22
C ALA H 318 7.11 -32.61 7.88
N LEU H 319 7.40 -33.31 6.79
CA LEU H 319 7.29 -32.78 5.44
C LEU H 319 5.90 -32.99 4.86
N ARG H 320 5.23 -34.09 5.22
CA ARG H 320 3.85 -34.31 4.81
C ARG H 320 2.90 -33.30 5.47
N LEU H 321 3.29 -32.72 6.60
CA LEU H 321 2.52 -31.65 7.21
C LEU H 321 2.97 -30.27 6.77
N SER H 322 4.25 -30.09 6.43
CA SER H 322 4.70 -28.83 5.85
C SER H 322 4.39 -28.76 4.37
N GLY H 323 4.00 -29.86 3.77
CA GLY H 323 3.72 -29.91 2.36
C GLY H 323 4.96 -30.18 1.52
N GLY H 324 4.73 -30.65 0.32
CA GLY H 324 5.78 -31.00 -0.61
C GLY H 324 5.64 -32.44 -1.00
N ASP H 325 5.56 -32.73 -2.29
CA ASP H 325 5.48 -34.10 -2.75
C ASP H 325 6.88 -34.66 -2.90
N HIS H 326 6.93 -35.97 -3.14
CA HIS H 326 8.10 -36.69 -3.58
C HIS H 326 9.25 -36.59 -2.56
N ILE H 327 9.00 -37.10 -1.37
CA ILE H 327 10.04 -37.13 -0.35
C ILE H 327 11.04 -38.20 -0.72
N HIS H 328 12.32 -37.84 -0.79
CA HIS H 328 13.35 -38.78 -1.20
C HIS H 328 13.56 -39.87 -0.17
N THR H 329 13.54 -41.12 -0.63
CA THR H 329 13.68 -42.28 0.22
C THR H 329 14.96 -43.02 -0.14
N GLY H 330 15.36 -43.94 0.73
CA GLY H 330 16.56 -44.70 0.49
C GLY H 330 16.36 -45.81 -0.52
N THR H 331 17.43 -46.14 -1.24
CA THR H 331 17.41 -47.24 -2.19
C THR H 331 17.37 -48.55 -1.41
N VAL H 332 16.61 -49.51 -1.94
CA VAL H 332 16.45 -50.80 -1.26
C VAL H 332 17.66 -51.70 -1.51
N VAL H 333 18.44 -51.41 -2.56
CA VAL H 333 19.45 -52.33 -3.06
C VAL H 333 20.61 -52.46 -2.08
N GLY H 334 21.12 -51.35 -1.56
CA GLY H 334 22.21 -51.35 -0.61
C GLY H 334 21.84 -51.58 0.83
N LYS H 335 20.68 -52.18 1.11
CA LYS H 335 20.21 -52.37 2.48
C LYS H 335 20.18 -53.85 2.86
N LEU H 336 20.34 -54.09 4.16
CA LEU H 336 20.13 -55.42 4.70
C LEU H 336 18.63 -55.73 4.77
N GLU H 337 18.31 -56.99 5.03
CA GLU H 337 16.92 -57.43 5.11
C GLU H 337 16.19 -56.81 6.29
N GLY H 338 16.90 -56.55 7.39
CA GLY H 338 16.29 -55.90 8.53
C GLY H 338 16.09 -54.41 8.37
N GLU H 339 16.85 -53.78 7.46
CA GLU H 339 16.71 -52.35 7.21
C GLU H 339 15.78 -52.06 6.04
N ARG H 340 15.45 -53.06 5.22
CA ARG H 340 14.43 -52.89 4.19
C ARG H 340 13.05 -52.65 4.79
N GLY H 341 12.80 -53.15 6.01
CA GLY H 341 11.60 -52.77 6.72
C GLY H 341 11.62 -51.32 7.14
N ILE H 342 12.78 -50.83 7.59
CA ILE H 342 12.91 -49.43 7.99
C ILE H 342 12.77 -48.51 6.78
N THR H 343 13.39 -48.88 5.65
CA THR H 343 13.25 -48.08 4.45
C THR H 343 11.89 -48.24 3.79
N MET H 344 11.14 -49.29 4.14
CA MET H 344 9.70 -49.32 3.87
C MET H 344 8.88 -48.78 5.03
N GLY H 345 9.53 -48.45 6.14
CA GLY H 345 8.79 -47.90 7.27
C GLY H 345 8.36 -46.47 7.02
N PHE H 346 9.30 -45.61 6.63
CA PHE H 346 8.93 -44.24 6.34
C PHE H 346 8.35 -44.06 4.94
N VAL H 347 8.29 -45.12 4.14
CA VAL H 347 7.53 -45.07 2.90
C VAL H 347 6.05 -45.28 3.16
N ASP H 348 5.69 -46.27 3.98
CA ASP H 348 4.30 -46.51 4.33
C ASP H 348 3.71 -45.39 5.18
N LEU H 349 4.54 -44.62 5.88
CA LEU H 349 4.05 -43.48 6.65
C LEU H 349 3.53 -42.36 5.75
N LEU H 350 4.39 -41.86 4.85
CA LEU H 350 4.01 -40.72 4.03
C LEU H 350 2.99 -41.06 2.95
N ARG H 351 2.92 -42.32 2.52
CA ARG H 351 2.14 -42.69 1.34
C ARG H 351 0.78 -43.27 1.67
N GLU H 352 0.66 -44.04 2.74
CA GLU H 352 -0.59 -44.70 3.10
C GLU H 352 -1.34 -43.86 4.12
N ASN H 353 -2.68 -43.89 4.05
CA ASN H 353 -3.53 -43.06 4.89
C ASN H 353 -3.77 -43.63 6.27
N TYR H 354 -3.19 -44.78 6.61
CA TYR H 354 -3.24 -45.31 7.97
C TYR H 354 -2.06 -46.23 8.18
N VAL H 355 -1.35 -46.06 9.30
CA VAL H 355 -0.23 -46.92 9.66
C VAL H 355 -0.51 -47.56 11.01
N GLU H 356 0.19 -48.67 11.26
CA GLU H 356 0.05 -49.42 12.49
C GLU H 356 1.40 -49.50 13.20
N GLN H 357 1.34 -49.71 14.51
CA GLN H 357 2.53 -49.71 15.37
C GLN H 357 3.35 -50.96 15.09
N ASP H 358 4.39 -50.82 14.29
CA ASP H 358 5.29 -51.93 13.95
C ASP H 358 6.71 -51.47 14.28
N LYS H 359 7.20 -51.91 15.45
CA LYS H 359 8.53 -51.52 15.89
C LYS H 359 9.64 -52.22 15.11
N SER H 360 9.31 -53.32 14.43
CA SER H 360 10.31 -54.03 13.63
C SER H 360 10.67 -53.26 12.37
N ARG H 361 9.78 -52.39 11.91
CA ARG H 361 10.09 -51.46 10.84
C ARG H 361 10.17 -50.02 11.33
N GLY H 362 10.21 -49.82 12.65
CA GLY H 362 10.45 -48.51 13.21
C GLY H 362 9.25 -47.60 13.31
N ILE H 363 8.06 -48.04 12.92
CA ILE H 363 6.86 -47.23 13.09
C ILE H 363 6.37 -47.47 14.52
N TYR H 364 6.67 -46.55 15.43
CA TYR H 364 6.37 -46.73 16.84
C TYR H 364 4.96 -46.30 17.22
N PHE H 365 4.16 -45.78 16.29
CA PHE H 365 2.83 -45.30 16.63
C PHE H 365 1.82 -45.66 15.55
N THR H 366 0.65 -46.14 15.97
CA THR H 366 -0.52 -46.16 15.10
C THR H 366 -0.96 -44.73 14.83
N GLN H 367 -0.88 -44.27 13.58
CA GLN H 367 -1.24 -42.89 13.26
C GLN H 367 -2.16 -42.84 12.07
N ASP H 368 -3.42 -42.49 12.31
CA ASP H 368 -4.33 -42.11 11.24
C ASP H 368 -3.88 -40.79 10.64
N TRP H 369 -4.04 -40.65 9.33
CA TRP H 369 -3.49 -39.51 8.61
C TRP H 369 -4.53 -38.46 8.27
N ALA H 370 -5.74 -38.58 8.84
CA ALA H 370 -6.85 -37.62 8.70
C ALA H 370 -7.25 -37.40 7.24
N SER H 371 -7.03 -38.43 6.41
CA SER H 371 -7.11 -38.35 4.96
C SER H 371 -6.30 -37.18 4.41
N LEU H 372 -5.02 -37.14 4.78
CA LEU H 372 -4.09 -36.29 4.06
C LEU H 372 -3.93 -36.78 2.63
N PRO H 373 -3.70 -35.88 1.71
CA PRO H 373 -3.29 -36.29 0.37
C PRO H 373 -1.83 -36.74 0.37
N GLY H 374 -1.60 -38.00 0.74
CA GLY H 374 -0.26 -38.44 1.12
C GLY H 374 0.68 -38.51 -0.08
N VAL H 375 1.95 -38.20 0.18
CA VAL H 375 2.91 -37.92 -0.89
C VAL H 375 3.47 -39.20 -1.48
N MET H 376 4.14 -39.05 -2.62
CA MET H 376 4.78 -40.14 -3.33
C MET H 376 6.17 -40.38 -2.76
N ALA H 377 6.62 -41.63 -2.82
CA ALA H 377 7.90 -42.04 -2.22
C ALA H 377 8.90 -42.31 -3.33
N VAL H 378 9.95 -41.50 -3.39
CA VAL H 378 10.92 -41.55 -4.47
C VAL H 378 12.28 -41.97 -3.91
N ALA H 379 12.91 -42.95 -4.54
CA ALA H 379 14.30 -43.29 -4.26
C ALA H 379 15.10 -43.19 -5.53
N SER H 380 16.41 -43.12 -5.37
CA SER H 380 17.30 -43.10 -6.52
C SER H 380 17.58 -44.52 -7.00
N GLY H 381 18.57 -44.66 -7.87
CA GLY H 381 18.91 -45.95 -8.45
C GLY H 381 19.71 -45.74 -9.72
N GLY H 382 19.27 -46.41 -10.78
CA GLY H 382 19.69 -46.12 -12.13
C GLY H 382 21.12 -46.45 -12.50
N ILE H 383 21.91 -46.99 -11.56
CA ILE H 383 23.26 -47.44 -11.91
C ILE H 383 23.18 -48.66 -12.82
N HIS H 384 22.18 -49.50 -12.64
CA HIS H 384 21.97 -50.66 -13.49
C HIS H 384 20.55 -50.65 -14.02
N VAL H 385 20.40 -51.19 -15.24
CA VAL H 385 19.10 -51.31 -15.87
C VAL H 385 18.43 -52.64 -15.50
N TRP H 386 19.21 -53.64 -15.10
CA TRP H 386 18.68 -54.94 -14.74
C TRP H 386 18.14 -55.01 -13.32
N HIS H 387 18.33 -53.97 -12.50
CA HIS H 387 17.80 -53.93 -11.15
C HIS H 387 16.55 -53.07 -11.05
N MET H 388 15.71 -53.08 -12.07
CA MET H 388 14.44 -52.36 -12.06
C MET H 388 13.29 -53.01 -11.28
N PRO H 389 12.95 -54.32 -11.41
CA PRO H 389 11.78 -54.81 -10.67
C PRO H 389 12.00 -54.95 -9.16
N ALA H 390 13.25 -54.81 -8.68
CA ALA H 390 13.46 -54.73 -7.23
C ALA H 390 12.91 -53.44 -6.66
N LEU H 391 12.85 -52.38 -7.47
CA LEU H 391 12.20 -51.13 -7.08
C LEU H 391 10.77 -51.04 -7.57
N VAL H 392 10.25 -52.10 -8.21
CA VAL H 392 8.86 -52.13 -8.64
C VAL H 392 8.06 -53.17 -7.87
N GLU H 393 8.65 -54.32 -7.52
CA GLU H 393 7.96 -55.27 -6.66
C GLU H 393 7.90 -54.82 -5.21
N ILE H 394 8.71 -53.83 -4.83
CA ILE H 394 8.74 -53.32 -3.46
C ILE H 394 8.10 -51.94 -3.36
N PHE H 395 8.55 -50.98 -4.17
CA PHE H 395 7.85 -49.72 -4.33
C PHE H 395 6.76 -49.89 -5.38
N GLY H 396 5.51 -49.56 -5.01
CA GLY H 396 4.38 -49.76 -5.89
C GLY H 396 4.31 -48.75 -7.03
N ASP H 397 3.08 -48.53 -7.51
CA ASP H 397 2.85 -47.56 -8.58
C ASP H 397 3.05 -46.12 -8.11
N ASP H 398 3.08 -45.90 -6.80
CA ASP H 398 3.15 -44.57 -6.23
C ASP H 398 4.61 -44.29 -5.89
N SER H 399 5.45 -44.25 -6.92
CA SER H 399 6.87 -44.00 -6.69
C SER H 399 7.48 -43.35 -7.93
N VAL H 400 8.43 -42.45 -7.69
CA VAL H 400 9.32 -41.92 -8.73
C VAL H 400 10.64 -42.66 -8.61
N LEU H 401 11.15 -43.16 -9.73
CA LEU H 401 12.44 -43.83 -9.75
C LEU H 401 13.45 -42.90 -10.39
N GLN H 402 14.18 -42.17 -9.55
CA GLN H 402 15.32 -41.37 -10.01
C GLN H 402 16.40 -42.29 -10.55
N PHE H 403 16.67 -42.25 -11.84
CA PHE H 403 17.80 -42.97 -12.35
C PHE H 403 19.07 -42.20 -12.05
N GLY H 404 20.01 -42.83 -11.35
CA GLY H 404 21.32 -42.23 -11.27
C GLY H 404 21.93 -42.35 -12.64
N GLY H 405 21.88 -41.24 -13.36
CA GLY H 405 22.23 -41.20 -14.76
C GLY H 405 22.93 -39.89 -15.02
N GLY H 406 23.70 -39.46 -14.01
CA GLY H 406 24.37 -38.17 -14.09
C GLY H 406 25.32 -38.06 -15.26
N THR H 407 26.22 -39.04 -15.39
CA THR H 407 27.20 -38.97 -16.48
C THR H 407 26.53 -39.22 -17.83
N LEU H 408 26.06 -40.45 -18.04
CA LEU H 408 25.26 -40.85 -19.20
C LEU H 408 24.55 -42.14 -18.86
N GLY H 409 23.74 -42.62 -19.81
CA GLY H 409 23.26 -43.98 -19.79
C GLY H 409 24.26 -44.89 -20.50
N HIS H 410 23.93 -46.18 -20.52
CA HIS H 410 24.88 -47.14 -21.09
C HIS H 410 24.87 -47.19 -22.63
N PRO H 411 23.69 -47.28 -23.36
CA PRO H 411 23.80 -47.25 -24.83
C PRO H 411 23.82 -45.85 -25.43
N TRP H 412 24.92 -45.50 -26.10
CA TRP H 412 25.10 -44.32 -26.96
C TRP H 412 24.94 -42.97 -26.25
N GLY H 413 24.74 -42.93 -24.94
CA GLY H 413 24.43 -41.70 -24.25
C GLY H 413 23.14 -41.82 -23.45
N ASN H 414 22.39 -40.72 -23.42
CA ASN H 414 21.21 -40.65 -22.57
C ASN H 414 19.96 -41.18 -23.27
N ALA H 415 19.70 -40.70 -24.50
CA ALA H 415 18.42 -41.01 -25.15
C ALA H 415 18.21 -42.46 -25.55
N PRO H 416 19.19 -43.23 -26.06
CA PRO H 416 18.95 -44.69 -26.15
C PRO H 416 18.99 -45.40 -24.82
N GLY H 417 19.55 -44.78 -23.77
CA GLY H 417 19.44 -45.33 -22.44
C GLY H 417 18.16 -44.96 -21.73
N ALA H 418 17.61 -43.78 -22.02
CA ALA H 418 16.34 -43.38 -21.44
C ALA H 418 15.18 -44.19 -22.01
N THR H 419 15.29 -44.63 -23.27
CA THR H 419 14.37 -45.64 -23.78
C THR H 419 14.57 -46.96 -23.04
N ALA H 420 15.82 -47.34 -22.83
CA ALA H 420 16.12 -48.56 -22.08
C ALA H 420 15.79 -48.43 -20.60
N ASN H 421 15.62 -47.22 -20.08
CA ASN H 421 15.19 -47.05 -18.69
C ASN H 421 13.67 -47.17 -18.55
N ARG H 422 12.91 -46.87 -19.60
CA ARG H 422 11.46 -46.95 -19.55
C ARG H 422 10.94 -48.32 -19.97
N VAL H 423 11.56 -48.92 -21.00
CA VAL H 423 11.17 -50.26 -21.45
C VAL H 423 11.50 -51.31 -20.40
N ALA H 424 12.54 -51.08 -19.60
CA ALA H 424 12.85 -51.96 -18.47
C ALA H 424 11.91 -51.80 -17.29
N LEU H 425 10.89 -50.94 -17.38
CA LEU H 425 9.86 -50.86 -16.36
C LEU H 425 8.49 -51.28 -16.87
N GLU H 426 8.13 -50.90 -18.11
CA GLU H 426 6.84 -51.32 -18.66
C GLU H 426 6.80 -52.82 -18.92
N ALA H 427 7.97 -53.45 -19.13
CA ALA H 427 8.04 -54.90 -19.15
C ALA H 427 7.88 -55.49 -17.75
N CYS H 428 8.28 -54.76 -16.71
CA CYS H 428 8.15 -55.22 -15.35
C CYS H 428 6.79 -54.91 -14.73
N VAL H 429 6.19 -53.77 -15.10
CA VAL H 429 4.83 -53.48 -14.66
C VAL H 429 3.85 -54.41 -15.37
N GLN H 430 4.18 -54.85 -16.60
CA GLN H 430 3.45 -55.95 -17.22
C GLN H 430 3.59 -57.23 -16.41
N ALA H 431 4.78 -57.50 -15.88
CA ALA H 431 4.98 -58.67 -15.03
C ALA H 431 4.34 -58.52 -13.66
N ARG H 432 3.97 -57.30 -13.27
CA ARG H 432 3.25 -57.10 -12.02
C ARG H 432 1.84 -57.67 -12.11
N ASN H 433 1.09 -57.25 -13.12
CA ASN H 433 -0.32 -57.62 -13.24
C ASN H 433 -0.53 -59.05 -13.74
N GLU H 434 0.54 -59.72 -14.19
CA GLU H 434 0.42 -61.13 -14.53
C GLU H 434 0.38 -62.01 -13.29
N GLY H 435 1.42 -61.94 -12.46
CA GLY H 435 1.48 -62.72 -11.24
C GLY H 435 2.79 -63.46 -11.07
N ARG I 22 37.68 -42.16 -7.92
CA ARG I 22 38.62 -41.83 -8.98
C ARG I 22 40.00 -41.52 -8.43
N LEU I 23 40.03 -41.05 -7.18
CA LEU I 23 41.21 -40.50 -6.50
C LEU I 23 41.83 -39.34 -7.28
N THR I 24 41.00 -38.61 -8.03
CA THR I 24 41.38 -37.32 -8.61
C THR I 24 40.91 -36.16 -7.75
N TYR I 25 40.27 -36.45 -6.63
CA TYR I 25 39.77 -35.43 -5.71
C TYR I 25 40.67 -35.27 -4.50
N TYR I 26 41.81 -35.96 -4.47
CA TYR I 26 42.83 -35.76 -3.45
C TYR I 26 44.07 -35.23 -4.16
N THR I 27 44.16 -33.91 -4.26
CA THR I 27 45.33 -33.21 -4.76
C THR I 27 46.03 -32.58 -3.57
N PRO I 28 46.99 -33.27 -2.93
CA PRO I 28 47.55 -32.77 -1.67
C PRO I 28 48.51 -31.60 -1.83
N ASP I 29 48.99 -31.32 -3.04
CA ASP I 29 49.87 -30.19 -3.28
C ASP I 29 49.12 -28.86 -3.43
N TYR I 30 47.79 -28.91 -3.52
CA TYR I 30 47.00 -27.75 -3.91
C TYR I 30 47.02 -26.69 -2.80
N THR I 31 47.67 -25.57 -3.09
CA THR I 31 47.53 -24.40 -2.24
C THR I 31 46.12 -23.84 -2.41
N PRO I 32 45.40 -23.57 -1.33
CA PRO I 32 44.06 -22.99 -1.48
C PRO I 32 44.12 -21.57 -1.98
N LYS I 33 43.25 -21.25 -2.93
CA LYS I 33 43.12 -19.88 -3.37
C LYS I 33 42.48 -19.05 -2.26
N ASP I 34 42.71 -17.73 -2.30
CA ASP I 34 42.07 -16.84 -1.35
C ASP I 34 40.59 -16.65 -1.64
N THR I 35 40.11 -17.09 -2.80
CA THR I 35 38.70 -17.02 -3.14
C THR I 35 38.04 -18.38 -3.18
N ASP I 36 38.72 -19.43 -2.73
CA ASP I 36 38.09 -20.73 -2.56
C ASP I 36 37.28 -20.74 -1.26
N ILE I 37 36.45 -21.77 -1.12
CA ILE I 37 35.66 -21.98 0.09
C ILE I 37 36.12 -23.30 0.71
N LEU I 38 36.86 -23.20 1.82
CA LEU I 38 37.45 -24.36 2.44
C LEU I 38 36.50 -24.96 3.47
N ALA I 39 36.67 -26.25 3.74
CA ALA I 39 35.84 -26.95 4.71
C ALA I 39 36.68 -28.00 5.43
N ALA I 40 36.50 -28.09 6.75
CA ALA I 40 37.23 -29.03 7.60
C ALA I 40 36.28 -30.13 8.02
N PHE I 41 36.33 -31.27 7.34
CA PHE I 41 35.48 -32.40 7.67
C PHE I 41 36.16 -33.33 8.65
N ARG I 42 35.53 -33.54 9.80
CA ARG I 42 35.98 -34.49 10.81
C ARG I 42 35.59 -35.89 10.33
N VAL I 43 36.42 -36.44 9.46
CA VAL I 43 36.07 -37.67 8.75
C VAL I 43 36.39 -38.86 9.64
N THR I 44 35.41 -39.74 9.79
CA THR I 44 35.62 -41.04 10.44
C THR I 44 35.15 -42.12 9.47
N PRO I 45 36.04 -42.77 8.73
CA PRO I 45 35.60 -43.73 7.73
C PRO I 45 35.31 -45.10 8.33
N GLN I 46 34.79 -45.98 7.48
CA GLN I 46 34.68 -47.40 7.81
C GLN I 46 36.07 -47.99 8.03
N PRO I 47 36.20 -49.02 8.88
CA PRO I 47 37.54 -49.54 9.19
C PRO I 47 38.25 -50.22 8.03
N GLY I 48 37.54 -50.62 6.98
CA GLY I 48 38.16 -51.12 5.77
C GLY I 48 38.43 -50.08 4.70
N VAL I 49 38.41 -48.81 5.05
CA VAL I 49 38.60 -47.71 4.10
C VAL I 49 39.82 -46.91 4.53
N PRO I 50 40.79 -46.66 3.65
CA PRO I 50 41.95 -45.85 4.03
C PRO I 50 41.59 -44.38 4.14
N PHE I 51 42.56 -43.59 4.61
CA PHE I 51 42.33 -42.17 4.83
C PHE I 51 42.29 -41.38 3.53
N GLU I 52 43.01 -41.84 2.50
CA GLU I 52 43.09 -41.09 1.26
C GLU I 52 41.88 -41.32 0.36
N GLU I 53 41.31 -42.53 0.38
CA GLU I 53 40.12 -42.79 -0.41
C GLU I 53 38.87 -42.22 0.24
N ALA I 54 38.86 -42.16 1.58
CA ALA I 54 37.74 -41.55 2.28
C ALA I 54 37.69 -40.05 2.03
N ALA I 55 38.84 -39.38 2.17
CA ALA I 55 38.90 -37.93 1.98
C ALA I 55 38.65 -37.53 0.53
N ALA I 56 39.04 -38.38 -0.43
CA ALA I 56 38.69 -38.13 -1.82
C ALA I 56 37.21 -38.35 -2.09
N ALA I 57 36.53 -39.12 -1.24
CA ALA I 57 35.10 -39.35 -1.40
C ALA I 57 34.24 -38.28 -0.74
N VAL I 58 34.75 -37.63 0.31
CA VAL I 58 34.03 -36.50 0.88
C VAL I 58 34.07 -35.32 -0.07
N ALA I 59 35.23 -35.10 -0.71
CA ALA I 59 35.38 -34.01 -1.67
C ALA I 59 34.65 -34.27 -2.98
N ALA I 60 34.38 -35.54 -3.30
CA ALA I 60 33.77 -35.83 -4.59
C ALA I 60 32.27 -35.60 -4.58
N GLU I 61 31.53 -36.41 -3.80
CA GLU I 61 30.08 -36.38 -3.83
C GLU I 61 29.49 -35.12 -3.21
N SER I 62 30.32 -34.30 -2.56
CA SER I 62 29.92 -32.97 -2.16
C SER I 62 29.57 -32.12 -3.38
N SER I 63 30.40 -32.18 -4.42
CA SER I 63 30.15 -31.44 -5.65
C SER I 63 29.91 -32.32 -6.85
N THR I 64 30.85 -33.22 -7.17
CA THR I 64 30.83 -34.00 -8.41
C THR I 64 31.10 -35.47 -8.05
N GLY I 65 30.04 -36.28 -8.04
CA GLY I 65 30.12 -37.61 -7.46
C GLY I 65 30.87 -38.61 -8.32
N THR I 66 31.24 -39.73 -7.70
CA THR I 66 32.02 -40.79 -8.31
C THR I 66 31.19 -42.04 -8.62
N TRP I 67 29.97 -41.88 -9.12
CA TRP I 67 29.14 -43.03 -9.44
C TRP I 67 29.67 -43.77 -10.67
N THR I 68 29.71 -43.10 -11.82
CA THR I 68 30.24 -43.68 -13.05
C THR I 68 31.21 -42.71 -13.70
N THR I 69 32.01 -43.23 -14.63
CA THR I 69 32.95 -42.45 -15.42
C THR I 69 32.61 -42.50 -16.90
N VAL I 70 31.33 -42.65 -17.23
CA VAL I 70 30.90 -43.02 -18.57
C VAL I 70 30.91 -41.76 -19.45
N TRP I 71 31.98 -41.61 -20.24
CA TRP I 71 32.13 -40.66 -21.34
C TRP I 71 32.01 -39.20 -20.91
N THR I 72 32.16 -38.88 -19.63
CA THR I 72 32.10 -37.51 -19.16
C THR I 72 33.40 -37.04 -18.53
N ASP I 73 34.43 -37.89 -18.49
CA ASP I 73 35.76 -37.43 -18.11
C ASP I 73 36.39 -36.57 -19.18
N LEU I 74 35.93 -36.67 -20.42
CA LEU I 74 36.35 -35.78 -21.50
C LEU I 74 35.44 -34.57 -21.66
N LEU I 75 34.33 -34.51 -20.93
CA LEU I 75 33.35 -33.44 -21.08
C LEU I 75 33.67 -32.27 -20.16
N THR I 76 32.65 -31.42 -19.98
CA THR I 76 32.70 -29.96 -19.89
C THR I 76 33.83 -29.43 -19.01
N ASP I 77 33.84 -29.68 -17.71
CA ASP I 77 34.76 -28.97 -16.81
C ASP I 77 35.34 -29.95 -15.80
N LEU I 78 36.66 -30.15 -15.84
CA LEU I 78 37.33 -31.08 -14.94
C LEU I 78 38.04 -30.40 -13.78
N ASP I 79 39.02 -29.54 -14.04
CA ASP I 79 39.73 -28.86 -12.97
C ASP I 79 38.92 -27.73 -12.35
N ARG I 80 37.97 -27.18 -13.10
CA ARG I 80 36.96 -26.32 -12.52
C ARG I 80 35.95 -27.15 -11.75
N TYR I 81 35.24 -26.47 -10.84
CA TYR I 81 33.89 -26.86 -10.40
C TYR I 81 33.87 -28.16 -9.61
N LYS I 82 34.98 -28.54 -8.98
CA LYS I 82 35.02 -29.76 -8.20
C LYS I 82 35.66 -29.49 -6.84
N GLY I 83 35.03 -29.98 -5.79
CA GLY I 83 35.64 -29.93 -4.47
C GLY I 83 36.81 -30.87 -4.41
N ARG I 84 37.97 -30.36 -4.00
CA ARG I 84 39.19 -31.15 -3.96
C ARG I 84 39.74 -31.17 -2.54
N CYS I 85 40.13 -32.36 -2.08
CA CYS I 85 40.77 -32.48 -0.78
C CYS I 85 42.26 -32.22 -0.93
N TYR I 86 42.79 -31.31 -0.13
CA TYR I 86 44.20 -30.95 -0.22
C TYR I 86 45.00 -31.31 1.03
N ASP I 87 44.35 -31.79 2.09
CA ASP I 87 45.06 -32.03 3.33
C ASP I 87 44.37 -33.13 4.12
N ILE I 88 45.18 -33.97 4.77
CA ILE I 88 44.72 -34.99 5.69
C ILE I 88 45.62 -34.94 6.91
N GLU I 89 45.02 -34.77 8.10
CA GLU I 89 45.79 -34.91 9.31
C GLU I 89 44.98 -35.72 10.33
N PRO I 90 45.62 -36.65 11.02
CA PRO I 90 44.92 -37.39 12.08
C PRO I 90 44.69 -36.50 13.29
N VAL I 91 43.71 -36.90 14.10
CA VAL I 91 43.39 -36.22 15.35
C VAL I 91 44.29 -36.79 16.44
N PRO I 92 44.94 -35.95 17.26
CA PRO I 92 45.89 -36.46 18.26
C PRO I 92 45.18 -37.27 19.35
N GLY I 93 45.74 -38.43 19.65
CA GLY I 93 45.19 -39.34 20.62
C GLY I 93 44.06 -40.22 20.12
N GLU I 94 43.69 -40.10 18.84
CA GLU I 94 42.55 -40.82 18.29
C GLU I 94 42.94 -41.46 16.97
N ASP I 95 42.28 -42.58 16.67
CA ASP I 95 42.55 -43.36 15.48
C ASP I 95 41.25 -43.66 14.74
N ASN I 96 41.41 -44.21 13.53
CA ASN I 96 40.33 -44.56 12.59
C ASN I 96 39.53 -43.32 12.16
N GLN I 97 40.15 -42.15 12.24
CA GLN I 97 39.49 -40.89 11.93
C GLN I 97 40.55 -39.81 11.73
N PHE I 98 40.17 -38.77 11.00
CA PHE I 98 41.10 -37.71 10.62
C PHE I 98 40.28 -36.47 10.28
N ILE I 99 40.97 -35.42 9.80
CA ILE I 99 40.34 -34.16 9.43
C ILE I 99 40.76 -33.84 8.01
N ALA I 100 39.81 -33.88 7.07
CA ALA I 100 40.07 -33.63 5.66
C ALA I 100 39.73 -32.18 5.33
N TYR I 101 40.72 -31.44 4.82
CA TYR I 101 40.50 -30.09 4.34
C TYR I 101 40.17 -30.13 2.87
N ILE I 102 39.02 -29.55 2.50
CA ILE I 102 38.48 -29.68 1.15
C ILE I 102 38.17 -28.30 0.58
N ALA I 103 38.71 -28.03 -0.60
CA ALA I 103 38.62 -26.73 -1.25
C ALA I 103 37.51 -26.73 -2.27
N TYR I 104 36.53 -25.84 -2.10
CA TYR I 104 35.46 -25.67 -3.06
C TYR I 104 35.70 -24.37 -3.82
N PRO I 105 35.58 -24.34 -5.14
CA PRO I 105 35.69 -23.07 -5.86
C PRO I 105 34.50 -22.17 -5.58
N LEU I 106 34.70 -20.89 -5.87
CA LEU I 106 33.70 -19.87 -5.54
C LEU I 106 32.49 -19.98 -6.45
N ASP I 107 32.66 -20.44 -7.67
CA ASP I 107 31.62 -20.41 -8.68
C ASP I 107 30.62 -21.55 -8.56
N LEU I 108 30.76 -22.41 -7.54
CA LEU I 108 29.76 -23.44 -7.31
C LEU I 108 28.47 -22.86 -6.78
N PHE I 109 28.57 -21.79 -5.99
CA PHE I 109 27.48 -21.37 -5.13
C PHE I 109 26.84 -20.12 -5.70
N GLU I 110 25.56 -19.92 -5.40
CA GLU I 110 25.01 -18.59 -5.54
C GLU I 110 25.60 -17.65 -4.51
N GLU I 111 25.87 -16.45 -4.96
CA GLU I 111 26.40 -15.43 -4.09
C GLU I 111 25.28 -14.91 -3.19
N GLY I 112 25.50 -14.98 -1.88
CA GLY I 112 24.55 -14.44 -0.92
C GLY I 112 23.63 -15.43 -0.24
N SER I 113 23.85 -16.73 -0.36
CA SER I 113 23.03 -17.71 0.33
C SER I 113 23.91 -18.69 1.10
N ILE I 114 23.30 -19.30 2.11
CA ILE I 114 23.88 -20.43 2.82
C ILE I 114 23.10 -21.72 2.54
N THR I 115 21.88 -21.61 2.03
CA THR I 115 21.15 -22.74 1.48
C THR I 115 21.76 -23.31 0.20
N ASN I 116 22.84 -22.74 -0.33
CA ASN I 116 23.67 -23.41 -1.32
C ASN I 116 25.05 -23.76 -0.78
N VAL I 117 25.47 -23.12 0.32
CA VAL I 117 26.61 -23.63 1.09
C VAL I 117 26.29 -25.00 1.66
N LEU I 118 25.10 -25.15 2.26
CA LEU I 118 24.73 -26.35 2.98
C LEU I 118 24.09 -27.41 2.09
N THR I 119 24.18 -27.26 0.77
CA THR I 119 23.79 -28.33 -0.14
C THR I 119 24.95 -28.92 -0.92
N SER I 120 26.07 -28.22 -1.02
CA SER I 120 27.29 -28.85 -1.47
C SER I 120 28.06 -29.43 -0.30
N ILE I 121 28.23 -28.65 0.77
CA ILE I 121 29.21 -28.99 1.78
C ILE I 121 28.65 -30.00 2.79
N VAL I 122 27.37 -29.90 3.14
CA VAL I 122 26.75 -30.92 3.98
C VAL I 122 25.58 -31.61 3.30
N GLY I 123 25.16 -31.13 2.13
CA GLY I 123 24.13 -31.83 1.37
C GLY I 123 24.70 -32.98 0.57
N ASN I 124 24.14 -34.18 0.77
CA ASN I 124 24.53 -35.45 0.13
C ASN I 124 25.96 -35.84 0.42
N VAL I 125 26.56 -35.33 1.50
CA VAL I 125 27.93 -35.64 1.87
C VAL I 125 27.98 -36.72 2.93
N PHE I 126 27.15 -36.59 3.94
CA PHE I 126 27.31 -37.39 5.16
C PHE I 126 26.66 -38.75 5.00
N GLY I 127 26.01 -38.99 3.87
CA GLY I 127 25.30 -40.22 3.62
C GLY I 127 26.01 -41.09 2.61
N PHE I 128 27.32 -40.89 2.46
CA PHE I 128 28.15 -41.82 1.71
C PHE I 128 28.32 -43.10 2.51
N LYS I 129 28.25 -44.24 1.83
CA LYS I 129 28.10 -45.51 2.53
C LYS I 129 29.39 -45.97 3.20
N ALA I 130 30.55 -45.64 2.63
CA ALA I 130 31.81 -46.07 3.19
C ALA I 130 32.40 -45.07 4.19
N LEU I 131 31.56 -44.31 4.89
CA LEU I 131 31.98 -43.39 5.92
C LEU I 131 31.12 -43.59 7.16
N ARG I 132 31.77 -43.79 8.31
CA ARG I 132 31.01 -44.04 9.53
C ARG I 132 30.39 -42.76 10.07
N ALA I 133 31.14 -41.67 10.08
CA ALA I 133 30.66 -40.42 10.68
C ALA I 133 31.47 -39.26 10.11
N LEU I 134 30.77 -38.27 9.56
CA LEU I 134 31.39 -37.03 9.11
C LEU I 134 30.89 -35.87 9.95
N ARG I 135 31.78 -34.94 10.27
CA ARG I 135 31.39 -33.73 10.97
C ARG I 135 32.06 -32.54 10.30
N LEU I 136 31.27 -31.60 9.81
CA LEU I 136 31.81 -30.35 9.30
C LEU I 136 32.24 -29.50 10.49
N GLU I 137 33.55 -29.49 10.77
CA GLU I 137 34.06 -28.76 11.92
C GLU I 137 34.04 -27.26 11.69
N ASP I 138 34.79 -26.79 10.69
CA ASP I 138 34.96 -25.38 10.44
C ASP I 138 34.89 -25.16 8.93
N ILE I 139 34.71 -23.92 8.53
CA ILE I 139 34.49 -23.57 7.13
C ILE I 139 35.09 -22.20 6.88
N ARG I 140 35.81 -22.05 5.78
CA ARG I 140 36.52 -20.80 5.48
C ARG I 140 35.74 -20.09 4.37
N PHE I 141 34.91 -19.14 4.76
CA PHE I 141 34.28 -18.27 3.80
C PHE I 141 35.26 -17.17 3.42
N PRO I 142 35.58 -17.00 2.13
CA PRO I 142 36.52 -15.95 1.73
C PRO I 142 35.91 -14.57 1.86
N VAL I 143 36.77 -13.57 1.71
CA VAL I 143 36.29 -12.20 1.55
C VAL I 143 35.50 -12.07 0.26
N ALA I 144 35.86 -12.84 -0.76
CA ALA I 144 35.16 -12.86 -2.05
C ALA I 144 33.73 -13.41 -1.97
N TYR I 145 33.35 -14.04 -0.87
CA TYR I 145 32.00 -14.55 -0.70
C TYR I 145 31.28 -13.96 0.50
N ILE I 146 32.02 -13.47 1.50
CA ILE I 146 31.42 -12.78 2.64
C ILE I 146 30.80 -11.45 2.21
N LYS I 147 31.44 -10.74 1.27
CA LYS I 147 31.00 -9.40 0.88
C LYS I 147 29.67 -9.38 0.13
N THR I 148 29.23 -10.51 -0.41
CA THR I 148 27.91 -10.52 -1.02
C THR I 148 26.82 -10.57 0.05
N PHE I 149 27.09 -11.31 1.13
CA PHE I 149 26.13 -11.44 2.21
C PHE I 149 25.82 -10.10 2.85
N GLN I 150 24.60 -10.00 3.35
CA GLN I 150 24.18 -8.83 4.09
C GLN I 150 24.97 -8.69 5.38
N GLY I 151 25.31 -9.82 5.99
CA GLY I 151 25.81 -9.83 7.34
C GLY I 151 24.66 -9.71 8.29
N PRO I 152 24.96 -9.49 9.57
CA PRO I 152 23.89 -9.22 10.52
C PRO I 152 23.26 -7.87 10.22
N PRO I 153 21.96 -7.70 10.51
CA PRO I 153 21.30 -6.42 10.19
C PRO I 153 21.84 -5.25 10.98
N HIS I 154 22.43 -5.49 12.15
CA HIS I 154 23.17 -4.46 12.84
C HIS I 154 24.46 -5.10 13.36
N GLY I 155 25.25 -4.38 14.15
CA GLY I 155 26.54 -4.86 14.57
C GLY I 155 26.55 -5.42 15.98
N ILE I 156 27.76 -5.63 16.48
CA ILE I 156 27.98 -5.62 17.92
C ILE I 156 28.14 -4.21 18.45
N GLN I 157 28.23 -3.22 17.57
CA GLN I 157 28.47 -1.84 17.95
C GLN I 157 27.35 -0.90 17.52
N VAL I 158 26.57 -1.28 16.51
CA VAL I 158 25.41 -0.48 16.12
C VAL I 158 24.34 -0.55 17.20
N GLU I 159 24.19 -1.72 17.82
CA GLU I 159 23.15 -1.91 18.82
C GLU I 159 23.61 -1.65 20.25
N ARG I 160 24.90 -1.40 20.49
CA ARG I 160 25.22 -0.66 21.70
C ARG I 160 24.85 0.80 21.50
N ASP I 161 25.01 1.29 20.28
CA ASP I 161 24.65 2.66 19.92
C ASP I 161 23.14 2.84 19.76
N LYS I 162 22.45 1.81 19.24
CA LYS I 162 21.00 1.90 19.10
C LYS I 162 20.30 1.89 20.45
N LEU I 163 20.90 1.26 21.44
CA LEU I 163 20.25 1.05 22.72
C LEU I 163 20.88 1.84 23.85
N ASN I 164 21.98 2.55 23.58
CA ASN I 164 22.66 3.45 24.53
C ASN I 164 23.09 2.69 25.80
N LYS I 165 23.59 1.48 25.61
CA LYS I 165 23.95 0.59 26.71
C LYS I 165 25.36 0.07 26.55
N TYR I 166 26.28 0.95 26.17
CA TYR I 166 27.68 0.53 26.03
C TYR I 166 28.37 0.58 27.39
N GLY I 167 29.28 -0.36 27.60
CA GLY I 167 30.12 -0.38 28.79
C GLY I 167 30.03 -1.64 29.62
N ARG I 168 29.02 -2.47 29.35
CA ARG I 168 28.81 -3.70 30.12
C ARG I 168 28.00 -4.65 29.25
N PRO I 169 28.13 -5.96 29.43
CA PRO I 169 27.33 -6.90 28.64
C PRO I 169 25.86 -6.83 28.98
N LEU I 170 25.03 -7.10 27.97
CA LEU I 170 23.60 -6.97 28.12
C LEU I 170 23.03 -8.21 28.81
N LEU I 171 21.75 -8.15 29.18
CA LEU I 171 21.18 -9.09 30.13
C LEU I 171 19.92 -9.75 29.57
N GLY I 172 19.32 -10.63 30.37
CA GLY I 172 18.13 -11.32 29.94
C GLY I 172 17.38 -11.95 31.10
N CYS I 173 16.10 -12.25 30.85
CA CYS I 173 15.27 -13.03 31.78
C CYS I 173 14.40 -13.94 30.91
N THR I 174 14.81 -15.20 30.75
CA THR I 174 13.94 -16.14 30.05
C THR I 174 12.81 -16.51 31.01
N ILE I 175 11.58 -16.27 30.58
CA ILE I 175 10.45 -16.46 31.47
C ILE I 175 10.17 -17.95 31.62
N LYS I 176 10.45 -18.46 32.82
CA LYS I 176 10.66 -19.88 33.08
C LYS I 176 9.36 -20.68 33.06
N PRO I 177 8.20 -20.16 33.55
CA PRO I 177 6.94 -20.80 33.13
C PRO I 177 6.60 -20.43 31.69
N LYS I 178 7.23 -21.13 30.74
CA LYS I 178 7.06 -20.77 29.34
C LYS I 178 5.71 -21.21 28.80
N LEU I 179 5.13 -22.27 29.35
CA LEU I 179 3.89 -22.82 28.84
C LEU I 179 2.80 -22.75 29.91
N GLY I 180 1.76 -21.97 29.60
CA GLY I 180 0.65 -21.83 30.52
C GLY I 180 0.44 -20.44 31.07
N LEU I 181 0.78 -19.40 30.31
CA LEU I 181 0.60 -18.02 30.71
C LEU I 181 -0.27 -17.29 29.69
N SER I 182 -1.30 -16.61 30.18
CA SER I 182 -2.02 -15.67 29.33
C SER I 182 -1.11 -14.47 29.02
N ALA I 183 -1.44 -13.77 27.93
CA ALA I 183 -0.53 -12.80 27.35
C ALA I 183 -0.31 -11.59 28.26
N LYS I 184 -1.31 -11.21 29.05
CA LYS I 184 -1.11 -10.14 30.02
C LYS I 184 -0.32 -10.64 31.23
N ASN I 185 -0.64 -11.84 31.71
CA ASN I 185 0.14 -12.43 32.80
C ASN I 185 1.54 -12.79 32.35
N TYR I 186 1.71 -13.14 31.07
CA TYR I 186 3.04 -13.26 30.48
C TYR I 186 3.73 -11.89 30.46
N GLY I 187 2.99 -10.86 30.09
CA GLY I 187 3.47 -9.49 30.07
C GLY I 187 3.68 -8.86 31.42
N ARG I 188 3.40 -9.58 32.51
CA ARG I 188 3.89 -9.13 33.80
C ARG I 188 5.23 -9.77 34.11
N ALA I 189 5.38 -11.05 33.78
CA ALA I 189 6.68 -11.70 33.84
C ALA I 189 7.68 -11.11 32.85
N VAL I 190 7.21 -10.50 31.77
CA VAL I 190 8.06 -9.61 30.99
C VAL I 190 8.40 -8.38 31.82
N TYR I 191 7.39 -7.77 32.45
CA TYR I 191 7.52 -6.42 33.00
C TYR I 191 8.43 -6.39 34.22
N GLU I 192 8.26 -7.31 35.16
CA GLU I 192 9.05 -7.19 36.37
C GLU I 192 10.49 -7.67 36.18
N CYS I 193 10.75 -8.60 35.24
CA CYS I 193 12.14 -8.81 34.84
C CYS I 193 12.71 -7.61 34.10
N LEU I 194 11.85 -6.79 33.49
CA LEU I 194 12.32 -5.54 32.91
C LEU I 194 12.35 -4.40 33.92
N ARG I 195 11.42 -4.38 34.89
CA ARG I 195 11.34 -3.28 35.84
C ARG I 195 12.57 -3.22 36.73
N GLY I 196 13.17 -4.36 36.99
CA GLY I 196 14.41 -4.44 37.73
C GLY I 196 15.58 -4.11 36.84
N GLY I 197 16.57 -5.00 36.88
CA GLY I 197 17.83 -4.72 36.21
C GLY I 197 17.87 -5.14 34.76
N LEU I 198 17.19 -6.25 34.43
CA LEU I 198 17.48 -6.97 33.20
C LEU I 198 16.94 -6.22 31.98
N ASP I 199 17.64 -6.39 30.86
CA ASP I 199 17.38 -5.61 29.67
C ASP I 199 16.49 -6.32 28.65
N PHE I 200 16.77 -7.59 28.36
CA PHE I 200 16.23 -8.26 27.17
C PHE I 200 15.57 -9.56 27.61
N THR I 201 14.34 -9.46 28.08
CA THR I 201 13.62 -10.67 28.44
C THR I 201 13.12 -11.33 27.17
N LYS I 202 13.18 -12.66 27.14
CA LYS I 202 12.98 -13.36 25.88
C LYS I 202 11.73 -14.23 25.93
N ASP I 203 11.09 -14.34 24.77
CA ASP I 203 10.21 -15.46 24.52
C ASP I 203 11.03 -16.73 24.52
N ASP I 204 10.45 -17.81 25.00
CA ASP I 204 11.16 -19.07 24.88
C ASP I 204 10.81 -19.73 23.55
N GLU I 205 11.19 -21.00 23.41
CA GLU I 205 11.12 -21.66 22.12
C GLU I 205 9.73 -22.19 21.81
N ASN I 206 8.86 -22.24 22.81
CA ASN I 206 7.46 -22.59 22.60
C ASN I 206 6.56 -21.40 22.87
N ILE I 207 7.12 -20.30 23.34
CA ILE I 207 6.34 -19.09 23.49
C ILE I 207 6.20 -18.50 22.10
N ASN I 208 5.09 -18.84 21.47
CA ASN I 208 4.83 -18.63 20.05
C ASN I 208 3.31 -18.47 19.95
N SER I 209 2.76 -18.64 18.74
CA SER I 209 1.32 -18.77 18.65
C SER I 209 0.90 -20.13 19.21
N ALA I 210 -0.17 -20.11 19.98
CA ALA I 210 -0.63 -21.23 20.79
C ALA I 210 -2.04 -20.90 21.27
N PRO I 211 -2.85 -21.88 21.64
CA PRO I 211 -4.20 -21.55 22.15
C PRO I 211 -4.21 -20.80 23.47
N PHE I 212 -3.18 -20.94 24.30
CA PHE I 212 -3.22 -20.26 25.59
C PHE I 212 -2.76 -18.81 25.49
N GLN I 213 -1.92 -18.47 24.52
CA GLN I 213 -1.65 -17.08 24.17
C GLN I 213 -1.33 -16.99 22.69
N ARG I 214 -2.04 -16.11 21.98
CA ARG I 214 -1.72 -15.84 20.60
C ARG I 214 -0.65 -14.77 20.50
N TRP I 215 0.09 -14.79 19.38
CA TRP I 215 1.21 -13.87 19.24
C TRP I 215 0.75 -12.44 18.97
N ARG I 216 -0.40 -12.28 18.30
CA ARG I 216 -1.03 -10.97 18.18
C ARG I 216 -1.28 -10.35 19.54
N ASP I 217 -1.72 -11.16 20.50
CA ASP I 217 -2.01 -10.68 21.83
C ASP I 217 -0.79 -10.70 22.72
N ARG I 218 0.19 -11.56 22.44
CA ARG I 218 1.43 -11.52 23.21
C ARG I 218 2.20 -10.25 22.92
N PHE I 219 2.31 -9.88 21.63
CA PHE I 219 3.09 -8.71 21.25
C PHE I 219 2.49 -7.42 21.79
N LEU I 220 1.15 -7.36 21.88
CA LEU I 220 0.46 -6.23 22.50
C LEU I 220 0.86 -6.06 23.96
N PHE I 221 0.66 -7.11 24.75
CA PHE I 221 0.87 -7.00 26.18
C PHE I 221 2.34 -6.99 26.57
N VAL I 222 3.22 -7.45 25.68
CA VAL I 222 4.65 -7.28 25.89
C VAL I 222 5.05 -5.83 25.63
N ALA I 223 4.52 -5.23 24.55
CA ALA I 223 4.84 -3.85 24.21
C ALA I 223 4.36 -2.84 25.25
N ASP I 224 3.35 -3.19 26.03
CA ASP I 224 2.96 -2.34 27.15
C ASP I 224 3.86 -2.58 28.35
N ALA I 225 4.41 -3.80 28.47
CA ALA I 225 5.35 -4.09 29.53
C ALA I 225 6.66 -3.35 29.33
N ILE I 226 7.09 -3.21 28.07
CA ILE I 226 8.31 -2.46 27.78
C ILE I 226 8.08 -0.97 28.00
N THR I 227 6.98 -0.44 27.46
CA THR I 227 6.68 0.99 27.49
C THR I 227 6.54 1.51 28.92
N LYS I 228 6.00 0.70 29.83
CA LYS I 228 5.96 1.15 31.22
C LYS I 228 7.31 1.01 31.89
N ALA I 229 8.05 -0.06 31.59
CA ALA I 229 9.34 -0.28 32.25
C ALA I 229 10.41 0.66 31.73
N GLN I 230 10.43 0.90 30.41
CA GLN I 230 11.48 1.75 29.86
C GLN I 230 11.21 3.24 30.02
N ALA I 231 10.06 3.61 30.60
CA ALA I 231 9.76 5.00 30.88
C ALA I 231 9.77 5.33 32.37
N GLU I 232 9.91 4.34 33.24
CA GLU I 232 10.11 4.59 34.66
C GLU I 232 11.49 4.18 35.14
N THR I 233 12.30 3.54 34.29
CA THR I 233 13.68 3.24 34.60
C THR I 233 14.66 3.93 33.65
N GLY I 234 14.16 4.64 32.65
CA GLY I 234 14.99 5.54 31.86
C GLY I 234 16.01 4.91 30.94
N GLU I 235 15.80 3.68 30.51
CA GLU I 235 16.70 3.02 29.57
C GLU I 235 15.91 2.56 28.35
N ILE I 236 16.62 2.07 27.35
CA ILE I 236 15.97 1.55 26.15
C ILE I 236 15.93 0.03 26.33
N LYS I 237 14.90 -0.43 27.01
CA LYS I 237 14.74 -1.87 27.25
C LYS I 237 13.92 -2.49 26.14
N GLY I 238 14.06 -3.79 25.97
CA GLY I 238 13.42 -4.49 24.88
C GLY I 238 13.01 -5.89 25.28
N HIS I 239 12.41 -6.59 24.33
CA HIS I 239 11.99 -7.97 24.48
C HIS I 239 12.28 -8.70 23.19
N TYR I 240 12.83 -9.90 23.32
CA TYR I 240 13.07 -10.78 22.18
C TYR I 240 11.74 -11.38 21.75
N LEU I 241 11.12 -10.82 20.73
CA LEU I 241 9.81 -11.29 20.28
C LEU I 241 10.00 -12.45 19.30
N ASN I 242 9.50 -13.63 19.66
CA ASN I 242 9.68 -14.83 18.84
C ASN I 242 8.78 -14.73 17.62
N VAL I 243 9.37 -14.37 16.48
CA VAL I 243 8.60 -14.26 15.25
C VAL I 243 8.68 -15.51 14.39
N THR I 244 9.15 -16.62 14.96
CA THR I 244 9.15 -17.90 14.25
C THR I 244 7.72 -18.36 14.02
N ALA I 245 7.40 -18.75 12.80
CA ALA I 245 6.03 -18.83 12.31
C ALA I 245 5.88 -20.07 11.43
N PRO I 246 4.67 -20.39 10.90
CA PRO I 246 4.63 -21.39 9.83
C PRO I 246 5.32 -20.96 8.54
N THR I 247 4.95 -19.81 7.97
CA THR I 247 5.46 -19.44 6.65
C THR I 247 6.38 -18.23 6.76
N CYS I 248 7.06 -17.92 5.65
CA CYS I 248 7.82 -16.68 5.57
C CYS I 248 6.91 -15.47 5.54
N GLU I 249 5.72 -15.63 4.95
CA GLU I 249 4.75 -14.54 4.89
C GLU I 249 4.02 -14.36 6.21
N GLU I 250 3.83 -15.43 6.98
CA GLU I 250 3.34 -15.29 8.34
C GLU I 250 4.40 -14.68 9.24
N MET I 251 5.68 -14.99 8.97
CA MET I 251 6.77 -14.49 9.80
C MET I 251 7.00 -13.00 9.63
N LEU I 252 6.97 -12.51 8.37
CA LEU I 252 7.14 -11.08 8.16
C LEU I 252 5.93 -10.31 8.66
N LYS I 253 4.73 -10.87 8.51
CA LYS I 253 3.53 -10.31 9.14
C LYS I 253 3.63 -10.38 10.66
N ARG I 254 4.32 -11.38 11.19
CA ARG I 254 4.62 -11.42 12.61
C ARG I 254 5.76 -10.48 12.96
N ALA I 255 6.66 -10.22 12.02
CA ALA I 255 7.73 -9.27 12.28
C ALA I 255 7.30 -7.83 12.08
N GLU I 256 6.50 -7.55 11.04
CA GLU I 256 6.04 -6.18 10.79
C GLU I 256 5.07 -5.69 11.86
N TYR I 257 4.39 -6.59 12.56
CA TYR I 257 3.58 -6.13 13.69
C TYR I 257 4.46 -5.75 14.87
N ALA I 258 5.61 -6.39 15.02
CA ALA I 258 6.58 -5.94 16.00
C ALA I 258 7.19 -4.61 15.60
N LYS I 259 7.26 -4.33 14.30
CA LYS I 259 7.72 -3.01 13.86
C LYS I 259 6.71 -1.92 14.25
N GLU I 260 5.42 -2.21 14.10
CA GLU I 260 4.36 -1.26 14.41
C GLU I 260 4.24 -0.94 15.89
N LEU I 261 4.84 -1.73 16.77
CA LEU I 261 4.86 -1.46 18.19
C LEU I 261 6.11 -0.71 18.63
N LYS I 262 6.96 -0.33 17.67
CA LYS I 262 8.26 0.32 17.89
C LYS I 262 9.15 -0.51 18.81
N GLN I 263 9.33 -1.77 18.45
CA GLN I 263 10.11 -2.75 19.17
C GLN I 263 11.56 -2.77 18.69
N PRO I 264 12.52 -2.77 19.59
CA PRO I 264 13.92 -2.82 19.15
C PRO I 264 14.33 -4.18 18.59
N ILE I 265 13.98 -5.28 19.26
CA ILE I 265 14.53 -6.59 18.96
C ILE I 265 13.39 -7.57 18.73
N ILE I 266 13.62 -8.58 17.87
CA ILE I 266 12.76 -9.74 17.72
C ILE I 266 13.62 -11.00 17.84
N MET I 267 12.99 -12.16 17.68
CA MET I 267 13.66 -13.45 17.83
C MET I 267 13.33 -14.37 16.67
N HIS I 268 14.36 -14.97 16.08
CA HIS I 268 14.18 -16.00 15.08
C HIS I 268 14.79 -17.30 15.61
N ASP I 269 14.39 -18.42 15.00
CA ASP I 269 14.95 -19.74 15.30
C ASP I 269 15.48 -20.29 13.97
N TYR I 270 16.79 -20.22 13.79
CA TYR I 270 17.38 -20.27 12.46
C TYR I 270 17.61 -21.68 11.92
N LEU I 271 17.50 -22.70 12.76
CA LEU I 271 17.67 -24.08 12.30
C LEU I 271 16.36 -24.82 12.14
N THR I 272 15.33 -24.44 12.93
CA THR I 272 14.00 -24.96 12.68
C THR I 272 13.40 -24.32 11.45
N ALA I 273 13.46 -22.99 11.36
CA ALA I 273 12.90 -22.25 10.25
C ALA I 273 13.80 -22.23 9.02
N GLY I 274 15.11 -22.38 9.20
CA GLY I 274 16.01 -22.56 8.09
C GLY I 274 16.81 -21.32 7.76
N PHE I 275 17.55 -21.43 6.65
CA PHE I 275 18.46 -20.39 6.20
C PHE I 275 17.96 -19.64 4.98
N THR I 276 16.70 -19.83 4.61
CA THR I 276 16.02 -18.83 3.79
C THR I 276 15.34 -17.82 4.69
N ALA I 277 14.42 -18.30 5.52
CA ALA I 277 13.62 -17.44 6.38
C ALA I 277 14.39 -16.89 7.58
N ASN I 278 15.69 -17.15 7.67
CA ASN I 278 16.53 -16.30 8.49
C ASN I 278 17.09 -15.15 7.68
N THR I 279 17.39 -15.38 6.39
CA THR I 279 17.94 -14.32 5.55
C THR I 279 16.90 -13.26 5.23
N THR I 280 15.65 -13.67 4.96
CA THR I 280 14.56 -12.72 4.69
C THR I 280 14.33 -11.81 5.88
N LEU I 281 14.29 -12.40 7.06
CA LEU I 281 14.14 -11.63 8.28
C LEU I 281 15.38 -10.80 8.54
N ALA I 282 16.56 -11.29 8.18
CA ALA I 282 17.75 -10.46 8.20
C ALA I 282 17.69 -9.37 7.15
N ARG I 283 17.14 -9.66 5.96
CA ARG I 283 16.87 -8.58 5.02
C ARG I 283 15.74 -7.69 5.51
N TRP I 284 14.82 -8.25 6.31
CA TRP I 284 13.77 -7.42 6.90
C TRP I 284 14.31 -6.52 8.00
N CYS I 285 15.17 -7.07 8.87
CA CYS I 285 15.58 -6.36 10.08
C CYS I 285 16.51 -5.19 9.81
N ARG I 286 17.32 -5.28 8.76
CA ARG I 286 18.11 -4.13 8.33
C ARG I 286 17.22 -3.08 7.67
N ASP I 287 16.26 -3.53 6.87
CA ASP I 287 15.38 -2.60 6.16
C ASP I 287 14.47 -1.84 7.11
N ASN I 288 14.17 -2.41 8.28
CA ASN I 288 13.19 -1.80 9.16
C ASN I 288 13.71 -1.56 10.57
N GLY I 289 15.03 -1.51 10.74
CA GLY I 289 15.66 -1.03 11.95
C GLY I 289 15.47 -1.87 13.20
N VAL I 290 14.86 -3.02 13.09
CA VAL I 290 14.64 -3.88 14.25
C VAL I 290 15.87 -4.77 14.42
N LEU I 291 16.30 -4.95 15.67
CA LEU I 291 17.41 -5.86 15.93
C LEU I 291 16.92 -7.30 15.83
N LEU I 292 17.85 -8.20 15.52
CA LEU I 292 17.51 -9.60 15.31
C LEU I 292 18.31 -10.46 16.29
N HIS I 293 17.74 -10.69 17.46
CA HIS I 293 18.18 -11.81 18.28
C HIS I 293 17.78 -13.11 17.60
N ILE I 294 18.62 -14.13 17.72
CA ILE I 294 18.31 -15.44 17.17
C ILE I 294 18.70 -16.50 18.19
N HIS I 295 17.75 -17.36 18.53
CA HIS I 295 17.98 -18.51 19.37
C HIS I 295 18.44 -19.70 18.51
N ARG I 296 19.25 -20.57 19.12
CA ARG I 296 19.79 -21.74 18.43
C ARG I 296 18.92 -22.96 18.74
N ALA I 297 17.68 -22.91 18.30
CA ALA I 297 16.81 -24.08 18.42
C ALA I 297 17.28 -25.15 17.46
N MET I 298 17.09 -26.42 17.86
CA MET I 298 17.41 -27.61 17.06
C MET I 298 18.93 -27.69 16.78
N HIS I 299 19.73 -27.03 17.60
CA HIS I 299 21.17 -27.00 17.33
C HIS I 299 21.87 -28.25 17.81
N ALA I 300 21.41 -28.86 18.90
CA ALA I 300 22.05 -30.04 19.45
C ALA I 300 21.57 -31.33 18.79
N VAL I 301 20.71 -31.23 17.77
CA VAL I 301 20.57 -32.31 16.80
C VAL I 301 21.86 -32.46 16.03
N ILE I 302 22.57 -31.35 15.87
CA ILE I 302 23.61 -31.22 14.86
C ILE I 302 24.98 -31.06 15.51
N ASP I 303 25.06 -30.34 16.63
CA ASP I 303 26.33 -29.99 17.24
C ASP I 303 26.85 -31.03 18.23
N ARG I 304 25.98 -31.91 18.72
CA ARG I 304 26.23 -32.60 19.99
C ARG I 304 27.27 -33.70 19.86
N GLN I 305 27.16 -34.55 18.83
CA GLN I 305 28.08 -35.68 18.71
C GLN I 305 29.44 -35.22 18.25
N LYS I 306 30.49 -35.70 18.92
CA LYS I 306 31.85 -35.27 18.64
C LYS I 306 32.45 -35.93 17.41
N ASN I 307 31.75 -36.87 16.76
CA ASN I 307 32.23 -37.50 15.55
C ASN I 307 31.34 -37.25 14.34
N HIS I 308 30.12 -36.77 14.54
CA HIS I 308 29.16 -36.65 13.45
C HIS I 308 28.27 -35.44 13.69
N GLY I 309 27.81 -34.85 12.58
CA GLY I 309 26.96 -33.68 12.62
C GLY I 309 27.63 -32.51 11.92
N ILE I 310 27.35 -31.31 12.40
CA ILE I 310 28.10 -30.12 12.03
C ILE I 310 28.42 -29.40 13.32
N HIS I 311 29.67 -28.95 13.48
CA HIS I 311 30.00 -28.19 14.67
C HIS I 311 29.29 -26.85 14.64
N PHE I 312 29.03 -26.30 15.83
CA PHE I 312 28.26 -25.07 15.94
C PHE I 312 29.01 -23.88 15.35
N ARG I 313 30.34 -23.98 15.30
CA ARG I 313 31.20 -22.93 14.75
C ARG I 313 30.91 -22.69 13.27
N VAL I 314 30.50 -23.73 12.53
CA VAL I 314 29.99 -23.48 11.18
C VAL I 314 28.68 -22.72 11.25
N LEU I 315 27.73 -23.20 12.04
CA LEU I 315 26.41 -22.58 12.14
C LEU I 315 26.42 -21.26 12.90
N ALA I 316 27.51 -20.95 13.60
CA ALA I 316 27.72 -19.60 14.11
C ALA I 316 28.36 -18.70 13.08
N LYS I 317 29.08 -19.27 12.12
CA LYS I 317 29.55 -18.54 10.95
C LYS I 317 28.57 -18.61 9.80
N ALA I 318 27.66 -19.58 9.81
CA ALA I 318 26.54 -19.61 8.88
C ALA I 318 25.34 -18.84 9.39
N LEU I 319 25.49 -18.06 10.46
CA LEU I 319 24.50 -17.08 10.82
C LEU I 319 25.02 -15.66 10.66
N ARG I 320 26.31 -15.43 10.91
CA ARG I 320 26.90 -14.12 10.69
C ARG I 320 26.85 -13.72 9.22
N LEU I 321 26.76 -14.68 8.31
CA LEU I 321 26.55 -14.37 6.91
C LEU I 321 25.07 -14.31 6.53
N SER I 322 24.27 -15.26 7.00
CA SER I 322 22.83 -15.23 6.75
C SER I 322 22.17 -14.04 7.42
N GLY I 323 22.64 -13.68 8.60
CA GLY I 323 22.21 -12.44 9.23
C GLY I 323 21.57 -12.63 10.58
N GLY I 324 22.03 -11.87 11.55
CA GLY I 324 21.41 -11.84 12.85
C GLY I 324 22.42 -11.50 13.91
N ASP I 325 22.00 -10.62 14.81
CA ASP I 325 22.71 -10.38 16.05
C ASP I 325 22.41 -11.52 17.04
N HIS I 326 23.12 -11.49 18.17
CA HIS I 326 22.70 -12.14 19.41
C HIS I 326 22.49 -13.65 19.29
N ILE I 327 23.56 -14.40 19.02
CA ILE I 327 23.43 -15.85 19.04
C ILE I 327 23.73 -16.36 20.44
N HIS I 328 22.90 -17.28 20.92
CA HIS I 328 23.24 -18.10 22.09
C HIS I 328 24.53 -18.87 21.85
N THR I 329 25.42 -18.82 22.83
CA THR I 329 26.69 -19.55 22.77
C THR I 329 26.76 -20.68 23.78
N GLY I 330 26.21 -20.49 24.97
CA GLY I 330 25.99 -21.58 25.90
C GLY I 330 26.61 -21.34 27.26
N THR I 331 26.35 -22.28 28.15
CA THR I 331 26.96 -22.26 29.47
C THR I 331 28.44 -22.55 29.35
N VAL I 332 29.27 -21.61 29.81
CA VAL I 332 30.68 -21.85 30.01
C VAL I 332 30.90 -22.21 31.50
N VAL I 333 29.81 -22.41 32.21
CA VAL I 333 29.84 -22.67 33.64
C VAL I 333 30.39 -24.06 33.93
N GLY I 334 29.71 -25.09 33.41
CA GLY I 334 30.11 -26.46 33.65
C GLY I 334 31.18 -27.00 32.74
N LYS I 335 31.73 -26.17 31.86
CA LYS I 335 32.73 -26.64 30.91
C LYS I 335 34.12 -26.63 31.53
N LEU I 336 34.95 -27.58 31.08
CA LEU I 336 36.34 -27.64 31.49
C LEU I 336 37.16 -26.60 30.74
N GLU I 337 38.47 -26.58 30.98
CA GLU I 337 39.35 -25.67 30.27
C GLU I 337 39.64 -26.10 28.83
N GLY I 338 39.21 -27.29 28.43
CA GLY I 338 39.37 -27.74 27.06
C GLY I 338 38.23 -27.30 26.17
N GLU I 339 37.00 -27.48 26.63
CA GLU I 339 35.83 -27.05 25.88
C GLU I 339 35.45 -25.61 26.15
N ARG I 340 36.21 -24.90 27.00
CA ARG I 340 36.02 -23.46 27.14
C ARG I 340 36.53 -22.72 25.91
N GLY I 341 37.71 -23.10 25.42
CA GLY I 341 38.24 -22.50 24.21
C GLY I 341 37.53 -22.92 22.95
N ILE I 342 36.89 -24.09 22.96
CA ILE I 342 36.09 -24.50 21.82
C ILE I 342 34.83 -23.64 21.73
N THR I 343 34.26 -23.26 22.87
CA THR I 343 33.22 -22.23 22.87
C THR I 343 33.81 -20.89 22.44
N MET I 344 34.95 -20.51 23.01
CA MET I 344 35.65 -19.28 22.63
C MET I 344 36.22 -19.32 21.21
N GLY I 345 36.22 -20.48 20.55
CA GLY I 345 36.58 -20.51 19.14
C GLY I 345 35.55 -19.85 18.26
N PHE I 346 34.28 -20.23 18.42
CA PHE I 346 33.26 -19.57 17.60
C PHE I 346 32.83 -18.23 18.16
N VAL I 347 33.06 -17.96 19.44
CA VAL I 347 32.71 -16.64 19.98
C VAL I 347 33.67 -15.58 19.45
N ASP I 348 34.95 -15.93 19.28
CA ASP I 348 35.85 -15.02 18.56
C ASP I 348 35.56 -14.99 17.07
N LEU I 349 34.94 -16.05 16.54
CA LEU I 349 34.38 -16.05 15.20
C LEU I 349 32.99 -15.43 15.15
N LEU I 350 32.56 -14.79 16.23
CA LEU I 350 31.22 -14.20 16.32
C LEU I 350 31.29 -12.70 16.52
N ARG I 351 32.36 -12.22 17.14
CA ARG I 351 32.46 -10.84 17.57
C ARG I 351 33.65 -10.08 16.96
N GLU I 352 34.64 -10.78 16.44
CA GLU I 352 35.86 -10.17 15.94
C GLU I 352 35.89 -10.20 14.42
N ASN I 353 36.85 -9.48 13.84
CA ASN I 353 36.95 -9.33 12.40
C ASN I 353 37.99 -10.25 11.77
N TYR I 354 39.03 -10.62 12.49
CA TYR I 354 40.04 -11.53 11.98
C TYR I 354 40.46 -12.50 13.09
N VAL I 355 40.51 -13.79 12.74
CA VAL I 355 41.02 -14.81 13.64
C VAL I 355 42.16 -15.54 12.93
N GLU I 356 42.91 -16.30 13.71
CA GLU I 356 44.00 -17.12 13.19
C GLU I 356 43.60 -18.59 13.25
N GLN I 357 44.54 -19.46 12.89
CA GLN I 357 44.32 -20.91 12.88
C GLN I 357 44.65 -21.42 14.27
N ASP I 358 43.65 -21.49 15.14
CA ASP I 358 43.82 -21.85 16.54
C ASP I 358 43.04 -23.14 16.81
N LYS I 359 43.73 -24.27 16.77
CA LYS I 359 43.07 -25.56 16.96
C LYS I 359 42.92 -25.93 18.43
N SER I 360 43.67 -25.26 19.31
CA SER I 360 43.38 -25.36 20.74
C SER I 360 42.04 -24.71 21.08
N ARG I 361 41.67 -23.67 20.34
CA ARG I 361 40.33 -23.11 20.39
C ARG I 361 39.40 -23.77 19.37
N GLY I 362 39.91 -24.71 18.59
CA GLY I 362 39.12 -25.41 17.61
C GLY I 362 38.99 -24.74 16.27
N ILE I 363 39.49 -23.52 16.09
CA ILE I 363 39.36 -22.81 14.83
C ILE I 363 40.32 -23.41 13.82
N TYR I 364 39.79 -23.94 12.73
CA TYR I 364 40.62 -24.63 11.74
C TYR I 364 41.02 -23.75 10.56
N PHE I 365 40.49 -22.53 10.45
CA PHE I 365 40.84 -21.67 9.33
C PHE I 365 40.92 -20.21 9.78
N THR I 366 41.93 -19.51 9.26
CA THR I 366 42.05 -18.07 9.46
C THR I 366 40.90 -17.37 8.72
N GLN I 367 39.98 -16.78 9.46
CA GLN I 367 38.76 -16.23 8.87
C GLN I 367 38.85 -14.71 8.84
N ASP I 368 38.86 -14.15 7.64
CA ASP I 368 38.82 -12.71 7.43
C ASP I 368 37.38 -12.31 7.18
N TRP I 369 36.81 -11.52 8.09
CA TRP I 369 35.39 -11.17 8.01
C TRP I 369 35.12 -9.95 7.15
N ALA I 370 36.16 -9.25 6.68
CA ALA I 370 36.06 -8.11 5.76
C ALA I 370 35.26 -6.95 6.35
N SER I 371 35.36 -6.78 7.67
CA SER I 371 34.63 -5.76 8.45
C SER I 371 33.12 -5.89 8.31
N LEU I 372 32.63 -7.09 8.01
CA LEU I 372 31.21 -7.37 8.16
C LEU I 372 30.90 -7.44 9.66
N PRO I 373 29.77 -6.87 10.09
CA PRO I 373 29.58 -6.58 11.51
C PRO I 373 29.45 -7.82 12.39
N GLY I 374 29.76 -7.63 13.66
CA GLY I 374 29.81 -8.73 14.59
C GLY I 374 28.44 -9.20 15.03
N VAL I 375 28.44 -10.27 15.80
CA VAL I 375 27.25 -10.85 16.40
C VAL I 375 27.48 -10.95 17.90
N MET I 376 26.55 -10.45 18.69
CA MET I 376 26.67 -10.54 20.14
C MET I 376 26.59 -12.00 20.60
N ALA I 377 27.27 -12.30 21.68
CA ALA I 377 27.42 -13.66 22.17
C ALA I 377 26.49 -13.85 23.36
N VAL I 378 25.25 -14.27 23.07
CA VAL I 378 24.29 -14.54 24.13
C VAL I 378 24.73 -15.78 24.90
N ALA I 379 24.61 -15.73 26.22
CA ALA I 379 25.05 -16.84 27.06
C ALA I 379 24.03 -17.06 28.17
N SER I 380 23.37 -18.22 28.14
CA SER I 380 22.62 -18.67 29.31
C SER I 380 23.62 -18.96 30.42
N GLY I 381 23.50 -18.26 31.55
CA GLY I 381 24.50 -18.39 32.59
C GLY I 381 24.00 -18.87 33.92
N GLY I 382 23.08 -19.84 33.90
CA GLY I 382 22.43 -20.25 35.13
C GLY I 382 21.50 -19.16 35.63
N ILE I 383 21.13 -19.28 36.91
CA ILE I 383 20.66 -18.14 37.68
C ILE I 383 21.77 -17.62 38.58
N HIS I 384 22.89 -18.34 38.66
CA HIS I 384 23.85 -18.23 39.74
C HIS I 384 24.56 -16.88 39.69
N VAL I 385 24.24 -16.06 40.69
CA VAL I 385 24.81 -14.73 40.84
C VAL I 385 26.32 -14.80 40.98
N TRP I 386 26.82 -15.80 41.69
CA TRP I 386 28.26 -16.00 41.86
C TRP I 386 28.97 -16.41 40.57
N HIS I 387 28.23 -16.88 39.55
CA HIS I 387 28.81 -17.21 38.26
C HIS I 387 28.81 -16.03 37.30
N MET I 388 28.69 -14.81 37.83
CA MET I 388 28.85 -13.63 36.98
C MET I 388 30.31 -13.38 36.57
N PRO I 389 31.33 -13.35 37.46
CA PRO I 389 32.67 -13.01 36.98
C PRO I 389 33.32 -14.08 36.12
N ALA I 390 32.80 -15.30 36.10
CA ALA I 390 33.20 -16.25 35.07
C ALA I 390 32.70 -15.78 33.70
N LEU I 391 31.52 -15.18 33.66
CA LEU I 391 30.90 -14.76 32.41
C LEU I 391 31.26 -13.33 32.00
N VAL I 392 32.05 -12.62 32.78
CA VAL I 392 32.49 -11.28 32.42
C VAL I 392 33.95 -11.25 31.98
N GLU I 393 34.83 -12.03 32.63
CA GLU I 393 36.20 -12.16 32.15
C GLU I 393 36.26 -12.92 30.83
N ILE I 394 35.47 -13.98 30.70
CA ILE I 394 35.47 -14.76 29.46
C ILE I 394 34.73 -14.03 28.35
N PHE I 395 33.48 -13.64 28.61
CA PHE I 395 32.69 -12.86 27.67
C PHE I 395 32.67 -11.41 28.16
N GLY I 396 33.21 -10.49 27.36
CA GLY I 396 33.45 -9.13 27.81
C GLY I 396 32.21 -8.27 27.85
N ASP I 397 32.37 -7.03 27.38
CA ASP I 397 31.22 -6.14 27.23
C ASP I 397 30.42 -6.49 25.98
N ASP I 398 30.92 -7.45 25.22
CA ASP I 398 30.49 -7.74 23.87
C ASP I 398 29.45 -8.87 23.84
N SER I 399 28.79 -9.13 24.95
CA SER I 399 27.98 -10.34 25.10
C SER I 399 26.64 -10.01 25.73
N VAL I 400 25.77 -11.02 25.77
CA VAL I 400 24.46 -10.95 26.42
C VAL I 400 24.35 -12.15 27.37
N LEU I 401 23.76 -11.94 28.54
CA LEU I 401 23.72 -12.96 29.59
C LEU I 401 22.27 -13.30 29.91
N GLN I 402 21.77 -14.39 29.32
CA GLN I 402 20.46 -14.91 29.73
C GLN I 402 20.57 -15.58 31.09
N PHE I 403 19.47 -15.51 31.86
CA PHE I 403 19.46 -15.91 33.25
C PHE I 403 18.36 -16.92 33.53
N GLY I 404 17.96 -17.68 32.52
CA GLY I 404 17.01 -18.77 32.69
C GLY I 404 17.68 -20.09 32.39
N GLY I 405 17.15 -21.15 33.00
CA GLY I 405 17.85 -22.43 33.05
C GLY I 405 18.89 -22.42 34.15
N GLY I 406 19.07 -23.53 34.86
CA GLY I 406 19.96 -23.53 36.00
C GLY I 406 19.46 -22.66 37.13
N THR I 407 18.15 -22.65 37.35
CA THR I 407 17.49 -21.64 38.17
C THR I 407 16.85 -22.27 39.40
N LEU I 408 17.36 -21.93 40.57
CA LEU I 408 16.65 -22.23 41.81
C LEU I 408 15.53 -21.23 42.06
N GLY I 409 15.49 -20.13 41.32
CA GLY I 409 14.55 -19.05 41.55
C GLY I 409 15.16 -17.97 42.41
N HIS I 410 14.41 -16.87 42.55
CA HIS I 410 14.77 -15.83 43.48
C HIS I 410 13.68 -15.72 44.53
N PRO I 411 14.02 -15.82 45.83
CA PRO I 411 12.97 -15.88 46.86
C PRO I 411 12.30 -14.55 47.18
N TRP I 412 12.68 -13.46 46.52
CA TRP I 412 11.97 -12.19 46.66
C TRP I 412 11.17 -11.80 45.43
N GLY I 413 11.37 -12.46 44.30
CA GLY I 413 10.57 -12.22 43.11
C GLY I 413 11.42 -12.03 41.88
N ASN I 414 10.72 -11.80 40.76
CA ASN I 414 11.40 -11.58 39.49
C ASN I 414 12.05 -10.21 39.43
N ALA I 415 11.41 -9.19 40.00
CA ALA I 415 11.94 -7.82 39.91
C ALA I 415 13.10 -7.53 40.86
N PRO I 416 13.11 -7.94 42.14
CA PRO I 416 14.37 -7.86 42.88
C PRO I 416 15.36 -8.96 42.53
N GLY I 417 14.90 -10.01 41.84
CA GLY I 417 15.80 -10.95 41.21
C GLY I 417 16.35 -10.48 39.89
N ALA I 418 15.87 -9.34 39.39
CA ALA I 418 16.42 -8.71 38.21
C ALA I 418 17.49 -7.69 38.56
N THR I 419 17.29 -6.93 39.64
CA THR I 419 18.35 -6.05 40.13
C THR I 419 19.50 -6.85 40.74
N ALA I 420 19.20 -8.00 41.34
CA ALA I 420 20.25 -8.87 41.86
C ALA I 420 21.01 -9.61 40.78
N ASN I 421 20.61 -9.47 39.52
CA ASN I 421 21.36 -9.95 38.38
C ASN I 421 21.97 -8.80 37.58
N ARG I 422 21.82 -7.56 38.03
CA ARG I 422 22.49 -6.42 37.42
C ARG I 422 23.47 -5.74 38.37
N VAL I 423 23.14 -5.59 39.65
CA VAL I 423 24.13 -5.12 40.62
C VAL I 423 25.23 -6.16 40.77
N ALA I 424 24.89 -7.44 40.59
CA ALA I 424 25.89 -8.48 40.42
C ALA I 424 26.72 -8.28 39.16
N LEU I 425 26.12 -7.71 38.12
CA LEU I 425 26.86 -7.43 36.90
C LEU I 425 27.62 -6.11 36.99
N GLU I 426 26.90 -5.02 37.29
CA GLU I 426 27.49 -3.69 37.25
C GLU I 426 28.40 -3.37 38.43
N ALA I 427 28.62 -4.31 39.35
CA ALA I 427 29.79 -4.25 40.22
C ALA I 427 30.91 -5.14 39.72
N CYS I 428 30.57 -6.22 39.02
CA CYS I 428 31.59 -7.06 38.40
C CYS I 428 32.23 -6.38 37.20
N VAL I 429 31.43 -5.64 36.43
CA VAL I 429 31.98 -4.83 35.35
C VAL I 429 32.75 -3.66 35.94
N GLN I 430 32.29 -3.12 37.06
CA GLN I 430 32.98 -2.01 37.70
C GLN I 430 34.29 -2.47 38.32
N ALA I 431 34.36 -3.72 38.81
CA ALA I 431 35.60 -4.24 39.36
C ALA I 431 36.59 -4.64 38.28
N ARG I 432 36.13 -4.89 37.07
CA ARG I 432 37.04 -5.04 35.94
C ARG I 432 37.71 -3.71 35.61
N ASN I 433 37.08 -2.61 35.98
CA ASN I 433 37.52 -1.27 35.62
C ASN I 433 38.28 -0.57 36.73
N GLU I 434 38.48 -1.25 37.86
CA GLU I 434 39.35 -0.76 38.92
C GLU I 434 40.74 -1.35 38.85
N GLY I 435 41.01 -2.18 37.84
CA GLY I 435 42.26 -2.91 37.78
C GLY I 435 42.26 -4.22 38.53
N ARG I 436 41.11 -4.64 39.07
CA ARG I 436 41.01 -5.94 39.72
C ARG I 436 40.78 -7.01 38.66
N ASN I 437 40.83 -8.26 39.08
CA ASN I 437 40.57 -9.39 38.20
C ASN I 437 39.38 -10.19 38.71
N LEU I 438 38.89 -11.09 37.87
CA LEU I 438 37.64 -11.78 38.11
C LEU I 438 37.81 -13.28 38.34
N ALA I 439 39.03 -13.80 38.29
CA ALA I 439 39.28 -15.20 38.61
C ALA I 439 39.90 -15.39 39.98
N ARG I 440 40.70 -14.44 40.46
CA ARG I 440 41.27 -14.52 41.80
C ARG I 440 40.36 -13.94 42.87
N GLU I 441 39.61 -12.88 42.54
CA GLU I 441 38.69 -12.26 43.49
C GLU I 441 37.35 -11.91 42.85
N GLY I 442 36.84 -12.79 41.98
CA GLY I 442 35.55 -12.53 41.37
C GLY I 442 34.40 -12.67 42.35
N ASN I 443 34.46 -13.70 43.20
CA ASN I 443 33.47 -13.87 44.27
C ASN I 443 33.59 -12.79 45.34
N ASP I 444 34.76 -12.15 45.44
CA ASP I 444 35.02 -11.10 46.42
C ASP I 444 34.49 -9.74 46.00
N VAL I 445 33.73 -9.66 44.92
CA VAL I 445 33.10 -8.41 44.49
C VAL I 445 31.60 -8.44 44.74
N ILE I 446 30.99 -9.62 44.57
CA ILE I 446 29.55 -9.76 44.72
C ILE I 446 29.14 -9.61 46.17
N ARG I 447 29.85 -10.28 47.09
CA ARG I 447 29.60 -10.05 48.50
C ARG I 447 30.15 -8.72 48.98
N GLU I 448 31.10 -8.13 48.24
CA GLU I 448 31.47 -6.74 48.46
C GLU I 448 30.33 -5.81 48.07
N ALA I 449 29.57 -6.16 47.03
CA ALA I 449 28.43 -5.36 46.60
C ALA I 449 27.13 -5.77 47.26
N ALA I 450 27.09 -6.94 47.92
CA ALA I 450 25.89 -7.35 48.65
C ALA I 450 25.71 -6.61 49.96
N LYS I 451 26.69 -5.78 50.36
CA LYS I 451 26.52 -4.91 51.52
C LYS I 451 25.64 -3.71 51.18
N TRP I 452 25.91 -3.06 50.04
CA TRP I 452 25.17 -1.87 49.67
C TRP I 452 23.77 -2.21 49.19
N SER I 453 23.67 -2.98 48.12
CA SER I 453 22.36 -3.42 47.62
C SER I 453 21.84 -4.55 48.50
N PRO I 454 20.69 -4.38 49.16
CA PRO I 454 20.20 -5.43 50.05
C PRO I 454 19.52 -6.59 49.33
N GLU I 455 19.48 -6.60 48.00
CA GLU I 455 18.81 -7.62 47.23
C GLU I 455 19.76 -8.67 46.66
N LEU I 456 21.07 -8.42 46.71
CA LEU I 456 22.05 -9.41 46.26
C LEU I 456 22.22 -10.54 47.27
N ALA I 457 22.25 -10.21 48.56
CA ALA I 457 22.64 -11.17 49.60
C ALA I 457 21.61 -12.27 49.82
N VAL I 458 20.40 -12.13 49.29
CA VAL I 458 19.39 -13.17 49.41
C VAL I 458 19.37 -14.07 48.17
N ALA I 459 19.83 -13.57 47.02
CA ALA I 459 19.89 -14.38 45.80
C ALA I 459 20.93 -15.49 45.94
N CYS I 460 22.17 -15.13 46.26
CA CYS I 460 23.34 -16.01 46.53
C CYS I 460 23.52 -17.24 45.61
N MET J 1 39.28 27.08 25.94
CA MET J 1 38.46 25.88 25.81
C MET J 1 37.08 26.09 26.43
N GLN J 2 36.48 27.25 26.17
CA GLN J 2 35.19 27.60 26.74
C GLN J 2 34.08 26.80 26.06
N THR J 3 33.18 26.24 26.87
CA THR J 3 32.06 25.47 26.36
C THR J 3 31.03 26.39 25.70
N LEU J 4 30.10 25.78 24.97
CA LEU J 4 29.00 26.52 24.37
C LEU J 4 27.80 26.48 25.29
N PRO J 5 27.31 27.62 25.78
CA PRO J 5 26.20 27.62 26.73
C PRO J 5 24.89 27.17 26.08
N LYS J 6 24.07 26.50 26.88
CA LYS J 6 22.73 26.09 26.45
C LYS J 6 21.84 27.31 26.35
N GLU J 7 21.70 27.84 25.14
CA GLU J 7 20.85 28.99 24.90
C GLU J 7 19.97 28.69 23.69
N ARG J 8 18.66 28.72 23.87
CA ARG J 8 17.75 28.60 22.73
C ARG J 8 17.73 29.95 22.04
N ARG J 9 18.66 30.13 21.12
CA ARG J 9 18.80 31.39 20.40
C ARG J 9 17.81 31.42 19.25
N TYR J 10 17.86 32.47 18.44
CA TYR J 10 16.76 32.71 17.51
C TYR J 10 17.28 32.76 16.08
N GLU J 11 16.35 32.97 15.15
CA GLU J 11 16.46 32.46 13.79
C GLU J 11 17.58 33.13 12.97
N THR J 12 17.53 34.45 12.80
CA THR J 12 18.55 35.16 12.03
C THR J 12 18.94 36.42 12.78
N LEU J 13 20.22 36.79 12.66
CA LEU J 13 20.82 37.96 13.32
C LEU J 13 20.64 37.93 14.83
N SER J 14 20.69 36.74 15.43
CA SER J 14 20.37 36.58 16.84
C SER J 14 21.52 36.04 17.68
N TYR J 15 22.63 35.61 17.08
CA TYR J 15 23.76 35.24 17.90
C TYR J 15 24.57 36.45 18.36
N LEU J 16 24.25 37.63 17.85
CA LEU J 16 24.84 38.88 18.26
C LEU J 16 24.38 39.21 19.68
N PRO J 17 25.04 40.15 20.36
CA PRO J 17 24.44 40.75 21.56
C PRO J 17 23.15 41.50 21.21
N PRO J 18 22.25 41.70 22.18
CA PRO J 18 20.95 42.31 21.87
C PRO J 18 21.07 43.72 21.30
N LEU J 19 20.21 44.00 20.33
CA LEU J 19 20.40 45.12 19.42
C LEU J 19 20.07 46.44 20.11
N THR J 20 21.05 47.33 20.16
CA THR J 20 20.80 48.69 20.62
C THR J 20 19.92 49.42 19.62
N ASP J 21 19.20 50.45 20.12
CA ASP J 21 18.22 51.15 19.31
C ASP J 21 18.83 51.95 18.17
N VAL J 22 20.13 52.26 18.24
CA VAL J 22 20.83 52.85 17.09
C VAL J 22 20.94 51.83 15.97
N GLN J 23 21.24 50.57 16.31
CA GLN J 23 21.38 49.53 15.30
C GLN J 23 20.03 49.09 14.72
N ILE J 24 18.96 49.23 15.51
CA ILE J 24 17.64 48.85 15.01
C ILE J 24 17.15 49.87 13.99
N GLU J 25 17.61 51.12 14.13
CA GLU J 25 17.39 52.12 13.09
C GLU J 25 18.08 51.72 11.79
N LYS J 26 19.34 51.28 11.89
CA LYS J 26 20.15 51.03 10.71
C LYS J 26 19.71 49.78 9.95
N GLN J 27 19.22 48.76 10.66
CA GLN J 27 18.81 47.52 10.01
C GLN J 27 17.58 47.72 9.14
N VAL J 28 16.56 48.38 9.69
CA VAL J 28 15.36 48.69 8.92
C VAL J 28 15.60 49.78 7.89
N GLN J 29 16.68 50.56 8.04
CA GLN J 29 17.02 51.58 7.05
C GLN J 29 17.53 50.93 5.76
N TYR J 30 18.30 49.85 5.87
CA TYR J 30 18.70 49.11 4.69
C TYR J 30 17.54 48.30 4.12
N ILE J 31 16.59 47.92 4.97
CA ILE J 31 15.31 47.39 4.50
C ILE J 31 14.52 48.46 3.77
N LEU J 32 14.66 49.73 4.17
CA LEU J 32 14.12 50.85 3.40
C LEU J 32 14.88 51.15 2.12
N SER J 33 16.22 51.10 2.14
CA SER J 33 17.02 51.68 1.07
C SER J 33 17.16 50.76 -0.14
N GLN J 34 16.52 49.60 -0.16
CA GLN J 34 16.46 48.76 -1.35
C GLN J 34 15.28 49.11 -2.24
N GLY J 35 14.65 50.27 -2.02
CA GLY J 35 13.36 50.53 -2.63
C GLY J 35 12.27 49.68 -2.05
N TYR J 36 12.46 49.20 -0.83
CA TYR J 36 11.51 48.30 -0.18
C TYR J 36 10.90 49.00 1.05
N ILE J 37 9.68 48.58 1.40
CA ILE J 37 8.70 49.11 2.34
C ILE J 37 8.42 48.12 3.46
N PRO J 38 8.94 48.32 4.68
CA PRO J 38 8.99 47.24 5.67
C PRO J 38 7.67 46.91 6.37
N ALA J 39 7.76 45.98 7.33
CA ALA J 39 6.62 45.49 8.10
C ALA J 39 7.09 44.96 9.45
N VAL J 40 6.13 44.76 10.37
CA VAL J 40 6.38 44.34 11.76
C VAL J 40 5.52 43.12 12.07
N GLU J 41 6.08 42.14 12.80
CA GLU J 41 5.33 41.00 13.30
C GLU J 41 5.70 40.69 14.74
N PHE J 42 4.83 39.92 15.41
CA PHE J 42 5.08 39.51 16.79
C PHE J 42 4.46 38.14 17.04
N ASN J 43 4.91 37.50 18.13
CA ASN J 43 4.40 36.19 18.54
C ASN J 43 4.83 36.00 19.99
N GLU J 44 4.37 34.91 20.60
CA GLU J 44 4.72 34.61 21.98
C GLU J 44 5.84 33.59 22.09
N VAL J 45 5.75 32.48 21.37
CA VAL J 45 6.74 31.40 21.44
C VAL J 45 7.40 31.29 20.07
N SER J 46 8.72 31.18 20.05
CA SER J 46 9.47 31.01 18.82
C SER J 46 9.78 29.53 18.62
N GLU J 47 8.86 28.83 17.98
CA GLU J 47 9.03 27.42 17.67
C GLU J 47 9.61 27.23 16.29
N PRO J 48 10.34 26.14 16.04
CA PRO J 48 10.60 25.73 14.66
C PRO J 48 9.35 25.27 13.94
N THR J 49 8.36 24.74 14.67
CA THR J 49 7.09 24.36 14.06
C THR J 49 6.31 25.58 13.60
N GLU J 50 6.21 26.60 14.47
CA GLU J 50 5.48 27.82 14.15
C GLU J 50 6.27 28.65 13.15
N LEU J 51 5.85 28.61 11.89
CA LEU J 51 6.48 29.41 10.84
C LEU J 51 5.91 30.83 10.79
N TYR J 52 4.67 31.01 11.26
CA TYR J 52 3.99 32.29 11.18
C TYR J 52 4.07 33.01 12.51
N TRP J 53 4.33 34.31 12.45
CA TRP J 53 4.11 35.18 13.59
C TRP J 53 3.03 36.19 13.23
N THR J 54 2.30 36.63 14.24
CA THR J 54 1.16 37.53 14.05
C THR J 54 1.63 38.92 13.61
N LEU J 55 1.04 39.42 12.53
CA LEU J 55 1.29 40.79 12.08
C LEU J 55 0.87 41.80 13.14
N TRP J 56 1.60 42.91 13.19
CA TRP J 56 1.25 44.00 14.09
C TRP J 56 0.17 44.89 13.48
N LYS J 57 0.49 45.57 12.38
CA LYS J 57 -0.49 46.32 11.60
C LYS J 57 -0.41 45.81 10.16
N LEU J 58 -1.04 46.55 9.27
CA LEU J 58 -0.68 46.48 7.85
C LEU J 58 0.81 46.77 7.66
N PRO J 59 1.46 46.18 6.65
CA PRO J 59 2.83 46.57 6.31
C PRO J 59 2.92 48.04 5.94
N LEU J 60 4.00 48.69 6.39
CA LEU J 60 4.14 50.12 6.17
C LEU J 60 4.67 50.40 4.78
N PHE J 61 3.91 51.16 4.00
CA PHE J 61 4.40 51.61 2.70
C PHE J 61 3.94 53.02 2.40
N GLY J 62 4.81 53.74 1.70
CA GLY J 62 4.74 55.18 1.55
C GLY J 62 6.14 55.75 1.56
N ALA J 63 6.23 57.08 1.62
CA ALA J 63 7.52 57.76 1.71
C ALA J 63 7.81 58.12 3.16
N LYS J 64 8.33 57.16 3.92
CA LYS J 64 8.54 57.34 5.34
C LYS J 64 10.00 57.05 5.70
N THR J 65 10.34 57.27 6.97
CA THR J 65 11.69 57.07 7.49
C THR J 65 11.70 55.89 8.46
N SER J 66 12.90 55.56 8.95
CA SER J 66 13.07 54.45 9.87
C SER J 66 12.46 54.71 11.24
N ARG J 67 12.36 55.97 11.65
CA ARG J 67 11.74 56.30 12.93
C ARG J 67 10.23 56.12 12.90
N GLU J 68 9.62 56.11 11.72
CA GLU J 68 8.20 55.83 11.61
C GLU J 68 7.90 54.34 11.63
N VAL J 69 8.92 53.49 11.62
CA VAL J 69 8.75 52.06 11.83
C VAL J 69 8.88 51.71 13.31
N LEU J 70 9.83 52.36 13.99
CA LEU J 70 10.07 52.13 15.41
C LEU J 70 9.00 52.74 16.30
N ALA J 71 8.08 53.56 15.76
CA ALA J 71 6.93 53.98 16.52
C ALA J 71 6.01 52.81 16.85
N GLU J 72 6.01 51.78 16.00
CA GLU J 72 5.26 50.57 16.28
C GLU J 72 6.04 49.61 17.17
N VAL J 73 7.33 49.44 16.88
CA VAL J 73 8.14 48.47 17.63
C VAL J 73 8.53 49.02 18.99
N GLN J 74 9.28 50.12 19.00
CA GLN J 74 9.86 50.61 20.25
C GLN J 74 8.84 51.36 21.09
N SER J 75 8.20 52.38 20.51
CA SER J 75 7.29 53.24 21.27
C SER J 75 5.96 52.56 21.59
N CYS J 76 5.64 51.46 20.93
CA CYS J 76 4.34 50.81 21.11
C CYS J 76 4.50 49.31 21.30
N ARG J 77 5.39 48.91 22.22
CA ARG J 77 5.43 47.53 22.68
C ARG J 77 4.72 47.36 24.02
N SER J 78 4.03 48.40 24.50
CA SER J 78 3.49 48.41 25.86
C SER J 78 2.31 47.47 26.04
N GLN J 79 1.65 47.06 24.96
CA GLN J 79 0.55 46.11 25.06
C GLN J 79 0.97 44.67 24.79
N TYR J 80 2.24 44.44 24.43
CA TYR J 80 2.79 43.09 24.35
C TYR J 80 4.23 43.08 24.86
N PRO J 81 4.46 43.19 26.19
CA PRO J 81 5.85 43.25 26.68
C PRO J 81 6.52 41.88 26.69
N GLY J 82 5.75 40.84 27.00
CA GLY J 82 6.30 39.51 27.17
C GLY J 82 6.22 38.66 25.93
N HIS J 83 6.39 39.28 24.76
CA HIS J 83 6.24 38.60 23.49
C HIS J 83 7.48 38.81 22.62
N TYR J 84 7.59 37.98 21.58
CA TYR J 84 8.72 38.01 20.66
C TYR J 84 8.33 38.82 19.42
N ILE J 85 8.94 39.98 19.23
CA ILE J 85 8.62 40.88 18.13
C ILE J 85 9.78 40.85 17.14
N ARG J 86 9.47 40.89 15.84
CA ARG J 86 10.51 40.95 14.82
C ARG J 86 10.05 41.82 13.66
N VAL J 87 10.99 42.08 12.75
CA VAL J 87 10.78 42.94 11.58
C VAL J 87 10.90 42.09 10.33
N VAL J 88 9.90 42.18 9.46
CA VAL J 88 9.73 41.28 8.33
C VAL J 88 9.86 42.08 7.04
N GLY J 89 10.38 41.45 5.99
CA GLY J 89 10.73 42.19 4.79
C GLY J 89 10.29 41.70 3.41
N PHE J 90 9.30 40.79 3.34
CA PHE J 90 8.23 40.70 2.31
C PHE J 90 8.64 41.22 0.92
N ASP J 91 9.77 40.72 0.41
CA ASP J 91 10.30 41.30 -0.83
C ASP J 91 9.43 40.92 -2.01
N ASN J 92 8.47 41.80 -2.35
CA ASN J 92 7.40 41.46 -3.26
C ASN J 92 7.80 41.55 -4.73
N ILE J 93 8.85 42.31 -5.06
CA ILE J 93 9.31 42.43 -6.45
C ILE J 93 9.85 41.09 -6.95
N LYS J 94 10.48 40.33 -6.06
CA LYS J 94 11.03 39.03 -6.41
C LYS J 94 10.23 37.91 -5.73
N GLN J 95 9.09 38.24 -5.10
CA GLN J 95 8.28 37.33 -4.28
C GLN J 95 9.11 36.69 -3.17
N CYS J 96 9.96 37.47 -2.54
CA CYS J 96 10.93 36.98 -1.55
C CYS J 96 10.61 37.61 -0.20
N GLN J 97 11.54 37.44 0.74
CA GLN J 97 11.34 37.90 2.11
C GLN J 97 12.71 38.08 2.73
N ILE J 98 12.94 39.22 3.39
CA ILE J 98 14.29 39.70 3.69
C ILE J 98 14.39 40.14 5.16
N LEU J 99 15.41 39.63 5.86
CA LEU J 99 15.91 40.14 7.14
C LEU J 99 14.88 40.09 8.28
N SER J 100 14.52 38.87 8.67
CA SER J 100 13.96 38.66 10.00
C SER J 100 15.01 38.91 11.08
N PHE J 101 14.67 39.74 12.05
CA PHE J 101 15.53 39.90 13.23
C PHE J 101 14.66 40.24 14.43
N ILE J 102 14.85 39.49 15.51
CA ILE J 102 13.93 39.53 16.64
C ILE J 102 14.30 40.70 17.56
N VAL J 103 13.29 41.49 17.94
CA VAL J 103 13.50 42.75 18.65
C VAL J 103 12.62 42.74 19.90
N HIS J 104 13.17 43.25 21.02
CA HIS J 104 12.50 43.41 22.31
C HIS J 104 11.94 42.07 22.84
N LYS J 105 12.87 41.23 23.20
CA LYS J 105 12.55 39.95 23.83
C LYS J 105 12.37 40.14 25.34
N PRO J 106 11.42 39.41 25.97
CA PRO J 106 11.25 39.49 27.42
C PRO J 106 12.36 38.77 28.18
N LEU K 23 53.13 13.92 4.51
CA LEU K 23 52.98 12.90 3.47
C LEU K 23 52.87 11.52 4.09
N THR K 24 51.62 11.08 4.27
CA THR K 24 51.33 9.74 4.76
C THR K 24 50.58 8.90 3.74
N TYR K 25 50.30 9.45 2.56
CA TYR K 25 49.46 8.77 1.58
C TYR K 25 50.24 8.25 0.38
N TYR K 26 51.53 8.54 0.29
CA TYR K 26 52.41 7.88 -0.67
C TYR K 26 53.30 6.93 0.14
N THR K 27 52.86 5.68 0.23
CA THR K 27 53.60 4.60 0.89
C THR K 27 54.06 3.63 -0.18
N PRO K 28 55.26 3.80 -0.74
CA PRO K 28 55.67 2.93 -1.86
C PRO K 28 56.05 1.53 -1.45
N ASP K 29 56.30 1.29 -0.15
CA ASP K 29 56.58 -0.05 0.33
C ASP K 29 55.30 -0.86 0.57
N TYR K 30 54.14 -0.23 0.48
CA TYR K 30 52.86 -0.94 0.64
C TYR K 30 52.62 -1.86 -0.53
N THR K 31 52.25 -3.11 -0.23
CA THR K 31 51.83 -3.99 -1.31
C THR K 31 50.31 -4.00 -1.42
N PRO K 32 49.77 -4.01 -2.63
CA PRO K 32 48.31 -3.99 -2.79
C PRO K 32 47.68 -5.30 -2.36
N LYS K 33 46.74 -5.22 -1.41
CA LYS K 33 45.99 -6.39 -1.02
C LYS K 33 45.05 -6.81 -2.13
N ASP K 34 44.62 -8.06 -2.09
CA ASP K 34 43.62 -8.56 -3.02
C ASP K 34 42.20 -8.21 -2.58
N THR K 35 42.07 -7.45 -1.49
CA THR K 35 40.81 -6.82 -1.10
C THR K 35 40.96 -5.30 -1.17
N ASP K 36 41.75 -4.81 -2.11
CA ASP K 36 41.89 -3.40 -2.38
C ASP K 36 41.36 -3.09 -3.77
N ILE K 37 40.85 -1.88 -3.93
CA ILE K 37 40.27 -1.46 -5.21
C ILE K 37 41.25 -0.49 -5.85
N LEU K 38 42.15 -1.01 -6.67
CA LEU K 38 43.28 -0.25 -7.18
C LEU K 38 42.85 0.69 -8.29
N ALA K 39 43.50 1.84 -8.38
CA ALA K 39 43.21 2.82 -9.40
C ALA K 39 44.51 3.39 -9.95
N ALA K 40 44.58 3.54 -11.26
CA ALA K 40 45.77 4.04 -11.95
C ALA K 40 45.43 5.39 -12.56
N PHE K 41 45.98 6.46 -11.96
CA PHE K 41 45.71 7.82 -12.40
C PHE K 41 46.90 8.38 -13.16
N ARG K 42 46.65 8.87 -14.36
CA ARG K 42 47.68 9.57 -15.14
C ARG K 42 47.63 11.04 -14.75
N VAL K 43 48.59 11.47 -13.94
CA VAL K 43 48.54 12.73 -13.22
C VAL K 43 49.51 13.72 -13.87
N THR K 44 49.06 14.96 -14.06
CA THR K 44 49.88 16.02 -14.65
C THR K 44 49.81 17.28 -13.80
N PRO K 45 50.81 17.52 -12.95
CA PRO K 45 50.86 18.80 -12.21
C PRO K 45 51.61 19.88 -12.97
N GLN K 46 51.83 21.03 -12.31
CA GLN K 46 52.72 22.07 -12.77
C GLN K 46 54.16 21.73 -12.37
N PRO K 47 55.16 22.18 -13.13
CA PRO K 47 56.52 22.25 -12.59
C PRO K 47 56.55 23.21 -11.39
N GLY K 48 56.78 22.64 -10.21
CA GLY K 48 56.63 23.37 -8.97
C GLY K 48 55.94 22.52 -7.93
N VAL K 49 55.31 21.45 -8.41
CA VAL K 49 54.71 20.42 -7.55
C VAL K 49 55.45 19.12 -7.85
N PRO K 50 56.12 18.51 -6.88
CA PRO K 50 56.83 17.25 -7.13
C PRO K 50 55.84 16.11 -7.32
N PHE K 51 56.37 14.99 -7.85
CA PHE K 51 55.52 13.85 -8.16
C PHE K 51 55.02 13.16 -6.88
N GLU K 52 55.79 13.22 -5.81
CA GLU K 52 55.40 12.57 -4.57
C GLU K 52 54.27 13.31 -3.88
N GLU K 53 54.31 14.65 -3.91
CA GLU K 53 53.18 15.43 -3.39
C GLU K 53 51.98 15.34 -4.32
N ALA K 54 52.22 15.28 -5.63
CA ALA K 54 51.12 15.19 -6.58
C ALA K 54 50.41 13.84 -6.47
N ALA K 55 51.16 12.76 -6.24
CA ALA K 55 50.55 11.45 -6.06
C ALA K 55 49.78 11.38 -4.74
N ALA K 56 50.41 11.79 -3.64
CA ALA K 56 49.79 11.76 -2.33
C ALA K 56 48.69 12.79 -2.14
N ALA K 57 48.39 13.61 -3.16
CA ALA K 57 47.19 14.43 -3.18
C ALA K 57 46.07 13.84 -4.01
N VAL K 58 46.38 12.96 -4.97
CA VAL K 58 45.31 12.23 -5.65
C VAL K 58 44.70 11.20 -4.71
N ALA K 59 45.54 10.55 -3.89
CA ALA K 59 45.02 9.64 -2.87
C ALA K 59 44.41 10.36 -1.68
N ALA K 60 44.66 11.66 -1.54
CA ALA K 60 44.12 12.39 -0.40
C ALA K 60 42.64 12.73 -0.61
N GLU K 61 42.35 13.62 -1.55
CA GLU K 61 41.00 14.14 -1.66
C GLU K 61 40.04 13.19 -2.37
N SER K 62 40.51 12.03 -2.80
CA SER K 62 39.61 11.00 -3.28
C SER K 62 39.09 10.12 -2.15
N SER K 63 39.85 10.01 -1.06
CA SER K 63 39.37 9.30 0.13
C SER K 63 39.29 10.17 1.38
N THR K 64 40.40 10.74 1.85
CA THR K 64 40.42 11.47 3.14
C THR K 64 41.33 12.68 2.99
N GLY K 65 40.78 13.87 3.19
CA GLY K 65 41.53 15.09 2.91
C GLY K 65 42.66 15.35 3.90
N THR K 66 43.71 16.02 3.41
CA THR K 66 44.91 16.33 4.19
C THR K 66 44.88 17.70 4.82
N TRP K 67 43.72 18.38 4.83
CA TRP K 67 43.68 19.72 5.41
C TRP K 67 43.83 19.66 6.92
N THR K 68 43.21 18.66 7.56
CA THR K 68 43.24 18.51 9.00
C THR K 68 44.41 17.60 9.36
N THR K 69 45.41 18.16 10.05
CA THR K 69 46.61 17.43 10.42
C THR K 69 46.91 17.47 11.92
N VAL K 70 46.30 18.38 12.67
CA VAL K 70 46.79 18.71 14.00
C VAL K 70 46.14 17.83 15.07
N TRP K 71 44.82 17.96 15.24
CA TRP K 71 44.10 17.22 16.27
C TRP K 71 43.23 16.10 15.74
N THR K 72 42.40 16.37 14.72
CA THR K 72 41.47 15.38 14.20
C THR K 72 42.12 14.37 13.26
N ASP K 73 43.44 14.43 13.06
CA ASP K 73 44.13 13.39 12.30
C ASP K 73 44.17 12.08 13.08
N LEU K 74 44.17 12.15 14.41
CA LEU K 74 44.30 10.98 15.26
C LEU K 74 43.06 10.76 16.13
N LEU K 75 41.88 11.18 15.65
CA LEU K 75 40.64 10.79 16.31
C LEU K 75 40.35 9.31 16.11
N THR K 76 40.16 8.91 14.85
CA THR K 76 39.66 7.58 14.52
C THR K 76 40.57 6.85 13.55
N ASP K 77 40.09 5.74 13.00
CA ASP K 77 40.89 4.91 12.11
C ASP K 77 41.10 5.60 10.76
N LEU K 78 42.04 6.52 10.70
CA LEU K 78 42.48 7.10 9.44
C LEU K 78 43.75 6.44 8.92
N ASP K 79 44.07 5.25 9.44
CA ASP K 79 45.24 4.51 8.96
C ASP K 79 44.83 3.31 8.12
N ARG K 80 43.54 2.97 8.16
CA ARG K 80 43.02 1.82 7.44
C ARG K 80 41.86 2.17 6.52
N TYR K 81 41.22 3.33 6.71
CA TYR K 81 40.14 3.79 5.85
C TYR K 81 40.60 4.89 4.90
N LYS K 82 41.87 4.87 4.51
CA LYS K 82 42.44 5.91 3.67
C LYS K 82 43.00 5.31 2.38
N GLY K 83 42.76 6.00 1.27
CA GLY K 83 43.37 5.61 0.01
C GLY K 83 44.82 6.03 0.01
N ARG K 84 45.69 5.11 -0.38
CA ARG K 84 47.12 5.34 -0.32
C ARG K 84 47.76 4.96 -1.65
N CYS K 85 48.83 5.65 -1.99
CA CYS K 85 49.61 5.36 -3.17
C CYS K 85 50.63 4.29 -2.83
N TYR K 86 50.98 3.46 -3.80
CA TYR K 86 52.07 2.52 -3.62
C TYR K 86 53.10 2.57 -4.74
N ASP K 87 52.86 3.35 -5.79
CA ASP K 87 53.81 3.53 -6.88
C ASP K 87 53.78 4.97 -7.37
N ILE K 88 54.86 5.35 -8.04
CA ILE K 88 54.87 6.44 -9.02
C ILE K 88 55.65 5.93 -10.22
N GLU K 89 55.01 5.85 -11.37
CA GLU K 89 55.66 5.40 -12.60
C GLU K 89 55.50 6.47 -13.65
N PRO K 90 56.59 7.11 -14.09
CA PRO K 90 56.47 8.12 -15.14
C PRO K 90 56.13 7.52 -16.48
N VAL K 91 55.30 8.23 -17.23
CA VAL K 91 54.99 7.84 -18.61
C VAL K 91 56.26 8.02 -19.46
N PRO K 92 56.66 7.03 -20.27
CA PRO K 92 57.87 7.17 -21.07
C PRO K 92 57.71 8.22 -22.16
N GLY K 93 58.73 9.07 -22.30
CA GLY K 93 58.76 10.10 -23.31
C GLY K 93 58.09 11.40 -22.95
N GLU K 94 57.12 11.38 -22.03
CA GLU K 94 56.33 12.56 -21.71
C GLU K 94 56.67 13.05 -20.30
N ASP K 95 57.17 14.27 -20.21
CA ASP K 95 57.55 14.88 -18.94
C ASP K 95 56.30 15.35 -18.20
N ASN K 96 56.45 15.50 -16.88
CA ASN K 96 55.42 16.05 -15.97
C ASN K 96 54.16 15.20 -15.98
N GLN K 97 54.31 13.90 -16.22
CA GLN K 97 53.16 13.05 -16.49
C GLN K 97 53.51 11.64 -16.03
N PHE K 98 53.04 11.28 -14.85
CA PHE K 98 53.31 9.98 -14.23
C PHE K 98 52.00 9.23 -14.04
N ILE K 99 52.11 8.01 -13.51
CA ILE K 99 50.96 7.14 -13.26
C ILE K 99 51.00 6.75 -11.80
N ALA K 100 50.04 7.25 -11.02
CA ALA K 100 49.99 7.06 -9.58
C ALA K 100 49.02 5.91 -9.27
N TYR K 101 49.58 4.74 -8.96
CA TYR K 101 48.75 3.61 -8.55
C TYR K 101 48.32 3.79 -7.10
N ILE K 102 47.00 3.77 -6.86
CA ILE K 102 46.45 4.08 -5.56
C ILE K 102 45.59 2.92 -5.08
N ALA K 103 45.83 2.48 -3.84
CA ALA K 103 45.08 1.40 -3.22
C ALA K 103 43.97 1.99 -2.35
N TYR K 104 42.73 1.64 -2.64
CA TYR K 104 41.60 2.01 -1.81
C TYR K 104 41.11 0.78 -1.06
N PRO K 105 40.97 0.84 0.26
CA PRO K 105 40.48 -0.32 1.00
C PRO K 105 39.02 -0.62 0.69
N LEU K 106 38.67 -1.90 0.85
CA LEU K 106 37.35 -2.38 0.46
C LEU K 106 36.25 -1.82 1.35
N ASP K 107 36.56 -1.47 2.59
CA ASP K 107 35.57 -1.06 3.57
C ASP K 107 35.09 0.38 3.38
N LEU K 108 35.46 1.04 2.29
CA LEU K 108 35.02 2.39 2.03
C LEU K 108 33.76 2.45 1.17
N PHE K 109 33.52 1.44 0.34
CA PHE K 109 32.58 1.58 -0.76
C PHE K 109 31.32 0.78 -0.44
N GLU K 110 30.32 0.95 -1.29
CA GLU K 110 29.05 0.27 -1.15
C GLU K 110 29.02 -1.01 -1.97
N GLU K 111 28.48 -2.07 -1.37
CA GLU K 111 28.36 -3.34 -2.05
C GLU K 111 27.30 -3.25 -3.15
N GLY K 112 27.75 -3.16 -4.40
CA GLY K 112 26.84 -3.19 -5.52
C GLY K 112 26.58 -1.87 -6.20
N SER K 113 27.41 -0.86 -6.00
CA SER K 113 27.20 0.44 -6.64
C SER K 113 28.51 1.00 -7.18
N ILE K 114 28.47 1.44 -8.43
CA ILE K 114 29.57 2.22 -9.01
C ILE K 114 29.41 3.70 -8.70
N THR K 115 28.19 4.17 -8.44
CA THR K 115 27.99 5.55 -8.01
C THR K 115 28.50 5.84 -6.59
N ASN K 116 29.16 4.88 -5.93
CA ASN K 116 30.08 5.15 -4.84
C ASN K 116 31.54 4.97 -5.25
N VAL K 117 31.81 4.14 -6.25
CA VAL K 117 33.16 4.01 -6.80
C VAL K 117 33.56 5.29 -7.55
N LEU K 118 32.73 5.72 -8.50
CA LEU K 118 33.01 6.93 -9.25
C LEU K 118 32.56 8.20 -8.53
N THR K 119 32.30 8.11 -7.23
CA THR K 119 32.11 9.25 -6.36
C THR K 119 33.27 9.39 -5.37
N SER K 120 34.00 8.31 -5.12
CA SER K 120 35.25 8.33 -4.37
C SER K 120 36.43 8.61 -5.29
N ILE K 121 36.61 7.74 -6.27
CA ILE K 121 37.84 7.65 -7.04
C ILE K 121 37.97 8.79 -8.04
N VAL K 122 36.86 9.28 -8.59
CA VAL K 122 36.91 10.42 -9.50
C VAL K 122 36.00 11.56 -9.04
N GLY K 123 35.58 11.54 -7.77
CA GLY K 123 34.58 12.49 -7.32
C GLY K 123 35.06 13.92 -7.08
N ASN K 124 35.91 14.11 -6.08
CA ASN K 124 36.40 15.44 -5.70
C ASN K 124 37.91 15.57 -5.89
N VAL K 125 38.50 14.76 -6.75
CA VAL K 125 39.96 14.67 -6.83
C VAL K 125 40.46 15.39 -8.09
N PHE K 126 39.64 15.43 -9.14
CA PHE K 126 40.08 16.07 -10.37
C PHE K 126 40.02 17.58 -10.29
N GLY K 127 39.31 18.11 -9.29
CA GLY K 127 39.23 19.54 -9.08
C GLY K 127 40.23 20.01 -8.06
N PHE K 128 41.26 19.21 -7.83
CA PHE K 128 42.36 19.63 -6.97
C PHE K 128 43.17 20.70 -7.69
N LYS K 129 43.52 21.76 -6.96
CA LYS K 129 44.02 22.98 -7.59
C LYS K 129 45.42 22.80 -8.16
N ALA K 130 46.27 22.01 -7.50
CA ALA K 130 47.66 21.91 -7.89
C ALA K 130 47.91 20.82 -8.94
N LEU K 131 46.88 20.36 -9.64
CA LEU K 131 47.01 19.37 -10.70
C LEU K 131 46.35 19.91 -11.95
N ARG K 132 47.11 19.98 -13.03
CA ARG K 132 46.67 20.70 -14.23
C ARG K 132 46.05 19.77 -15.27
N ALA K 133 46.06 18.46 -15.03
CA ALA K 133 45.39 17.42 -15.78
C ALA K 133 45.48 16.14 -14.97
N LEU K 134 44.48 15.28 -15.12
CA LEU K 134 44.41 14.06 -14.33
C LEU K 134 43.46 13.11 -15.03
N ARG K 135 43.92 11.88 -15.30
CA ARG K 135 43.10 10.89 -16.00
C ARG K 135 43.18 9.56 -15.27
N LEU K 136 42.04 9.06 -14.79
CA LEU K 136 41.94 7.69 -14.30
C LEU K 136 42.09 6.75 -15.50
N GLU K 137 43.25 6.12 -15.60
CA GLU K 137 43.52 5.23 -16.73
C GLU K 137 42.81 3.90 -16.54
N ASP K 138 43.23 3.13 -15.55
CA ASP K 138 42.67 1.82 -15.31
C ASP K 138 42.32 1.71 -13.83
N ILE K 139 41.40 0.82 -13.54
CA ILE K 139 40.92 0.56 -12.19
C ILE K 139 40.86 -0.95 -12.02
N ARG K 140 41.17 -1.44 -10.83
CA ARG K 140 41.05 -2.86 -10.55
C ARG K 140 39.99 -3.08 -9.49
N PHE K 141 38.92 -3.77 -9.87
CA PHE K 141 37.94 -4.25 -8.92
C PHE K 141 38.28 -5.67 -8.54
N PRO K 142 38.51 -5.97 -7.27
CA PRO K 142 38.90 -7.33 -6.89
C PRO K 142 37.73 -8.29 -6.95
N VAL K 143 38.05 -9.58 -6.79
CA VAL K 143 37.05 -10.63 -6.68
C VAL K 143 36.21 -10.43 -5.42
N ALA K 144 36.79 -9.80 -4.40
CA ALA K 144 36.06 -9.48 -3.18
C ALA K 144 34.96 -8.44 -3.42
N TYR K 145 35.14 -7.56 -4.40
CA TYR K 145 34.18 -6.50 -4.65
C TYR K 145 33.33 -6.74 -5.89
N ILE K 146 33.79 -7.57 -6.83
CA ILE K 146 32.99 -7.90 -8.01
C ILE K 146 31.76 -8.72 -7.62
N LYS K 147 31.91 -9.66 -6.68
CA LYS K 147 30.80 -10.54 -6.31
C LYS K 147 29.67 -9.82 -5.58
N THR K 148 29.90 -8.60 -5.08
CA THR K 148 28.79 -7.81 -4.57
C THR K 148 27.85 -7.35 -5.68
N PHE K 149 28.37 -7.24 -6.90
CA PHE K 149 27.56 -6.82 -8.03
C PHE K 149 26.78 -7.99 -8.62
N GLN K 150 25.65 -7.68 -9.25
CA GLN K 150 24.97 -8.67 -10.07
C GLN K 150 25.78 -8.98 -11.31
N GLY K 151 26.52 -7.99 -11.81
CA GLY K 151 27.14 -8.08 -13.09
C GLY K 151 26.14 -7.87 -14.20
N PRO K 152 26.47 -8.33 -15.39
CA PRO K 152 25.60 -8.16 -16.56
C PRO K 152 24.37 -9.04 -16.45
N PRO K 153 23.29 -8.73 -17.20
CA PRO K 153 22.15 -9.65 -17.22
C PRO K 153 22.49 -11.01 -17.80
N HIS K 154 23.14 -11.05 -18.96
CA HIS K 154 23.47 -12.32 -19.59
C HIS K 154 24.82 -12.19 -20.30
N GLY K 155 25.78 -13.01 -19.94
CA GLY K 155 27.05 -13.04 -20.63
C GLY K 155 26.92 -13.62 -22.02
N ILE K 156 28.05 -13.63 -22.74
CA ILE K 156 28.06 -13.96 -24.17
C ILE K 156 27.56 -15.39 -24.39
N GLN K 157 28.23 -16.36 -23.77
CA GLN K 157 27.78 -17.74 -23.80
C GLN K 157 26.50 -17.99 -22.98
N VAL K 158 25.86 -16.95 -22.46
CA VAL K 158 24.56 -17.01 -21.83
C VAL K 158 23.54 -16.33 -22.75
N GLU K 159 23.98 -15.36 -23.57
CA GLU K 159 23.09 -14.73 -24.54
C GLU K 159 23.47 -14.98 -26.00
N ARG K 160 24.41 -15.90 -26.28
CA ARG K 160 24.35 -16.57 -27.57
C ARG K 160 23.27 -17.63 -27.57
N ASP K 161 22.86 -18.09 -26.38
CA ASP K 161 21.90 -19.18 -26.24
C ASP K 161 20.48 -18.73 -26.53
N LYS K 162 20.12 -17.51 -26.10
CA LYS K 162 18.77 -17.00 -26.33
C LYS K 162 18.53 -16.65 -27.78
N LEU K 163 19.57 -16.26 -28.49
CA LEU K 163 19.43 -15.83 -29.88
C LEU K 163 19.55 -17.00 -30.86
N ASN K 164 19.96 -18.18 -30.39
CA ASN K 164 20.22 -19.37 -31.21
C ASN K 164 21.23 -19.06 -32.31
N LYS K 165 22.32 -18.39 -31.92
CA LYS K 165 23.31 -17.87 -32.85
C LYS K 165 24.70 -18.19 -32.33
N TYR K 166 25.37 -19.16 -32.96
CA TYR K 166 26.64 -19.69 -32.48
C TYR K 166 27.69 -19.61 -33.58
N GLY K 167 28.94 -19.48 -33.17
CA GLY K 167 30.07 -19.66 -34.06
C GLY K 167 30.35 -18.52 -35.02
N ARG K 168 29.71 -17.37 -34.85
CA ARG K 168 29.91 -16.24 -35.74
C ARG K 168 29.58 -14.97 -35.00
N PRO K 169 30.24 -13.86 -35.31
CA PRO K 169 29.87 -12.58 -34.67
C PRO K 169 28.50 -12.08 -35.12
N LEU K 170 27.81 -11.42 -34.21
CA LEU K 170 26.47 -10.92 -34.47
C LEU K 170 26.53 -9.68 -35.34
N LEU K 171 25.38 -9.32 -35.91
CA LEU K 171 25.28 -8.28 -36.94
C LEU K 171 24.34 -7.19 -36.49
N GLY K 172 24.91 -6.08 -35.99
CA GLY K 172 24.12 -4.90 -35.72
C GLY K 172 23.86 -4.10 -36.97
N CYS K 173 23.08 -3.04 -36.83
CA CYS K 173 22.77 -2.14 -37.94
C CYS K 173 22.37 -0.78 -37.39
N THR K 174 22.65 0.25 -38.17
CA THR K 174 22.22 1.60 -37.82
C THR K 174 21.09 2.00 -38.77
N ILE K 175 19.85 1.73 -38.39
CA ILE K 175 18.70 2.24 -39.13
C ILE K 175 18.57 3.70 -38.69
N LYS K 176 19.22 4.57 -39.46
CA LYS K 176 19.17 6.00 -39.21
C LYS K 176 18.77 6.75 -40.48
N PRO K 177 17.51 6.58 -41.00
CA PRO K 177 17.09 7.68 -41.89
C PRO K 177 16.87 8.90 -41.02
N LYS K 178 17.85 9.81 -41.12
CA LYS K 178 18.59 10.43 -39.99
C LYS K 178 17.65 10.68 -38.82
N LEU K 179 16.64 11.53 -38.95
CA LEU K 179 15.54 11.69 -38.01
C LEU K 179 14.30 12.08 -38.81
N GLY K 180 13.16 12.12 -38.15
CA GLY K 180 11.93 12.42 -38.85
C GLY K 180 11.36 11.24 -39.59
N LEU K 181 10.99 10.22 -38.84
CA LEU K 181 10.28 9.07 -39.37
C LEU K 181 9.04 8.86 -38.52
N SER K 182 7.92 8.53 -39.16
CA SER K 182 6.81 8.00 -38.40
C SER K 182 7.15 6.58 -37.98
N ALA K 183 6.47 6.10 -36.94
CA ALA K 183 6.77 4.79 -36.36
C ALA K 183 6.52 3.64 -37.33
N LYS K 184 5.58 3.80 -38.25
CA LYS K 184 5.45 2.85 -39.35
C LYS K 184 6.64 2.98 -40.30
N ASN K 185 6.97 4.22 -40.70
CA ASN K 185 8.11 4.48 -41.58
C ASN K 185 9.42 4.04 -40.93
N TYR K 186 9.50 4.17 -39.61
CA TYR K 186 10.63 3.60 -38.88
C TYR K 186 10.56 2.08 -38.91
N GLY K 187 9.38 1.52 -38.64
CA GLY K 187 9.19 0.08 -38.72
C GLY K 187 9.15 -0.48 -40.13
N ARG K 188 9.09 0.37 -41.16
CA ARG K 188 9.31 -0.15 -42.50
C ARG K 188 10.79 -0.38 -42.77
N ALA K 189 11.65 0.53 -42.32
CA ALA K 189 13.09 0.43 -42.53
C ALA K 189 13.77 -0.49 -41.53
N VAL K 190 13.26 -0.57 -40.30
CA VAL K 190 13.78 -1.53 -39.33
C VAL K 190 13.47 -2.95 -39.76
N TYR K 191 12.35 -3.16 -40.46
CA TYR K 191 11.96 -4.50 -40.87
C TYR K 191 12.88 -5.07 -41.95
N GLU K 192 13.04 -4.36 -43.06
CA GLU K 192 13.66 -4.97 -44.23
C GLU K 192 15.19 -5.07 -44.16
N CYS K 193 15.81 -4.66 -43.05
CA CYS K 193 17.14 -5.15 -42.75
C CYS K 193 17.12 -6.43 -41.95
N LEU K 194 16.03 -6.71 -41.23
CA LEU K 194 15.96 -7.95 -40.47
C LEU K 194 15.65 -9.13 -41.39
N ARG K 195 14.79 -8.95 -42.39
CA ARG K 195 14.64 -9.99 -43.40
C ARG K 195 15.84 -10.05 -44.33
N GLY K 196 16.66 -9.01 -44.39
CA GLY K 196 17.88 -9.05 -45.15
C GLY K 196 18.95 -9.94 -44.56
N GLY K 197 18.85 -10.25 -43.27
CA GLY K 197 19.80 -11.13 -42.61
C GLY K 197 20.43 -10.55 -41.36
N LEU K 198 20.25 -9.26 -41.12
CA LEU K 198 20.87 -8.63 -39.95
C LEU K 198 20.17 -9.06 -38.68
N ASP K 199 20.93 -9.07 -37.59
CA ASP K 199 20.43 -9.57 -36.32
C ASP K 199 19.70 -8.49 -35.54
N PHE K 200 20.26 -7.29 -35.49
CA PHE K 200 19.71 -6.19 -34.71
C PHE K 200 19.96 -4.89 -35.47
N THR K 201 19.04 -3.94 -35.31
CA THR K 201 19.04 -2.72 -36.14
C THR K 201 18.94 -1.49 -35.25
N LYS K 202 20.08 -1.06 -34.70
CA LYS K 202 20.14 -0.20 -33.51
C LYS K 202 19.44 1.15 -33.70
N ASP K 203 18.71 1.55 -32.66
CA ASP K 203 17.93 2.77 -32.64
C ASP K 203 18.84 4.01 -32.61
N ASP K 204 18.26 5.14 -32.99
CA ASP K 204 18.86 6.44 -32.72
C ASP K 204 18.94 6.68 -31.21
N GLU K 205 19.77 7.64 -30.83
CA GLU K 205 19.70 8.17 -29.47
C GLU K 205 18.70 9.29 -29.34
N ASN K 206 18.28 9.89 -30.44
CA ASN K 206 17.30 10.97 -30.40
C ASN K 206 15.87 10.47 -30.47
N ILE K 207 15.66 9.17 -30.68
CA ILE K 207 14.31 8.61 -30.61
C ILE K 207 14.13 8.18 -29.16
N ASN K 208 13.84 9.16 -28.32
CA ASN K 208 13.20 8.98 -27.02
C ASN K 208 12.03 9.94 -27.13
N SER K 209 10.84 9.40 -27.45
CA SER K 209 9.54 10.07 -27.55
C SER K 209 9.55 11.48 -28.14
N ALA K 210 10.30 11.67 -29.23
CA ALA K 210 10.30 12.93 -29.94
C ALA K 210 8.92 13.16 -30.57
N PRO K 211 8.49 14.43 -30.74
CA PRO K 211 7.11 14.70 -31.18
C PRO K 211 6.71 14.20 -32.57
N PHE K 212 7.63 13.65 -33.36
CA PHE K 212 7.24 13.00 -34.60
C PHE K 212 6.99 11.50 -34.46
N GLN K 213 7.74 10.82 -33.59
CA GLN K 213 7.42 9.44 -33.23
C GLN K 213 7.70 9.21 -31.75
N ARG K 214 6.66 8.81 -31.02
CA ARG K 214 6.79 8.55 -29.60
C ARG K 214 7.26 7.11 -29.35
N TRP K 215 7.69 6.85 -28.12
CA TRP K 215 8.28 5.55 -27.81
C TRP K 215 7.23 4.45 -27.75
N ARG K 216 5.99 4.78 -27.38
CA ARG K 216 4.91 3.79 -27.35
C ARG K 216 4.62 3.25 -28.76
N ASP K 217 4.82 4.09 -29.77
CA ASP K 217 4.58 3.76 -31.16
C ASP K 217 5.81 3.17 -31.82
N ARG K 218 6.97 3.67 -31.45
CA ARG K 218 8.24 3.17 -31.95
C ARG K 218 8.61 1.82 -31.32
N PHE K 219 7.94 1.41 -30.23
CA PHE K 219 8.08 0.04 -29.77
C PHE K 219 7.10 -0.91 -30.44
N LEU K 220 5.93 -0.42 -30.86
CA LEU K 220 4.87 -1.27 -31.37
C LEU K 220 5.13 -1.71 -32.80
N PHE K 221 5.39 -0.76 -33.70
CA PHE K 221 5.61 -1.12 -35.10
C PHE K 221 6.98 -1.76 -35.31
N VAL K 222 7.91 -1.58 -34.37
CA VAL K 222 9.10 -2.41 -34.34
C VAL K 222 8.75 -3.84 -33.94
N ALA K 223 7.88 -4.00 -32.94
CA ALA K 223 7.43 -5.33 -32.54
C ALA K 223 6.59 -6.00 -33.61
N ASP K 224 5.84 -5.21 -34.39
CA ASP K 224 5.15 -5.75 -35.55
C ASP K 224 6.12 -6.09 -36.67
N ALA K 225 7.29 -5.46 -36.69
CA ALA K 225 8.30 -5.78 -37.70
C ALA K 225 9.08 -7.04 -37.33
N ILE K 226 9.49 -7.16 -36.06
CA ILE K 226 10.35 -8.25 -35.63
C ILE K 226 9.62 -9.59 -35.66
N THR K 227 8.40 -9.62 -35.13
CA THR K 227 7.63 -10.86 -35.12
C THR K 227 7.18 -11.27 -36.52
N LYS K 228 7.20 -10.35 -37.47
CA LYS K 228 7.01 -10.65 -38.88
C LYS K 228 8.36 -10.85 -39.60
N ALA K 229 9.48 -10.59 -38.91
CA ALA K 229 10.80 -10.86 -39.47
C ALA K 229 11.34 -12.23 -39.06
N GLN K 230 11.05 -12.66 -37.84
CA GLN K 230 11.46 -14.00 -37.41
C GLN K 230 10.63 -15.09 -38.06
N ALA K 231 9.46 -14.76 -38.60
CA ALA K 231 8.66 -15.73 -39.32
C ALA K 231 9.06 -15.84 -40.79
N GLU K 232 9.71 -14.82 -41.36
CA GLU K 232 10.16 -14.88 -42.74
C GLU K 232 11.50 -15.59 -42.87
N THR K 233 12.49 -15.17 -42.08
CA THR K 233 13.80 -15.81 -42.12
C THR K 233 13.80 -17.12 -41.35
N GLY K 234 13.48 -17.07 -40.06
CA GLY K 234 13.47 -18.23 -39.19
C GLY K 234 14.23 -18.04 -37.89
N GLU K 235 15.26 -17.21 -37.87
CA GLU K 235 16.09 -17.01 -36.70
C GLU K 235 15.47 -15.97 -35.77
N ILE K 236 15.97 -15.94 -34.53
CA ILE K 236 15.46 -15.01 -33.53
C ILE K 236 16.18 -13.68 -33.69
N LYS K 237 15.43 -12.65 -34.06
CA LYS K 237 15.98 -11.33 -34.34
C LYS K 237 15.36 -10.30 -33.40
N GLY K 238 15.94 -9.11 -33.37
CA GLY K 238 15.42 -8.10 -32.46
C GLY K 238 15.83 -6.70 -32.86
N HIS K 239 15.59 -5.76 -31.94
CA HIS K 239 15.91 -4.36 -32.12
C HIS K 239 16.26 -3.77 -30.75
N TYR K 240 17.39 -3.06 -30.72
CA TYR K 240 17.89 -2.37 -29.53
C TYR K 240 17.00 -1.18 -29.23
N LEU K 241 15.92 -1.40 -28.49
CA LEU K 241 14.95 -0.34 -28.24
C LEU K 241 15.42 0.57 -27.11
N ASN K 242 15.41 1.88 -27.38
CA ASN K 242 15.96 2.86 -26.45
C ASN K 242 14.97 3.16 -25.34
N VAL K 243 15.45 3.13 -24.10
CA VAL K 243 14.63 3.42 -22.94
C VAL K 243 15.19 4.58 -22.11
N THR K 244 16.13 5.33 -22.65
CA THR K 244 16.81 6.39 -21.92
C THR K 244 15.83 7.55 -21.73
N ALA K 245 15.12 7.50 -20.61
CA ALA K 245 13.90 8.24 -20.34
C ALA K 245 14.20 9.50 -19.54
N PRO K 246 13.20 10.37 -19.31
CA PRO K 246 13.38 11.37 -18.24
C PRO K 246 13.61 10.74 -16.87
N THR K 247 12.84 9.73 -16.52
CA THR K 247 12.89 9.13 -15.18
C THR K 247 13.06 7.62 -15.26
N CYS K 248 13.55 7.07 -14.15
CA CYS K 248 13.64 5.62 -13.95
C CYS K 248 12.26 4.98 -13.89
N GLU K 249 11.24 5.73 -13.45
CA GLU K 249 9.87 5.25 -13.54
C GLU K 249 9.45 5.14 -15.00
N GLU K 250 9.69 6.18 -15.79
CA GLU K 250 9.39 6.13 -17.21
C GLU K 250 10.42 5.33 -17.99
N MET K 251 11.57 4.99 -17.39
CA MET K 251 12.47 4.01 -18.00
C MET K 251 11.93 2.60 -17.83
N LEU K 252 11.35 2.31 -16.67
CA LEU K 252 10.73 1.02 -16.42
C LEU K 252 9.27 1.00 -16.83
N LYS K 253 8.79 2.04 -17.50
CA LYS K 253 7.60 1.92 -18.34
C LYS K 253 7.97 1.60 -19.77
N ARG K 254 9.11 2.12 -20.23
CA ARG K 254 9.63 1.74 -21.54
C ARG K 254 10.27 0.37 -21.54
N ALA K 255 10.85 -0.04 -20.41
CA ALA K 255 11.38 -1.39 -20.29
C ALA K 255 10.27 -2.42 -20.32
N GLU K 256 9.27 -2.26 -19.44
CA GLU K 256 8.24 -3.27 -19.26
C GLU K 256 7.31 -3.40 -20.46
N TYR K 257 7.25 -2.40 -21.32
CA TYR K 257 6.46 -2.54 -22.54
C TYR K 257 7.23 -3.27 -23.64
N ALA K 258 8.56 -3.28 -23.58
CA ALA K 258 9.32 -4.16 -24.47
C ALA K 258 9.19 -5.61 -24.04
N LYS K 259 9.13 -5.86 -22.72
CA LYS K 259 8.91 -7.22 -22.24
C LYS K 259 7.48 -7.67 -22.53
N GLU K 260 6.54 -6.73 -22.61
CA GLU K 260 5.17 -7.06 -23.00
C GLU K 260 5.10 -7.49 -24.46
N LEU K 261 5.90 -6.86 -25.32
CA LEU K 261 5.97 -7.19 -26.73
C LEU K 261 6.95 -8.31 -27.04
N LYS K 262 7.51 -8.94 -26.01
CA LYS K 262 8.53 -10.00 -26.10
C LYS K 262 9.74 -9.54 -26.90
N GLN K 263 10.37 -8.46 -26.41
CA GLN K 263 11.55 -7.96 -27.09
C GLN K 263 12.80 -8.59 -26.50
N PRO K 264 13.71 -9.09 -27.32
CA PRO K 264 14.92 -9.72 -26.78
C PRO K 264 15.90 -8.74 -26.16
N ILE K 265 16.19 -7.60 -26.79
CA ILE K 265 17.23 -6.69 -26.29
C ILE K 265 16.68 -5.26 -26.23
N ILE K 266 17.08 -4.53 -25.19
CA ILE K 266 16.79 -3.11 -25.01
C ILE K 266 18.07 -2.28 -25.10
N MET K 267 18.02 -1.14 -25.79
CA MET K 267 19.14 -0.19 -25.77
C MET K 267 18.97 0.79 -24.60
N HIS K 268 20.11 1.17 -24.01
CA HIS K 268 20.10 2.16 -22.93
C HIS K 268 21.42 2.92 -22.92
N ASP K 269 21.35 4.23 -23.11
CA ASP K 269 22.51 5.09 -22.93
C ASP K 269 22.88 5.14 -21.46
N TYR K 270 24.18 5.12 -21.15
CA TYR K 270 24.58 4.80 -19.78
C TYR K 270 25.32 5.90 -19.04
N LEU K 271 25.93 6.85 -19.74
CA LEU K 271 26.59 7.96 -19.07
C LEU K 271 25.70 9.19 -18.94
N THR K 272 24.79 9.40 -19.90
CA THR K 272 23.79 10.44 -19.72
C THR K 272 22.78 10.05 -18.67
N ALA K 273 22.22 8.84 -18.78
CA ALA K 273 21.24 8.36 -17.82
C ALA K 273 21.87 8.00 -16.49
N GLY K 274 23.16 7.65 -16.47
CA GLY K 274 23.87 7.35 -15.24
C GLY K 274 23.95 5.86 -14.98
N PHE K 275 24.76 5.54 -13.97
CA PHE K 275 24.94 4.14 -13.57
C PHE K 275 23.87 3.67 -12.62
N THR K 276 23.18 4.58 -11.93
CA THR K 276 21.95 4.22 -11.23
C THR K 276 20.84 3.87 -12.19
N ALA K 277 20.87 4.38 -13.41
CA ALA K 277 19.89 3.96 -14.40
C ALA K 277 20.25 2.61 -14.98
N ASN K 278 21.55 2.30 -15.08
CA ASN K 278 21.97 0.96 -15.47
C ASN K 278 21.56 -0.06 -14.42
N THR K 279 21.94 0.20 -13.17
CA THR K 279 21.77 -0.77 -12.09
C THR K 279 20.29 -0.95 -11.75
N THR K 280 19.46 0.06 -11.98
CA THR K 280 18.02 -0.14 -11.89
C THR K 280 17.52 -1.02 -13.03
N LEU K 281 18.09 -0.84 -14.22
CA LEU K 281 17.63 -1.56 -15.39
C LEU K 281 18.33 -2.89 -15.59
N ALA K 282 19.60 -3.02 -15.21
CA ALA K 282 20.25 -4.31 -15.36
C ALA K 282 19.79 -5.31 -14.32
N ARG K 283 19.37 -4.83 -13.15
CA ARG K 283 18.63 -5.70 -12.24
C ARG K 283 17.22 -5.96 -12.76
N TRP K 284 16.65 -5.01 -13.52
CA TRP K 284 15.40 -5.30 -14.21
C TRP K 284 15.62 -6.31 -15.33
N CYS K 285 16.70 -6.12 -16.11
CA CYS K 285 16.90 -6.90 -17.32
C CYS K 285 17.26 -8.35 -17.08
N ARG K 286 17.91 -8.68 -15.96
CA ARG K 286 18.06 -10.10 -15.66
C ARG K 286 16.76 -10.66 -15.13
N ASP K 287 15.99 -9.85 -14.39
CA ASP K 287 14.72 -10.31 -13.85
C ASP K 287 13.63 -10.46 -14.91
N ASN K 288 13.90 -10.07 -16.16
CA ASN K 288 12.90 -10.19 -17.22
C ASN K 288 13.51 -10.66 -18.53
N GLY K 289 14.73 -11.17 -18.52
CA GLY K 289 15.30 -11.85 -19.67
C GLY K 289 15.72 -10.99 -20.83
N VAL K 290 15.68 -9.67 -20.70
CA VAL K 290 16.08 -8.77 -21.77
C VAL K 290 17.59 -8.54 -21.65
N LEU K 291 18.30 -8.44 -22.77
CA LEU K 291 19.75 -8.54 -22.77
C LEU K 291 20.47 -7.21 -22.57
N LEU K 292 19.80 -6.06 -22.72
CA LEU K 292 20.32 -4.72 -22.38
C LEU K 292 21.57 -4.34 -23.19
N HIS K 293 21.32 -4.04 -24.47
CA HIS K 293 22.29 -3.32 -25.29
C HIS K 293 22.58 -1.96 -24.69
N ILE K 294 23.80 -1.49 -24.90
CA ILE K 294 24.28 -0.22 -24.35
C ILE K 294 24.95 0.59 -25.45
N HIS K 295 24.57 1.87 -25.58
CA HIS K 295 25.30 2.83 -26.41
C HIS K 295 26.15 3.71 -25.52
N ARG K 296 27.30 4.17 -26.02
CA ARG K 296 28.15 5.09 -25.27
C ARG K 296 27.84 6.55 -25.65
N ALA K 297 26.71 7.01 -25.14
CA ALA K 297 26.44 8.44 -25.13
C ALA K 297 27.35 9.10 -24.10
N MET K 298 27.78 10.33 -24.41
CA MET K 298 28.55 11.21 -23.52
C MET K 298 29.89 10.57 -23.13
N HIS K 299 30.38 9.65 -23.97
CA HIS K 299 31.62 8.95 -23.64
C HIS K 299 32.83 9.78 -24.00
N ALA K 300 32.75 10.53 -25.10
CA ALA K 300 33.85 11.34 -25.59
C ALA K 300 34.06 12.61 -24.79
N VAL K 301 33.11 12.93 -23.91
CA VAL K 301 33.35 13.98 -22.92
C VAL K 301 34.41 13.53 -21.93
N ILE K 302 34.49 12.22 -21.69
CA ILE K 302 35.15 11.66 -20.53
C ILE K 302 36.49 11.02 -20.91
N ASP K 303 36.51 10.23 -21.99
CA ASP K 303 37.76 9.72 -22.54
C ASP K 303 38.26 10.72 -23.58
N ARG K 304 39.14 10.27 -24.49
CA ARG K 304 39.50 10.91 -25.76
C ARG K 304 40.45 12.10 -25.55
N GLN K 305 40.70 12.48 -24.30
CA GLN K 305 41.78 13.38 -23.96
C GLN K 305 42.87 12.55 -23.29
N LYS K 306 44.06 12.52 -23.91
CA LYS K 306 45.16 11.70 -23.40
C LYS K 306 45.80 12.27 -22.14
N ASN K 307 45.36 13.43 -21.67
CA ASN K 307 45.90 14.04 -20.46
C ASN K 307 44.93 14.06 -19.30
N HIS K 308 43.63 14.06 -19.56
CA HIS K 308 42.64 14.35 -18.52
C HIS K 308 41.34 13.61 -18.81
N GLY K 309 40.62 13.26 -17.75
CA GLY K 309 39.32 12.64 -17.85
C GLY K 309 39.30 11.31 -17.13
N ILE K 310 38.58 10.35 -17.71
CA ILE K 310 38.63 8.95 -17.29
C ILE K 310 38.74 8.15 -18.57
N HIS K 311 39.69 7.22 -18.63
CA HIS K 311 39.81 6.39 -19.83
C HIS K 311 38.58 5.49 -19.95
N PHE K 312 38.27 5.12 -21.19
CA PHE K 312 37.05 4.37 -21.48
C PHE K 312 37.08 2.97 -20.86
N ARG K 313 38.27 2.42 -20.62
CA ARG K 313 38.35 1.07 -20.06
C ARG K 313 37.81 1.01 -18.64
N VAL K 314 37.88 2.12 -17.89
CA VAL K 314 37.20 2.18 -16.60
C VAL K 314 35.69 2.12 -16.80
N LEU K 315 35.18 2.91 -17.75
CA LEU K 315 33.75 2.94 -18.01
C LEU K 315 33.26 1.71 -18.76
N ALA K 316 34.15 0.98 -19.42
CA ALA K 316 33.81 -0.33 -19.97
C ALA K 316 33.94 -1.43 -18.94
N LYS K 317 34.47 -1.12 -17.75
CA LYS K 317 34.50 -2.03 -16.62
C LYS K 317 33.54 -1.62 -15.51
N ALA K 318 33.25 -0.33 -15.39
CA ALA K 318 32.18 0.13 -14.51
C ALA K 318 30.81 -0.25 -15.05
N LEU K 319 30.71 -0.61 -16.32
CA LEU K 319 29.48 -1.06 -16.94
C LEU K 319 29.28 -2.57 -16.80
N ARG K 320 30.37 -3.34 -16.80
CA ARG K 320 30.30 -4.77 -16.54
C ARG K 320 29.88 -5.06 -15.10
N LEU K 321 30.10 -4.12 -14.19
CA LEU K 321 29.62 -4.27 -12.83
C LEU K 321 28.24 -3.63 -12.62
N SER K 322 27.91 -2.58 -13.37
CA SER K 322 26.56 -2.05 -13.33
C SER K 322 25.61 -2.85 -14.19
N GLY K 323 26.13 -3.74 -15.01
CA GLY K 323 25.31 -4.53 -15.89
C GLY K 323 25.03 -3.82 -17.20
N GLY K 324 24.67 -4.63 -18.19
CA GLY K 324 24.40 -4.16 -19.53
C GLY K 324 25.32 -4.84 -20.51
N ASP K 325 24.77 -5.48 -21.53
CA ASP K 325 25.59 -6.12 -22.53
C ASP K 325 25.95 -5.11 -23.60
N HIS K 326 26.85 -5.54 -24.48
CA HIS K 326 27.17 -4.88 -25.74
C HIS K 326 27.70 -3.46 -25.51
N ILE K 327 28.83 -3.38 -24.82
CA ILE K 327 29.48 -2.09 -24.61
C ILE K 327 30.12 -1.66 -25.92
N HIS K 328 29.79 -0.45 -26.38
CA HIS K 328 30.30 0.02 -27.66
C HIS K 328 31.79 0.28 -27.60
N THR K 329 32.52 -0.28 -28.57
CA THR K 329 33.96 -0.17 -28.66
C THR K 329 34.33 0.61 -29.91
N GLY K 330 35.61 1.01 -29.98
CA GLY K 330 36.07 1.77 -31.12
C GLY K 330 36.34 0.88 -32.32
N THR K 331 36.17 1.46 -33.51
CA THR K 331 36.48 0.76 -34.75
C THR K 331 38.00 0.64 -34.87
N VAL K 332 38.44 -0.50 -35.40
CA VAL K 332 39.87 -0.77 -35.52
C VAL K 332 40.46 -0.06 -36.74
N VAL K 333 39.60 0.31 -37.70
CA VAL K 333 40.03 0.75 -39.02
C VAL K 333 40.75 2.11 -38.95
N GLY K 334 40.16 3.07 -38.24
CA GLY K 334 40.75 4.38 -38.10
C GLY K 334 41.80 4.54 -37.02
N LYS K 335 42.43 3.44 -36.59
CA LYS K 335 43.39 3.49 -35.50
C LYS K 335 44.80 3.18 -36.00
N LEU K 336 45.79 3.74 -35.30
CA LEU K 336 47.18 3.37 -35.52
C LEU K 336 47.45 2.00 -34.92
N GLU K 337 48.63 1.45 -35.25
CA GLU K 337 49.00 0.12 -34.77
C GLU K 337 49.22 0.11 -33.26
N GLY K 338 49.68 1.22 -32.68
CA GLY K 338 49.84 1.30 -31.24
C GLY K 338 48.55 1.51 -30.48
N GLU K 339 47.50 1.99 -31.14
CA GLU K 339 46.22 2.20 -30.50
C GLU K 339 45.27 1.03 -30.73
N ARG K 340 45.58 0.14 -31.67
CA ARG K 340 44.82 -1.10 -31.82
C ARG K 340 44.98 -2.01 -30.62
N GLY K 341 46.11 -1.92 -29.91
CA GLY K 341 46.23 -2.60 -28.64
C GLY K 341 45.32 -2.00 -27.58
N ILE K 342 45.21 -0.67 -27.56
CA ILE K 342 44.34 0.00 -26.60
C ILE K 342 42.88 -0.31 -26.90
N THR K 343 42.49 -0.30 -28.18
CA THR K 343 41.13 -0.64 -28.54
C THR K 343 40.85 -2.13 -28.44
N MET K 344 41.89 -2.97 -28.39
CA MET K 344 41.74 -4.34 -27.92
C MET K 344 42.01 -4.47 -26.43
N GLY K 345 42.42 -3.38 -25.78
CA GLY K 345 42.66 -3.45 -24.34
C GLY K 345 41.36 -3.50 -23.56
N PHE K 346 40.44 -2.57 -23.83
CA PHE K 346 39.18 -2.62 -23.13
C PHE K 346 38.19 -3.61 -23.74
N VAL K 347 38.54 -4.26 -24.84
CA VAL K 347 37.75 -5.38 -25.32
C VAL K 347 38.07 -6.64 -24.54
N ASP K 348 39.36 -6.93 -24.33
CA ASP K 348 39.75 -8.10 -23.54
C ASP K 348 39.37 -7.97 -22.06
N LEU K 349 39.17 -6.75 -21.57
CA LEU K 349 38.73 -6.56 -20.18
C LEU K 349 37.29 -7.04 -19.99
N LEU K 350 36.35 -6.48 -20.76
CA LEU K 350 34.94 -6.78 -20.56
C LEU K 350 34.56 -8.18 -21.02
N ARG K 351 35.31 -8.78 -21.94
CA ARG K 351 34.90 -10.00 -22.61
C ARG K 351 35.54 -11.26 -22.03
N GLU K 352 36.80 -11.18 -21.62
CA GLU K 352 37.54 -12.34 -21.12
C GLU K 352 37.47 -12.37 -19.61
N ASN K 353 37.46 -13.58 -19.04
CA ASN K 353 37.28 -13.77 -17.60
C ASN K 353 38.58 -13.63 -16.82
N TYR K 354 39.70 -13.32 -17.46
CA TYR K 354 40.94 -13.01 -16.76
C TYR K 354 41.81 -12.16 -17.66
N VAL K 355 42.35 -11.07 -17.13
CA VAL K 355 43.26 -10.19 -17.85
C VAL K 355 44.58 -10.13 -17.11
N GLU K 356 45.62 -9.73 -17.85
CA GLU K 356 46.96 -9.61 -17.31
C GLU K 356 47.46 -8.18 -17.50
N GLN K 357 48.42 -7.80 -16.66
CA GLN K 357 48.94 -6.43 -16.62
C GLN K 357 49.78 -6.18 -17.86
N ASP K 358 49.19 -5.52 -18.85
CA ASP K 358 49.88 -5.18 -20.10
C ASP K 358 49.72 -3.67 -20.30
N LYS K 359 50.77 -2.93 -19.94
CA LYS K 359 50.74 -1.48 -20.06
C LYS K 359 50.83 -1.01 -21.51
N SER K 360 51.30 -1.87 -22.41
CA SER K 360 51.39 -1.50 -23.82
C SER K 360 50.02 -1.43 -24.48
N ARG K 361 49.04 -2.14 -23.92
CA ARG K 361 47.65 -1.99 -24.33
C ARG K 361 46.80 -1.33 -23.26
N GLY K 362 47.44 -0.73 -22.25
CA GLY K 362 46.73 0.07 -21.27
C GLY K 362 46.06 -0.68 -20.15
N ILE K 363 46.17 -2.02 -20.09
CA ILE K 363 45.62 -2.75 -18.96
C ILE K 363 46.67 -2.72 -17.86
N TYR K 364 46.48 -1.85 -16.88
CA TYR K 364 47.47 -1.64 -15.84
C TYR K 364 47.35 -2.60 -14.66
N PHE K 365 46.37 -3.50 -14.66
CA PHE K 365 46.19 -4.42 -13.54
C PHE K 365 45.82 -5.81 -14.02
N THR K 366 46.44 -6.82 -13.42
CA THR K 366 45.93 -8.18 -13.49
C THR K 366 44.62 -8.24 -12.72
N GLN K 367 43.50 -8.52 -13.38
CA GLN K 367 42.21 -8.55 -12.71
C GLN K 367 41.44 -9.81 -13.09
N ASP K 368 41.30 -10.72 -12.13
CA ASP K 368 40.35 -11.81 -12.25
C ASP K 368 38.94 -11.26 -12.19
N TRP K 369 38.03 -11.85 -12.97
CA TRP K 369 36.70 -11.31 -13.14
C TRP K 369 35.65 -12.05 -12.32
N ALA K 370 36.08 -12.93 -11.41
CA ALA K 370 35.22 -13.68 -10.48
C ALA K 370 34.17 -14.52 -11.19
N SER K 371 34.49 -14.93 -12.42
CA SER K 371 33.55 -15.53 -13.37
C SER K 371 32.29 -14.68 -13.53
N LEU K 372 32.49 -13.41 -13.85
CA LEU K 372 31.37 -12.62 -14.34
C LEU K 372 30.91 -13.15 -15.69
N PRO K 373 29.64 -13.03 -15.97
CA PRO K 373 29.17 -13.30 -17.33
C PRO K 373 29.53 -12.15 -18.26
N GLY K 374 30.77 -12.17 -18.77
CA GLY K 374 31.34 -10.98 -19.37
C GLY K 374 30.69 -10.62 -20.70
N VAL K 375 30.60 -9.32 -20.96
CA VAL K 375 29.74 -8.80 -22.02
C VAL K 375 30.41 -8.91 -23.38
N MET K 376 29.61 -8.69 -24.42
CA MET K 376 30.06 -8.72 -25.80
C MET K 376 30.60 -7.35 -26.19
N ALA K 377 31.56 -7.33 -27.10
CA ALA K 377 32.26 -6.11 -27.50
C ALA K 377 31.82 -5.72 -28.90
N VAL K 378 31.14 -4.59 -29.01
CA VAL K 378 30.53 -4.16 -30.26
C VAL K 378 31.20 -2.87 -30.73
N ALA K 379 31.62 -2.84 -31.99
CA ALA K 379 32.07 -1.61 -32.63
C ALA K 379 31.22 -1.36 -33.86
N SER K 380 31.26 -0.12 -34.33
CA SER K 380 30.56 0.24 -35.55
C SER K 380 31.41 -0.11 -36.77
N GLY K 381 31.00 0.39 -37.93
CA GLY K 381 31.69 0.10 -39.16
C GLY K 381 30.77 0.36 -40.33
N GLY K 382 30.70 -0.63 -41.23
CA GLY K 382 29.67 -0.70 -42.24
C GLY K 382 29.69 0.35 -43.33
N ILE K 383 30.69 1.23 -43.35
CA ILE K 383 30.82 2.18 -44.46
C ILE K 383 31.23 1.43 -45.72
N HIS K 384 32.03 0.38 -45.58
CA HIS K 384 32.44 -0.46 -46.69
C HIS K 384 32.09 -1.91 -46.39
N VAL K 385 31.79 -2.65 -47.45
CA VAL K 385 31.50 -4.08 -47.33
C VAL K 385 32.78 -4.92 -47.45
N TRP K 386 33.82 -4.37 -48.07
CA TRP K 386 35.07 -5.08 -48.25
C TRP K 386 35.98 -5.04 -47.03
N HIS K 387 35.64 -4.26 -46.00
CA HIS K 387 36.43 -4.21 -44.77
C HIS K 387 35.79 -5.02 -43.64
N MET K 388 35.18 -6.15 -43.98
CA MET K 388 34.60 -7.06 -42.99
C MET K 388 35.58 -7.97 -42.23
N PRO K 389 36.54 -8.69 -42.85
CA PRO K 389 37.39 -9.58 -42.03
C PRO K 389 38.40 -8.85 -41.15
N ALA K 390 38.58 -7.54 -41.33
CA ALA K 390 39.40 -6.79 -40.38
C ALA K 390 38.71 -6.68 -39.03
N LEU K 391 37.38 -6.73 -39.02
CA LEU K 391 36.61 -6.79 -37.77
C LEU K 391 36.23 -8.21 -37.39
N VAL K 392 36.69 -9.21 -38.14
CA VAL K 392 36.45 -10.61 -37.81
C VAL K 392 37.73 -11.33 -37.43
N GLU K 393 38.86 -11.01 -38.08
CA GLU K 393 40.14 -11.57 -37.64
C GLU K 393 40.65 -10.94 -36.35
N ILE K 394 40.09 -9.81 -35.95
CA ILE K 394 40.51 -9.11 -34.74
C ILE K 394 39.47 -9.23 -33.62
N PHE K 395 38.22 -8.88 -33.91
CA PHE K 395 37.10 -9.18 -33.02
C PHE K 395 36.61 -10.58 -33.33
N GLY K 396 36.55 -11.44 -32.32
CA GLY K 396 36.18 -12.83 -32.49
C GLY K 396 34.69 -13.04 -32.73
N ASP K 397 34.22 -14.23 -32.35
CA ASP K 397 32.80 -14.55 -32.48
C ASP K 397 31.94 -13.79 -31.50
N ASP K 398 32.54 -13.19 -30.48
CA ASP K 398 31.83 -12.53 -29.40
C ASP K 398 31.81 -11.03 -29.72
N SER K 399 31.17 -10.67 -30.82
CA SER K 399 31.12 -9.26 -31.20
C SER K 399 29.86 -8.99 -32.03
N VAL K 400 29.30 -7.81 -31.84
CA VAL K 400 28.25 -7.26 -32.71
C VAL K 400 28.93 -6.27 -33.65
N LEU K 401 28.64 -6.38 -34.93
CA LEU K 401 29.18 -5.44 -35.92
C LEU K 401 28.04 -4.52 -36.36
N GLN K 402 27.98 -3.35 -35.74
CA GLN K 402 27.07 -2.30 -36.18
C GLN K 402 27.50 -1.81 -37.55
N PHE K 403 26.68 -2.07 -38.57
CA PHE K 403 26.95 -1.47 -39.87
C PHE K 403 26.51 -0.02 -39.85
N GLY K 404 27.44 0.89 -40.14
CA GLY K 404 27.02 2.25 -40.39
C GLY K 404 26.27 2.24 -41.69
N GLY K 405 24.95 2.28 -41.57
CA GLY K 405 24.06 2.06 -42.68
C GLY K 405 22.89 2.99 -42.54
N GLY K 406 23.17 4.20 -42.02
CA GLY K 406 22.14 5.17 -41.75
C GLY K 406 21.35 5.57 -42.98
N THR K 407 22.04 5.91 -44.06
CA THR K 407 21.32 6.28 -45.29
C THR K 407 20.70 5.06 -45.93
N LEU K 408 21.53 4.17 -46.46
CA LEU K 408 21.13 2.92 -47.11
C LEU K 408 22.37 2.04 -47.22
N GLY K 409 22.17 0.84 -47.75
CA GLY K 409 23.28 0.05 -48.25
C GLY K 409 23.61 0.45 -49.67
N HIS K 410 24.64 -0.20 -50.22
CA HIS K 410 25.07 0.19 -51.56
C HIS K 410 24.19 -0.41 -52.68
N PRO K 411 23.81 -1.73 -52.70
CA PRO K 411 22.89 -2.17 -53.77
C PRO K 411 21.42 -1.98 -53.43
N TRP K 412 20.73 -1.15 -54.24
CA TRP K 412 19.28 -0.96 -54.30
C TRP K 412 18.63 -0.46 -53.01
N GLY K 413 19.39 -0.15 -51.97
CA GLY K 413 18.83 0.21 -50.68
C GLY K 413 19.36 -0.68 -49.57
N ASN K 414 18.50 -0.95 -48.59
CA ASN K 414 18.94 -1.66 -47.39
C ASN K 414 18.96 -3.18 -47.61
N ALA K 415 17.84 -3.75 -48.09
CA ALA K 415 17.69 -5.20 -48.10
C ALA K 415 18.62 -5.96 -49.05
N PRO K 416 18.92 -5.52 -50.29
CA PRO K 416 20.02 -6.17 -51.02
C PRO K 416 21.40 -5.84 -50.47
N GLY K 417 21.53 -4.77 -49.68
CA GLY K 417 22.78 -4.52 -48.99
C GLY K 417 22.90 -5.27 -47.69
N ALA K 418 21.77 -5.51 -47.01
CA ALA K 418 21.81 -6.29 -45.78
C ALA K 418 22.11 -7.76 -46.04
N THR K 419 21.69 -8.27 -47.21
CA THR K 419 22.18 -9.57 -47.64
C THR K 419 23.68 -9.51 -47.93
N ALA K 420 24.12 -8.44 -48.57
CA ALA K 420 25.55 -8.25 -48.82
C ALA K 420 26.34 -7.95 -47.56
N ASN K 421 25.68 -7.54 -46.47
CA ASN K 421 26.37 -7.35 -45.20
C ASN K 421 26.55 -8.66 -44.44
N ARG K 422 25.67 -9.64 -44.67
CA ARG K 422 25.76 -10.93 -43.99
C ARG K 422 26.60 -11.94 -44.76
N VAL K 423 26.46 -11.96 -46.09
CA VAL K 423 27.25 -12.86 -46.93
C VAL K 423 28.73 -12.48 -46.90
N ALA K 424 29.03 -11.19 -46.71
CA ALA K 424 30.41 -10.75 -46.53
C ALA K 424 30.99 -11.08 -45.17
N LEU K 425 30.25 -11.76 -44.29
CA LEU K 425 30.79 -12.27 -43.04
C LEU K 425 30.81 -13.79 -42.97
N GLU K 426 29.76 -14.46 -43.47
CA GLU K 426 29.75 -15.92 -43.47
C GLU K 426 30.79 -16.49 -44.43
N ALA K 427 31.18 -15.73 -45.45
CA ALA K 427 32.33 -16.10 -46.27
C ALA K 427 33.64 -15.88 -45.52
N CYS K 428 33.68 -14.92 -44.60
CA CYS K 428 34.88 -14.66 -43.81
C CYS K 428 34.99 -15.53 -42.57
N VAL K 429 33.85 -15.86 -41.95
CA VAL K 429 33.87 -16.82 -40.84
C VAL K 429 34.18 -18.22 -41.36
N GLN K 430 33.80 -18.51 -42.61
CA GLN K 430 34.30 -19.71 -43.28
C GLN K 430 35.81 -19.65 -43.46
N ALA K 431 36.35 -18.48 -43.79
CA ALA K 431 37.79 -18.32 -43.92
C ALA K 431 38.50 -18.33 -42.56
N ARG K 432 37.76 -18.15 -41.46
CA ARG K 432 38.35 -18.26 -40.14
C ARG K 432 38.74 -19.70 -39.83
N ASN K 433 37.79 -20.62 -39.97
CA ASN K 433 38.00 -22.01 -39.58
C ASN K 433 38.85 -22.79 -40.58
N GLU K 434 39.12 -22.22 -41.76
CA GLU K 434 40.03 -22.87 -42.70
C GLU K 434 41.48 -22.69 -42.25
N GLY K 435 41.93 -21.44 -42.13
CA GLY K 435 43.29 -21.15 -41.71
C GLY K 435 43.99 -20.15 -42.61
N ARG L 22 29.05 17.85 -45.74
CA ARG L 22 28.15 18.38 -46.76
C ARG L 22 28.25 19.89 -46.87
N LEU L 23 28.64 20.53 -45.75
CA LEU L 23 28.63 21.98 -45.56
C LEU L 23 27.23 22.59 -45.78
N THR L 24 26.19 21.80 -45.51
CA THR L 24 24.83 22.30 -45.43
C THR L 24 24.41 22.55 -43.99
N TYR L 25 25.32 22.34 -43.04
CA TYR L 25 25.05 22.54 -41.62
C TYR L 25 25.66 23.84 -41.11
N TYR L 26 26.23 24.65 -42.00
CA TYR L 26 26.70 25.98 -41.67
C TYR L 26 25.85 26.96 -42.48
N THR L 27 24.74 27.38 -41.89
CA THR L 27 23.89 28.44 -42.44
C THR L 27 24.11 29.68 -41.60
N PRO L 28 25.04 30.56 -41.97
CA PRO L 28 25.42 31.68 -41.09
C PRO L 28 24.39 32.80 -41.03
N ASP L 29 23.44 32.85 -41.97
CA ASP L 29 22.40 33.86 -41.95
C ASP L 29 21.25 33.53 -41.02
N TYR L 30 21.22 32.31 -40.47
CA TYR L 30 20.06 31.80 -39.74
C TYR L 30 19.88 32.54 -38.43
N THR L 31 18.82 33.34 -38.34
CA THR L 31 18.39 33.87 -37.06
C THR L 31 17.84 32.73 -36.22
N PRO L 32 18.26 32.58 -34.97
CA PRO L 32 17.70 31.52 -34.12
C PRO L 32 16.27 31.80 -33.76
N LYS L 33 15.44 30.77 -33.85
CA LYS L 33 14.07 30.88 -33.37
C LYS L 33 14.08 30.98 -31.84
N ASP L 34 13.01 31.55 -31.29
CA ASP L 34 12.87 31.61 -29.85
C ASP L 34 12.53 30.25 -29.25
N THR L 35 12.18 29.26 -30.06
CA THR L 35 11.90 27.92 -29.60
C THR L 35 12.97 26.92 -30.03
N ASP L 36 14.08 27.38 -30.60
CA ASP L 36 15.21 26.51 -30.85
C ASP L 36 16.00 26.29 -29.57
N ILE L 37 16.91 25.32 -29.62
CA ILE L 37 17.80 25.01 -28.50
C ILE L 37 19.22 25.27 -28.97
N LEU L 38 19.81 26.36 -28.49
CA LEU L 38 21.13 26.78 -28.95
C LEU L 38 22.22 26.16 -28.09
N ALA L 39 23.42 26.03 -28.66
CA ALA L 39 24.55 25.47 -27.95
C ALA L 39 25.82 26.18 -28.40
N ALA L 40 26.69 26.49 -27.43
CA ALA L 40 27.96 27.17 -27.69
C ALA L 40 29.08 26.18 -27.51
N PHE L 41 29.59 25.64 -28.62
CA PHE L 41 30.68 24.68 -28.58
C PHE L 41 32.02 25.39 -28.70
N ARG L 42 32.87 25.20 -27.70
CA ARG L 42 34.24 25.70 -27.70
C ARG L 42 35.07 24.77 -28.60
N VAL L 43 34.98 25.01 -29.90
CA VAL L 43 35.53 24.08 -30.88
C VAL L 43 37.02 24.35 -31.03
N THR L 44 37.82 23.29 -30.93
CA THR L 44 39.24 23.34 -31.25
C THR L 44 39.52 22.24 -32.28
N PRO L 45 39.60 22.57 -33.56
CA PRO L 45 39.75 21.52 -34.58
C PRO L 45 41.21 21.10 -34.72
N GLN L 46 41.40 20.06 -35.55
CA GLN L 46 42.72 19.67 -36.00
C GLN L 46 43.34 20.81 -36.83
N PRO L 47 44.67 20.95 -36.83
CA PRO L 47 45.29 22.09 -37.53
C PRO L 47 45.13 22.08 -39.04
N GLY L 48 44.81 20.94 -39.65
CA GLY L 48 44.49 20.88 -41.07
C GLY L 48 43.02 21.02 -41.39
N VAL L 49 42.21 21.51 -40.48
CA VAL L 49 40.77 21.64 -40.65
C VAL L 49 40.40 23.11 -40.51
N PRO L 50 39.67 23.70 -41.45
CA PRO L 50 39.25 25.10 -41.31
C PRO L 50 38.15 25.25 -40.29
N PHE L 51 37.81 26.51 -40.00
CA PHE L 51 36.80 26.80 -38.99
C PHE L 51 35.39 26.50 -39.47
N GLU L 52 35.14 26.62 -40.77
CA GLU L 52 33.80 26.44 -41.29
C GLU L 52 33.43 24.97 -41.48
N GLU L 53 34.41 24.12 -41.82
CA GLU L 53 34.12 22.70 -41.95
C GLU L 53 34.06 22.01 -40.60
N ALA L 54 34.82 22.53 -39.62
CA ALA L 54 34.75 21.98 -38.27
C ALA L 54 33.40 22.29 -37.62
N ALA L 55 32.95 23.54 -37.73
CA ALA L 55 31.68 23.95 -37.12
C ALA L 55 30.49 23.29 -37.81
N ALA L 56 30.60 23.02 -39.12
CA ALA L 56 29.55 22.27 -39.80
C ALA L 56 29.56 20.80 -39.41
N ALA L 57 30.68 20.30 -38.89
CA ALA L 57 30.76 18.92 -38.45
C ALA L 57 30.30 18.72 -37.01
N VAL L 58 30.41 19.75 -36.17
CA VAL L 58 29.85 19.66 -34.82
C VAL L 58 28.33 19.68 -34.89
N ALA L 59 27.77 20.52 -35.77
CA ALA L 59 26.33 20.61 -35.95
C ALA L 59 25.75 19.38 -36.65
N ALA L 60 26.56 18.66 -37.43
CA ALA L 60 26.02 17.57 -38.22
C ALA L 60 25.83 16.31 -37.39
N GLU L 61 26.93 15.72 -36.92
CA GLU L 61 26.88 14.43 -36.23
C GLU L 61 26.23 14.51 -34.86
N SER L 62 25.97 15.71 -34.35
CA SER L 62 25.12 15.92 -33.20
C SER L 62 23.72 15.40 -33.44
N SER L 63 23.15 15.73 -34.60
CA SER L 63 21.81 15.28 -34.97
C SER L 63 21.78 14.35 -36.17
N THR L 64 22.29 14.78 -37.31
CA THR L 64 22.19 14.03 -38.57
C THR L 64 23.57 13.96 -39.20
N GLY L 65 24.20 12.78 -39.15
CA GLY L 65 25.61 12.65 -39.50
C GLY L 65 25.91 12.74 -40.98
N THR L 66 27.18 13.01 -41.28
CA THR L 66 27.69 13.18 -42.65
C THR L 66 28.52 11.98 -43.12
N TRP L 67 28.10 10.76 -42.80
CA TRP L 67 28.84 9.58 -43.23
C TRP L 67 28.73 9.37 -44.73
N THR L 68 27.51 9.14 -45.22
CA THR L 68 27.25 9.01 -46.64
C THR L 68 26.05 9.88 -47.02
N THR L 69 25.89 10.09 -48.33
CA THR L 69 24.78 10.84 -48.89
C THR L 69 23.92 9.97 -49.82
N VAL L 70 23.83 8.68 -49.51
CA VAL L 70 23.31 7.67 -50.43
C VAL L 70 21.79 7.73 -50.39
N TRP L 71 21.20 8.41 -51.39
CA TRP L 71 19.78 8.40 -51.74
C TRP L 71 18.85 8.87 -50.61
N THR L 72 19.37 9.60 -49.62
CA THR L 72 18.54 10.14 -48.55
C THR L 72 18.56 11.66 -48.49
N ASP L 73 19.27 12.32 -49.40
CA ASP L 73 19.16 13.77 -49.53
C ASP L 73 17.82 14.18 -50.13
N LEU L 74 17.15 13.27 -50.83
CA LEU L 74 15.79 13.50 -51.32
C LEU L 74 14.73 12.99 -50.34
N LEU L 75 15.12 12.32 -49.27
CA LEU L 75 14.18 11.71 -48.34
C LEU L 75 13.81 12.66 -47.22
N THR L 76 13.25 12.08 -46.16
CA THR L 76 12.13 12.59 -45.34
C THR L 76 12.24 14.07 -44.99
N ASP L 77 13.22 14.50 -44.20
CA ASP L 77 13.19 15.86 -43.62
C ASP L 77 14.58 16.47 -43.70
N LEU L 78 14.73 17.50 -44.54
CA LEU L 78 16.01 18.18 -44.70
C LEU L 78 16.17 19.41 -43.84
N ASP L 79 15.34 20.44 -44.04
CA ASP L 79 15.46 21.66 -43.26
C ASP L 79 14.92 21.50 -41.85
N ARG L 80 14.02 20.55 -41.63
CA ARG L 80 13.68 20.13 -40.29
C ARG L 80 14.79 19.28 -39.70
N TYR L 81 14.79 19.22 -38.37
CA TYR L 81 15.36 18.09 -37.62
C TYR L 81 16.88 17.99 -37.74
N LYS L 82 17.56 19.09 -38.02
CA LYS L 82 19.01 19.07 -38.14
C LYS L 82 19.61 20.22 -37.35
N GLY L 83 20.64 19.92 -36.56
CA GLY L 83 21.38 20.96 -35.89
C GLY L 83 22.19 21.75 -36.91
N ARG L 84 22.04 23.07 -36.90
CA ARG L 84 22.69 23.93 -37.87
C ARG L 84 23.57 24.94 -37.14
N CYS L 85 24.80 25.11 -37.62
CA CYS L 85 25.68 26.14 -37.07
C CYS L 85 25.39 27.47 -37.76
N TYR L 86 25.15 28.49 -36.96
CA TYR L 86 24.82 29.80 -37.51
C TYR L 86 25.86 30.87 -37.20
N ASP L 87 26.88 30.56 -36.40
CA ASP L 87 27.82 31.58 -35.99
C ASP L 87 29.18 30.95 -35.69
N ILE L 88 30.24 31.67 -36.05
CA ILE L 88 31.61 31.31 -35.72
C ILE L 88 32.30 32.58 -35.26
N GLU L 89 32.88 32.55 -34.06
CA GLU L 89 33.73 33.64 -33.64
C GLU L 89 34.99 33.07 -32.99
N PRO L 90 36.15 33.63 -33.28
CA PRO L 90 37.37 33.20 -32.59
C PRO L 90 37.39 33.72 -31.16
N VAL L 91 38.19 33.04 -30.34
CA VAL L 91 38.40 33.42 -28.95
C VAL L 91 39.51 34.46 -28.91
N PRO L 92 39.34 35.58 -28.20
CA PRO L 92 40.36 36.65 -28.21
C PRO L 92 41.65 36.20 -27.54
N GLY L 93 42.77 36.47 -28.21
CA GLY L 93 44.08 36.08 -27.74
C GLY L 93 44.46 34.65 -28.02
N GLU L 94 43.60 33.88 -28.68
CA GLU L 94 43.84 32.46 -28.91
C GLU L 94 43.55 32.11 -30.36
N ASP L 95 44.26 31.09 -30.85
CA ASP L 95 44.17 30.66 -32.23
C ASP L 95 43.96 29.15 -32.28
N ASN L 96 43.66 28.68 -33.51
CA ASN L 96 43.38 27.27 -33.84
C ASN L 96 42.12 26.76 -33.10
N GLN L 97 41.24 27.68 -32.72
CA GLN L 97 40.04 27.35 -31.96
C GLN L 97 39.07 28.52 -32.04
N PHE L 98 37.80 28.21 -31.82
CA PHE L 98 36.72 29.19 -31.97
C PHE L 98 35.52 28.71 -31.18
N ILE L 99 34.40 29.43 -31.28
CA ILE L 99 33.17 29.11 -30.57
C ILE L 99 32.06 29.03 -31.61
N ALA L 100 31.53 27.83 -31.84
CA ALA L 100 30.47 27.60 -32.82
C ALA L 100 29.12 27.60 -32.14
N TYR L 101 28.23 28.50 -32.56
CA TYR L 101 26.86 28.52 -32.08
C TYR L 101 25.99 27.65 -32.98
N ILE L 102 25.31 26.68 -32.39
CA ILE L 102 24.60 25.65 -33.16
C ILE L 102 23.16 25.58 -32.68
N ALA L 103 22.23 25.69 -33.62
CA ALA L 103 20.80 25.74 -33.35
C ALA L 103 20.18 24.36 -33.54
N TYR L 104 19.58 23.83 -32.49
CA TYR L 104 18.84 22.58 -32.56
C TYR L 104 17.35 22.88 -32.52
N PRO L 105 16.53 22.28 -33.38
CA PRO L 105 15.09 22.49 -33.27
C PRO L 105 14.52 21.81 -32.03
N LEU L 106 13.33 22.25 -31.65
CA LEU L 106 12.72 21.79 -30.42
C LEU L 106 12.25 20.34 -30.52
N ASP L 107 11.88 19.90 -31.71
CA ASP L 107 11.25 18.61 -31.90
C ASP L 107 12.22 17.45 -31.95
N LEU L 108 13.52 17.71 -31.77
CA LEU L 108 14.47 16.61 -31.67
C LEU L 108 14.33 15.85 -30.37
N PHE L 109 13.94 16.53 -29.30
CA PHE L 109 14.12 16.04 -27.96
C PHE L 109 12.77 15.61 -27.40
N GLU L 110 12.79 14.67 -26.47
CA GLU L 110 11.64 14.51 -25.61
C GLU L 110 11.51 15.69 -24.66
N GLU L 111 10.28 16.11 -24.48
CA GLU L 111 9.99 17.20 -23.58
C GLU L 111 10.11 16.70 -22.14
N GLY L 112 10.97 17.38 -21.36
CA GLY L 112 11.11 17.07 -19.96
C GLY L 112 12.30 16.21 -19.55
N SER L 113 13.27 15.98 -20.43
CA SER L 113 14.46 15.24 -20.06
C SER L 113 15.71 16.02 -20.46
N ILE L 114 16.81 15.68 -19.78
CA ILE L 114 18.14 16.13 -20.15
C ILE L 114 18.99 14.97 -20.67
N THR L 115 18.59 13.73 -20.38
CA THR L 115 19.16 12.55 -21.02
C THR L 115 18.85 12.44 -22.51
N ASN L 116 18.08 13.36 -23.10
CA ASN L 116 18.02 13.52 -24.54
C ASN L 116 18.63 14.84 -25.00
N VAL L 117 18.79 15.81 -24.09
CA VAL L 117 19.66 16.95 -24.36
C VAL L 117 21.10 16.49 -24.52
N LEU L 118 21.57 15.62 -23.62
CA LEU L 118 22.96 15.22 -23.57
C LEU L 118 23.27 14.01 -24.47
N THR L 119 22.36 13.64 -25.36
CA THR L 119 22.66 12.65 -26.37
C THR L 119 22.67 13.21 -27.78
N SER L 120 22.05 14.36 -28.01
CA SER L 120 22.30 15.08 -29.25
C SER L 120 23.47 16.03 -29.11
N ILE L 121 23.50 16.79 -28.01
CA ILE L 121 24.38 17.94 -27.94
C ILE L 121 25.79 17.53 -27.50
N VAL L 122 25.92 16.58 -26.59
CA VAL L 122 27.23 16.05 -26.24
C VAL L 122 27.36 14.56 -26.52
N GLY L 123 26.28 13.89 -26.90
CA GLY L 123 26.36 12.50 -27.31
C GLY L 123 26.80 12.36 -28.75
N ASN L 124 27.88 11.60 -28.98
CA ASN L 124 28.50 11.32 -30.28
C ASN L 124 29.00 12.59 -30.97
N VAL L 125 29.24 13.66 -30.22
CA VAL L 125 29.72 14.92 -30.79
C VAL L 125 31.22 15.06 -30.63
N PHE L 126 31.72 14.74 -29.45
CA PHE L 126 33.09 15.11 -29.09
C PHE L 126 34.07 14.08 -29.61
N GLY L 127 33.58 13.01 -30.22
CA GLY L 127 34.41 11.94 -30.71
C GLY L 127 34.51 11.93 -32.22
N PHE L 128 34.27 13.08 -32.84
CA PHE L 128 34.56 13.24 -34.25
C PHE L 128 36.07 13.33 -34.44
N LYS L 129 36.57 12.68 -35.49
CA LYS L 129 38.01 12.44 -35.59
C LYS L 129 38.78 13.70 -35.98
N ALA L 130 38.18 14.60 -36.76
CA ALA L 130 38.87 15.80 -37.20
C ALA L 130 38.68 16.98 -36.25
N LEU L 131 38.49 16.72 -34.95
CA LEU L 131 38.36 17.75 -33.94
C LEU L 131 39.28 17.40 -32.77
N ARG L 132 40.13 18.35 -32.37
CA ARG L 132 41.06 18.07 -31.29
C ARG L 132 40.37 18.10 -29.93
N ALA L 133 39.50 19.08 -29.71
CA ALA L 133 38.87 19.25 -28.41
C ALA L 133 37.60 20.08 -28.57
N LEU L 134 36.47 19.55 -28.10
CA LEU L 134 35.22 20.28 -28.07
C LEU L 134 34.79 20.50 -26.62
N ARG L 135 34.26 21.68 -26.33
CA ARG L 135 33.70 21.94 -25.00
C ARG L 135 32.36 22.62 -25.16
N LEU L 136 31.31 22.01 -24.64
CA LEU L 136 30.00 22.66 -24.60
C LEU L 136 30.04 23.74 -23.52
N GLU L 137 30.21 25.00 -23.93
CA GLU L 137 30.32 26.10 -22.98
C GLU L 137 28.98 26.42 -22.36
N ASP L 138 28.02 26.85 -23.16
CA ASP L 138 26.74 27.31 -22.68
C ASP L 138 25.65 26.75 -23.59
N ILE L 139 24.42 26.80 -23.13
CA ILE L 139 23.30 26.18 -23.82
C ILE L 139 22.06 27.01 -23.55
N ARG L 140 21.28 27.27 -24.60
CA ARG L 140 20.11 28.14 -24.48
C ARG L 140 18.87 27.25 -24.53
N PHE L 141 18.34 26.94 -23.35
CA PHE L 141 17.06 26.28 -23.27
C PHE L 141 15.95 27.32 -23.43
N PRO L 142 15.05 27.15 -24.38
CA PRO L 142 13.98 28.14 -24.57
C PRO L 142 12.94 28.05 -23.46
N VAL L 143 12.06 29.05 -23.45
CA VAL L 143 10.87 28.97 -22.61
C VAL L 143 9.98 27.81 -23.06
N ALA L 144 9.99 27.52 -24.37
CA ALA L 144 9.23 26.42 -24.95
C ALA L 144 9.71 25.03 -24.51
N TYR L 145 10.87 24.92 -23.89
CA TYR L 145 11.37 23.66 -23.39
C TYR L 145 11.61 23.65 -21.90
N ILE L 146 11.83 24.82 -21.28
CA ILE L 146 11.96 24.91 -19.83
C ILE L 146 10.63 24.59 -19.13
N LYS L 147 9.51 25.01 -19.73
CA LYS L 147 8.21 24.87 -19.08
C LYS L 147 7.72 23.43 -18.97
N THR L 148 8.29 22.51 -19.74
CA THR L 148 7.93 21.10 -19.54
C THR L 148 8.62 20.54 -18.30
N PHE L 149 9.85 20.97 -18.06
CA PHE L 149 10.61 20.49 -16.91
C PHE L 149 9.92 20.85 -15.61
N GLN L 150 10.12 19.99 -14.63
CA GLN L 150 9.65 20.24 -13.29
C GLN L 150 10.32 21.46 -12.68
N GLY L 151 11.59 21.65 -13.01
CA GLY L 151 12.41 22.59 -12.31
C GLY L 151 12.87 21.98 -11.02
N PRO L 152 13.47 22.80 -10.14
CA PRO L 152 13.81 22.29 -8.83
C PRO L 152 12.57 22.02 -8.02
N PRO L 153 12.59 21.04 -7.11
CA PRO L 153 11.38 20.71 -6.35
C PRO L 153 10.92 21.83 -5.43
N HIS L 154 11.83 22.71 -5.01
CA HIS L 154 11.43 23.93 -4.34
C HIS L 154 12.25 25.06 -4.93
N GLY L 155 12.18 26.27 -4.36
CA GLY L 155 12.82 27.42 -4.95
C GLY L 155 14.11 27.80 -4.23
N ILE L 156 14.59 29.00 -4.58
CA ILE L 156 15.44 29.76 -3.67
C ILE L 156 14.62 30.51 -2.64
N GLN L 157 13.30 30.56 -2.81
CA GLN L 157 12.41 31.30 -1.94
C GLN L 157 11.41 30.43 -1.21
N VAL L 158 11.13 29.24 -1.73
CA VAL L 158 10.24 28.31 -1.03
C VAL L 158 10.93 27.76 0.20
N GLU L 159 12.24 27.52 0.11
CA GLU L 159 12.96 26.91 1.21
C GLU L 159 13.63 27.92 2.13
N ARG L 160 13.60 29.22 1.83
CA ARG L 160 13.74 30.17 2.92
C ARG L 160 12.45 30.21 3.72
N ASP L 161 11.32 30.03 3.04
CA ASP L 161 10.01 29.99 3.68
C ASP L 161 9.77 28.65 4.38
N LYS L 162 10.24 27.55 3.80
CA LYS L 162 10.09 26.24 4.42
C LYS L 162 10.90 26.13 5.71
N LEU L 163 12.02 26.83 5.79
CA LEU L 163 12.96 26.68 6.89
C LEU L 163 13.00 27.89 7.81
N ASN L 164 12.29 28.97 7.47
CA ASN L 164 12.14 30.18 8.29
C ASN L 164 13.50 30.82 8.58
N LYS L 165 14.37 30.85 7.57
CA LYS L 165 15.73 31.32 7.71
C LYS L 165 16.06 32.36 6.63
N TYR L 166 15.13 33.26 6.38
CA TYR L 166 15.40 34.32 5.42
C TYR L 166 16.17 35.47 6.08
N GLY L 167 17.08 36.07 5.31
CA GLY L 167 17.81 37.23 5.75
C GLY L 167 19.31 37.11 5.71
N ARG L 168 19.81 35.87 5.55
CA ARG L 168 21.25 35.62 5.55
C ARG L 168 21.48 34.31 4.82
N PRO L 169 22.64 34.11 4.20
CA PRO L 169 22.90 32.83 3.52
C PRO L 169 23.04 31.69 4.49
N LEU L 170 22.66 30.49 4.04
CA LEU L 170 22.62 29.32 4.89
C LEU L 170 24.02 28.72 5.00
N LEU L 171 24.18 27.75 5.89
CA LEU L 171 25.52 27.34 6.33
C LEU L 171 25.69 25.83 6.18
N GLY L 172 26.86 25.35 6.57
CA GLY L 172 27.16 23.93 6.49
C GLY L 172 28.37 23.53 7.32
N CYS L 173 28.44 22.23 7.59
CA CYS L 173 29.61 21.61 8.23
C CYS L 173 29.82 20.27 7.55
N THR L 174 30.73 20.20 6.58
CA THR L 174 31.05 18.90 6.01
C THR L 174 31.92 18.16 7.02
N ILE L 175 31.47 16.98 7.43
CA ILE L 175 32.14 16.26 8.49
C ILE L 175 33.43 15.65 7.95
N LYS L 176 34.55 16.20 8.38
CA LYS L 176 35.85 16.07 7.71
C LYS L 176 36.47 14.67 7.91
N PRO L 177 36.33 14.00 9.08
CA PRO L 177 36.58 12.55 9.06
C PRO L 177 35.43 11.81 8.40
N LYS L 178 35.41 11.80 7.07
CA LYS L 178 34.29 11.22 6.34
C LYS L 178 34.30 9.70 6.38
N LEU L 179 35.47 9.09 6.49
CA LEU L 179 35.61 7.65 6.43
C LEU L 179 36.16 7.11 7.74
N GLY L 180 35.37 6.26 8.39
CA GLY L 180 35.78 5.66 9.64
C GLY L 180 35.01 6.10 10.86
N LEU L 181 33.73 6.43 10.70
CA LEU L 181 32.88 6.83 11.80
C LEU L 181 31.66 5.91 11.88
N SER L 182 31.41 5.38 13.08
CA SER L 182 30.14 4.72 13.33
C SER L 182 29.02 5.74 13.31
N ALA L 183 27.80 5.26 13.06
CA ALA L 183 26.67 6.13 12.74
C ALA L 183 26.27 7.02 13.91
N LYS L 184 26.43 6.53 15.15
CA LYS L 184 26.17 7.38 16.30
C LYS L 184 27.31 8.38 16.52
N ASN L 185 28.55 7.94 16.36
CA ASN L 185 29.67 8.87 16.45
C ASN L 185 29.69 9.82 15.27
N TYR L 186 29.20 9.38 14.11
CA TYR L 186 28.95 10.31 13.01
C TYR L 186 27.86 11.31 13.39
N GLY L 187 26.80 10.81 14.02
CA GLY L 187 25.71 11.63 14.49
C GLY L 187 26.03 12.49 15.70
N ARG L 188 27.25 12.45 16.21
CA ARG L 188 27.68 13.49 17.13
C ARG L 188 28.38 14.61 16.38
N ALA L 189 29.20 14.25 15.38
CA ALA L 189 29.76 15.22 14.46
C ALA L 189 28.70 15.90 13.61
N VAL L 190 27.56 15.25 13.40
CA VAL L 190 26.38 15.97 12.92
C VAL L 190 25.89 16.94 13.98
N TYR L 191 25.78 16.46 15.22
CA TYR L 191 25.04 17.18 16.26
C TYR L 191 25.76 18.45 16.71
N GLU L 192 27.06 18.38 16.96
CA GLU L 192 27.70 19.57 17.50
C GLU L 192 27.96 20.63 16.42
N CYS L 193 28.14 20.23 15.15
CA CYS L 193 28.08 21.25 14.09
C CYS L 193 26.68 21.81 13.94
N LEU L 194 25.65 21.06 14.35
CA LEU L 194 24.30 21.61 14.38
C LEU L 194 24.00 22.35 15.67
N ARG L 195 24.56 21.90 16.81
CA ARG L 195 24.25 22.52 18.10
C ARG L 195 24.77 23.95 18.16
N GLY L 196 25.86 24.23 17.44
CA GLY L 196 26.36 25.57 17.30
C GLY L 196 25.56 26.36 16.27
N GLY L 197 26.31 27.03 15.39
CA GLY L 197 25.67 27.95 14.47
C GLY L 197 25.15 27.31 13.21
N LEU L 198 25.83 26.27 12.74
CA LEU L 198 25.67 25.84 11.36
C LEU L 198 24.34 25.12 11.14
N ASP L 199 23.79 25.29 9.94
CA ASP L 199 22.44 24.84 9.65
C ASP L 199 22.39 23.47 8.99
N PHE L 200 23.23 23.23 7.98
CA PHE L 200 23.04 22.10 7.05
C PHE L 200 24.34 21.32 6.98
N THR L 201 24.54 20.44 7.95
CA THR L 201 25.71 19.59 7.91
C THR L 201 25.48 18.48 6.90
N LYS L 202 26.52 18.14 6.14
CA LYS L 202 26.32 17.28 4.99
C LYS L 202 27.03 15.94 5.16
N ASP L 203 26.42 14.92 4.59
CA ASP L 203 27.17 13.72 4.24
C ASP L 203 28.18 14.08 3.18
N ASP L 204 29.33 13.42 3.22
CA ASP L 204 30.27 13.65 2.14
C ASP L 204 29.99 12.65 1.02
N GLU L 205 30.92 12.56 0.07
CA GLU L 205 30.68 11.82 -1.14
C GLU L 205 30.90 10.32 -0.98
N ASN L 206 31.55 9.92 0.11
CA ASN L 206 31.68 8.52 0.44
C ASN L 206 30.89 8.16 1.68
N ILE L 207 30.30 9.15 2.33
CA ILE L 207 29.42 8.89 3.45
C ILE L 207 28.10 8.41 2.84
N ASN L 208 27.99 7.09 2.74
CA ASN L 208 26.96 6.40 1.98
C ASN L 208 26.77 5.06 2.70
N SER L 209 26.17 4.08 2.03
CA SER L 209 26.22 2.73 2.59
C SER L 209 27.64 2.18 2.47
N ALA L 210 28.08 1.53 3.53
CA ALA L 210 29.46 1.12 3.73
C ALA L 210 29.48 0.16 4.92
N PRO L 211 30.48 -0.71 5.05
CA PRO L 211 30.52 -1.60 6.22
C PRO L 211 30.71 -0.90 7.55
N PHE L 212 31.33 0.28 7.58
CA PHE L 212 31.55 0.93 8.86
C PHE L 212 30.34 1.70 9.34
N GLN L 213 29.49 2.18 8.43
CA GLN L 213 28.17 2.70 8.79
C GLN L 213 27.22 2.44 7.64
N ARG L 214 26.08 1.81 7.94
CA ARG L 214 25.04 1.63 6.95
C ARG L 214 24.13 2.86 6.94
N TRP L 215 23.48 3.08 5.80
CA TRP L 215 22.66 4.28 5.65
C TRP L 215 21.36 4.19 6.43
N ARG L 216 20.82 2.97 6.59
CA ARG L 216 19.69 2.74 7.49
C ARG L 216 20.01 3.22 8.89
N ASP L 217 21.23 2.96 9.35
CA ASP L 217 21.66 3.34 10.68
C ASP L 217 22.19 4.76 10.72
N ARG L 218 22.73 5.25 9.61
CA ARG L 218 23.17 6.65 9.58
C ARG L 218 21.98 7.59 9.67
N PHE L 219 20.92 7.31 8.90
CA PHE L 219 19.75 8.19 8.88
C PHE L 219 19.05 8.23 10.23
N LEU L 220 19.04 7.10 10.94
CA LEU L 220 18.51 7.05 12.31
C LEU L 220 19.26 7.99 13.24
N PHE L 221 20.58 7.82 13.32
CA PHE L 221 21.36 8.57 14.30
C PHE L 221 21.60 10.01 13.89
N VAL L 222 21.43 10.32 12.60
CA VAL L 222 21.42 11.72 12.17
C VAL L 222 20.12 12.39 12.56
N ALA L 223 18.99 11.69 12.37
CA ALA L 223 17.67 12.25 12.71
C ALA L 223 17.50 12.51 14.20
N ASP L 224 18.24 11.80 15.05
CA ASP L 224 18.23 12.13 16.48
C ASP L 224 19.17 13.30 16.76
N ALA L 225 20.21 13.48 15.94
CA ALA L 225 21.07 14.64 16.10
C ALA L 225 20.37 15.92 15.72
N ILE L 226 19.50 15.87 14.71
CA ILE L 226 18.74 17.05 14.31
C ILE L 226 17.69 17.37 15.35
N THR L 227 16.92 16.34 15.78
CA THR L 227 15.80 16.50 16.70
C THR L 227 16.24 17.08 18.04
N LYS L 228 17.44 16.72 18.51
CA LYS L 228 17.92 17.32 19.75
C LYS L 228 18.44 18.73 19.50
N ALA L 229 19.11 18.95 18.37
CA ALA L 229 19.71 20.27 18.11
C ALA L 229 18.65 21.29 17.73
N GLN L 230 17.65 20.90 16.93
CA GLN L 230 16.65 21.86 16.48
C GLN L 230 15.57 22.10 17.52
N ALA L 231 15.61 21.42 18.67
CA ALA L 231 14.67 21.67 19.74
C ALA L 231 15.30 22.33 20.96
N GLU L 232 16.62 22.50 20.97
CA GLU L 232 17.27 23.29 22.01
C GLU L 232 17.90 24.56 21.47
N THR L 233 17.90 24.76 20.15
CA THR L 233 18.33 26.01 19.55
C THR L 233 17.21 26.71 18.79
N GLY L 234 16.04 26.10 18.67
CA GLY L 234 14.85 26.79 18.21
C GLY L 234 14.81 27.18 16.75
N GLU L 235 15.50 26.45 15.89
CA GLU L 235 15.47 26.70 14.46
C GLU L 235 15.09 25.42 13.73
N ILE L 236 14.89 25.52 12.42
CA ILE L 236 14.59 24.34 11.59
C ILE L 236 15.92 23.93 10.96
N LYS L 237 16.69 23.14 11.69
CA LYS L 237 17.98 22.69 11.18
C LYS L 237 17.81 21.36 10.46
N GLY L 238 18.75 21.05 9.59
CA GLY L 238 18.65 19.88 8.76
C GLY L 238 20.00 19.26 8.48
N HIS L 239 19.97 18.16 7.76
CA HIS L 239 21.17 17.45 7.32
C HIS L 239 20.98 17.01 5.89
N TYR L 240 22.01 17.19 5.09
CA TYR L 240 22.02 16.72 3.71
C TYR L 240 22.25 15.22 3.72
N LEU L 241 21.18 14.44 3.59
CA LEU L 241 21.28 12.98 3.65
C LEU L 241 21.60 12.44 2.26
N ASN L 242 22.76 11.81 2.13
CA ASN L 242 23.23 11.31 0.83
C ASN L 242 22.41 10.09 0.45
N VAL L 243 21.45 10.27 -0.44
CA VAL L 243 20.61 9.16 -0.88
C VAL L 243 21.09 8.55 -2.19
N THR L 244 22.32 8.85 -2.60
CA THR L 244 22.91 8.21 -3.77
C THR L 244 23.14 6.74 -3.48
N ALA L 245 22.71 5.88 -4.41
CA ALA L 245 22.48 4.47 -4.14
C ALA L 245 22.93 3.64 -5.34
N PRO L 246 22.86 2.30 -5.32
CA PRO L 246 23.01 1.56 -6.57
C PRO L 246 21.90 1.80 -7.58
N THR L 247 20.64 1.60 -7.21
CA THR L 247 19.55 1.66 -8.17
C THR L 247 18.65 2.86 -7.89
N CYS L 248 17.74 3.13 -8.83
CA CYS L 248 16.71 4.13 -8.60
C CYS L 248 15.72 3.67 -7.55
N GLU L 249 15.48 2.35 -7.48
CA GLU L 249 14.57 1.80 -6.49
C GLU L 249 15.22 1.71 -5.12
N GLU L 250 16.54 1.52 -5.05
CA GLU L 250 17.25 1.63 -3.79
C GLU L 250 17.31 3.09 -3.34
N MET L 251 17.39 4.02 -4.29
CA MET L 251 17.50 5.44 -3.98
C MET L 251 16.21 6.00 -3.42
N LEU L 252 15.07 5.65 -4.03
CA LEU L 252 13.80 6.13 -3.50
C LEU L 252 13.47 5.48 -2.16
N LYS L 253 13.83 4.20 -2.01
CA LYS L 253 13.74 3.56 -0.70
C LYS L 253 14.71 4.18 0.30
N ARG L 254 15.85 4.70 -0.20
CA ARG L 254 16.73 5.49 0.65
C ARG L 254 16.20 6.90 0.85
N ALA L 255 15.44 7.42 -0.10
CA ALA L 255 14.84 8.73 0.06
C ALA L 255 13.57 8.68 0.90
N GLU L 256 12.71 7.68 0.69
CA GLU L 256 11.47 7.58 1.46
C GLU L 256 11.71 7.28 2.93
N TYR L 257 12.85 6.68 3.28
CA TYR L 257 13.15 6.52 4.69
C TYR L 257 13.57 7.85 5.32
N ALA L 258 14.18 8.73 4.53
CA ALA L 258 14.42 10.09 5.01
C ALA L 258 13.11 10.86 5.13
N LYS L 259 12.10 10.51 4.32
CA LYS L 259 10.79 11.13 4.50
C LYS L 259 10.16 10.71 5.82
N GLU L 260 10.29 9.43 6.18
CA GLU L 260 9.71 8.89 7.40
C GLU L 260 10.34 9.44 8.68
N LEU L 261 11.51 10.06 8.59
CA LEU L 261 12.15 10.70 9.73
C LEU L 261 11.82 12.18 9.83
N LYS L 262 10.93 12.68 8.95
CA LYS L 262 10.56 14.09 8.84
C LYS L 262 11.78 14.98 8.62
N GLN L 263 12.58 14.64 7.61
CA GLN L 263 13.80 15.32 7.23
C GLN L 263 13.52 16.40 6.19
N PRO L 264 14.08 17.59 6.37
CA PRO L 264 13.86 18.64 5.37
C PRO L 264 14.61 18.39 4.07
N ILE L 265 15.89 18.01 4.12
CA ILE L 265 16.76 18.00 2.95
C ILE L 265 17.40 16.63 2.82
N ILE L 266 17.68 16.22 1.57
CA ILE L 266 18.52 15.07 1.26
C ILE L 266 19.60 15.50 0.28
N MET L 267 20.43 14.55 -0.15
CA MET L 267 21.55 14.82 -1.05
C MET L 267 21.58 13.83 -2.19
N HIS L 268 21.71 14.34 -3.41
CA HIS L 268 21.93 13.50 -4.57
C HIS L 268 23.29 13.86 -5.18
N ASP L 269 23.81 12.96 -6.00
CA ASP L 269 25.05 13.18 -6.77
C ASP L 269 24.69 12.98 -8.23
N TYR L 270 24.54 14.09 -8.95
CA TYR L 270 23.77 14.09 -10.19
C TYR L 270 24.58 13.68 -11.42
N LEU L 271 25.90 13.60 -11.33
CA LEU L 271 26.72 13.18 -12.45
C LEU L 271 27.21 11.75 -12.33
N THR L 272 27.38 11.27 -11.10
CA THR L 272 27.64 9.84 -10.91
C THR L 272 26.36 9.03 -11.16
N ALA L 273 25.27 9.44 -10.53
CA ALA L 273 23.99 8.73 -10.66
C ALA L 273 23.25 9.08 -11.94
N GLY L 274 23.49 10.25 -12.51
CA GLY L 274 22.97 10.57 -13.82
C GLY L 274 21.78 11.51 -13.78
N PHE L 275 21.21 11.71 -14.97
CA PHE L 275 20.13 12.65 -15.18
C PHE L 275 18.78 11.97 -15.40
N THR L 276 18.69 10.67 -15.17
CA THR L 276 17.40 10.04 -14.90
C THR L 276 17.13 10.07 -13.41
N ALA L 277 18.01 9.45 -12.63
CA ALA L 277 17.84 9.32 -11.19
C ALA L 277 18.12 10.61 -10.43
N ASN L 278 18.39 11.70 -11.11
CA ASN L 278 18.21 13.00 -10.49
C ASN L 278 16.81 13.52 -10.72
N THR L 279 16.22 13.24 -11.89
CA THR L 279 14.88 13.71 -12.18
C THR L 279 13.82 12.98 -11.35
N THR L 280 13.99 11.66 -11.16
CA THR L 280 13.06 10.88 -10.34
C THR L 280 13.05 11.39 -8.91
N LEU L 281 14.24 11.63 -8.37
CA LEU L 281 14.35 12.18 -7.03
C LEU L 281 13.84 13.61 -7.00
N ALA L 282 14.03 14.36 -8.07
CA ALA L 282 13.38 15.67 -8.19
C ALA L 282 11.88 15.53 -8.32
N ARG L 283 11.40 14.51 -9.05
CA ARG L 283 9.96 14.23 -9.02
C ARG L 283 9.55 13.69 -7.67
N TRP L 284 10.46 13.02 -6.96
CA TRP L 284 10.15 12.56 -5.61
C TRP L 284 10.10 13.71 -4.62
N CYS L 285 11.06 14.64 -4.71
CA CYS L 285 11.23 15.65 -3.67
C CYS L 285 10.13 16.71 -3.69
N ARG L 286 9.58 17.00 -4.86
CA ARG L 286 8.40 17.87 -4.93
C ARG L 286 7.17 17.14 -4.42
N ASP L 287 7.03 15.86 -4.76
CA ASP L 287 5.87 15.09 -4.35
C ASP L 287 5.83 14.87 -2.85
N ASN L 288 6.98 14.88 -2.18
CA ASN L 288 7.02 14.52 -0.78
C ASN L 288 7.69 15.59 0.10
N GLY L 289 7.75 16.83 -0.39
CA GLY L 289 8.10 17.98 0.42
C GLY L 289 9.52 18.03 0.95
N VAL L 290 10.38 17.13 0.55
CA VAL L 290 11.76 17.11 1.01
C VAL L 290 12.58 18.00 0.09
N LEU L 291 13.48 18.80 0.66
CA LEU L 291 14.36 19.60 -0.16
C LEU L 291 15.46 18.73 -0.75
N LEU L 292 15.98 19.17 -1.89
CA LEU L 292 16.98 18.38 -2.61
C LEU L 292 18.26 19.20 -2.76
N HIS L 293 19.15 19.07 -1.79
CA HIS L 293 20.54 19.45 -2.01
C HIS L 293 21.16 18.46 -2.98
N ILE L 294 22.05 18.95 -3.83
CA ILE L 294 22.77 18.09 -4.77
C ILE L 294 24.23 18.50 -4.80
N HIS L 295 25.11 17.54 -4.56
CA HIS L 295 26.54 17.73 -4.69
C HIS L 295 26.97 17.47 -6.14
N ARG L 296 28.04 18.15 -6.55
CA ARG L 296 28.57 18.03 -7.92
C ARG L 296 29.72 17.02 -7.92
N ALA L 297 29.41 15.78 -7.62
CA ALA L 297 30.40 14.73 -7.73
C ALA L 297 30.69 14.47 -9.20
N MET L 298 31.94 14.09 -9.50
CA MET L 298 32.40 13.72 -10.84
C MET L 298 32.31 14.92 -11.80
N HIS L 299 32.29 16.13 -11.26
CA HIS L 299 32.10 17.30 -12.12
C HIS L 299 33.40 17.74 -12.78
N ALA L 300 34.54 17.56 -12.11
CA ALA L 300 35.81 17.99 -12.65
C ALA L 300 36.44 16.94 -13.56
N VAL L 301 35.74 15.84 -13.81
CA VAL L 301 36.03 15.03 -15.00
C VAL L 301 35.68 15.84 -16.24
N ILE L 302 34.71 16.72 -16.11
CA ILE L 302 34.00 17.29 -17.24
C ILE L 302 34.27 18.79 -17.35
N ASP L 303 34.37 19.49 -16.23
CA ASP L 303 34.47 20.94 -16.21
C ASP L 303 35.89 21.46 -16.31
N ARG L 304 36.89 20.63 -16.02
CA ARG L 304 38.20 21.13 -15.61
C ARG L 304 39.01 21.68 -16.78
N GLN L 305 39.07 20.95 -17.90
CA GLN L 305 39.91 21.38 -19.01
C GLN L 305 39.26 22.54 -19.75
N LYS L 306 40.06 23.57 -20.03
CA LYS L 306 39.56 24.79 -20.65
C LYS L 306 39.35 24.67 -22.16
N ASN L 307 39.70 23.53 -22.76
CA ASN L 307 39.47 23.31 -24.18
C ASN L 307 38.54 22.15 -24.47
N HIS L 308 38.27 21.29 -23.49
CA HIS L 308 37.52 20.07 -23.74
C HIS L 308 36.69 19.72 -22.51
N GLY L 309 35.55 19.06 -22.76
CA GLY L 309 34.63 18.68 -21.71
C GLY L 309 33.28 19.35 -21.90
N ILE L 310 32.62 19.63 -20.80
CA ILE L 310 31.44 20.50 -20.79
C ILE L 310 31.64 21.47 -19.65
N HIS L 311 31.39 22.76 -19.90
CA HIS L 311 31.51 23.73 -18.82
C HIS L 311 30.41 23.47 -17.80
N PHE L 312 30.69 23.85 -16.54
CA PHE L 312 29.77 23.58 -15.45
C PHE L 312 28.47 24.36 -15.60
N ARG L 313 28.52 25.49 -16.31
CA ARG L 313 27.36 26.33 -16.57
C ARG L 313 26.27 25.59 -17.35
N VAL L 314 26.65 24.65 -18.21
CA VAL L 314 25.65 23.76 -18.78
C VAL L 314 25.06 22.86 -17.71
N LEU L 315 25.93 22.18 -16.96
CA LEU L 315 25.48 21.24 -15.93
C LEU L 315 24.89 21.92 -14.71
N ALA L 316 25.06 23.23 -14.56
CA ALA L 316 24.30 24.00 -13.60
C ALA L 316 22.96 24.44 -14.15
N LYS L 317 22.84 24.54 -15.47
CA LYS L 317 21.56 24.73 -16.13
C LYS L 317 20.91 23.42 -16.52
N ALA L 318 21.69 22.34 -16.57
CA ALA L 318 21.14 20.99 -16.72
C ALA L 318 20.84 20.35 -15.37
N LEU L 319 20.86 21.12 -14.30
CA LEU L 319 20.29 20.67 -13.03
C LEU L 319 19.06 21.46 -12.66
N ARG L 320 19.04 22.76 -12.97
CA ARG L 320 17.86 23.58 -12.72
C ARG L 320 16.65 23.10 -13.52
N LEU L 321 16.87 22.40 -14.63
CA LEU L 321 15.78 21.78 -15.35
C LEU L 321 15.50 20.36 -14.88
N SER L 322 16.53 19.55 -14.67
CA SER L 322 16.35 18.20 -14.14
C SER L 322 15.80 18.22 -12.74
N GLY L 323 16.22 19.18 -11.93
CA GLY L 323 15.62 19.40 -10.64
C GLY L 323 16.57 19.28 -9.48
N GLY L 324 16.54 20.28 -8.61
CA GLY L 324 17.31 20.23 -7.40
C GLY L 324 17.67 21.62 -6.93
N ASP L 325 17.52 21.85 -5.63
CA ASP L 325 18.08 23.01 -4.97
C ASP L 325 19.57 22.79 -4.75
N HIS L 326 20.24 23.84 -4.27
CA HIS L 326 21.51 23.75 -3.54
C HIS L 326 22.64 23.09 -4.32
N ILE L 327 23.08 23.71 -5.42
CA ILE L 327 24.26 23.18 -6.11
C ILE L 327 25.50 23.82 -5.53
N HIS L 328 26.52 23.00 -5.28
CA HIS L 328 27.88 23.50 -5.06
C HIS L 328 28.37 24.32 -6.25
N THR L 329 28.92 25.49 -5.96
CA THR L 329 29.47 26.37 -6.99
C THR L 329 30.98 26.50 -6.90
N GLY L 330 31.55 26.50 -5.70
CA GLY L 330 32.97 26.34 -5.52
C GLY L 330 33.59 27.46 -4.74
N THR L 331 34.89 27.30 -4.48
CA THR L 331 35.66 28.34 -3.83
C THR L 331 35.83 29.51 -4.78
N VAL L 332 35.37 30.68 -4.36
CA VAL L 332 35.69 31.94 -5.00
C VAL L 332 36.87 32.59 -4.25
N VAL L 333 37.45 31.84 -3.33
CA VAL L 333 38.53 32.33 -2.48
C VAL L 333 39.81 32.52 -3.28
N GLY L 334 40.31 31.43 -3.86
CA GLY L 334 41.56 31.48 -4.60
C GLY L 334 41.45 31.91 -6.04
N LYS L 335 40.26 32.31 -6.48
CA LYS L 335 40.06 32.70 -7.87
C LYS L 335 40.44 34.15 -8.09
N LEU L 336 40.93 34.44 -9.31
CA LEU L 336 41.23 35.79 -9.70
C LEU L 336 39.95 36.53 -10.08
N GLU L 337 40.09 37.78 -10.52
CA GLU L 337 38.94 38.56 -10.96
C GLU L 337 38.42 38.15 -12.33
N GLY L 338 39.13 37.26 -13.04
CA GLY L 338 38.66 36.76 -14.31
C GLY L 338 37.76 35.56 -14.17
N GLU L 339 38.18 34.59 -13.36
CA GLU L 339 37.37 33.41 -13.10
C GLU L 339 36.39 33.59 -11.97
N ARG L 340 36.34 34.78 -11.36
CA ARG L 340 35.27 35.09 -10.41
C ARG L 340 33.94 35.28 -11.13
N GLY L 341 33.96 36.04 -12.23
CA GLY L 341 32.76 36.23 -13.02
C GLY L 341 32.33 34.99 -13.79
N ILE L 342 33.26 34.10 -14.10
CA ILE L 342 32.90 32.85 -14.74
C ILE L 342 32.15 31.95 -13.75
N THR L 343 32.53 31.99 -12.47
CA THR L 343 31.70 31.38 -11.43
C THR L 343 30.37 32.11 -11.31
N MET L 344 30.42 33.46 -11.25
CA MET L 344 29.22 34.28 -11.20
C MET L 344 28.40 34.23 -12.49
N GLY L 345 28.93 33.65 -13.56
CA GLY L 345 28.12 33.44 -14.74
C GLY L 345 27.05 32.38 -14.53
N PHE L 346 27.44 31.21 -14.02
CA PHE L 346 26.43 30.20 -13.77
C PHE L 346 25.68 30.40 -12.47
N VAL L 347 26.23 31.18 -11.53
CA VAL L 347 25.50 31.45 -10.29
C VAL L 347 24.34 32.40 -10.57
N ASP L 348 24.51 33.36 -11.48
CA ASP L 348 23.37 34.15 -11.93
C ASP L 348 22.44 33.35 -12.83
N LEU L 349 22.97 32.30 -13.47
CA LEU L 349 22.16 31.29 -14.14
C LEU L 349 21.65 30.22 -13.20
N LEU L 350 21.66 30.47 -11.90
CA LEU L 350 21.26 29.51 -10.89
C LEU L 350 20.22 30.07 -9.94
N ARG L 351 20.21 31.39 -9.76
CA ARG L 351 19.39 32.04 -8.77
C ARG L 351 18.44 33.09 -9.36
N GLU L 352 18.66 33.54 -10.59
CA GLU L 352 17.89 34.60 -11.19
C GLU L 352 17.01 34.04 -12.30
N ASN L 353 16.10 34.88 -12.79
CA ASN L 353 15.11 34.46 -13.78
C ASN L 353 15.46 34.87 -15.20
N TYR L 354 16.21 35.96 -15.38
CA TYR L 354 16.64 36.38 -16.70
C TYR L 354 18.07 36.88 -16.64
N VAL L 355 18.90 36.42 -17.57
CA VAL L 355 20.27 36.91 -17.73
C VAL L 355 20.43 37.43 -19.14
N GLU L 356 21.51 38.17 -19.36
CA GLU L 356 21.86 38.68 -20.68
C GLU L 356 23.07 37.94 -21.22
N GLN L 357 23.54 38.38 -22.38
CA GLN L 357 24.69 37.76 -23.04
C GLN L 357 25.94 38.43 -22.50
N ASP L 358 26.52 37.85 -21.44
CA ASP L 358 27.65 38.42 -20.73
C ASP L 358 28.84 37.46 -20.85
N LYS L 359 29.71 37.73 -21.81
CA LYS L 359 30.86 36.85 -22.03
C LYS L 359 32.03 37.16 -21.13
N SER L 360 32.04 38.35 -20.50
CA SER L 360 32.98 38.60 -19.42
C SER L 360 32.65 37.74 -18.20
N ARG L 361 31.38 37.43 -17.99
CA ARG L 361 30.96 36.43 -17.03
C ARG L 361 30.86 35.05 -17.65
N GLY L 362 31.15 34.93 -18.94
CA GLY L 362 31.12 33.66 -19.63
C GLY L 362 29.76 33.23 -20.16
N ILE L 363 28.70 33.97 -19.87
CA ILE L 363 27.36 33.58 -20.32
C ILE L 363 27.24 33.87 -21.81
N TYR L 364 27.01 32.84 -22.61
CA TYR L 364 26.96 33.00 -24.05
C TYR L 364 25.55 33.15 -24.62
N PHE L 365 24.50 33.01 -23.80
CA PHE L 365 23.14 33.14 -24.29
C PHE L 365 22.25 33.80 -23.25
N THR L 366 21.39 34.70 -23.71
CA THR L 366 20.35 35.29 -22.87
C THR L 366 19.34 34.22 -22.48
N GLN L 367 19.32 33.85 -21.20
CA GLN L 367 18.51 32.72 -20.75
C GLN L 367 17.28 33.23 -20.02
N ASP L 368 16.11 32.95 -20.57
CA ASP L 368 14.83 33.25 -19.94
C ASP L 368 14.35 32.00 -19.22
N TRP L 369 14.27 32.07 -17.89
CA TRP L 369 13.94 30.90 -17.09
C TRP L 369 12.44 30.69 -16.92
N ALA L 370 11.61 31.63 -17.38
CA ALA L 370 10.14 31.54 -17.37
C ALA L 370 9.57 31.39 -15.96
N SER L 371 10.23 32.02 -14.99
CA SER L 371 9.88 31.96 -13.56
C SER L 371 9.89 30.54 -13.01
N LEU L 372 10.65 29.65 -13.63
CA LEU L 372 10.97 28.39 -12.99
C LEU L 372 11.93 28.65 -11.83
N PRO L 373 11.73 28.00 -10.69
CA PRO L 373 12.35 28.45 -9.43
C PRO L 373 13.87 28.31 -9.42
N GLY L 374 14.48 29.11 -8.54
CA GLY L 374 15.92 29.18 -8.49
C GLY L 374 16.55 28.00 -7.79
N VAL L 375 17.88 27.98 -7.82
CA VAL L 375 18.68 26.98 -7.14
C VAL L 375 19.68 27.72 -6.26
N MET L 376 19.75 27.35 -4.98
CA MET L 376 20.71 27.97 -4.07
C MET L 376 22.13 27.66 -4.48
N ALA L 377 23.03 28.59 -4.21
CA ALA L 377 24.42 28.50 -4.66
C ALA L 377 25.28 28.07 -3.49
N VAL L 378 25.43 26.76 -3.31
CA VAL L 378 26.28 26.23 -2.26
C VAL L 378 27.73 26.55 -2.57
N ALA L 379 28.49 26.96 -1.56
CA ALA L 379 29.88 27.34 -1.76
C ALA L 379 30.72 26.79 -0.62
N SER L 380 31.62 25.86 -0.92
CA SER L 380 32.67 25.52 0.02
C SER L 380 33.58 26.73 0.17
N GLY L 381 33.71 27.24 1.39
CA GLY L 381 34.44 28.48 1.58
C GLY L 381 35.63 28.40 2.50
N GLY L 382 36.39 27.30 2.41
CA GLY L 382 37.45 27.07 3.36
C GLY L 382 36.87 26.76 4.74
N ILE L 383 37.74 26.89 5.75
CA ILE L 383 37.29 27.10 7.12
C ILE L 383 37.43 28.56 7.50
N HIS L 384 38.06 29.36 6.65
CA HIS L 384 38.63 30.65 7.00
C HIS L 384 37.52 31.64 7.34
N VAL L 385 37.47 31.98 8.63
CA VAL L 385 36.49 32.92 9.17
C VAL L 385 36.64 34.29 8.51
N TRP L 386 37.88 34.71 8.24
CA TRP L 386 38.14 35.97 7.57
C TRP L 386 37.71 35.99 6.11
N HIS L 387 37.45 34.83 5.50
CA HIS L 387 36.95 34.75 4.14
C HIS L 387 35.42 34.74 4.08
N MET L 388 34.76 35.18 5.16
CA MET L 388 33.31 35.34 5.12
C MET L 388 32.87 36.53 4.27
N PRO L 389 33.39 37.78 4.42
CA PRO L 389 32.83 38.88 3.62
C PRO L 389 33.17 38.82 2.15
N ALA L 390 34.14 38.01 1.74
CA ALA L 390 34.28 37.69 0.33
C ALA L 390 33.08 36.88 -0.15
N LEU L 391 32.56 35.99 0.69
CA LEU L 391 31.48 35.10 0.32
C LEU L 391 30.09 35.67 0.62
N VAL L 392 30.00 36.87 1.18
CA VAL L 392 28.71 37.50 1.41
C VAL L 392 28.44 38.64 0.43
N GLU L 393 29.45 39.42 0.05
CA GLU L 393 29.27 40.42 -1.00
C GLU L 393 29.08 39.75 -2.37
N ILE L 394 29.84 38.69 -2.64
CA ILE L 394 29.73 38.00 -3.92
C ILE L 394 28.47 37.15 -3.97
N PHE L 395 28.30 36.26 -3.00
CA PHE L 395 27.12 35.43 -2.86
C PHE L 395 26.25 36.03 -1.74
N GLY L 396 25.05 36.47 -2.08
CA GLY L 396 24.24 37.25 -1.16
C GLY L 396 23.56 36.42 -0.08
N ASP L 397 22.29 36.74 0.18
CA ASP L 397 21.48 35.94 1.09
C ASP L 397 21.00 34.66 0.40
N ASP L 398 21.31 34.54 -0.88
CA ASP L 398 20.73 33.57 -1.78
C ASP L 398 21.60 32.31 -1.91
N SER L 399 22.48 32.07 -0.95
CA SER L 399 23.52 31.06 -1.10
C SER L 399 23.63 30.21 0.16
N VAL L 400 24.46 29.17 0.07
CA VAL L 400 24.79 28.29 1.19
C VAL L 400 26.30 28.20 1.27
N LEU L 401 26.85 28.19 2.48
CA LEU L 401 28.30 28.24 2.70
C LEU L 401 28.76 26.99 3.43
N GLN L 402 29.28 26.01 2.68
CA GLN L 402 29.93 24.87 3.32
C GLN L 402 31.28 25.27 3.88
N PHE L 403 31.66 24.62 4.97
CA PHE L 403 32.84 25.01 5.74
C PHE L 403 33.81 23.85 5.93
N GLY L 404 33.81 22.89 5.02
CA GLY L 404 34.78 21.81 5.01
C GLY L 404 35.66 21.89 3.78
N GLY L 405 36.87 21.35 3.90
CA GLY L 405 37.93 21.61 2.94
C GLY L 405 38.58 22.96 3.20
N GLY L 406 39.89 23.06 3.03
CA GLY L 406 40.58 24.29 3.42
C GLY L 406 40.57 24.52 4.91
N THR L 407 40.68 23.45 5.69
CA THR L 407 40.36 23.48 7.12
C THR L 407 41.59 23.19 7.96
N LEU L 408 42.04 24.19 8.72
CA LEU L 408 43.02 23.94 9.77
C LEU L 408 42.37 23.33 11.00
N GLY L 409 41.05 23.35 11.09
CA GLY L 409 40.32 22.91 12.27
C GLY L 409 39.97 24.08 13.16
N HIS L 410 39.18 23.79 14.18
CA HIS L 410 38.90 24.77 15.22
C HIS L 410 39.44 24.24 16.54
N PRO L 411 40.31 24.99 17.24
CA PRO L 411 40.96 24.44 18.43
C PRO L 411 40.09 24.37 19.67
N TRP L 412 38.81 24.73 19.60
CA TRP L 412 37.90 24.52 20.71
C TRP L 412 36.83 23.48 20.43
N GLY L 413 36.73 23.00 19.20
CA GLY L 413 35.80 21.93 18.86
C GLY L 413 34.90 22.28 17.70
N ASN L 414 34.03 21.33 17.37
CA ASN L 414 33.10 21.52 16.27
C ASN L 414 31.97 22.48 16.64
N ALA L 415 31.50 22.43 17.88
CA ALA L 415 30.36 23.25 18.28
C ALA L 415 30.69 24.72 18.55
N PRO L 416 31.79 25.09 19.23
CA PRO L 416 32.17 26.51 19.19
C PRO L 416 32.86 26.91 17.90
N GLY L 417 33.28 25.95 17.08
CA GLY L 417 33.65 26.23 15.71
C GLY L 417 32.49 26.37 14.76
N ALA L 418 31.28 26.08 15.24
CA ALA L 418 30.07 26.32 14.46
C ALA L 418 29.46 27.68 14.76
N THR L 419 29.51 28.13 16.01
CA THR L 419 29.10 29.50 16.30
C THR L 419 30.11 30.50 15.78
N ALA L 420 31.40 30.12 15.73
CA ALA L 420 32.41 31.00 15.15
C ALA L 420 32.35 31.05 13.63
N ASN L 421 31.47 30.27 13.01
CA ASN L 421 31.16 30.37 11.60
C ASN L 421 29.78 30.94 11.34
N ARG L 422 29.04 31.32 12.40
CA ARG L 422 27.77 32.02 12.25
C ARG L 422 27.80 33.44 12.81
N VAL L 423 28.46 33.66 13.95
CA VAL L 423 28.68 35.03 14.41
C VAL L 423 29.60 35.75 13.45
N ALA L 424 30.51 35.02 12.81
CA ALA L 424 31.26 35.54 11.67
C ALA L 424 30.34 35.84 10.49
N LEU L 425 29.25 35.09 10.34
CA LEU L 425 28.30 35.36 9.27
C LEU L 425 27.30 36.44 9.69
N GLU L 426 26.59 36.22 10.79
CA GLU L 426 25.52 37.13 11.20
C GLU L 426 26.02 38.46 11.74
N ALA L 427 27.32 38.74 11.83
CA ALA L 427 27.78 40.12 11.91
C ALA L 427 28.19 40.66 10.55
N CYS L 428 28.64 39.79 9.65
CA CYS L 428 28.94 40.19 8.29
C CYS L 428 27.68 40.52 7.51
N VAL L 429 26.62 39.73 7.72
CA VAL L 429 25.33 40.04 7.12
C VAL L 429 24.75 41.29 7.78
N GLN L 430 24.99 41.45 9.08
CA GLN L 430 24.50 42.63 9.78
C GLN L 430 25.25 43.89 9.35
N ALA L 431 26.53 43.75 9.01
CA ALA L 431 27.30 44.90 8.54
C ALA L 431 26.98 45.25 7.09
N ARG L 432 26.45 44.31 6.31
CA ARG L 432 25.89 44.64 5.01
C ARG L 432 24.65 45.51 5.16
N ASN L 433 23.98 45.42 6.30
CA ASN L 433 22.70 46.06 6.53
C ASN L 433 22.81 47.34 7.34
N GLU L 434 24.04 47.75 7.68
CA GLU L 434 24.28 49.06 8.27
C GLU L 434 24.71 50.08 7.24
N GLY L 435 24.77 49.71 5.98
CA GLY L 435 25.32 50.56 4.95
C GLY L 435 26.82 50.46 4.78
N ARG L 436 27.47 49.54 5.49
CA ARG L 436 28.90 49.32 5.32
C ARG L 436 29.12 48.40 4.11
N ASN L 437 30.37 48.24 3.72
CA ASN L 437 30.73 47.35 2.63
C ASN L 437 31.67 46.26 3.13
N LEU L 438 31.88 45.25 2.30
CA LEU L 438 32.58 44.04 2.70
C LEU L 438 33.90 43.84 2.00
N ALA L 439 34.30 44.74 1.11
CA ALA L 439 35.60 44.68 0.47
C ALA L 439 36.60 45.69 1.03
N ARG L 440 36.12 46.84 1.50
CA ARG L 440 37.00 47.83 2.12
C ARG L 440 37.17 47.59 3.62
N GLU L 441 36.13 47.12 4.30
CA GLU L 441 36.20 46.84 5.73
C GLU L 441 35.54 45.52 6.11
N GLY L 442 35.68 44.49 5.28
CA GLY L 442 35.10 43.20 5.62
C GLY L 442 35.80 42.52 6.77
N ASN L 443 37.14 42.59 6.79
CA ASN L 443 37.92 42.09 7.91
C ASN L 443 37.71 42.91 9.18
N ASP L 444 37.26 44.16 9.04
CA ASP L 444 37.02 45.06 10.16
C ASP L 444 35.68 44.83 10.83
N VAL L 445 34.96 43.78 10.48
CA VAL L 445 33.70 43.42 11.12
C VAL L 445 33.86 42.19 12.00
N ILE L 446 34.70 41.25 11.55
CA ILE L 446 34.89 39.99 12.27
C ILE L 446 35.65 40.23 13.58
N ARG L 447 36.73 41.00 13.53
CA ARG L 447 37.41 41.39 14.76
C ARG L 447 36.64 42.44 15.54
N GLU L 448 35.73 43.17 14.87
CA GLU L 448 34.74 43.97 15.58
C GLU L 448 33.76 43.09 16.34
N ALA L 449 33.42 41.94 15.79
CA ALA L 449 32.52 41.00 16.44
C ALA L 449 33.23 39.98 17.32
N ALA L 450 34.55 39.84 17.18
CA ALA L 450 35.32 38.96 18.05
C ALA L 450 35.51 39.52 19.45
N LYS L 451 35.11 40.76 19.70
CA LYS L 451 35.10 41.30 21.05
C LYS L 451 33.94 40.74 21.85
N TRP L 452 32.74 40.74 21.27
CA TRP L 452 31.56 40.30 21.99
C TRP L 452 31.53 38.79 22.15
N SER L 453 31.51 38.07 21.02
CA SER L 453 31.54 36.62 21.07
C SER L 453 32.97 36.16 21.35
N PRO L 454 33.22 35.44 22.44
CA PRO L 454 34.59 35.03 22.76
C PRO L 454 35.09 33.82 21.96
N GLU L 455 34.29 33.30 21.04
CA GLU L 455 34.64 32.12 20.27
C GLU L 455 35.13 32.43 18.87
N LEU L 456 34.97 33.68 18.41
CA LEU L 456 35.50 34.08 17.11
C LEU L 456 37.01 34.29 17.14
N ALA L 457 37.53 34.90 18.22
CA ALA L 457 38.92 35.35 18.25
C ALA L 457 39.92 34.21 18.31
N VAL L 458 39.48 32.98 18.58
CA VAL L 458 40.38 31.83 18.59
C VAL L 458 40.35 31.09 17.26
N ALA L 459 39.26 31.20 16.50
CA ALA L 459 39.19 30.57 15.18
C ALA L 459 40.15 31.21 14.20
N CYS L 460 40.06 32.52 14.03
CA CYS L 460 40.94 33.39 13.20
C CYS L 460 41.37 32.85 11.82
#